data_1V0E
#
_entry.id   1V0E
#
_cell.length_a   99.650
_cell.length_b   131.250
_cell.length_c   346.700
_cell.angle_alpha   90.00
_cell.angle_beta   90.00
_cell.angle_gamma   90.00
#
_symmetry.space_group_name_H-M   'P 2 2 21'
#
loop_
_entity.id
_entity.type
_entity.pdbx_description
1 polymer ENDO-ALPHA-SIALIDASE
2 non-polymer 'PHOSPHATE ION'
3 water water
#
_entity_poly.entity_id   1
_entity_poly.type   'polypeptide(L)'
_entity_poly.pdbx_seq_one_letter_code
;SAKGDGVTDDTAALTSALNDTPVGQKINGNGKTYKVTSLPDISRFINTRFVYERIPGQPLYYASEEFVQGELFKITDTPY
YNAWPQDKAFVYENVIYAPYMGSDRHGVSRLHVSWVKSGDDGQTWSTPEWLTDLHPDYPTVNYHCMSMGVCRNRLFAMIE
TRTLAKNALTNCALWDRPMSRSLHLTGGITKAANQRYATIHVPDHGLFVGDFVNFSNSAVTGVSGDMTVATVIDKDNFTV
LTPNQQTSDLNNAGKNWHMGTSFHKSPWRKTDLGLIPSVTEVHSFATIDNNGFAMGYHQGDVAPREVGLFYFPDAFNSPS
NYVRRQIPSEYEPDASEPCIKYYDGVLYLITRGTRGDRLGSSLHRSRDIGQTWESLRFPHNVHHTTLPFAKVGDDLIMFG
SERAENEWEAGAPDDRYKASYPRTFYARLNVNNWNADDIEWVNITDQIYQGGIVNSGVGVGSVVVKDNYIYYMFGGEDHF
NPWTYGDNSAKDPFKSDGHPSDLYCYKMKIGPDNRVSRDFRYGAVPNRAVPVFFDTNGVRTVPAPMEFTGDLGLGHVTIR
ASTSSNIRSEVLMEGEYGFIGKSIPTDNPAGQRIIFCGGEGTSSTTGAQITLYGANNTDSRRIVYNGDEHLFQSADVKPY
NDNVTALGGPSNRFTTAYLGSNPIVT
;
_entity_poly.pdbx_strand_id   A,B,C,D,E,F
#
# COMPACT_ATOMS: atom_id res chain seq x y z
N SER A 1 -83.40 12.82 21.13
CA SER A 1 -81.98 12.38 20.91
C SER A 1 -81.81 10.87 21.14
N ALA A 2 -80.69 10.35 20.67
CA ALA A 2 -80.39 8.91 20.74
C ALA A 2 -80.08 8.49 22.16
N LYS A 3 -80.61 7.33 22.56
CA LYS A 3 -80.47 6.85 23.94
C LYS A 3 -79.13 6.18 24.22
N GLY A 4 -78.55 5.55 23.20
CA GLY A 4 -77.30 4.82 23.36
C GLY A 4 -77.27 3.84 24.52
N ASP A 5 -78.34 3.07 24.68
CA ASP A 5 -78.42 2.08 25.76
C ASP A 5 -78.30 0.65 25.24
N GLY A 6 -78.06 0.49 23.94
CA GLY A 6 -77.94 -0.82 23.35
C GLY A 6 -79.21 -1.63 23.14
N VAL A 7 -80.36 -1.09 23.54
CA VAL A 7 -81.65 -1.79 23.39
C VAL A 7 -82.70 -0.96 22.64
N THR A 8 -82.79 0.32 23.00
CA THR A 8 -83.75 1.25 22.37
C THR A 8 -83.36 1.49 20.93
N ASP A 9 -84.33 1.45 20.02
CA ASP A 9 -84.03 1.68 18.61
C ASP A 9 -83.66 3.15 18.39
N ASP A 10 -82.41 3.41 18.02
CA ASP A 10 -81.90 4.76 17.86
C ASP A 10 -81.80 5.20 16.39
N THR A 11 -82.35 4.38 15.48
CA THR A 11 -82.26 4.65 14.04
C THR A 11 -82.71 6.06 13.62
N ALA A 12 -83.98 6.38 13.92
CA ALA A 12 -84.53 7.70 13.57
C ALA A 12 -83.77 8.88 14.17
N ALA A 13 -83.41 8.79 15.46
CA ALA A 13 -82.64 9.88 16.09
C ALA A 13 -81.26 10.06 15.45
N LEU A 14 -80.64 8.94 15.07
CA LEU A 14 -79.34 8.99 14.44
C LEU A 14 -79.44 9.62 13.06
N THR A 15 -80.47 9.25 12.31
CA THR A 15 -80.72 9.87 11.00
C THR A 15 -80.96 11.38 11.12
N SER A 16 -81.83 11.79 12.04
CA SER A 16 -82.06 13.22 12.25
C SER A 16 -80.75 13.96 12.56
N ALA A 17 -79.92 13.37 13.42
CA ALA A 17 -78.62 13.95 13.76
C ALA A 17 -77.71 14.08 12.54
N LEU A 18 -77.64 13.03 11.73
CA LEU A 18 -76.85 13.06 10.50
C LEU A 18 -77.39 14.08 9.49
N ASN A 19 -78.71 14.18 9.35
CA ASN A 19 -79.30 15.13 8.43
C ASN A 19 -79.00 16.58 8.86
N ASP A 20 -78.93 16.79 10.18
CA ASP A 20 -78.83 18.11 10.76
C ASP A 20 -77.40 18.61 11.01
N THR A 21 -76.39 17.76 10.83
CA THR A 21 -75.01 18.23 11.06
C THR A 21 -74.17 18.19 9.78
N PRO A 22 -73.16 19.08 9.66
CA PRO A 22 -72.27 19.06 8.51
C PRO A 22 -71.52 17.74 8.36
N VAL A 23 -71.31 17.29 7.12
CA VAL A 23 -70.68 15.99 6.87
C VAL A 23 -69.28 15.83 7.47
N GLY A 24 -68.59 16.96 7.65
CA GLY A 24 -67.24 16.93 8.18
C GLY A 24 -67.14 16.83 9.70
N GLN A 25 -68.25 17.07 10.38
CA GLN A 25 -68.35 16.94 11.83
C GLN A 25 -68.20 15.47 12.22
N LYS A 26 -67.30 15.21 13.15
CA LYS A 26 -67.15 13.87 13.73
C LYS A 26 -68.16 13.76 14.85
N ILE A 27 -69.24 13.01 14.64
CA ILE A 27 -70.23 12.82 15.69
C ILE A 27 -69.72 11.85 16.76
N ASN A 28 -69.53 12.38 17.96
CA ASN A 28 -68.97 11.61 19.07
C ASN A 28 -70.06 10.84 19.81
N GLY A 29 -69.99 9.52 19.75
CA GLY A 29 -70.97 8.67 20.40
C GLY A 29 -70.70 8.43 21.88
N ASN A 30 -69.64 9.02 22.41
CA ASN A 30 -69.29 8.94 23.83
C ASN A 30 -69.10 7.50 24.35
N GLY A 31 -68.59 6.63 23.48
CA GLY A 31 -68.32 5.24 23.82
C GLY A 31 -69.55 4.36 24.02
N LYS A 32 -70.73 4.88 23.67
CA LYS A 32 -71.96 4.13 23.88
C LYS A 32 -72.30 3.23 22.71
N THR A 33 -73.23 2.30 22.94
CA THR A 33 -73.66 1.37 21.91
C THR A 33 -75.08 1.73 21.55
N TYR A 34 -75.33 1.90 20.24
CA TYR A 34 -76.63 2.36 19.73
C TYR A 34 -77.24 1.27 18.87
N LYS A 35 -78.45 0.86 19.23
CA LYS A 35 -79.19 -0.16 18.48
C LYS A 35 -79.80 0.51 17.24
N VAL A 36 -79.62 -0.13 16.09
CA VAL A 36 -80.16 0.38 14.84
C VAL A 36 -80.82 -0.75 14.08
N THR A 37 -81.77 -0.40 13.21
CA THR A 37 -82.40 -1.41 12.36
C THR A 37 -81.77 -1.45 10.97
N SER A 38 -80.94 -0.45 10.65
CA SER A 38 -80.08 -0.48 9.47
C SER A 38 -78.83 0.32 9.83
N LEU A 39 -77.66 -0.10 9.38
CA LEU A 39 -76.44 0.66 9.68
C LEU A 39 -76.46 2.03 8.98
N PRO A 40 -76.18 3.09 9.74
CA PRO A 40 -76.10 4.43 9.18
C PRO A 40 -74.74 4.69 8.55
N ASP A 41 -74.45 5.95 8.23
CA ASP A 41 -73.16 6.33 7.69
C ASP A 41 -72.09 6.27 8.79
N ILE A 42 -71.48 5.11 8.95
CA ILE A 42 -70.51 4.85 10.03
C ILE A 42 -69.31 5.81 9.99
N SER A 43 -68.94 6.25 8.79
CA SER A 43 -67.77 7.10 8.58
C SER A 43 -67.85 8.48 9.25
N ARG A 44 -69.08 8.92 9.53
CA ARG A 44 -69.31 10.21 10.17
C ARG A 44 -69.31 10.15 11.71
N PHE A 45 -69.06 8.97 12.27
CA PHE A 45 -69.02 8.82 13.72
C PHE A 45 -67.60 8.59 14.22
N ILE A 46 -67.33 9.09 15.43
CA ILE A 46 -66.19 8.62 16.21
C ILE A 46 -66.68 8.06 17.54
N ASN A 47 -65.93 7.11 18.09
CA ASN A 47 -66.16 6.65 19.46
C ASN A 47 -67.60 6.15 19.64
N THR A 48 -68.07 5.38 18.65
CA THR A 48 -69.45 4.90 18.60
C THR A 48 -69.41 3.42 18.28
N ARG A 49 -70.24 2.65 18.96
CA ARG A 49 -70.50 1.28 18.57
C ARG A 49 -71.99 1.12 18.23
N PHE A 50 -72.28 0.41 17.15
CA PHE A 50 -73.66 0.08 16.77
C PHE A 50 -73.96 -1.39 17.02
N VAL A 51 -75.16 -1.68 17.55
CA VAL A 51 -75.63 -3.08 17.56
C VAL A 51 -76.69 -3.21 16.51
N TYR A 52 -76.58 -4.26 15.70
CA TYR A 52 -77.42 -4.39 14.52
C TYR A 52 -77.60 -5.85 14.23
N GLU A 53 -78.85 -6.27 13.98
CA GLU A 53 -79.16 -7.65 13.67
C GLU A 53 -79.47 -7.77 12.19
N ARG A 54 -78.42 -7.87 11.36
CA ARG A 54 -78.56 -8.04 9.92
C ARG A 54 -79.47 -9.23 9.71
N ILE A 55 -79.17 -10.33 10.41
CA ILE A 55 -80.05 -11.49 10.45
C ILE A 55 -80.75 -11.41 11.81
N PRO A 56 -82.09 -11.28 11.84
CA PRO A 56 -82.80 -11.18 13.11
C PRO A 56 -82.46 -12.35 14.04
N GLY A 57 -82.28 -12.04 15.32
CA GLY A 57 -81.90 -13.01 16.31
C GLY A 57 -80.40 -13.08 16.50
N GLN A 58 -79.63 -12.43 15.62
CA GLN A 58 -78.18 -12.50 15.67
C GLN A 58 -77.50 -11.12 15.75
N PRO A 59 -77.53 -10.48 16.92
CA PRO A 59 -76.88 -9.17 17.06
C PRO A 59 -75.37 -9.25 16.83
N LEU A 60 -74.86 -8.31 16.04
CA LEU A 60 -73.42 -8.10 15.91
C LEU A 60 -73.16 -6.63 16.11
N TYR A 61 -71.91 -6.30 16.38
CA TYR A 61 -71.55 -4.96 16.81
C TYR A 61 -70.60 -4.37 15.80
N TYR A 62 -70.69 -3.06 15.58
CA TYR A 62 -69.92 -2.41 14.52
C TYR A 62 -69.27 -1.15 15.10
N ALA A 63 -67.95 -1.13 15.10
CA ALA A 63 -67.19 0.00 15.66
C ALA A 63 -66.93 1.09 14.64
N SER A 64 -67.18 2.35 15.03
CA SER A 64 -66.78 3.49 14.24
C SER A 64 -65.29 3.71 14.47
N GLU A 65 -64.70 4.61 13.70
CA GLU A 65 -63.33 5.03 13.97
C GLU A 65 -63.17 5.50 15.42
N GLU A 66 -62.04 5.16 16.01
CA GLU A 66 -61.67 5.56 17.38
C GLU A 66 -62.47 4.89 18.51
N PHE A 67 -63.44 4.03 18.21
CA PHE A 67 -64.12 3.29 19.31
C PHE A 67 -63.16 2.35 20.02
N VAL A 68 -62.38 1.61 19.22
CA VAL A 68 -61.26 0.83 19.74
C VAL A 68 -60.00 1.60 19.35
N GLN A 69 -58.97 1.55 20.20
CA GLN A 69 -57.65 2.06 19.83
C GLN A 69 -56.97 0.96 19.03
N GLY A 70 -57.11 1.03 17.72
CA GLY A 70 -56.60 -0.01 16.85
C GLY A 70 -56.34 0.55 15.45
N GLU A 71 -55.53 -0.18 14.68
CA GLU A 71 -55.21 0.18 13.31
C GLU A 71 -54.94 -1.08 12.48
N LEU A 72 -55.39 -1.05 11.21
CA LEU A 72 -55.05 -2.10 10.25
C LEU A 72 -53.80 -1.76 9.47
N PHE A 73 -52.93 -2.75 9.29
CA PHE A 73 -51.73 -2.61 8.46
C PHE A 73 -51.77 -3.65 7.36
N LYS A 74 -51.29 -3.30 6.16
CA LYS A 74 -50.98 -4.33 5.15
C LYS A 74 -49.53 -4.69 5.32
N ILE A 75 -49.22 -5.99 5.35
CA ILE A 75 -47.89 -6.43 5.75
C ILE A 75 -47.16 -7.30 4.71
N THR A 76 -47.86 -7.88 3.74
CA THR A 76 -47.20 -8.42 2.56
C THR A 76 -47.78 -7.82 1.31
N ASP A 77 -47.00 -7.82 0.26
CA ASP A 77 -47.48 -7.34 -1.02
C ASP A 77 -46.66 -8.03 -2.10
N THR A 78 -47.00 -9.30 -2.34
CA THR A 78 -46.23 -10.24 -3.16
C THR A 78 -47.20 -10.88 -4.17
N PRO A 79 -46.74 -11.32 -5.36
CA PRO A 79 -47.67 -11.92 -6.36
C PRO A 79 -48.09 -13.36 -6.05
N TYR A 80 -47.44 -14.00 -5.07
CA TYR A 80 -47.92 -15.29 -4.61
C TYR A 80 -49.27 -15.18 -3.94
N TYR A 81 -49.95 -16.33 -3.87
CA TYR A 81 -51.14 -16.48 -3.03
C TYR A 81 -50.65 -16.55 -1.58
N ASN A 82 -50.65 -15.40 -0.91
CA ASN A 82 -50.13 -15.30 0.45
C ASN A 82 -51.28 -15.37 1.44
N ALA A 83 -51.40 -16.50 2.12
CA ALA A 83 -52.48 -16.70 3.07
C ALA A 83 -52.04 -17.61 4.23
N TRP A 84 -53.00 -17.98 5.06
CA TRP A 84 -52.77 -18.94 6.13
C TRP A 84 -51.64 -18.59 7.13
N PRO A 85 -51.68 -17.43 7.80
CA PRO A 85 -50.88 -17.27 9.03
C PRO A 85 -51.27 -18.35 10.04
N GLN A 86 -52.50 -18.87 9.95
CA GLN A 86 -52.94 -19.94 10.85
C GLN A 86 -51.95 -21.10 11.00
N ASP A 87 -51.63 -21.47 12.23
CA ASP A 87 -51.71 -20.58 13.39
C ASP A 87 -50.28 -20.59 13.93
N LYS A 88 -49.44 -19.72 13.36
CA LYS A 88 -48.00 -19.79 13.52
C LYS A 88 -47.30 -18.57 14.09
N ALA A 89 -47.99 -17.45 14.30
CA ALA A 89 -47.31 -16.20 14.73
C ALA A 89 -46.73 -16.35 16.13
N PHE A 90 -45.62 -15.66 16.37
CA PHE A 90 -45.01 -15.65 17.69
C PHE A 90 -44.15 -14.39 17.81
N VAL A 91 -43.82 -14.00 19.02
CA VAL A 91 -42.84 -12.95 19.19
C VAL A 91 -41.63 -13.53 19.92
N TYR A 92 -40.44 -13.15 19.47
CA TYR A 92 -39.22 -13.61 20.13
C TYR A 92 -38.22 -12.48 20.19
N GLU A 93 -37.80 -12.16 21.42
CA GLU A 93 -36.80 -11.13 21.66
C GLU A 93 -37.11 -9.84 20.89
N ASN A 94 -38.32 -9.32 21.15
CA ASN A 94 -38.85 -8.04 20.62
C ASN A 94 -39.20 -7.99 19.14
N VAL A 95 -39.01 -9.10 18.44
CA VAL A 95 -39.41 -9.21 17.04
C VAL A 95 -40.72 -9.97 16.86
N ILE A 96 -41.61 -9.42 16.02
CA ILE A 96 -42.89 -10.08 15.81
C ILE A 96 -42.78 -10.85 14.50
N TYR A 97 -43.10 -12.13 14.57
CA TYR A 97 -42.99 -13.03 13.41
C TYR A 97 -44.37 -13.43 12.92
N ALA A 98 -44.60 -13.23 11.62
CA ALA A 98 -45.84 -13.61 10.95
C ALA A 98 -45.58 -14.64 9.84
N PRO A 99 -45.49 -15.92 10.20
CA PRO A 99 -45.30 -16.95 9.18
C PRO A 99 -46.59 -17.23 8.45
N TYR A 100 -46.45 -17.71 7.23
CA TYR A 100 -47.60 -17.95 6.38
C TYR A 100 -47.16 -18.90 5.29
N MET A 101 -48.07 -19.18 4.36
CA MET A 101 -47.68 -19.93 3.17
C MET A 101 -47.92 -19.13 1.90
N GLY A 102 -46.88 -19.05 1.06
CA GLY A 102 -46.99 -18.37 -0.22
C GLY A 102 -47.03 -19.43 -1.30
N SER A 103 -48.20 -19.61 -1.92
CA SER A 103 -48.39 -20.59 -2.97
C SER A 103 -49.00 -19.98 -4.24
N ASP A 104 -49.67 -20.80 -5.04
CA ASP A 104 -50.45 -20.25 -6.17
C ASP A 104 -51.93 -20.61 -6.10
N ARG A 105 -52.31 -21.30 -5.03
CA ARG A 105 -53.69 -21.77 -4.84
C ARG A 105 -53.92 -22.35 -3.45
N HIS A 106 -55.15 -22.78 -3.18
CA HIS A 106 -55.44 -23.57 -2.00
C HIS A 106 -54.93 -24.99 -2.21
N GLY A 107 -53.65 -25.18 -1.94
CA GLY A 107 -52.94 -26.41 -2.23
C GLY A 107 -51.45 -26.12 -2.12
N VAL A 108 -50.62 -27.12 -2.33
CA VAL A 108 -49.19 -26.95 -2.11
C VAL A 108 -48.37 -26.64 -3.36
N SER A 109 -49.06 -26.49 -4.49
CA SER A 109 -48.43 -26.02 -5.71
C SER A 109 -47.65 -24.69 -5.49
N ARG A 110 -46.39 -24.68 -5.97
CA ARG A 110 -45.47 -23.53 -5.85
C ARG A 110 -45.29 -22.99 -4.42
N LEU A 111 -45.54 -23.82 -3.41
CA LEU A 111 -45.65 -23.29 -2.06
C LEU A 111 -44.28 -23.24 -1.37
N HIS A 112 -44.00 -22.09 -0.73
CA HIS A 112 -42.95 -22.01 0.30
C HIS A 112 -43.56 -21.60 1.63
N VAL A 113 -43.18 -22.30 2.68
CA VAL A 113 -43.52 -21.82 3.99
C VAL A 113 -42.62 -20.58 4.16
N SER A 114 -43.22 -19.46 4.52
CA SER A 114 -42.54 -18.16 4.53
C SER A 114 -42.81 -17.41 5.83
N TRP A 115 -42.07 -16.32 6.07
CA TRP A 115 -42.55 -15.35 7.05
C TRP A 115 -42.14 -13.94 6.67
N VAL A 116 -42.84 -12.98 7.23
CA VAL A 116 -42.36 -11.60 7.31
C VAL A 116 -42.29 -11.29 8.80
N LYS A 117 -41.47 -10.32 9.16
CA LYS A 117 -41.20 -9.97 10.55
C LYS A 117 -41.31 -8.46 10.69
N SER A 118 -41.62 -7.98 11.89
CA SER A 118 -41.55 -6.55 12.21
C SER A 118 -40.59 -6.31 13.37
N GLY A 119 -39.74 -5.31 13.18
CA GLY A 119 -38.78 -4.90 14.21
C GLY A 119 -39.15 -3.57 14.85
N ASP A 120 -40.34 -3.08 14.57
CA ASP A 120 -40.77 -1.80 15.13
C ASP A 120 -42.25 -1.86 15.59
N ASP A 121 -42.60 -2.97 16.26
CA ASP A 121 -43.90 -3.12 16.90
C ASP A 121 -45.05 -3.04 15.88
N GLY A 122 -44.79 -3.52 14.67
CA GLY A 122 -45.88 -3.68 13.70
C GLY A 122 -46.01 -2.59 12.66
N GLN A 123 -45.19 -1.54 12.72
CA GLN A 123 -45.31 -0.41 11.78
C GLN A 123 -44.82 -0.75 10.38
N THR A 124 -43.71 -1.50 10.33
CA THR A 124 -43.05 -1.86 9.09
C THR A 124 -42.67 -3.36 9.17
N TRP A 125 -42.65 -4.00 8.02
CA TRP A 125 -42.43 -5.44 7.95
C TRP A 125 -41.32 -5.75 6.96
N SER A 126 -40.71 -6.92 7.10
CA SER A 126 -39.50 -7.27 6.38
C SER A 126 -39.84 -7.86 5.02
N THR A 127 -38.81 -8.00 4.19
CA THR A 127 -38.89 -8.75 2.94
C THR A 127 -39.21 -10.21 3.27
N PRO A 128 -40.17 -10.83 2.58
CA PRO A 128 -40.51 -12.24 2.85
C PRO A 128 -39.27 -13.17 2.80
N GLU A 129 -39.16 -14.07 3.77
CA GLU A 129 -38.14 -15.11 3.76
C GLU A 129 -38.80 -16.47 3.57
N TRP A 130 -38.21 -17.29 2.72
CA TRP A 130 -38.66 -18.65 2.52
C TRP A 130 -38.03 -19.55 3.59
N LEU A 131 -38.85 -20.28 4.34
CA LEU A 131 -38.34 -21.15 5.39
C LEU A 131 -38.11 -22.55 4.87
N THR A 132 -38.88 -22.95 3.86
CA THR A 132 -38.71 -24.24 3.19
C THR A 132 -38.39 -24.03 1.73
N ASP A 133 -37.68 -25.00 1.16
CA ASP A 133 -37.54 -25.08 -0.28
C ASP A 133 -38.67 -25.92 -0.80
N LEU A 134 -38.82 -26.00 -2.12
CA LEU A 134 -39.72 -26.99 -2.69
C LEU A 134 -39.18 -28.36 -2.33
N HIS A 135 -40.09 -29.27 -1.99
CA HIS A 135 -39.77 -30.63 -1.61
C HIS A 135 -38.93 -31.30 -2.71
N PRO A 136 -37.97 -32.15 -2.35
CA PRO A 136 -37.18 -32.91 -3.34
C PRO A 136 -38.01 -33.65 -4.39
N ASP A 137 -39.20 -34.12 -4.01
CA ASP A 137 -40.08 -34.84 -4.91
C ASP A 137 -41.17 -33.99 -5.59
N TYR A 138 -41.01 -32.67 -5.53
CA TYR A 138 -41.86 -31.75 -6.30
C TYR A 138 -41.73 -32.13 -7.80
N PRO A 139 -42.82 -32.11 -8.59
CA PRO A 139 -44.15 -31.66 -8.18
C PRO A 139 -45.17 -32.72 -7.80
N THR A 140 -44.72 -33.86 -7.27
CA THR A 140 -45.67 -34.85 -6.79
C THR A 140 -46.20 -34.45 -5.41
N VAL A 141 -45.31 -33.98 -4.56
CA VAL A 141 -45.69 -33.51 -3.22
C VAL A 141 -44.91 -32.25 -2.90
N ASN A 142 -45.35 -31.56 -1.86
CA ASN A 142 -44.67 -30.34 -1.41
C ASN A 142 -45.04 -30.11 0.06
N TYR A 143 -44.29 -29.23 0.72
CA TYR A 143 -44.46 -28.94 2.13
C TYR A 143 -45.66 -28.04 2.44
N HIS A 144 -45.99 -27.97 3.73
CA HIS A 144 -47.19 -27.30 4.25
C HIS A 144 -46.95 -27.20 5.75
N CYS A 145 -47.40 -26.11 6.37
CA CYS A 145 -47.21 -25.91 7.82
C CYS A 145 -48.28 -24.97 8.39
N MET A 146 -48.98 -25.41 9.44
CA MET A 146 -49.92 -24.54 10.16
C MET A 146 -49.63 -24.56 11.67
N SER A 147 -48.44 -25.05 12.03
CA SER A 147 -48.06 -25.16 13.43
C SER A 147 -46.58 -24.90 13.62
N MET A 148 -46.29 -23.81 14.34
CA MET A 148 -44.94 -23.32 14.51
C MET A 148 -44.92 -22.48 15.76
N GLY A 149 -43.81 -22.52 16.49
CA GLY A 149 -43.65 -21.72 17.68
C GLY A 149 -42.28 -21.91 18.28
N VAL A 150 -42.07 -21.24 19.42
CA VAL A 150 -40.80 -21.26 20.11
C VAL A 150 -40.93 -21.89 21.50
N CYS A 151 -39.98 -22.77 21.82
CA CYS A 151 -39.85 -23.41 23.12
C CYS A 151 -38.36 -23.39 23.45
N ARG A 152 -38.04 -22.83 24.61
CA ARG A 152 -36.67 -22.73 25.12
C ARG A 152 -35.68 -22.35 24.02
N ASN A 153 -35.94 -21.22 23.37
CA ASN A 153 -35.00 -20.66 22.39
C ASN A 153 -34.82 -21.45 21.10
N ARG A 154 -35.76 -22.35 20.80
CA ARG A 154 -35.73 -23.03 19.53
C ARG A 154 -37.06 -22.83 18.84
N LEU A 155 -37.03 -22.64 17.52
CA LEU A 155 -38.25 -22.70 16.72
C LEU A 155 -38.60 -24.16 16.44
N PHE A 156 -39.85 -24.55 16.65
CA PHE A 156 -40.35 -25.90 16.32
C PHE A 156 -41.46 -25.71 15.31
N ALA A 157 -41.49 -26.55 14.28
CA ALA A 157 -42.59 -26.48 13.30
C ALA A 157 -42.95 -27.88 12.87
N MET A 158 -44.25 -28.11 12.70
CA MET A 158 -44.69 -29.37 12.12
C MET A 158 -44.75 -29.17 10.62
N ILE A 159 -43.76 -29.73 9.93
CA ILE A 159 -43.65 -29.61 8.49
C ILE A 159 -44.30 -30.85 7.91
N GLU A 160 -45.41 -30.66 7.23
CA GLU A 160 -46.15 -31.75 6.61
C GLU A 160 -45.78 -31.83 5.15
N THR A 161 -45.91 -33.02 4.56
CA THR A 161 -45.80 -33.24 3.12
C THR A 161 -47.20 -33.62 2.63
N ARG A 162 -47.63 -32.98 1.55
CA ARG A 162 -48.96 -33.18 0.99
C ARG A 162 -48.87 -33.32 -0.53
N THR A 163 -49.77 -34.09 -1.13
CA THR A 163 -49.79 -34.22 -2.58
C THR A 163 -50.30 -32.95 -3.28
N LEU A 164 -49.76 -32.66 -4.45
CA LEU A 164 -50.25 -31.53 -5.24
C LEU A 164 -51.62 -31.88 -5.82
N ALA A 165 -51.82 -33.15 -6.13
CA ALA A 165 -53.05 -33.57 -6.82
C ALA A 165 -54.29 -33.42 -5.94
N LYS A 166 -54.20 -33.76 -4.65
CA LYS A 166 -55.39 -33.74 -3.80
C LYS A 166 -55.21 -33.04 -2.44
N ASN A 167 -54.04 -32.47 -2.20
CA ASN A 167 -53.70 -31.91 -0.89
C ASN A 167 -53.77 -32.96 0.25
N ALA A 168 -53.44 -34.20 -0.09
CA ALA A 168 -53.52 -35.32 0.86
C ALA A 168 -52.26 -35.42 1.68
N LEU A 169 -52.43 -35.52 2.99
CA LEU A 169 -51.30 -35.64 3.93
C LEU A 169 -50.53 -36.93 3.70
N THR A 170 -49.22 -36.81 3.62
CA THR A 170 -48.36 -37.92 3.26
C THR A 170 -47.35 -38.21 4.37
N ASN A 171 -46.99 -37.16 5.12
CA ASN A 171 -45.91 -37.24 6.11
C ASN A 171 -45.95 -36.07 7.06
N CYS A 172 -45.65 -36.31 8.34
CA CYS A 172 -45.43 -35.22 9.28
C CYS A 172 -44.03 -35.35 9.87
N ALA A 173 -43.35 -34.22 9.97
CA ALA A 173 -42.07 -34.19 10.60
C ALA A 173 -41.99 -32.95 11.47
N LEU A 174 -41.40 -33.13 12.64
CA LEU A 174 -41.10 -32.00 13.51
C LEU A 174 -39.70 -31.49 13.14
N TRP A 175 -39.62 -30.21 12.76
CA TRP A 175 -38.37 -29.59 12.38
C TRP A 175 -38.11 -28.53 13.42
N ASP A 176 -36.89 -28.48 13.94
CA ASP A 176 -36.60 -27.40 14.87
C ASP A 176 -35.21 -26.87 14.66
N ARG A 177 -35.01 -25.63 15.11
CA ARG A 177 -33.76 -24.93 14.86
C ARG A 177 -33.57 -23.92 15.97
N PRO A 178 -32.33 -23.61 16.36
CA PRO A 178 -32.13 -22.58 17.40
C PRO A 178 -32.44 -21.20 16.83
N MET A 179 -33.03 -20.34 17.66
CA MET A 179 -33.25 -18.95 17.25
C MET A 179 -31.94 -18.18 17.39
N SER A 180 -31.70 -17.23 16.50
CA SER A 180 -30.55 -16.33 16.63
C SER A 180 -30.75 -15.39 17.82
N ARG A 181 -29.71 -15.25 18.66
CA ARG A 181 -29.72 -14.31 19.79
C ARG A 181 -28.30 -13.84 20.05
N SER A 182 -28.17 -12.67 20.69
CA SER A 182 -26.88 -12.22 21.21
C SER A 182 -26.96 -12.22 22.71
N LEU A 183 -25.98 -12.84 23.38
CA LEU A 183 -25.98 -12.91 24.85
C LEU A 183 -24.80 -12.15 25.42
N HIS A 184 -25.07 -11.34 26.42
CA HIS A 184 -24.01 -10.55 27.07
C HIS A 184 -23.85 -11.10 28.47
N LEU A 185 -22.77 -11.88 28.64
CA LEU A 185 -22.58 -12.69 29.82
C LEU A 185 -21.30 -12.35 30.57
N THR A 186 -21.28 -12.70 31.85
CA THR A 186 -20.12 -12.55 32.72
C THR A 186 -19.74 -13.92 33.27
N GLY A 187 -18.49 -14.31 33.05
CA GLY A 187 -18.02 -15.63 33.46
C GLY A 187 -18.76 -16.78 32.78
N GLY A 188 -18.41 -17.99 33.21
CA GLY A 188 -19.07 -19.19 32.73
C GLY A 188 -18.31 -20.08 31.76
N ILE A 189 -17.13 -19.65 31.31
CA ILE A 189 -16.32 -20.50 30.45
C ILE A 189 -15.14 -21.10 31.21
N THR A 190 -15.01 -22.42 31.14
CA THR A 190 -13.88 -23.11 31.77
C THR A 190 -13.23 -24.07 30.82
N LYS A 191 -11.93 -24.25 30.97
CA LYS A 191 -11.18 -25.12 30.11
C LYS A 191 -10.14 -25.82 30.97
N ALA A 192 -10.31 -27.13 31.11
CA ALA A 192 -9.42 -27.93 31.94
C ALA A 192 -8.09 -28.09 31.24
N ALA A 193 -7.01 -28.06 32.02
CA ALA A 193 -5.66 -28.22 31.50
C ALA A 193 -5.51 -29.58 30.82
N ASN A 194 -4.78 -29.57 29.71
CA ASN A 194 -4.29 -30.75 28.98
C ASN A 194 -5.31 -31.50 28.12
N GLN A 195 -6.30 -30.74 27.65
CA GLN A 195 -7.33 -31.26 26.76
C GLN A 195 -7.96 -30.07 26.04
N ARG A 196 -8.70 -30.33 24.96
CA ARG A 196 -9.08 -29.26 24.05
C ARG A 196 -10.51 -28.70 24.18
N TYR A 197 -11.34 -29.28 25.05
CA TYR A 197 -12.72 -28.81 25.18
C TYR A 197 -12.88 -27.68 26.20
N ALA A 198 -13.73 -26.71 25.89
CA ALA A 198 -14.14 -25.70 26.85
C ALA A 198 -15.62 -25.84 27.17
N THR A 199 -15.98 -25.79 28.45
CA THR A 199 -17.40 -25.91 28.80
C THR A 199 -18.01 -24.53 28.99
N ILE A 200 -19.14 -24.32 28.32
CA ILE A 200 -19.81 -23.03 28.31
C ILE A 200 -21.10 -23.15 29.11
N HIS A 201 -21.27 -22.29 30.11
CA HIS A 201 -22.49 -22.28 30.91
C HIS A 201 -23.40 -21.20 30.38
N VAL A 202 -24.50 -21.63 29.76
CA VAL A 202 -25.50 -20.74 29.21
C VAL A 202 -26.84 -21.37 29.57
N PRO A 203 -27.52 -20.79 30.57
CA PRO A 203 -28.83 -21.28 31.02
C PRO A 203 -29.82 -21.46 29.87
N ASP A 204 -30.44 -22.64 29.80
CA ASP A 204 -31.46 -22.97 28.82
C ASP A 204 -31.05 -22.63 27.41
N HIS A 205 -29.82 -22.99 27.05
CA HIS A 205 -29.26 -22.55 25.77
C HIS A 205 -30.10 -23.04 24.58
N GLY A 206 -30.68 -24.23 24.73
CA GLY A 206 -31.48 -24.85 23.68
C GLY A 206 -30.67 -25.26 22.46
N LEU A 207 -29.37 -25.46 22.62
CA LEU A 207 -28.52 -25.83 21.48
C LEU A 207 -28.26 -27.34 21.45
N PHE A 208 -27.99 -27.86 20.25
CA PHE A 208 -27.65 -29.26 20.05
C PHE A 208 -26.26 -29.36 19.43
N VAL A 209 -25.70 -30.56 19.43
CA VAL A 209 -24.42 -30.80 18.76
C VAL A 209 -24.48 -30.33 17.31
N GLY A 210 -23.50 -29.53 16.91
CA GLY A 210 -23.41 -29.03 15.56
C GLY A 210 -23.99 -27.65 15.35
N ASP A 211 -24.66 -27.12 16.37
CA ASP A 211 -25.30 -25.81 16.20
C ASP A 211 -24.23 -24.72 16.28
N PHE A 212 -24.48 -23.64 15.55
CA PHE A 212 -23.57 -22.49 15.46
C PHE A 212 -23.47 -21.73 16.76
N VAL A 213 -22.24 -21.40 17.16
CA VAL A 213 -22.01 -20.49 18.27
C VAL A 213 -20.82 -19.58 17.94
N ASN A 214 -20.96 -18.29 18.23
CA ASN A 214 -19.88 -17.33 17.98
C ASN A 214 -19.44 -16.71 19.29
N PHE A 215 -18.13 -16.55 19.46
CA PHE A 215 -17.59 -16.06 20.73
C PHE A 215 -16.79 -14.76 20.57
N SER A 216 -16.97 -13.84 21.51
CA SER A 216 -16.21 -12.60 21.55
C SER A 216 -15.74 -12.28 22.94
N ASN A 217 -14.47 -11.85 23.07
CA ASN A 217 -13.95 -11.39 24.36
C ASN A 217 -14.00 -12.46 25.48
N SER A 218 -13.92 -13.74 25.10
CA SER A 218 -14.08 -14.84 26.06
C SER A 218 -12.99 -14.89 27.15
N ALA A 219 -11.80 -14.41 26.81
CA ALA A 219 -10.59 -14.57 27.64
C ALA A 219 -10.17 -16.03 27.88
N VAL A 220 -10.68 -16.95 27.06
CA VAL A 220 -10.24 -18.34 27.14
C VAL A 220 -9.63 -18.75 25.82
N THR A 221 -8.35 -19.12 25.85
CA THR A 221 -7.67 -19.57 24.63
C THR A 221 -8.48 -20.60 23.87
N GLY A 222 -8.63 -20.37 22.56
CA GLY A 222 -9.33 -21.28 21.68
C GLY A 222 -10.82 -21.00 21.54
N VAL A 223 -11.38 -20.26 22.50
CA VAL A 223 -12.81 -19.95 22.49
C VAL A 223 -13.01 -18.59 21.83
N SER A 224 -13.24 -18.60 20.53
CA SER A 224 -13.14 -17.37 19.74
C SER A 224 -13.72 -17.52 18.35
N GLY A 225 -14.50 -16.52 17.93
CA GLY A 225 -15.05 -16.52 16.60
C GLY A 225 -16.13 -17.58 16.41
N ASP A 226 -16.35 -17.96 15.15
CA ASP A 226 -17.39 -18.93 14.76
C ASP A 226 -16.98 -20.34 15.13
N MET A 227 -17.82 -20.98 15.91
CA MET A 227 -17.58 -22.33 16.38
C MET A 227 -18.90 -23.10 16.29
N THR A 228 -18.81 -24.41 16.54
CA THR A 228 -20.01 -25.25 16.67
C THR A 228 -20.02 -25.96 18.01
N VAL A 229 -21.22 -26.32 18.46
CA VAL A 229 -21.41 -27.09 19.68
C VAL A 229 -20.87 -28.51 19.49
N ALA A 230 -19.92 -28.90 20.34
CA ALA A 230 -19.25 -30.19 20.21
C ALA A 230 -20.02 -31.27 20.98
N THR A 231 -20.41 -30.95 22.21
CA THR A 231 -21.26 -31.82 23.05
C THR A 231 -22.25 -30.99 23.87
N VAL A 232 -23.40 -31.57 24.19
CA VAL A 232 -24.26 -30.95 25.21
C VAL A 232 -24.17 -31.79 26.50
N ILE A 233 -23.85 -31.11 27.60
CA ILE A 233 -23.70 -31.72 28.93
C ILE A 233 -25.06 -31.87 29.59
N ASP A 234 -25.74 -30.74 29.71
CA ASP A 234 -27.14 -30.70 30.15
C ASP A 234 -27.78 -29.47 29.53
N LYS A 235 -28.97 -29.08 30.00
CA LYS A 235 -29.74 -28.03 29.35
C LYS A 235 -29.11 -26.64 29.53
N ASP A 236 -28.14 -26.56 30.45
CA ASP A 236 -27.51 -25.30 30.85
C ASP A 236 -26.02 -25.24 30.50
N ASN A 237 -25.49 -26.31 29.91
CA ASN A 237 -24.05 -26.45 29.67
C ASN A 237 -23.77 -27.22 28.41
N PHE A 238 -22.77 -26.75 27.66
CA PHE A 238 -22.35 -27.41 26.43
C PHE A 238 -20.85 -27.21 26.23
N THR A 239 -20.24 -27.92 25.29
CA THR A 239 -18.83 -27.69 25.01
C THR A 239 -18.55 -27.36 23.56
N VAL A 240 -17.40 -26.73 23.35
CA VAL A 240 -16.86 -26.49 22.03
C VAL A 240 -15.46 -27.11 22.02
N LEU A 241 -15.05 -27.59 20.85
CA LEU A 241 -13.72 -28.18 20.71
C LEU A 241 -12.79 -27.12 20.12
N THR A 242 -11.81 -26.70 20.92
CA THR A 242 -10.83 -25.69 20.49
C THR A 242 -9.63 -26.32 19.81
N PRO A 243 -8.85 -25.50 19.11
CA PRO A 243 -7.71 -25.99 18.34
C PRO A 243 -6.54 -26.45 19.20
N ASN A 244 -6.44 -25.98 20.43
CA ASN A 244 -5.23 -26.21 21.20
C ASN A 244 -5.50 -26.69 22.61
N GLN A 245 -4.46 -27.15 23.29
CA GLN A 245 -4.54 -27.46 24.72
C GLN A 245 -3.41 -26.78 25.49
N GLN A 246 -3.60 -26.63 26.79
CA GLN A 246 -2.68 -25.87 27.65
C GLN A 246 -2.39 -26.63 28.94
N THR A 247 -1.29 -26.29 29.61
CA THR A 247 -0.93 -26.97 30.85
C THR A 247 -1.59 -26.38 32.11
N SER A 248 -2.36 -25.29 31.98
CA SER A 248 -3.05 -24.67 33.13
C SER A 248 -4.54 -24.49 32.91
N ASP A 249 -5.28 -24.48 34.02
CA ASP A 249 -6.75 -24.39 34.01
C ASP A 249 -7.21 -22.97 33.70
N LEU A 250 -8.12 -22.84 32.73
CA LEU A 250 -8.73 -21.54 32.43
C LEU A 250 -10.17 -21.41 32.95
N ASN A 251 -10.47 -20.25 33.54
CA ASN A 251 -11.79 -19.95 34.07
C ASN A 251 -12.00 -18.46 33.91
N ASN A 252 -12.98 -18.05 33.10
CA ASN A 252 -13.19 -16.62 32.83
C ASN A 252 -14.17 -15.88 33.78
N ALA A 253 -14.30 -16.39 35.00
CA ALA A 253 -15.20 -15.79 35.97
C ALA A 253 -14.95 -14.30 36.14
N GLY A 254 -16.03 -13.53 36.19
CA GLY A 254 -15.92 -12.10 36.39
C GLY A 254 -15.68 -11.29 35.13
N LYS A 255 -15.40 -11.97 34.02
CA LYS A 255 -15.16 -11.24 32.77
C LYS A 255 -16.37 -11.21 31.85
N ASN A 256 -16.64 -10.03 31.28
CA ASN A 256 -17.75 -9.81 30.36
C ASN A 256 -17.39 -10.26 28.95
N TRP A 257 -18.26 -11.08 28.37
CA TRP A 257 -18.05 -11.58 27.02
C TRP A 257 -19.38 -11.67 26.28
N HIS A 258 -19.36 -12.20 25.06
CA HIS A 258 -20.51 -12.18 24.17
C HIS A 258 -20.59 -13.45 23.34
N MET A 259 -21.82 -13.97 23.18
CA MET A 259 -22.15 -15.10 22.32
C MET A 259 -23.48 -14.69 21.64
N GLY A 260 -23.86 -15.05 20.42
CA GLY A 260 -23.27 -15.98 19.52
C GLY A 260 -24.15 -17.06 18.89
N THR A 261 -25.50 -16.99 18.80
CA THR A 261 -26.26 -18.07 18.07
C THR A 261 -26.80 -17.72 16.68
N SER A 262 -27.12 -18.74 15.88
CA SER A 262 -27.64 -18.51 14.53
C SER A 262 -28.61 -19.57 14.04
N PHE A 263 -29.82 -19.12 13.76
CA PHE A 263 -30.84 -19.89 13.08
C PHE A 263 -30.33 -20.31 11.70
N HIS A 264 -29.75 -19.36 10.98
CA HIS A 264 -29.39 -19.64 9.58
C HIS A 264 -28.19 -20.52 9.39
N LYS A 265 -27.22 -20.45 10.29
CA LYS A 265 -26.00 -21.23 10.19
C LYS A 265 -26.11 -22.55 10.97
N SER A 266 -27.28 -22.81 11.55
CA SER A 266 -27.48 -24.08 12.26
C SER A 266 -28.43 -24.98 11.45
N PRO A 267 -28.16 -26.27 11.41
CA PRO A 267 -29.03 -27.18 10.65
C PRO A 267 -30.36 -27.40 11.34
N TRP A 268 -31.41 -27.69 10.57
CA TRP A 268 -32.66 -28.13 11.16
C TRP A 268 -32.40 -29.48 11.80
N ARG A 269 -33.06 -29.73 12.93
CA ARG A 269 -33.16 -31.09 13.43
C ARG A 269 -34.49 -31.59 12.95
N LYS A 270 -34.50 -32.71 12.24
CA LYS A 270 -35.74 -33.20 11.64
C LYS A 270 -36.04 -34.58 12.18
N THR A 271 -37.23 -34.68 12.77
CA THR A 271 -37.74 -35.89 13.39
C THR A 271 -38.93 -36.36 12.59
N ASP A 272 -38.72 -37.41 11.81
CA ASP A 272 -39.78 -37.98 10.97
C ASP A 272 -40.80 -38.70 11.84
N LEU A 273 -42.05 -38.22 11.81
CA LEU A 273 -43.11 -38.84 12.61
C LEU A 273 -43.99 -39.74 11.76
N GLY A 274 -43.61 -39.90 10.49
CA GLY A 274 -44.42 -40.67 9.55
C GLY A 274 -45.77 -40.05 9.22
N LEU A 275 -46.66 -40.85 8.63
CA LEU A 275 -48.03 -40.41 8.46
C LEU A 275 -48.79 -40.67 9.76
N ILE A 276 -48.75 -39.70 10.67
CA ILE A 276 -49.49 -39.82 11.93
C ILE A 276 -50.94 -40.21 11.64
N PRO A 277 -51.41 -41.32 12.20
CA PRO A 277 -52.75 -41.80 11.90
C PRO A 277 -53.84 -40.85 12.37
N SER A 278 -54.96 -40.88 11.64
CA SER A 278 -56.14 -40.12 12.00
C SER A 278 -55.82 -38.63 12.15
N VAL A 279 -55.07 -38.10 11.18
CA VAL A 279 -54.75 -36.68 11.12
C VAL A 279 -54.97 -36.15 9.71
N THR A 280 -55.72 -35.05 9.62
CA THR A 280 -55.84 -34.28 8.37
C THR A 280 -54.82 -33.13 8.34
N GLU A 281 -54.79 -32.32 9.40
CA GLU A 281 -53.86 -31.17 9.53
C GLU A 281 -53.39 -31.02 10.96
N VAL A 282 -52.13 -30.62 11.13
CA VAL A 282 -51.62 -30.21 12.45
C VAL A 282 -51.63 -28.70 12.40
N HIS A 283 -52.14 -28.07 13.45
CA HIS A 283 -52.49 -26.65 13.41
C HIS A 283 -52.39 -26.03 14.80
N SER A 284 -51.67 -24.92 14.92
CA SER A 284 -51.53 -24.16 16.19
C SER A 284 -50.47 -24.74 17.13
N PHE A 285 -50.00 -23.92 18.07
CA PHE A 285 -48.84 -24.23 18.87
C PHE A 285 -49.02 -23.61 20.25
N ALA A 286 -48.88 -24.41 21.28
CA ALA A 286 -48.93 -23.87 22.63
C ALA A 286 -47.68 -24.31 23.39
N THR A 287 -46.80 -23.37 23.66
CA THR A 287 -45.68 -23.66 24.57
C THR A 287 -46.24 -23.98 25.96
N ILE A 288 -45.84 -25.13 26.51
CA ILE A 288 -46.30 -25.52 27.85
C ILE A 288 -45.32 -25.07 28.92
N ASP A 289 -44.06 -25.47 28.77
CA ASP A 289 -43.02 -25.17 29.77
C ASP A 289 -41.64 -25.24 29.09
N ASN A 290 -40.60 -25.31 29.92
CA ASN A 290 -39.23 -25.34 29.44
C ASN A 290 -38.84 -26.60 28.63
N ASN A 291 -39.70 -27.62 28.65
CA ASN A 291 -39.38 -28.92 28.05
C ASN A 291 -40.20 -29.25 26.82
N GLY A 292 -41.37 -28.62 26.68
CA GLY A 292 -42.30 -29.06 25.66
C GLY A 292 -43.48 -28.16 25.38
N PHE A 293 -44.35 -28.66 24.51
CA PHE A 293 -45.39 -27.82 23.92
C PHE A 293 -46.46 -28.76 23.40
N ALA A 294 -47.59 -28.19 22.98
CA ALA A 294 -48.65 -28.95 22.33
C ALA A 294 -48.89 -28.34 20.97
N MET A 295 -49.41 -29.15 20.04
CA MET A 295 -49.86 -28.70 18.72
C MET A 295 -51.29 -29.22 18.51
N GLY A 296 -52.16 -28.40 17.93
CA GLY A 296 -53.52 -28.80 17.66
C GLY A 296 -53.60 -29.72 16.44
N TYR A 297 -54.67 -30.49 16.33
CA TYR A 297 -54.89 -31.24 15.09
C TYR A 297 -56.38 -31.56 14.91
N HIS A 298 -56.75 -31.96 13.70
CA HIS A 298 -58.08 -32.53 13.50
C HIS A 298 -57.93 -33.53 12.39
N GLN A 299 -58.88 -34.47 12.34
CA GLN A 299 -59.05 -35.38 11.22
C GLN A 299 -60.46 -35.10 10.71
N GLY A 300 -60.59 -34.78 9.43
CA GLY A 300 -61.89 -34.47 8.86
C GLY A 300 -62.16 -35.04 7.48
N ASP A 301 -61.36 -36.00 7.05
CA ASP A 301 -61.55 -36.58 5.72
C ASP A 301 -62.62 -37.67 5.71
N VAL A 302 -62.70 -38.43 6.80
CA VAL A 302 -63.67 -39.50 6.96
C VAL A 302 -64.30 -39.40 8.34
N ALA A 303 -65.45 -40.06 8.50
CA ALA A 303 -66.12 -40.18 9.80
C ALA A 303 -65.54 -41.35 10.61
N PRO A 304 -65.45 -41.20 11.93
CA PRO A 304 -65.80 -39.95 12.62
C PRO A 304 -64.62 -38.98 12.68
N ARG A 305 -64.94 -37.70 12.82
CA ARG A 305 -63.93 -36.65 13.02
C ARG A 305 -63.15 -36.85 14.33
N GLU A 306 -61.88 -36.44 14.35
CA GLU A 306 -61.18 -36.23 15.62
C GLU A 306 -60.76 -34.75 15.68
N VAL A 307 -60.81 -34.14 16.86
CA VAL A 307 -60.22 -32.82 17.08
C VAL A 307 -59.54 -32.86 18.46
N GLY A 308 -58.33 -32.32 18.54
CA GLY A 308 -57.61 -32.38 19.79
C GLY A 308 -56.23 -31.77 19.69
N LEU A 309 -55.28 -32.34 20.42
CA LEU A 309 -53.91 -31.86 20.43
C LEU A 309 -52.95 -33.02 20.57
N PHE A 310 -51.72 -32.77 20.15
CA PHE A 310 -50.59 -33.66 20.45
C PHE A 310 -49.71 -32.92 21.45
N TYR A 311 -49.45 -33.55 22.59
CA TYR A 311 -48.56 -32.98 23.60
C TYR A 311 -47.19 -33.66 23.52
N PHE A 312 -46.15 -32.85 23.30
CA PHE A 312 -44.76 -33.33 23.29
C PHE A 312 -44.13 -32.92 24.61
N PRO A 313 -44.10 -33.81 25.60
CA PRO A 313 -43.69 -33.45 26.97
C PRO A 313 -42.21 -33.05 27.09
N ASP A 314 -41.38 -33.65 26.25
CA ASP A 314 -39.95 -33.36 26.27
C ASP A 314 -39.44 -33.33 24.84
N ALA A 315 -39.65 -32.21 24.18
CA ALA A 315 -39.33 -32.09 22.77
C ALA A 315 -37.82 -31.96 22.52
N PHE A 316 -37.06 -31.67 23.58
CA PHE A 316 -35.61 -31.53 23.43
C PHE A 316 -34.89 -32.88 23.41
N ASN A 317 -35.19 -33.72 24.39
CA ASN A 317 -34.59 -35.03 24.46
C ASN A 317 -35.33 -36.05 23.59
N SER A 318 -36.64 -35.87 23.43
CA SER A 318 -37.48 -36.91 22.87
C SER A 318 -38.51 -36.38 21.91
N PRO A 319 -38.07 -35.80 20.79
CA PRO A 319 -38.99 -35.12 19.88
C PRO A 319 -40.02 -36.06 19.23
N SER A 320 -39.76 -37.36 19.23
CA SER A 320 -40.68 -38.31 18.61
C SER A 320 -41.76 -38.84 19.57
N ASN A 321 -41.70 -38.45 20.84
CA ASN A 321 -42.66 -38.87 21.85
C ASN A 321 -43.77 -37.83 22.04
N TYR A 322 -45.01 -38.21 21.83
CA TYR A 322 -46.15 -37.29 22.01
C TYR A 322 -47.36 -38.10 22.47
N VAL A 323 -48.36 -37.44 23.01
CA VAL A 323 -49.58 -38.11 23.45
C VAL A 323 -50.75 -37.37 22.80
N ARG A 324 -51.69 -38.11 22.22
CA ARG A 324 -52.87 -37.47 21.66
C ARG A 324 -54.01 -37.38 22.66
N ARG A 325 -54.62 -36.20 22.69
CA ARG A 325 -55.71 -35.90 23.59
C ARG A 325 -56.83 -35.25 22.79
N GLN A 326 -57.98 -35.91 22.72
CA GLN A 326 -59.11 -35.38 21.94
C GLN A 326 -60.02 -34.55 22.83
N ILE A 327 -60.69 -33.56 22.24
CA ILE A 327 -61.74 -32.82 22.91
C ILE A 327 -62.95 -33.78 23.09
N PRO A 328 -63.97 -33.40 23.88
CA PRO A 328 -65.14 -34.27 24.10
C PRO A 328 -65.88 -34.54 22.78
N SER A 329 -66.41 -35.75 22.65
CA SER A 329 -66.92 -36.26 21.36
C SER A 329 -68.08 -35.45 20.79
N GLU A 330 -68.89 -34.85 21.65
CA GLU A 330 -70.03 -34.05 21.17
C GLU A 330 -69.59 -32.78 20.43
N TYR A 331 -68.34 -32.37 20.62
CA TYR A 331 -67.86 -31.13 20.02
C TYR A 331 -67.02 -31.34 18.77
N GLU A 332 -66.75 -32.59 18.42
CA GLU A 332 -65.94 -32.93 17.25
C GLU A 332 -66.67 -32.86 15.90
N PRO A 333 -67.97 -33.19 15.82
CA PRO A 333 -68.68 -33.09 14.52
C PRO A 333 -68.52 -31.68 13.94
N ASP A 334 -68.30 -31.59 12.63
CA ASP A 334 -68.24 -30.28 11.95
C ASP A 334 -67.22 -29.31 12.55
N ALA A 335 -66.14 -29.83 13.11
CA ALA A 335 -65.13 -29.01 13.76
C ALA A 335 -63.77 -29.32 13.17
N SER A 336 -62.89 -28.33 13.17
CA SER A 336 -61.54 -28.53 12.66
C SER A 336 -60.61 -27.48 13.22
N GLU A 337 -59.33 -27.61 12.89
CA GLU A 337 -58.31 -26.56 13.08
C GLU A 337 -58.38 -25.82 14.40
N PRO A 338 -58.15 -26.53 15.51
CA PRO A 338 -58.21 -25.90 16.83
C PRO A 338 -57.06 -24.92 17.04
N CYS A 339 -57.36 -23.77 17.64
CA CYS A 339 -56.30 -22.88 18.13
C CYS A 339 -56.09 -23.21 19.58
N ILE A 340 -54.82 -23.36 19.99
CA ILE A 340 -54.52 -23.68 21.39
C ILE A 340 -53.48 -22.77 21.98
N LYS A 341 -53.69 -22.42 23.26
CA LYS A 341 -52.71 -21.67 24.03
C LYS A 341 -52.74 -22.10 25.49
N TYR A 342 -51.63 -21.87 26.18
CA TYR A 342 -51.47 -22.30 27.57
C TYR A 342 -51.08 -21.09 28.42
N TYR A 343 -51.89 -20.82 29.42
CA TYR A 343 -51.68 -19.71 30.34
C TYR A 343 -51.94 -20.21 31.74
N ASP A 344 -50.96 -19.99 32.60
CA ASP A 344 -51.07 -20.28 34.04
C ASP A 344 -51.72 -21.63 34.34
N GLY A 345 -51.18 -22.68 33.75
CA GLY A 345 -51.64 -24.02 34.04
C GLY A 345 -52.91 -24.41 33.29
N VAL A 346 -53.45 -23.50 32.49
CA VAL A 346 -54.68 -23.80 31.76
C VAL A 346 -54.45 -23.83 30.26
N LEU A 347 -54.83 -24.94 29.65
CA LEU A 347 -54.84 -25.07 28.20
C LEU A 347 -56.20 -24.71 27.60
N TYR A 348 -56.24 -23.69 26.76
CA TYR A 348 -57.45 -23.24 26.11
C TYR A 348 -57.43 -23.68 24.66
N LEU A 349 -58.58 -24.12 24.17
CA LEU A 349 -58.71 -24.62 22.80
C LEU A 349 -60.01 -24.06 22.19
N ILE A 350 -59.91 -23.55 20.97
CA ILE A 350 -61.09 -23.08 20.25
C ILE A 350 -61.11 -23.68 18.87
N THR A 351 -62.22 -24.34 18.52
CA THR A 351 -62.36 -25.00 17.22
C THR A 351 -62.90 -24.06 16.13
N ARG A 352 -62.69 -24.45 14.88
CA ARG A 352 -63.36 -23.84 13.73
C ARG A 352 -64.62 -24.65 13.46
N GLY A 353 -65.75 -24.01 13.21
CA GLY A 353 -66.92 -24.72 12.71
C GLY A 353 -66.83 -24.86 11.20
N THR A 354 -67.31 -25.97 10.64
CA THR A 354 -67.24 -26.16 9.20
C THR A 354 -68.53 -25.89 8.45
N ARG A 355 -69.63 -25.63 9.17
CA ARG A 355 -70.94 -25.44 8.55
C ARG A 355 -71.80 -24.42 9.29
N GLY A 356 -72.37 -23.48 8.52
CA GLY A 356 -73.24 -22.47 9.08
C GLY A 356 -74.58 -23.01 9.56
N ASP A 357 -74.94 -24.20 9.12
CA ASP A 357 -76.23 -24.79 9.51
C ASP A 357 -76.10 -25.89 10.60
N ARG A 358 -74.91 -26.01 11.19
CA ARG A 358 -74.63 -27.03 12.22
C ARG A 358 -73.90 -26.35 13.39
N LEU A 359 -73.98 -26.93 14.58
CA LEU A 359 -73.30 -26.33 15.73
C LEU A 359 -71.83 -26.06 15.37
N GLY A 360 -71.34 -24.89 15.77
CA GLY A 360 -70.04 -24.43 15.30
C GLY A 360 -68.95 -24.37 16.33
N SER A 361 -68.06 -23.40 16.16
CA SER A 361 -66.92 -23.21 17.05
C SER A 361 -67.30 -23.40 18.50
N SER A 362 -66.44 -24.12 19.23
CA SER A 362 -66.55 -24.24 20.68
C SER A 362 -65.22 -23.94 21.34
N LEU A 363 -65.29 -23.63 22.63
CA LEU A 363 -64.16 -23.23 23.47
C LEU A 363 -64.02 -24.22 24.61
N HIS A 364 -62.79 -24.64 24.91
CA HIS A 364 -62.53 -25.66 25.92
C HIS A 364 -61.34 -25.26 26.78
N ARG A 365 -61.37 -25.58 28.07
CA ARG A 365 -60.23 -25.36 28.95
C ARG A 365 -59.89 -26.65 29.67
N SER A 366 -58.61 -26.82 29.98
CA SER A 366 -58.14 -28.01 30.66
C SER A 366 -57.01 -27.69 31.63
N ARG A 367 -57.02 -28.34 32.80
CA ARG A 367 -55.92 -28.18 33.76
C ARG A 367 -54.94 -29.36 33.80
N ASP A 368 -55.11 -30.29 32.86
CA ASP A 368 -54.20 -31.44 32.73
C ASP A 368 -53.86 -31.67 31.25
N ILE A 369 -53.67 -30.59 30.52
CA ILE A 369 -53.33 -30.62 29.09
C ILE A 369 -54.20 -31.57 28.27
N GLY A 370 -55.50 -31.45 28.42
CA GLY A 370 -56.42 -32.13 27.52
C GLY A 370 -56.92 -33.50 27.94
N GLN A 371 -56.62 -33.91 29.16
CA GLN A 371 -57.16 -35.17 29.69
C GLN A 371 -58.61 -34.96 30.12
N THR A 372 -58.88 -33.85 30.80
CA THR A 372 -60.24 -33.44 31.14
C THR A 372 -60.53 -32.03 30.62
N TRP A 373 -61.79 -31.74 30.34
CA TRP A 373 -62.19 -30.51 29.70
C TRP A 373 -63.40 -29.90 30.37
N GLU A 374 -63.46 -28.57 30.40
CA GLU A 374 -64.73 -27.88 30.56
C GLU A 374 -65.02 -27.20 29.20
N SER A 375 -66.26 -27.24 28.76
CA SER A 375 -66.57 -26.85 27.38
C SER A 375 -67.74 -25.87 27.26
N LEU A 376 -67.74 -25.14 26.16
CA LEU A 376 -68.70 -24.09 25.92
C LEU A 376 -68.91 -24.00 24.40
N ARG A 377 -70.15 -23.81 23.95
CA ARG A 377 -70.45 -23.63 22.54
C ARG A 377 -70.69 -22.16 22.23
N PHE A 378 -70.01 -21.59 21.24
CA PHE A 378 -70.34 -20.22 20.81
C PHE A 378 -71.75 -20.23 20.19
N PRO A 379 -72.57 -19.22 20.48
CA PRO A 379 -73.93 -19.20 19.91
C PRO A 379 -73.85 -19.00 18.40
N HIS A 380 -74.88 -19.46 17.70
CA HIS A 380 -75.11 -19.15 16.29
C HIS A 380 -74.08 -19.69 15.31
N ASN A 381 -73.54 -20.88 15.59
CA ASN A 381 -72.84 -21.70 14.61
C ASN A 381 -71.70 -20.94 13.95
N VAL A 382 -70.78 -20.41 14.75
CA VAL A 382 -69.61 -19.73 14.20
C VAL A 382 -68.83 -20.70 13.32
N HIS A 383 -68.52 -20.29 12.08
CA HIS A 383 -68.02 -21.21 11.08
C HIS A 383 -67.09 -20.56 10.05
N HIS A 384 -66.29 -21.41 9.39
CA HIS A 384 -65.41 -21.03 8.28
C HIS A 384 -64.20 -20.23 8.70
N THR A 385 -64.10 -19.94 9.99
CA THR A 385 -62.95 -19.17 10.46
C THR A 385 -62.29 -19.90 11.63
N THR A 386 -60.97 -19.82 11.74
CA THR A 386 -60.34 -20.15 13.01
C THR A 386 -60.52 -18.95 13.94
N LEU A 387 -60.34 -19.18 15.22
CA LEU A 387 -60.48 -18.14 16.21
C LEU A 387 -59.24 -18.01 17.08
N PRO A 388 -58.14 -17.55 16.48
CA PRO A 388 -56.90 -17.37 17.23
C PRO A 388 -57.10 -16.31 18.33
N PHE A 389 -56.38 -16.44 19.43
CA PHE A 389 -56.70 -15.66 20.60
C PHE A 389 -55.48 -15.55 21.49
N ALA A 390 -55.51 -14.59 22.42
CA ALA A 390 -54.56 -14.56 23.51
C ALA A 390 -55.35 -14.28 24.77
N LYS A 391 -54.70 -14.44 25.92
CA LYS A 391 -55.35 -14.14 27.17
C LYS A 391 -54.67 -12.92 27.75
N VAL A 392 -55.48 -11.91 28.07
CA VAL A 392 -54.98 -10.66 28.62
C VAL A 392 -55.80 -10.37 29.87
N GLY A 393 -55.16 -10.38 31.03
CA GLY A 393 -55.89 -10.31 32.30
C GLY A 393 -56.87 -11.46 32.38
N ASP A 394 -58.13 -11.17 32.70
CA ASP A 394 -59.18 -12.19 32.82
C ASP A 394 -59.86 -12.60 31.50
N ASP A 395 -59.50 -11.97 30.38
CA ASP A 395 -60.23 -12.18 29.12
C ASP A 395 -59.44 -12.96 28.09
N LEU A 396 -60.13 -13.87 27.40
CA LEU A 396 -59.66 -14.36 26.12
C LEU A 396 -60.04 -13.28 25.09
N ILE A 397 -59.08 -12.85 24.25
CA ILE A 397 -59.40 -11.92 23.17
C ILE A 397 -59.18 -12.65 21.89
N MET A 398 -60.26 -12.88 21.14
CA MET A 398 -60.21 -13.73 19.98
C MET A 398 -60.60 -12.97 18.73
N PHE A 399 -60.04 -13.35 17.60
CA PHE A 399 -60.32 -12.66 16.35
C PHE A 399 -60.81 -13.67 15.33
N GLY A 400 -61.71 -13.24 14.46
CA GLY A 400 -62.20 -14.08 13.40
C GLY A 400 -62.55 -13.25 12.19
N SER A 401 -62.54 -13.86 11.01
CA SER A 401 -62.95 -13.17 9.79
C SER A 401 -63.87 -14.09 9.00
N GLU A 402 -65.03 -13.59 8.57
CA GLU A 402 -65.75 -14.26 7.48
C GLU A 402 -64.93 -14.25 6.18
N ARG A 403 -65.13 -15.27 5.35
CA ARG A 403 -64.26 -15.49 4.19
C ARG A 403 -64.78 -14.70 2.98
N ALA A 404 -66.08 -14.42 2.98
CA ALA A 404 -66.73 -13.54 2.02
C ALA A 404 -67.85 -12.84 2.77
N GLU A 405 -68.30 -11.71 2.25
CA GLU A 405 -69.28 -10.91 2.98
C GLU A 405 -70.57 -11.68 3.27
N ASN A 406 -71.12 -11.43 4.46
CA ASN A 406 -72.45 -11.92 4.83
C ASN A 406 -72.55 -13.43 5.06
N GLU A 407 -71.41 -14.05 5.38
CA GLU A 407 -71.35 -15.48 5.64
C GLU A 407 -71.28 -15.81 7.14
N TRP A 408 -70.98 -14.81 7.96
CA TRP A 408 -70.74 -15.04 9.38
C TRP A 408 -71.87 -15.73 10.10
N GLU A 409 -73.11 -15.30 9.85
CA GLU A 409 -74.25 -15.63 10.69
C GLU A 409 -74.67 -17.08 10.52
N ALA A 410 -75.29 -17.63 11.56
CA ALA A 410 -75.98 -18.92 11.44
C ALA A 410 -77.01 -18.88 10.32
N GLY A 411 -77.00 -19.92 9.48
CA GLY A 411 -77.96 -20.05 8.40
C GLY A 411 -77.60 -19.27 7.14
N ALA A 412 -76.57 -18.43 7.20
CA ALA A 412 -76.18 -17.61 6.06
C ALA A 412 -75.51 -18.51 5.02
N PRO A 413 -76.00 -18.50 3.78
CA PRO A 413 -75.42 -19.32 2.72
C PRO A 413 -74.03 -18.82 2.32
N ASP A 414 -73.16 -19.71 1.86
CA ASP A 414 -71.91 -19.28 1.25
C ASP A 414 -72.27 -18.38 0.08
N ASP A 415 -71.48 -17.34 -0.14
CA ASP A 415 -71.75 -16.41 -1.22
C ASP A 415 -70.45 -16.09 -1.93
N ARG A 416 -70.11 -16.92 -2.91
CA ARG A 416 -68.84 -16.82 -3.58
C ARG A 416 -69.06 -16.39 -5.02
N TYR A 417 -67.99 -16.30 -5.79
CA TYR A 417 -68.04 -15.97 -7.21
C TYR A 417 -68.55 -14.54 -7.49
N LYS A 418 -68.54 -13.68 -6.48
CA LYS A 418 -68.79 -12.25 -6.66
C LYS A 418 -67.96 -11.45 -5.66
N ALA A 419 -67.35 -10.35 -6.10
CA ALA A 419 -66.56 -9.51 -5.18
C ALA A 419 -67.40 -9.06 -3.99
N SER A 420 -66.80 -9.03 -2.80
CA SER A 420 -67.49 -8.53 -1.63
C SER A 420 -66.50 -8.05 -0.59
N TYR A 421 -67.04 -7.52 0.51
CA TYR A 421 -66.24 -6.95 1.61
C TYR A 421 -66.46 -7.68 2.96
N PRO A 422 -65.82 -8.85 3.12
CA PRO A 422 -65.98 -9.63 4.36
C PRO A 422 -65.61 -8.88 5.64
N ARG A 423 -66.42 -9.11 6.68
CA ARG A 423 -66.19 -8.50 7.99
C ARG A 423 -65.21 -9.30 8.84
N THR A 424 -64.33 -8.58 9.52
CA THR A 424 -63.43 -9.13 10.52
C THR A 424 -63.86 -8.63 11.89
N PHE A 425 -63.90 -9.56 12.85
CA PHE A 425 -64.49 -9.31 14.17
C PHE A 425 -63.47 -9.63 15.24
N TYR A 426 -63.66 -9.08 16.43
CA TYR A 426 -63.01 -9.63 17.60
C TYR A 426 -64.00 -9.73 18.75
N ALA A 427 -63.68 -10.55 19.75
CA ALA A 427 -64.54 -10.65 20.92
C ALA A 427 -63.71 -10.89 22.18
N ARG A 428 -64.23 -10.42 23.32
CA ARG A 428 -63.64 -10.77 24.61
C ARG A 428 -64.54 -11.75 25.35
N LEU A 429 -63.92 -12.69 26.05
CA LEU A 429 -64.66 -13.60 26.91
C LEU A 429 -63.96 -13.68 28.25
N ASN A 430 -64.70 -13.38 29.31
CA ASN A 430 -64.15 -13.46 30.66
C ASN A 430 -64.08 -14.91 31.08
N VAL A 431 -62.88 -15.37 31.42
CA VAL A 431 -62.69 -16.79 31.77
C VAL A 431 -63.36 -17.18 33.09
N ASN A 432 -63.50 -16.24 34.01
CA ASN A 432 -64.16 -16.55 35.28
C ASN A 432 -65.66 -16.77 35.10
N ASN A 433 -66.26 -15.99 34.21
CA ASN A 433 -67.70 -16.10 33.93
C ASN A 433 -68.02 -17.36 33.14
N TRP A 434 -67.10 -17.75 32.27
CA TRP A 434 -67.22 -18.97 31.45
C TRP A 434 -68.61 -19.18 30.88
N ASN A 435 -69.05 -18.21 30.06
CA ASN A 435 -70.36 -18.29 29.40
C ASN A 435 -70.35 -17.43 28.14
N ALA A 436 -70.62 -18.04 26.99
CA ALA A 436 -70.53 -17.30 25.73
C ALA A 436 -71.87 -16.84 25.20
N ASP A 437 -72.94 -17.06 25.98
CA ASP A 437 -74.30 -16.74 25.51
C ASP A 437 -74.46 -15.30 25.06
N ASP A 438 -73.79 -14.39 25.77
CA ASP A 438 -73.87 -12.97 25.44
C ASP A 438 -72.57 -12.44 24.85
N ILE A 439 -71.88 -13.26 24.07
CA ILE A 439 -70.61 -12.81 23.48
C ILE A 439 -70.92 -11.68 22.50
N GLU A 440 -70.01 -10.70 22.42
CA GLU A 440 -70.21 -9.54 21.56
C GLU A 440 -69.11 -9.50 20.48
N TRP A 441 -69.48 -9.91 19.27
CA TRP A 441 -68.55 -9.87 18.16
C TRP A 441 -68.53 -8.46 17.61
N VAL A 442 -67.36 -7.86 17.65
CA VAL A 442 -67.23 -6.47 17.24
C VAL A 442 -66.50 -6.40 15.88
N ASN A 443 -67.20 -5.91 14.86
CA ASN A 443 -66.63 -5.76 13.51
C ASN A 443 -65.72 -4.54 13.54
N ILE A 444 -64.41 -4.76 13.37
CA ILE A 444 -63.38 -3.69 13.52
C ILE A 444 -62.72 -3.29 12.19
N THR A 445 -62.87 -4.12 11.18
CA THR A 445 -62.30 -3.85 9.87
C THR A 445 -62.92 -4.75 8.81
N ASP A 446 -62.99 -4.24 7.56
CA ASP A 446 -63.54 -5.03 6.45
C ASP A 446 -62.45 -5.24 5.41
N GLN A 447 -62.40 -6.45 4.86
CA GLN A 447 -61.45 -6.85 3.88
C GLN A 447 -62.16 -6.97 2.51
N ILE A 448 -61.41 -7.38 1.50
CA ILE A 448 -61.97 -7.67 0.19
C ILE A 448 -61.83 -9.14 -0.13
N TYR A 449 -62.90 -9.72 -0.66
CA TYR A 449 -62.90 -11.02 -1.28
C TYR A 449 -63.07 -10.77 -2.79
N GLN A 450 -62.13 -11.26 -3.59
CA GLN A 450 -62.03 -10.91 -5.00
C GLN A 450 -63.17 -11.52 -5.83
N GLY A 451 -63.43 -12.81 -5.63
CA GLY A 451 -64.56 -13.44 -6.33
C GLY A 451 -64.28 -14.10 -7.68
N GLY A 452 -63.05 -14.01 -8.17
CA GLY A 452 -62.64 -14.67 -9.39
C GLY A 452 -62.60 -16.19 -9.33
N ILE A 453 -62.45 -16.72 -8.13
CA ILE A 453 -62.54 -18.16 -7.86
C ILE A 453 -63.31 -18.32 -6.56
N VAL A 454 -63.77 -19.54 -6.30
CA VAL A 454 -64.58 -19.84 -5.13
C VAL A 454 -63.79 -19.71 -3.82
N ASN A 455 -62.51 -20.05 -3.82
CA ASN A 455 -61.69 -19.99 -2.61
C ASN A 455 -61.42 -18.57 -2.16
N SER A 456 -61.24 -18.40 -0.86
CA SER A 456 -60.92 -17.08 -0.31
C SER A 456 -59.67 -17.18 0.52
N GLY A 457 -58.78 -16.21 0.37
CA GLY A 457 -57.64 -16.13 1.28
C GLY A 457 -57.89 -15.27 2.51
N VAL A 458 -59.10 -14.72 2.68
CA VAL A 458 -59.29 -13.81 3.81
C VAL A 458 -59.34 -14.54 5.14
N GLY A 459 -58.77 -13.94 6.17
CA GLY A 459 -58.84 -14.49 7.52
C GLY A 459 -57.83 -15.59 7.80
N VAL A 460 -58.34 -16.70 8.36
CA VAL A 460 -57.53 -17.83 8.84
C VAL A 460 -56.15 -17.41 9.35
N GLY A 461 -56.16 -16.65 10.44
CA GLY A 461 -55.00 -15.92 10.90
C GLY A 461 -54.39 -16.47 12.19
N SER A 462 -53.72 -15.57 12.90
CA SER A 462 -52.93 -15.94 14.06
C SER A 462 -52.83 -14.69 14.94
N VAL A 463 -52.69 -14.90 16.24
CA VAL A 463 -52.69 -13.78 17.19
C VAL A 463 -51.48 -13.82 18.12
N VAL A 464 -50.86 -12.67 18.37
CA VAL A 464 -49.84 -12.56 19.42
C VAL A 464 -50.02 -11.29 20.23
N VAL A 465 -49.55 -11.30 21.46
CA VAL A 465 -49.45 -10.06 22.24
C VAL A 465 -47.99 -9.63 22.35
N LYS A 466 -47.72 -8.34 22.18
CA LYS A 466 -46.40 -7.82 22.54
C LYS A 466 -46.60 -6.55 23.35
N ASP A 467 -46.00 -6.51 24.54
CA ASP A 467 -46.16 -5.38 25.46
C ASP A 467 -47.67 -5.13 25.62
N ASN A 468 -48.15 -3.92 25.36
CA ASN A 468 -49.55 -3.57 25.54
C ASN A 468 -50.40 -3.58 24.25
N TYR A 469 -49.94 -4.31 23.24
CA TYR A 469 -50.70 -4.45 22.00
C TYR A 469 -50.98 -5.88 21.63
N ILE A 470 -52.16 -6.14 21.08
CA ILE A 470 -52.43 -7.47 20.55
C ILE A 470 -52.45 -7.34 19.02
N TYR A 471 -52.00 -8.37 18.34
CA TYR A 471 -51.84 -8.30 16.89
C TYR A 471 -52.57 -9.48 16.28
N TYR A 472 -53.46 -9.20 15.33
CA TYR A 472 -54.13 -10.27 14.57
C TYR A 472 -53.58 -10.27 13.13
N MET A 473 -52.84 -11.33 12.74
CA MET A 473 -52.27 -11.42 11.40
C MET A 473 -53.15 -12.34 10.57
N PHE A 474 -53.55 -11.89 9.38
CA PHE A 474 -54.56 -12.60 8.59
C PHE A 474 -54.57 -12.20 7.10
N GLY A 475 -55.24 -13.03 6.28
CA GLY A 475 -55.31 -12.77 4.86
C GLY A 475 -56.41 -11.78 4.47
N GLY A 476 -56.22 -11.16 3.31
CA GLY A 476 -57.20 -10.27 2.72
C GLY A 476 -56.89 -10.23 1.23
N GLU A 477 -57.91 -10.02 0.41
CA GLU A 477 -57.66 -9.92 -1.03
C GLU A 477 -57.81 -8.46 -1.53
N ASP A 478 -57.87 -8.31 -2.84
CA ASP A 478 -58.10 -7.01 -3.45
C ASP A 478 -58.90 -7.35 -4.69
N HIS A 479 -59.22 -6.36 -5.52
CA HIS A 479 -60.09 -6.59 -6.68
C HIS A 479 -59.39 -7.11 -7.96
N PHE A 480 -58.07 -7.36 -7.89
CA PHE A 480 -57.33 -7.89 -9.03
C PHE A 480 -57.55 -9.41 -9.22
N ASN A 481 -58.29 -9.78 -10.26
CA ASN A 481 -58.56 -11.18 -10.64
C ASN A 481 -57.23 -11.93 -10.92
N PRO A 482 -57.05 -13.14 -10.39
CA PRO A 482 -55.88 -13.98 -10.73
C PRO A 482 -55.94 -14.54 -12.17
N TRP A 483 -57.10 -14.38 -12.82
CA TRP A 483 -57.37 -14.87 -14.19
C TRP A 483 -57.26 -16.39 -14.30
N THR A 484 -57.63 -17.07 -13.23
CA THR A 484 -57.72 -18.54 -13.27
C THR A 484 -58.72 -18.92 -14.33
N TYR A 485 -59.87 -18.23 -14.34
CA TYR A 485 -60.83 -18.32 -15.42
C TYR A 485 -60.50 -17.15 -16.32
N GLY A 486 -59.73 -17.44 -17.36
CA GLY A 486 -59.04 -16.40 -18.11
C GLY A 486 -57.71 -16.94 -18.60
N ASP A 487 -56.72 -16.06 -18.79
CA ASP A 487 -55.46 -16.46 -19.43
C ASP A 487 -54.38 -17.06 -18.53
N ASN A 488 -54.73 -17.33 -17.28
CA ASN A 488 -53.75 -17.81 -16.34
C ASN A 488 -54.30 -19.01 -15.55
N SER A 489 -54.91 -19.95 -16.26
CA SER A 489 -55.40 -21.19 -15.65
C SER A 489 -54.24 -21.93 -14.97
N ALA A 490 -53.02 -21.73 -15.46
CA ALA A 490 -51.84 -22.31 -14.82
C ALA A 490 -51.45 -21.67 -13.45
N LYS A 491 -52.02 -20.50 -13.14
CA LYS A 491 -51.86 -19.82 -11.86
C LYS A 491 -50.44 -19.30 -11.60
N ASP A 492 -49.74 -18.97 -12.67
CA ASP A 492 -48.39 -18.41 -12.59
C ASP A 492 -48.47 -17.05 -11.86
N PRO A 493 -47.85 -16.94 -10.68
CA PRO A 493 -47.89 -15.68 -9.92
C PRO A 493 -47.29 -14.53 -10.70
N PHE A 494 -46.39 -14.79 -11.64
CA PHE A 494 -45.63 -13.69 -12.23
C PHE A 494 -46.26 -13.08 -13.48
N LYS A 495 -47.42 -13.60 -13.86
CA LYS A 495 -48.27 -13.01 -14.89
C LYS A 495 -49.23 -12.01 -14.31
N SER A 496 -49.36 -10.86 -14.98
CA SER A 496 -50.39 -9.87 -14.61
C SER A 496 -50.21 -9.45 -13.13
N ASP A 497 -51.30 -9.33 -12.38
CA ASP A 497 -51.21 -8.97 -10.96
C ASP A 497 -51.00 -10.17 -10.02
N GLY A 498 -50.70 -11.35 -10.56
CA GLY A 498 -50.53 -12.50 -9.70
C GLY A 498 -51.79 -12.79 -8.90
N HIS A 499 -51.63 -13.28 -7.66
CA HIS A 499 -52.76 -13.64 -6.83
C HIS A 499 -53.06 -12.53 -5.82
N PRO A 500 -54.34 -12.19 -5.65
CA PRO A 500 -54.73 -11.03 -4.81
C PRO A 500 -54.52 -11.19 -3.29
N SER A 501 -54.41 -12.42 -2.78
CA SER A 501 -54.30 -12.63 -1.33
C SER A 501 -52.94 -12.15 -0.81
N ASP A 502 -52.98 -11.29 0.20
CA ASP A 502 -51.80 -10.88 0.94
C ASP A 502 -52.18 -10.80 2.42
N LEU A 503 -51.19 -10.53 3.26
CA LEU A 503 -51.39 -10.51 4.71
C LEU A 503 -51.62 -9.11 5.23
N TYR A 504 -52.50 -9.01 6.22
CA TYR A 504 -52.71 -7.79 7.00
C TYR A 504 -52.46 -8.09 8.48
N CYS A 505 -52.34 -7.02 9.25
CA CYS A 505 -52.22 -7.17 10.70
C CYS A 505 -53.06 -6.08 11.38
N TYR A 506 -54.01 -6.50 12.20
CA TYR A 506 -54.73 -5.54 13.03
C TYR A 506 -54.01 -5.40 14.38
N LYS A 507 -53.61 -4.18 14.70
CA LYS A 507 -52.85 -3.89 15.90
C LYS A 507 -53.78 -3.15 16.84
N MET A 508 -54.10 -3.77 17.98
CA MET A 508 -55.05 -3.21 18.95
C MET A 508 -54.38 -2.92 20.31
N LYS A 509 -54.59 -1.72 20.85
CA LYS A 509 -54.17 -1.42 22.23
C LYS A 509 -54.95 -2.22 23.27
N ILE A 510 -54.20 -2.80 24.22
CA ILE A 510 -54.70 -3.78 25.17
C ILE A 510 -54.41 -3.38 26.64
N GLY A 511 -53.59 -2.34 26.80
CA GLY A 511 -53.20 -1.80 28.09
C GLY A 511 -52.59 -0.43 27.90
N PRO A 512 -52.31 0.26 29.00
CA PRO A 512 -51.83 1.65 28.94
C PRO A 512 -50.47 1.77 28.28
N ASP A 513 -50.31 2.88 27.56
CA ASP A 513 -49.05 3.23 26.94
C ASP A 513 -48.47 4.46 27.65
N ASN A 514 -47.44 4.26 28.46
CA ASN A 514 -46.91 5.29 29.33
C ASN A 514 -45.72 5.99 28.67
N ARG A 515 -45.65 5.88 27.34
CA ARG A 515 -44.61 6.51 26.54
C ARG A 515 -45.24 7.44 25.51
N VAL A 516 -44.47 8.44 25.09
CA VAL A 516 -44.84 9.26 23.96
C VAL A 516 -44.90 8.39 22.68
N SER A 517 -45.58 8.87 21.65
CA SER A 517 -45.79 8.05 20.43
C SER A 517 -44.48 7.62 19.75
N ARG A 518 -44.43 6.38 19.27
CA ARG A 518 -43.35 5.90 18.41
C ARG A 518 -43.72 5.99 16.92
N ASP A 519 -44.96 6.36 16.62
CA ASP A 519 -45.48 6.23 15.25
C ASP A 519 -44.73 7.16 14.30
N PHE A 520 -44.58 6.70 13.06
CA PHE A 520 -44.00 7.53 12.04
C PHE A 520 -44.73 7.29 10.72
N ARG A 521 -44.64 8.27 9.82
CA ARG A 521 -45.06 8.10 8.45
C ARG A 521 -43.85 7.60 7.66
N TYR A 522 -44.04 6.56 6.88
CA TYR A 522 -42.93 6.00 6.13
C TYR A 522 -42.75 6.85 4.89
N GLY A 523 -41.59 7.46 4.74
CA GLY A 523 -41.35 8.37 3.62
C GLY A 523 -40.08 8.04 2.84
N ALA A 524 -39.43 6.94 3.22
CA ALA A 524 -38.20 6.45 2.61
C ALA A 524 -38.44 5.62 1.35
N VAL A 525 -37.42 5.49 0.53
CA VAL A 525 -37.40 4.49 -0.56
C VAL A 525 -37.13 3.14 0.10
N PRO A 526 -38.02 2.17 -0.06
CA PRO A 526 -37.79 0.83 0.49
C PRO A 526 -36.53 0.31 -0.19
N ASN A 527 -35.47 0.08 0.58
CA ASN A 527 -34.16 -0.22 0.00
C ASN A 527 -33.51 -1.42 0.66
N ARG A 528 -34.35 -2.34 1.14
CA ARG A 528 -33.88 -3.60 1.72
C ARG A 528 -33.92 -4.74 0.71
N ALA A 529 -35.00 -4.82 -0.07
CA ALA A 529 -35.19 -5.98 -0.94
C ALA A 529 -34.21 -5.95 -2.11
N VAL A 530 -34.10 -4.79 -2.75
CA VAL A 530 -33.12 -4.61 -3.81
C VAL A 530 -32.42 -3.31 -3.48
N PRO A 531 -31.38 -3.37 -2.65
CA PRO A 531 -30.76 -2.13 -2.16
C PRO A 531 -30.09 -1.41 -3.31
N VAL A 532 -30.58 -0.22 -3.64
CA VAL A 532 -29.98 0.61 -4.71
C VAL A 532 -29.40 1.91 -4.16
N PHE A 533 -28.23 2.28 -4.67
CA PHE A 533 -27.56 3.54 -4.35
C PHE A 533 -27.08 4.16 -5.63
N PHE A 534 -27.35 5.45 -5.79
CA PHE A 534 -26.81 6.19 -6.93
C PHE A 534 -25.33 6.37 -6.66
N ASP A 535 -24.49 5.75 -7.49
CA ASP A 535 -23.02 5.84 -7.29
C ASP A 535 -22.52 7.24 -7.63
N THR A 536 -21.22 7.49 -7.45
CA THR A 536 -20.67 8.83 -7.70
C THR A 536 -20.72 9.19 -9.18
N ASN A 537 -20.92 8.20 -10.04
CA ASN A 537 -21.13 8.43 -11.48
C ASN A 537 -22.62 8.60 -11.86
N GLY A 538 -23.51 8.59 -10.86
CA GLY A 538 -24.93 8.86 -11.07
C GLY A 538 -25.72 7.67 -11.59
N VAL A 539 -25.16 6.47 -11.42
CA VAL A 539 -25.76 5.21 -11.89
C VAL A 539 -26.23 4.33 -10.72
N ARG A 540 -27.48 3.85 -10.82
CA ARG A 540 -28.08 2.97 -9.83
C ARG A 540 -27.20 1.73 -9.62
N THR A 541 -26.82 1.48 -8.37
CA THR A 541 -25.91 0.40 -8.03
C THR A 541 -26.46 -0.47 -6.91
N VAL A 542 -26.43 -1.79 -7.13
CA VAL A 542 -26.94 -2.78 -6.17
C VAL A 542 -25.72 -3.59 -5.68
N PRO A 543 -25.30 -3.38 -4.43
CA PRO A 543 -24.14 -4.11 -3.88
C PRO A 543 -24.47 -5.47 -3.28
N ALA A 544 -25.76 -5.79 -3.09
CA ALA A 544 -26.12 -7.08 -2.51
C ALA A 544 -25.96 -8.20 -3.53
N PRO A 545 -25.58 -9.39 -3.06
CA PRO A 545 -25.64 -10.59 -3.91
C PRO A 545 -27.10 -10.86 -4.24
N MET A 546 -27.34 -11.43 -5.42
CA MET A 546 -28.70 -11.62 -5.88
C MET A 546 -28.78 -12.82 -6.79
N GLU A 547 -29.91 -13.51 -6.73
CA GLU A 547 -30.22 -14.60 -7.64
C GLU A 547 -31.45 -14.22 -8.47
N PHE A 548 -31.32 -14.29 -9.79
CA PHE A 548 -32.46 -14.17 -10.69
C PHE A 548 -32.73 -15.56 -11.25
N THR A 549 -33.88 -16.14 -10.92
CA THR A 549 -34.15 -17.49 -11.42
C THR A 549 -35.16 -17.49 -12.58
N GLY A 550 -35.85 -16.38 -12.81
CA GLY A 550 -36.76 -16.32 -13.94
C GLY A 550 -35.95 -15.99 -15.19
N ASP A 551 -36.51 -16.26 -16.36
CA ASP A 551 -35.85 -15.94 -17.61
C ASP A 551 -35.52 -14.44 -17.69
N LEU A 552 -34.28 -14.16 -18.06
CA LEU A 552 -33.76 -12.79 -18.13
C LEU A 552 -33.42 -12.40 -19.55
N GLY A 553 -33.89 -11.22 -19.95
CA GLY A 553 -33.43 -10.56 -21.16
C GLY A 553 -32.63 -9.32 -20.79
N LEU A 554 -31.41 -9.23 -21.32
CA LEU A 554 -30.48 -8.13 -21.03
C LEU A 554 -30.23 -7.33 -22.30
N GLY A 555 -29.82 -6.07 -22.16
CA GLY A 555 -29.34 -5.28 -23.28
C GLY A 555 -27.82 -5.33 -23.34
N HIS A 556 -27.18 -4.17 -23.45
CA HIS A 556 -25.73 -4.12 -23.46
C HIS A 556 -25.20 -4.52 -22.08
N VAL A 557 -24.23 -5.44 -22.07
CA VAL A 557 -23.72 -6.01 -20.82
C VAL A 557 -22.23 -5.81 -20.71
N THR A 558 -21.80 -5.24 -19.59
CA THR A 558 -20.39 -5.15 -19.27
C THR A 558 -20.12 -5.98 -18.01
N ILE A 559 -19.20 -6.95 -18.11
CA ILE A 559 -18.74 -7.70 -16.93
C ILE A 559 -17.52 -7.00 -16.34
N ARG A 560 -17.66 -6.46 -15.14
CA ARG A 560 -16.59 -5.65 -14.53
C ARG A 560 -15.58 -6.53 -13.82
N ALA A 561 -14.36 -6.01 -13.63
CA ALA A 561 -13.33 -6.66 -12.83
C ALA A 561 -13.88 -6.96 -11.44
N SER A 562 -13.80 -8.21 -11.00
CA SER A 562 -14.42 -8.58 -9.72
C SER A 562 -13.64 -9.59 -8.88
N THR A 563 -12.65 -10.24 -9.48
CA THR A 563 -12.13 -11.49 -8.92
C THR A 563 -10.61 -11.53 -8.87
N SER A 564 -10.08 -12.09 -7.77
CA SER A 564 -8.65 -12.25 -7.56
C SER A 564 -7.98 -10.87 -7.51
N SER A 565 -8.20 -10.17 -6.41
CA SER A 565 -7.84 -8.74 -6.28
C SER A 565 -8.26 -7.93 -7.50
N ASN A 566 -9.46 -8.21 -8.00
CA ASN A 566 -10.03 -7.55 -9.18
C ASN A 566 -9.15 -7.51 -10.44
N ILE A 567 -8.23 -8.46 -10.58
CA ILE A 567 -7.47 -8.61 -11.81
C ILE A 567 -8.38 -9.05 -12.98
N ARG A 568 -9.44 -9.81 -12.71
CA ARG A 568 -10.27 -10.34 -13.78
C ARG A 568 -11.77 -10.14 -13.66
N SER A 569 -12.42 -10.09 -14.82
CA SER A 569 -13.87 -10.26 -14.89
C SER A 569 -14.09 -11.74 -15.09
N GLU A 570 -15.21 -12.24 -14.58
CA GLU A 570 -15.46 -13.67 -14.55
C GLU A 570 -16.94 -14.02 -14.75
N VAL A 571 -17.18 -14.97 -15.66
CA VAL A 571 -18.47 -15.66 -15.79
C VAL A 571 -18.21 -17.17 -15.63
N LEU A 572 -18.87 -17.79 -14.66
CA LEU A 572 -18.87 -19.22 -14.51
C LEU A 572 -20.21 -19.82 -14.94
N MET A 573 -20.14 -20.91 -15.69
CA MET A 573 -21.33 -21.59 -16.13
C MET A 573 -21.49 -22.92 -15.37
N GLU A 574 -22.67 -23.13 -14.81
CA GLU A 574 -22.95 -24.35 -14.02
C GLU A 574 -23.67 -25.41 -14.85
N GLY A 575 -24.25 -26.41 -14.18
CA GLY A 575 -24.86 -27.54 -14.86
C GLY A 575 -23.82 -28.51 -15.38
N GLU A 576 -24.25 -29.50 -16.15
CA GLU A 576 -23.36 -30.51 -16.70
C GLU A 576 -22.51 -29.84 -17.77
N TYR A 577 -23.15 -28.96 -18.52
CA TYR A 577 -22.45 -28.16 -19.52
C TYR A 577 -23.05 -26.76 -19.67
N GLY A 578 -22.25 -25.86 -20.22
CA GLY A 578 -22.69 -24.53 -20.57
C GLY A 578 -22.87 -24.46 -22.07
N PHE A 579 -23.81 -23.62 -22.51
CA PHE A 579 -24.03 -23.38 -23.94
C PHE A 579 -24.13 -21.86 -24.18
N ILE A 580 -23.29 -21.35 -25.07
CA ILE A 580 -23.40 -19.96 -25.47
C ILE A 580 -23.66 -19.97 -26.95
N GLY A 581 -24.84 -19.46 -27.34
CA GLY A 581 -25.26 -19.57 -28.73
C GLY A 581 -25.89 -18.30 -29.27
N LYS A 582 -26.31 -18.40 -30.53
CA LYS A 582 -26.79 -17.30 -31.35
C LYS A 582 -28.17 -17.61 -31.93
N SER A 583 -29.16 -16.80 -31.55
CA SER A 583 -30.50 -16.90 -32.11
C SER A 583 -30.48 -16.67 -33.61
N ILE A 584 -31.46 -17.23 -34.31
CA ILE A 584 -31.69 -16.87 -35.72
C ILE A 584 -32.10 -15.38 -35.79
N PRO A 585 -31.33 -14.55 -36.51
CA PRO A 585 -31.69 -13.13 -36.65
C PRO A 585 -33.03 -12.94 -37.35
N THR A 586 -33.77 -11.94 -36.88
CA THR A 586 -35.05 -11.59 -37.47
C THR A 586 -34.93 -10.98 -38.87
N ASP A 587 -34.07 -9.97 -39.03
CA ASP A 587 -33.98 -9.22 -40.28
C ASP A 587 -33.03 -9.78 -41.32
N ASN A 588 -31.82 -10.12 -40.87
CA ASN A 588 -30.75 -10.59 -41.73
C ASN A 588 -30.18 -11.95 -41.27
N PRO A 589 -30.97 -13.02 -41.37
CA PRO A 589 -30.49 -14.33 -40.95
C PRO A 589 -29.20 -14.74 -41.65
N ALA A 590 -28.95 -14.23 -42.86
CA ALA A 590 -27.73 -14.57 -43.61
C ALA A 590 -26.44 -14.04 -42.92
N GLY A 591 -26.62 -13.17 -41.93
CA GLY A 591 -25.52 -12.63 -41.15
C GLY A 591 -25.21 -13.40 -39.86
N GLN A 592 -26.00 -14.42 -39.55
CA GLN A 592 -25.94 -15.09 -38.24
C GLN A 592 -24.52 -15.58 -37.84
N ARG A 593 -24.00 -15.08 -36.71
CA ARG A 593 -22.64 -15.42 -36.26
C ARG A 593 -22.39 -14.83 -34.87
N ILE A 594 -21.38 -15.34 -34.18
CA ILE A 594 -20.86 -14.69 -32.97
C ILE A 594 -19.38 -14.45 -33.18
N ILE A 595 -18.96 -13.22 -32.91
CA ILE A 595 -17.54 -12.88 -32.93
C ILE A 595 -17.05 -12.87 -31.48
N PHE A 596 -16.05 -13.71 -31.20
CA PHE A 596 -15.38 -13.71 -29.90
C PHE A 596 -14.08 -12.95 -30.11
N CYS A 597 -13.78 -11.99 -29.23
CA CYS A 597 -12.62 -11.11 -29.43
C CYS A 597 -11.82 -10.85 -28.16
N GLY A 598 -10.50 -10.91 -28.28
CA GLY A 598 -9.60 -10.58 -27.18
C GLY A 598 -9.33 -9.11 -26.99
N GLY A 599 -9.95 -8.28 -27.83
CA GLY A 599 -9.87 -6.82 -27.73
C GLY A 599 -11.26 -6.18 -27.74
N GLU A 600 -11.30 -4.86 -27.86
CA GLU A 600 -12.49 -4.06 -27.54
C GLU A 600 -13.56 -3.86 -28.61
N GLY A 601 -13.24 -4.15 -29.87
CA GLY A 601 -14.16 -3.85 -30.97
C GLY A 601 -14.34 -4.99 -31.97
N THR A 602 -15.33 -4.85 -32.84
CA THR A 602 -15.62 -5.88 -33.83
C THR A 602 -14.50 -6.01 -34.85
N SER A 603 -13.70 -4.96 -35.01
CA SER A 603 -12.55 -5.05 -35.90
C SER A 603 -11.45 -5.93 -35.32
N SER A 604 -10.91 -6.81 -36.16
CA SER A 604 -9.80 -7.68 -35.79
C SER A 604 -8.54 -6.90 -35.49
N THR A 605 -8.56 -5.63 -35.88
CA THR A 605 -7.51 -4.68 -35.52
C THR A 605 -7.35 -4.58 -33.98
N THR A 606 -8.43 -4.75 -33.24
CA THR A 606 -8.40 -4.60 -31.76
C THR A 606 -7.93 -5.83 -30.97
N GLY A 607 -7.90 -7.00 -31.62
CA GLY A 607 -7.49 -8.21 -30.91
C GLY A 607 -7.75 -9.46 -31.73
N ALA A 608 -7.18 -10.58 -31.30
CA ALA A 608 -7.44 -11.86 -31.97
C ALA A 608 -8.93 -12.21 -31.88
N GLN A 609 -9.44 -12.89 -32.91
CA GLN A 609 -10.86 -13.20 -33.02
C GLN A 609 -11.08 -14.62 -33.49
N ILE A 610 -12.16 -15.21 -33.01
CA ILE A 610 -12.69 -16.43 -33.64
C ILE A 610 -14.13 -16.09 -33.88
N THR A 611 -14.58 -16.30 -35.12
CA THR A 611 -15.98 -16.06 -35.47
C THR A 611 -16.64 -17.39 -35.83
N LEU A 612 -17.72 -17.73 -35.13
CA LEU A 612 -18.51 -18.93 -35.44
C LEU A 612 -19.74 -18.55 -36.25
N TYR A 613 -19.84 -19.07 -37.47
CA TYR A 613 -20.95 -18.69 -38.35
C TYR A 613 -22.11 -19.65 -38.14
N GLY A 614 -23.33 -19.10 -38.09
CA GLY A 614 -24.53 -19.93 -37.94
C GLY A 614 -24.86 -20.73 -39.19
N ALA A 615 -25.77 -21.70 -39.08
CA ALA A 615 -26.19 -22.47 -40.25
C ALA A 615 -26.96 -21.61 -41.26
N ASN A 616 -27.56 -20.53 -40.77
CA ASN A 616 -28.32 -19.61 -41.59
C ASN A 616 -27.43 -18.61 -42.31
N ASN A 617 -26.17 -18.50 -41.87
CA ASN A 617 -25.22 -17.62 -42.55
C ASN A 617 -25.01 -18.01 -44.02
N THR A 618 -24.82 -16.99 -44.86
CA THR A 618 -24.39 -17.17 -46.24
C THR A 618 -23.21 -18.15 -46.29
N ASP A 619 -22.24 -17.98 -45.38
CA ASP A 619 -21.15 -18.95 -45.24
C ASP A 619 -21.52 -19.91 -44.10
N SER A 620 -22.38 -20.86 -44.44
CA SER A 620 -23.02 -21.73 -43.45
C SER A 620 -21.99 -22.50 -42.63
N ARG A 621 -22.05 -22.34 -41.30
CA ARG A 621 -21.21 -23.12 -40.38
C ARG A 621 -19.70 -22.92 -40.58
N ARG A 622 -19.31 -21.83 -41.23
CA ARG A 622 -17.90 -21.49 -41.37
C ARG A 622 -17.31 -21.12 -39.99
N ILE A 623 -16.03 -21.43 -39.75
CA ILE A 623 -15.28 -20.80 -38.65
C ILE A 623 -14.07 -20.04 -39.21
N VAL A 624 -13.89 -18.79 -38.79
CA VAL A 624 -12.66 -18.07 -39.11
C VAL A 624 -11.87 -17.77 -37.83
N TYR A 625 -10.63 -18.26 -37.78
CA TYR A 625 -9.72 -17.97 -36.66
C TYR A 625 -8.75 -16.89 -37.16
N ASN A 626 -8.74 -15.74 -36.49
CA ASN A 626 -7.98 -14.59 -36.96
C ASN A 626 -7.06 -14.04 -35.86
N GLY A 627 -5.78 -14.41 -35.91
CA GLY A 627 -4.80 -13.88 -34.96
C GLY A 627 -3.49 -13.57 -35.67
N ASP A 628 -2.59 -12.87 -35.00
CA ASP A 628 -1.25 -12.70 -35.57
C ASP A 628 -0.34 -13.86 -35.23
N GLU A 629 -0.79 -14.72 -34.31
CA GLU A 629 -0.21 -16.04 -34.08
C GLU A 629 -1.35 -17.04 -33.80
N HIS A 630 -1.20 -18.26 -34.32
CA HIS A 630 -2.07 -19.39 -33.99
C HIS A 630 -1.20 -20.49 -33.39
N LEU A 631 -1.24 -20.64 -32.07
CA LEU A 631 -0.32 -21.57 -31.41
C LEU A 631 -1.08 -22.68 -30.72
N PHE A 632 -0.81 -23.90 -31.14
CA PHE A 632 -1.52 -25.06 -30.62
C PHE A 632 -0.64 -25.74 -29.59
N GLN A 633 -1.07 -25.63 -28.34
CA GLN A 633 -0.34 -26.10 -27.16
C GLN A 633 -0.91 -27.42 -26.66
N SER A 634 0.00 -28.26 -26.14
CA SER A 634 -0.30 -29.46 -25.35
C SER A 634 -0.77 -30.69 -26.11
N ALA A 635 -1.08 -30.54 -27.40
CA ALA A 635 -1.58 -31.66 -28.18
C ALA A 635 -1.38 -31.47 -29.66
N ASP A 636 -1.36 -32.60 -30.37
CA ASP A 636 -1.31 -32.68 -31.82
C ASP A 636 -2.52 -31.98 -32.43
N VAL A 637 -2.33 -31.36 -33.59
CA VAL A 637 -3.46 -30.82 -34.36
C VAL A 637 -3.95 -31.97 -35.25
N LYS A 638 -5.13 -32.49 -34.96
CA LYS A 638 -5.65 -33.68 -35.62
C LYS A 638 -7.04 -33.49 -36.22
N PRO A 639 -7.35 -34.23 -37.31
CA PRO A 639 -8.72 -34.30 -37.80
C PRO A 639 -9.51 -35.17 -36.82
N TYR A 640 -10.80 -34.89 -36.68
CA TYR A 640 -11.69 -35.71 -35.86
C TYR A 640 -11.77 -37.14 -36.38
N ASN A 641 -11.89 -37.27 -37.70
CA ASN A 641 -11.98 -38.59 -38.35
C ASN A 641 -10.70 -38.97 -39.10
N ASP A 642 -10.63 -40.25 -39.50
CA ASP A 642 -9.47 -40.83 -40.18
C ASP A 642 -9.61 -40.85 -41.70
N ASN A 643 -8.68 -40.19 -42.39
CA ASN A 643 -8.63 -40.19 -43.86
C ASN A 643 -9.90 -39.58 -44.45
N VAL A 644 -10.40 -38.53 -43.80
CA VAL A 644 -11.67 -37.89 -44.09
C VAL A 644 -11.54 -36.39 -44.45
N THR A 645 -10.64 -35.67 -43.76
CA THR A 645 -10.38 -34.25 -44.08
C THR A 645 -8.91 -34.02 -44.38
N ALA A 646 -8.59 -32.91 -45.03
CA ALA A 646 -7.22 -32.61 -45.46
C ALA A 646 -6.63 -31.40 -44.72
N LEU A 647 -5.33 -31.13 -44.91
CA LEU A 647 -4.73 -29.86 -44.53
C LEU A 647 -4.67 -29.04 -45.81
N GLY A 648 -5.22 -27.84 -45.74
CA GLY A 648 -5.28 -26.93 -46.88
C GLY A 648 -6.18 -27.46 -47.97
N GLY A 649 -6.21 -26.76 -49.10
CA GLY A 649 -6.99 -27.20 -50.24
C GLY A 649 -6.39 -26.63 -51.51
N PRO A 650 -6.92 -27.01 -52.67
CA PRO A 650 -6.34 -26.56 -53.96
C PRO A 650 -6.34 -25.03 -54.13
N SER A 651 -7.33 -24.34 -53.55
CA SER A 651 -7.41 -22.86 -53.58
C SER A 651 -7.03 -22.20 -52.25
N ASN A 652 -6.51 -23.02 -51.34
CA ASN A 652 -6.14 -22.59 -49.98
C ASN A 652 -4.92 -23.39 -49.57
N ARG A 653 -3.80 -23.17 -50.25
CA ARG A 653 -2.60 -23.93 -49.99
C ARG A 653 -1.86 -23.27 -48.85
N PHE A 654 -1.32 -24.11 -47.95
CA PHE A 654 -0.27 -23.68 -47.04
C PHE A 654 1.03 -23.55 -47.86
N THR A 655 1.82 -22.50 -47.59
CA THR A 655 3.06 -22.26 -48.34
C THR A 655 3.99 -23.45 -48.27
N THR A 656 4.09 -24.03 -47.06
CA THR A 656 4.87 -25.24 -46.78
C THR A 656 4.43 -25.81 -45.42
N ALA A 657 5.08 -26.91 -45.01
CA ALA A 657 4.98 -27.41 -43.65
C ALA A 657 6.38 -27.54 -43.06
N TYR A 658 6.60 -26.96 -41.87
CA TYR A 658 7.89 -27.08 -41.17
C TYR A 658 7.86 -28.29 -40.24
N LEU A 659 8.61 -29.32 -40.61
CA LEU A 659 8.59 -30.58 -39.87
C LEU A 659 9.95 -31.05 -39.37
N GLY A 660 9.93 -31.84 -38.30
CA GLY A 660 11.15 -32.44 -37.77
C GLY A 660 11.53 -33.72 -38.48
N SER A 661 10.57 -34.34 -39.17
CA SER A 661 10.84 -35.50 -40.00
C SER A 661 9.84 -35.51 -41.14
N ASN A 662 10.10 -36.33 -42.16
CA ASN A 662 9.19 -36.49 -43.29
C ASN A 662 7.81 -36.98 -42.86
N PRO A 663 6.76 -36.62 -43.58
CA PRO A 663 5.41 -37.11 -43.29
C PRO A 663 5.36 -38.63 -43.23
N ILE A 664 4.52 -39.16 -42.36
CA ILE A 664 4.24 -40.58 -42.32
C ILE A 664 2.99 -40.83 -43.15
N VAL A 665 3.17 -41.43 -44.32
CA VAL A 665 2.03 -41.71 -45.18
C VAL A 665 1.73 -43.21 -45.31
N THR A 666 0.44 -43.55 -45.26
CA THR A 666 0.02 -44.92 -45.05
C THR A 666 -1.38 -45.22 -45.59
N SER B 1 -66.87 37.50 18.41
CA SER B 1 -66.94 36.10 17.85
C SER B 1 -67.38 36.08 16.38
N ALA B 2 -66.81 35.15 15.61
CA ALA B 2 -67.03 35.09 14.17
C ALA B 2 -68.46 34.74 13.82
N LYS B 3 -68.97 35.33 12.75
CA LYS B 3 -70.33 35.07 12.29
C LYS B 3 -70.47 33.80 11.46
N GLY B 4 -69.47 33.50 10.63
CA GLY B 4 -69.53 32.35 9.75
C GLY B 4 -70.76 32.32 8.86
N ASP B 5 -71.07 33.47 8.25
CA ASP B 5 -72.24 33.58 7.40
C ASP B 5 -71.84 33.75 5.93
N GLY B 6 -70.55 33.59 5.66
CA GLY B 6 -70.02 33.71 4.31
C GLY B 6 -69.94 35.12 3.76
N VAL B 7 -70.40 36.10 4.54
CA VAL B 7 -70.46 37.49 4.09
C VAL B 7 -69.79 38.50 5.04
N THR B 8 -70.06 38.39 6.34
CA THR B 8 -69.42 39.26 7.32
C THR B 8 -67.92 38.99 7.37
N ASP B 9 -67.14 40.06 7.45
CA ASP B 9 -65.70 39.94 7.54
C ASP B 9 -65.36 39.40 8.93
N ASP B 10 -64.88 38.16 8.97
CA ASP B 10 -64.57 37.46 10.22
C ASP B 10 -63.09 37.45 10.60
N THR B 11 -62.28 38.19 9.84
CA THR B 11 -60.82 38.18 9.99
C THR B 11 -60.38 38.49 11.42
N ALA B 12 -60.86 39.60 11.98
CA ALA B 12 -60.41 40.02 13.31
C ALA B 12 -60.78 39.03 14.41
N ALA B 13 -62.02 38.56 14.36
CA ALA B 13 -62.52 37.57 15.31
C ALA B 13 -61.73 36.26 15.22
N LEU B 14 -61.41 35.83 14.00
CA LEU B 14 -60.63 34.61 13.81
C LEU B 14 -59.23 34.76 14.36
N THR B 15 -58.63 35.93 14.10
CA THR B 15 -57.31 36.26 14.63
C THR B 15 -57.31 36.25 16.17
N SER B 16 -58.29 36.90 16.77
CA SER B 16 -58.36 36.94 18.23
C SER B 16 -58.50 35.50 18.77
N ALA B 17 -59.45 34.75 18.21
CA ALA B 17 -59.57 33.31 18.50
C ALA B 17 -58.21 32.60 18.45
N LEU B 18 -57.53 32.64 17.31
CA LEU B 18 -56.24 31.92 17.20
C LEU B 18 -55.23 32.38 18.24
N ASN B 19 -55.21 33.68 18.53
CA ASN B 19 -54.25 34.23 19.51
C ASN B 19 -54.53 33.71 20.92
N ASP B 20 -55.79 33.41 21.20
CA ASP B 20 -56.27 33.05 22.54
C ASP B 20 -56.42 31.55 22.75
N THR B 21 -56.10 30.75 21.74
CA THR B 21 -56.23 29.31 21.89
C THR B 21 -54.89 28.63 21.65
N PRO B 22 -54.62 27.56 22.41
CA PRO B 22 -53.40 26.77 22.24
C PRO B 22 -53.23 26.28 20.80
N VAL B 23 -51.98 26.28 20.32
CA VAL B 23 -51.66 25.88 18.95
C VAL B 23 -52.10 24.46 18.57
N GLY B 24 -52.20 23.59 19.57
CA GLY B 24 -52.57 22.20 19.31
C GLY B 24 -54.07 21.95 19.25
N GLN B 25 -54.84 22.95 19.65
CA GLN B 25 -56.30 22.87 19.62
C GLN B 25 -56.78 22.91 18.17
N LYS B 26 -57.65 21.97 17.82
CA LYS B 26 -58.28 21.98 16.51
C LYS B 26 -59.54 22.84 16.62
N ILE B 27 -59.51 23.99 15.99
CA ILE B 27 -60.66 24.90 16.06
C ILE B 27 -61.72 24.44 15.07
N ASN B 28 -62.88 24.07 15.61
CA ASN B 28 -63.98 23.56 14.81
C ASN B 28 -64.83 24.69 14.24
N GLY B 29 -64.87 24.79 12.91
CA GLY B 29 -65.65 25.85 12.26
C GLY B 29 -67.13 25.52 12.10
N ASN B 30 -67.47 24.29 12.49
CA ASN B 30 -68.86 23.83 12.53
C ASN B 30 -69.51 23.82 11.13
N GLY B 31 -68.70 23.59 10.10
CA GLY B 31 -69.22 23.45 8.75
C GLY B 31 -69.54 24.75 8.07
N LYS B 32 -69.23 25.86 8.73
CA LYS B 32 -69.58 27.18 8.25
C LYS B 32 -68.50 27.82 7.37
N THR B 33 -68.90 28.81 6.59
CA THR B 33 -67.97 29.50 5.73
C THR B 33 -67.71 30.86 6.34
N TYR B 34 -66.45 31.21 6.41
CA TYR B 34 -65.98 32.41 7.06
C TYR B 34 -65.30 33.32 6.05
N LYS B 35 -65.82 34.53 5.89
CA LYS B 35 -65.20 35.45 4.96
C LYS B 35 -64.03 36.13 5.64
N VAL B 36 -62.92 36.19 4.92
CA VAL B 36 -61.67 36.76 5.43
C VAL B 36 -60.99 37.63 4.37
N THR B 37 -60.21 38.61 4.81
CA THR B 37 -59.44 39.47 3.88
C THR B 37 -58.01 38.99 3.70
N SER B 38 -57.62 38.01 4.51
CA SER B 38 -56.35 37.29 4.37
C SER B 38 -56.60 35.90 4.92
N LEU B 39 -56.05 34.86 4.30
CA LEU B 39 -56.19 33.52 4.86
C LEU B 39 -55.43 33.40 6.18
N PRO B 40 -56.09 32.87 7.19
CA PRO B 40 -55.43 32.65 8.48
C PRO B 40 -54.65 31.33 8.45
N ASP B 41 -54.20 30.88 9.62
CA ASP B 41 -53.52 29.59 9.72
C ASP B 41 -54.54 28.47 9.55
N ILE B 42 -54.78 28.08 8.30
CA ILE B 42 -55.76 27.04 7.96
C ILE B 42 -55.50 25.73 8.72
N SER B 43 -54.22 25.40 8.95
CA SER B 43 -53.82 24.15 9.64
C SER B 43 -54.41 23.99 11.04
N ARG B 44 -54.78 25.09 11.68
CA ARG B 44 -55.35 25.00 13.03
C ARG B 44 -56.87 24.81 13.07
N PHE B 45 -57.51 24.75 11.89
CA PHE B 45 -58.97 24.59 11.83
C PHE B 45 -59.35 23.22 11.35
N ILE B 46 -60.49 22.73 11.83
CA ILE B 46 -61.15 21.58 11.23
C ILE B 46 -62.56 21.95 10.81
N ASN B 47 -63.10 21.28 9.81
CA ASN B 47 -64.52 21.45 9.48
C ASN B 47 -64.87 22.93 9.24
N THR B 48 -63.95 23.63 8.58
CA THR B 48 -64.08 25.06 8.29
C THR B 48 -63.91 25.30 6.81
N ARG B 49 -64.64 26.28 6.26
CA ARG B 49 -64.36 26.78 4.92
C ARG B 49 -64.14 28.28 4.96
N PHE B 50 -63.18 28.78 4.19
CA PHE B 50 -62.98 30.22 4.05
C PHE B 50 -63.36 30.74 2.68
N VAL B 51 -63.96 31.94 2.63
CA VAL B 51 -64.10 32.65 1.36
C VAL B 51 -63.17 33.82 1.41
N TYR B 52 -62.47 34.05 0.31
CA TYR B 52 -61.37 35.00 0.30
C TYR B 52 -61.19 35.45 -1.16
N GLU B 53 -61.01 36.75 -1.34
CA GLU B 53 -60.80 37.28 -2.68
C GLU B 53 -59.33 37.64 -2.84
N ARG B 54 -58.51 36.67 -3.27
CA ARG B 54 -57.10 36.95 -3.55
C ARG B 54 -57.00 38.08 -4.58
N ILE B 55 -57.81 37.95 -5.63
CA ILE B 55 -58.06 39.04 -6.56
C ILE B 55 -59.42 39.60 -6.19
N PRO B 56 -59.52 40.92 -5.96
CA PRO B 56 -60.81 41.53 -5.62
C PRO B 56 -61.87 41.26 -6.70
N GLY B 57 -63.08 40.85 -6.29
CA GLY B 57 -64.15 40.58 -7.21
C GLY B 57 -64.24 39.13 -7.62
N GLN B 58 -63.32 38.31 -7.10
CA GLN B 58 -63.22 36.91 -7.49
C GLN B 58 -63.09 35.99 -6.27
N PRO B 59 -64.18 35.76 -5.55
CA PRO B 59 -64.11 34.92 -4.35
C PRO B 59 -63.81 33.48 -4.74
N LEU B 60 -62.89 32.89 -4.00
CA LEU B 60 -62.67 31.45 -4.05
C LEU B 60 -62.78 30.91 -2.62
N TYR B 61 -63.00 29.59 -2.51
CA TYR B 61 -63.23 28.95 -1.22
C TYR B 61 -62.07 28.02 -0.88
N TYR B 62 -61.79 27.88 0.41
CA TYR B 62 -60.61 27.19 0.90
C TYR B 62 -61.02 26.26 2.04
N ALA B 63 -60.80 24.97 1.86
CA ALA B 63 -61.29 23.99 2.82
C ALA B 63 -60.20 23.67 3.83
N SER B 64 -60.54 23.75 5.11
CA SER B 64 -59.66 23.22 6.15
C SER B 64 -59.73 21.71 6.11
N GLU B 65 -58.84 21.06 6.84
CA GLU B 65 -58.96 19.62 6.97
C GLU B 65 -60.32 19.25 7.56
N GLU B 66 -60.84 18.11 7.09
CA GLU B 66 -62.11 17.53 7.53
C GLU B 66 -63.36 18.28 7.04
N PHE B 67 -63.22 19.44 6.39
CA PHE B 67 -64.39 20.09 5.82
C PHE B 67 -65.10 19.22 4.77
N VAL B 68 -64.32 18.59 3.91
CA VAL B 68 -64.86 17.56 3.04
C VAL B 68 -64.29 16.22 3.50
N GLN B 69 -65.03 15.13 3.33
CA GLN B 69 -64.47 13.82 3.64
C GLN B 69 -63.70 13.40 2.39
N GLY B 70 -62.39 13.58 2.44
CA GLY B 70 -61.56 13.42 1.26
C GLY B 70 -60.11 13.27 1.65
N GLU B 71 -59.28 12.82 0.72
CA GLU B 71 -57.86 12.57 1.01
C GLU B 71 -57.09 12.52 -0.30
N LEU B 72 -55.88 13.07 -0.30
CA LEU B 72 -55.03 12.98 -1.48
C LEU B 72 -54.11 11.77 -1.38
N PHE B 73 -53.94 11.11 -2.53
CA PHE B 73 -52.97 10.01 -2.68
C PHE B 73 -51.97 10.33 -3.77
N LYS B 74 -50.74 9.87 -3.58
CA LYS B 74 -49.78 9.81 -4.68
C LYS B 74 -49.84 8.43 -5.29
N ILE B 75 -50.02 8.34 -6.62
CA ILE B 75 -50.34 7.07 -7.27
C ILE B 75 -49.32 6.55 -8.29
N THR B 76 -48.44 7.42 -8.78
CA THR B 76 -47.22 6.98 -9.49
C THR B 76 -46.00 7.61 -8.88
N ASP B 77 -44.85 6.99 -9.11
CA ASP B 77 -43.56 7.52 -8.65
C ASP B 77 -42.48 6.91 -9.54
N THR B 78 -42.35 7.49 -10.73
CA THR B 78 -41.62 6.93 -11.83
C THR B 78 -40.77 8.08 -12.39
N PRO B 79 -39.58 7.79 -12.94
CA PRO B 79 -38.68 8.85 -13.47
C PRO B 79 -39.19 9.50 -14.76
N TYR B 80 -40.17 8.87 -15.43
CA TYR B 80 -40.75 9.47 -16.62
C TYR B 80 -41.54 10.72 -16.27
N TYR B 81 -41.74 11.56 -17.28
CA TYR B 81 -42.67 12.68 -17.17
C TYR B 81 -44.07 12.06 -17.19
N ASN B 82 -44.71 11.93 -16.03
CA ASN B 82 -45.98 11.22 -15.95
C ASN B 82 -47.08 12.22 -15.76
N ALA B 83 -47.91 12.38 -16.78
CA ALA B 83 -48.94 13.41 -16.76
C ALA B 83 -50.07 13.01 -17.68
N TRP B 84 -51.02 13.92 -17.83
CA TRP B 84 -52.15 13.76 -18.75
C TRP B 84 -53.00 12.51 -18.53
N PRO B 85 -53.58 12.33 -17.35
CA PRO B 85 -54.68 11.35 -17.24
C PRO B 85 -55.85 11.79 -18.15
N GLN B 86 -55.92 13.10 -18.46
CA GLN B 86 -56.93 13.65 -19.36
C GLN B 86 -57.08 12.87 -20.66
N ASP B 87 -58.30 12.47 -21.01
CA ASP B 87 -59.40 12.27 -20.06
C ASP B 87 -59.80 10.80 -20.30
N LYS B 88 -59.13 9.91 -19.58
CA LYS B 88 -59.07 8.50 -19.95
C LYS B 88 -59.48 7.55 -18.82
N ALA B 89 -59.69 8.06 -17.61
CA ALA B 89 -59.93 7.15 -16.48
C ALA B 89 -61.29 6.47 -16.59
N PHE B 90 -61.37 5.23 -16.11
CA PHE B 90 -62.62 4.51 -16.05
C PHE B 90 -62.56 3.51 -14.93
N VAL B 91 -63.73 3.05 -14.50
CA VAL B 91 -63.75 1.88 -13.65
C VAL B 91 -64.40 0.69 -14.35
N TYR B 92 -63.78 -0.46 -14.20
CA TYR B 92 -64.32 -1.68 -14.81
C TYR B 92 -64.22 -2.85 -13.85
N GLU B 93 -65.36 -3.49 -13.58
CA GLU B 93 -65.47 -4.61 -12.66
C GLU B 93 -64.61 -4.40 -11.39
N ASN B 94 -64.97 -3.34 -10.66
CA ASN B 94 -64.38 -3.00 -9.35
C ASN B 94 -62.93 -2.54 -9.34
N VAL B 95 -62.31 -2.48 -10.53
CA VAL B 95 -60.93 -1.95 -10.62
C VAL B 95 -60.99 -0.52 -11.17
N ILE B 96 -60.26 0.38 -10.52
CA ILE B 96 -60.11 1.77 -10.99
C ILE B 96 -58.89 1.87 -11.85
N TYR B 97 -59.06 2.36 -13.08
CA TYR B 97 -57.98 2.49 -14.05
C TYR B 97 -57.65 3.97 -14.20
N ALA B 98 -56.36 4.29 -14.09
CA ALA B 98 -55.85 5.64 -14.30
C ALA B 98 -54.85 5.62 -15.46
N PRO B 99 -55.31 5.71 -16.70
CA PRO B 99 -54.39 5.81 -17.84
C PRO B 99 -53.76 7.19 -17.93
N TYR B 100 -52.58 7.26 -18.52
CA TYR B 100 -51.82 8.50 -18.63
C TYR B 100 -50.78 8.35 -19.71
N MET B 101 -49.94 9.37 -19.87
CA MET B 101 -48.83 9.24 -20.78
C MET B 101 -47.54 9.47 -20.00
N GLY B 102 -46.62 8.52 -20.12
CA GLY B 102 -45.29 8.65 -19.54
C GLY B 102 -44.31 9.00 -20.64
N SER B 103 -43.78 10.22 -20.63
CA SER B 103 -42.85 10.65 -21.70
C SER B 103 -41.62 11.28 -21.09
N ASP B 104 -40.93 12.12 -21.83
CA ASP B 104 -39.84 12.89 -21.24
C ASP B 104 -40.10 14.40 -21.33
N ARG B 105 -41.25 14.79 -21.89
CA ARG B 105 -41.57 16.20 -22.09
C ARG B 105 -43.00 16.40 -22.55
N HIS B 106 -43.40 17.66 -22.72
CA HIS B 106 -44.66 17.95 -23.38
C HIS B 106 -44.52 17.65 -24.89
N GLY B 107 -44.80 16.41 -25.27
CA GLY B 107 -44.58 15.96 -26.64
C GLY B 107 -44.48 14.46 -26.59
N VAL B 108 -44.22 13.80 -27.72
CA VAL B 108 -44.29 12.33 -27.74
C VAL B 108 -42.92 11.61 -27.67
N SER B 109 -41.87 12.37 -27.40
CA SER B 109 -40.55 11.76 -27.21
C SER B 109 -40.59 10.78 -26.04
N ARG B 110 -40.04 9.58 -26.25
CA ARG B 110 -39.98 8.49 -25.25
C ARG B 110 -41.33 8.06 -24.67
N LEU B 111 -42.40 8.37 -25.37
CA LEU B 111 -43.73 8.29 -24.78
C LEU B 111 -44.35 6.91 -24.90
N HIS B 112 -44.85 6.42 -23.78
CA HIS B 112 -45.69 5.21 -23.74
C HIS B 112 -47.04 5.58 -23.15
N VAL B 113 -48.12 5.23 -23.84
CA VAL B 113 -49.44 5.34 -23.22
C VAL B 113 -49.45 4.27 -22.14
N SER B 114 -49.79 4.65 -20.93
CA SER B 114 -49.61 3.78 -19.76
C SER B 114 -50.85 3.79 -18.88
N TRP B 115 -50.91 2.86 -17.92
CA TRP B 115 -51.83 3.03 -16.82
C TRP B 115 -51.32 2.45 -15.52
N VAL B 116 -51.85 2.95 -14.42
CA VAL B 116 -51.80 2.25 -13.15
C VAL B 116 -53.23 2.00 -12.73
N LYS B 117 -53.43 1.00 -11.88
CA LYS B 117 -54.77 0.58 -11.49
C LYS B 117 -54.83 0.41 -9.98
N SER B 118 -56.02 0.57 -9.41
CA SER B 118 -56.16 0.26 -7.99
C SER B 118 -57.21 -0.84 -7.79
N GLY B 119 -56.85 -1.84 -7.00
CA GLY B 119 -57.74 -2.96 -6.67
C GLY B 119 -58.28 -2.86 -5.26
N ASP B 120 -58.06 -1.73 -4.61
CA ASP B 120 -58.60 -1.57 -3.25
C ASP B 120 -59.20 -0.19 -3.02
N ASP B 121 -59.94 0.28 -4.00
CA ASP B 121 -60.71 1.53 -3.88
C ASP B 121 -59.79 2.73 -3.67
N GLY B 122 -58.58 2.67 -4.24
CA GLY B 122 -57.68 3.81 -4.32
C GLY B 122 -56.60 3.94 -3.26
N GLN B 123 -56.55 2.99 -2.31
CA GLN B 123 -55.55 3.01 -1.23
C GLN B 123 -54.16 2.71 -1.77
N THR B 124 -54.11 1.88 -2.81
CA THR B 124 -52.89 1.30 -3.28
C THR B 124 -52.97 1.17 -4.80
N TRP B 125 -51.85 1.38 -5.48
CA TRP B 125 -51.84 1.39 -6.94
C TRP B 125 -50.78 0.44 -7.54
N SER B 126 -51.00 0.01 -8.77
CA SER B 126 -50.20 -1.07 -9.36
C SER B 126 -48.92 -0.54 -10.00
N THR B 127 -48.03 -1.46 -10.39
CA THR B 127 -46.85 -1.13 -11.21
C THR B 127 -47.36 -0.64 -12.57
N PRO B 128 -46.81 0.46 -13.10
CA PRO B 128 -47.21 0.97 -14.42
C PRO B 128 -47.11 -0.08 -15.51
N GLU B 129 -48.12 -0.09 -16.40
CA GLU B 129 -48.14 -0.97 -17.54
C GLU B 129 -48.15 -0.10 -18.79
N TRP B 130 -47.32 -0.46 -19.77
CA TRP B 130 -47.30 0.20 -21.06
C TRP B 130 -48.36 -0.42 -21.97
N LEU B 131 -49.26 0.42 -22.47
CA LEU B 131 -50.31 0.01 -23.39
C LEU B 131 -49.89 0.13 -24.86
N THR B 132 -48.96 1.06 -25.16
CA THR B 132 -48.36 1.16 -26.49
C THR B 132 -46.85 0.95 -26.45
N ASP B 133 -46.31 0.44 -27.55
CA ASP B 133 -44.88 0.49 -27.77
C ASP B 133 -44.56 1.78 -28.48
N LEU B 134 -43.27 2.06 -28.63
CA LEU B 134 -42.83 3.15 -29.48
C LEU B 134 -43.26 2.80 -30.91
N HIS B 135 -43.76 3.81 -31.62
CA HIS B 135 -44.26 3.67 -32.99
C HIS B 135 -43.14 3.12 -33.90
N PRO B 136 -43.48 2.23 -34.84
CA PRO B 136 -42.49 1.71 -35.81
C PRO B 136 -41.57 2.75 -36.45
N ASP B 137 -42.06 3.96 -36.67
CA ASP B 137 -41.28 5.03 -37.32
C ASP B 137 -40.66 6.05 -36.35
N TYR B 138 -40.63 5.70 -35.07
CA TYR B 138 -39.87 6.43 -34.06
C TYR B 138 -38.41 6.50 -34.55
N PRO B 139 -37.69 7.63 -34.37
CA PRO B 139 -38.15 8.83 -33.67
C PRO B 139 -38.71 9.95 -34.52
N THR B 140 -39.27 9.66 -35.69
CA THR B 140 -39.96 10.70 -36.45
C THR B 140 -41.32 11.03 -35.84
N VAL B 141 -42.05 9.97 -35.48
CA VAL B 141 -43.40 10.10 -34.95
C VAL B 141 -43.56 9.13 -33.78
N ASN B 142 -44.59 9.35 -32.96
CA ASN B 142 -44.88 8.40 -31.89
C ASN B 142 -46.34 8.58 -31.43
N TYR B 143 -46.82 7.65 -30.61
CA TYR B 143 -48.23 7.64 -30.20
C TYR B 143 -48.60 8.69 -29.13
N HIS B 144 -49.90 8.88 -28.96
CA HIS B 144 -50.46 9.89 -28.05
C HIS B 144 -51.90 9.49 -27.84
N CYS B 145 -52.42 9.69 -26.64
CA CYS B 145 -53.82 9.36 -26.40
C CYS B 145 -54.42 10.18 -25.26
N MET B 146 -55.55 10.82 -25.54
CA MET B 146 -56.29 11.55 -24.50
C MET B 146 -57.76 11.11 -24.46
N SER B 147 -58.09 10.03 -25.17
CA SER B 147 -59.48 9.54 -25.18
C SER B 147 -59.47 8.02 -25.09
N MET B 148 -60.02 7.49 -23.99
CA MET B 148 -60.05 6.06 -23.73
C MET B 148 -61.23 5.78 -22.81
N GLY B 149 -61.87 4.62 -22.97
CA GLY B 149 -63.02 4.28 -22.16
C GLY B 149 -63.48 2.86 -22.49
N VAL B 150 -64.55 2.41 -21.85
CA VAL B 150 -65.08 1.07 -22.08
C VAL B 150 -66.49 1.16 -22.62
N CYS B 151 -66.76 0.34 -23.65
CA CYS B 151 -68.06 0.22 -24.28
C CYS B 151 -68.31 -1.26 -24.52
N ARG B 152 -69.39 -1.77 -23.96
CA ARG B 152 -69.74 -3.18 -24.11
C ARG B 152 -68.53 -4.13 -23.94
N ASN B 153 -67.82 -3.96 -22.82
CA ASN B 153 -66.75 -4.86 -22.39
C ASN B 153 -65.52 -4.85 -23.27
N ARG B 154 -65.35 -3.81 -24.07
CA ARG B 154 -64.10 -3.58 -24.81
C ARG B 154 -63.53 -2.21 -24.46
N LEU B 155 -62.20 -2.15 -24.38
CA LEU B 155 -61.53 -0.88 -24.19
C LEU B 155 -61.45 -0.25 -25.58
N PHE B 156 -61.82 1.01 -25.71
CA PHE B 156 -61.63 1.70 -26.98
C PHE B 156 -60.73 2.90 -26.69
N ALA B 157 -59.79 3.17 -27.58
CA ALA B 157 -58.90 4.32 -27.41
C ALA B 157 -58.68 4.96 -28.77
N MET B 158 -58.61 6.30 -28.78
CA MET B 158 -58.21 7.02 -29.98
C MET B 158 -56.69 7.18 -29.88
N ILE B 159 -56.00 6.35 -30.63
CA ILE B 159 -54.53 6.38 -30.63
C ILE B 159 -54.07 7.27 -31.78
N GLU B 160 -53.49 8.41 -31.41
CA GLU B 160 -53.00 9.38 -32.39
C GLU B 160 -51.50 9.15 -32.66
N THR B 161 -51.07 9.48 -33.87
CA THR B 161 -49.67 9.49 -34.23
C THR B 161 -49.32 10.99 -34.40
N ARG B 162 -48.27 11.44 -33.72
CA ARG B 162 -47.84 12.84 -33.74
C ARG B 162 -46.32 12.93 -33.98
N THR B 163 -45.87 14.02 -34.60
CA THR B 163 -44.43 14.20 -34.83
C THR B 163 -43.69 14.55 -33.54
N LEU B 164 -42.49 14.02 -33.40
CA LEU B 164 -41.59 14.40 -32.31
C LEU B 164 -41.15 15.86 -32.46
N ALA B 165 -40.99 16.32 -33.71
CA ALA B 165 -40.52 17.69 -33.96
C ALA B 165 -41.46 18.80 -33.47
N LYS B 166 -42.75 18.69 -33.78
CA LYS B 166 -43.69 19.76 -33.47
C LYS B 166 -44.97 19.31 -32.77
N ASN B 167 -45.05 18.02 -32.41
CA ASN B 167 -46.27 17.43 -31.86
C ASN B 167 -47.47 17.59 -32.82
N ALA B 168 -47.19 17.61 -34.11
CA ALA B 168 -48.20 17.74 -35.15
C ALA B 168 -48.97 16.43 -35.34
N LEU B 169 -50.29 16.51 -35.35
CA LEU B 169 -51.10 15.31 -35.54
C LEU B 169 -50.94 14.83 -36.99
N THR B 170 -50.80 13.52 -37.15
CA THR B 170 -50.36 12.93 -38.40
C THR B 170 -51.37 11.83 -38.84
N ASN B 171 -51.98 11.18 -37.86
CA ASN B 171 -52.95 10.09 -38.06
C ASN B 171 -53.78 9.85 -36.79
N CYS B 172 -55.05 9.47 -36.99
CA CYS B 172 -55.93 9.00 -35.94
C CYS B 172 -56.38 7.57 -36.24
N ALA B 173 -56.31 6.72 -35.23
CA ALA B 173 -56.78 5.36 -35.33
C ALA B 173 -57.60 5.01 -34.10
N LEU B 174 -58.70 4.29 -34.31
CA LEU B 174 -59.45 3.73 -33.18
C LEU B 174 -58.85 2.34 -32.89
N TRP B 175 -58.31 2.16 -31.68
CA TRP B 175 -57.85 0.85 -31.22
C TRP B 175 -58.80 0.29 -30.19
N ASP B 176 -59.14 -0.99 -30.33
CA ASP B 176 -59.99 -1.58 -29.30
C ASP B 176 -59.62 -3.03 -28.99
N ARG B 177 -59.96 -3.46 -27.79
CA ARG B 177 -59.48 -4.73 -27.25
C ARG B 177 -60.47 -5.19 -26.21
N PRO B 178 -60.76 -6.49 -26.12
CA PRO B 178 -61.72 -6.94 -25.10
C PRO B 178 -61.06 -6.80 -23.72
N MET B 179 -61.86 -6.44 -22.71
CA MET B 179 -61.39 -6.41 -21.33
C MET B 179 -61.34 -7.83 -20.74
N SER B 180 -60.37 -8.08 -19.87
CA SER B 180 -60.29 -9.38 -19.19
C SER B 180 -61.43 -9.52 -18.19
N ARG B 181 -62.09 -10.67 -18.19
CA ARG B 181 -63.22 -10.93 -17.29
C ARG B 181 -63.24 -12.40 -16.94
N SER B 182 -63.75 -12.69 -15.75
CA SER B 182 -64.15 -14.06 -15.39
C SER B 182 -65.67 -14.05 -15.29
N LEU B 183 -66.31 -15.01 -15.96
CA LEU B 183 -67.77 -15.12 -15.92
C LEU B 183 -68.16 -16.48 -15.36
N HIS B 184 -69.12 -16.48 -14.43
CA HIS B 184 -69.61 -17.69 -13.79
C HIS B 184 -71.04 -17.82 -14.23
N LEU B 185 -71.29 -18.77 -15.12
CA LEU B 185 -72.54 -18.78 -15.88
C LEU B 185 -73.25 -20.12 -15.72
N THR B 186 -74.53 -20.15 -16.06
CA THR B 186 -75.31 -21.38 -16.05
C THR B 186 -75.93 -21.56 -17.42
N GLY B 187 -75.61 -22.69 -18.07
CA GLY B 187 -76.13 -22.98 -19.40
C GLY B 187 -75.62 -22.05 -20.49
N GLY B 188 -76.16 -22.20 -21.69
CA GLY B 188 -75.81 -21.29 -22.77
C GLY B 188 -74.83 -21.84 -23.79
N ILE B 189 -74.33 -23.06 -23.59
CA ILE B 189 -73.48 -23.67 -24.60
C ILE B 189 -74.23 -24.79 -25.30
N THR B 190 -74.33 -24.71 -26.63
CA THR B 190 -74.94 -25.78 -27.42
C THR B 190 -73.97 -26.22 -28.49
N LYS B 191 -74.07 -27.48 -28.87
CA LYS B 191 -73.21 -28.00 -29.93
C LYS B 191 -74.08 -28.94 -30.75
N ALA B 192 -74.44 -28.48 -31.94
CA ALA B 192 -75.23 -29.29 -32.87
C ALA B 192 -74.51 -30.56 -33.32
N ALA B 193 -75.27 -31.64 -33.51
CA ALA B 193 -74.70 -32.90 -33.98
C ALA B 193 -73.99 -32.72 -35.33
N ASN B 194 -72.95 -33.53 -35.55
CA ASN B 194 -72.34 -33.70 -36.88
C ASN B 194 -71.61 -32.50 -37.42
N GLN B 195 -71.18 -31.64 -36.50
CA GLN B 195 -70.31 -30.52 -36.81
C GLN B 195 -69.58 -30.14 -35.52
N ARG B 196 -68.57 -29.28 -35.65
CA ARG B 196 -67.55 -29.16 -34.60
C ARG B 196 -67.57 -27.83 -33.84
N TYR B 197 -68.47 -26.92 -34.21
CA TYR B 197 -68.54 -25.63 -33.54
C TYR B 197 -69.50 -25.66 -32.36
N ALA B 198 -69.14 -24.96 -31.30
CA ALA B 198 -70.09 -24.76 -30.20
C ALA B 198 -70.50 -23.31 -30.16
N THR B 199 -71.79 -23.04 -30.03
CA THR B 199 -72.19 -21.67 -29.81
C THR B 199 -72.39 -21.35 -28.35
N ILE B 200 -71.85 -20.20 -27.98
CA ILE B 200 -71.78 -19.76 -26.60
C ILE B 200 -72.69 -18.53 -26.50
N HIS B 201 -73.67 -18.60 -25.61
CA HIS B 201 -74.53 -17.44 -25.36
C HIS B 201 -73.99 -16.66 -24.17
N VAL B 202 -73.45 -15.47 -24.45
CA VAL B 202 -72.90 -14.57 -23.43
C VAL B 202 -73.39 -13.17 -23.79
N PRO B 203 -74.41 -12.69 -23.09
CA PRO B 203 -75.03 -11.41 -23.45
C PRO B 203 -74.01 -10.27 -23.50
N ASP B 204 -74.06 -9.46 -24.56
CA ASP B 204 -73.15 -8.32 -24.74
C ASP B 204 -71.68 -8.69 -24.56
N HIS B 205 -71.28 -9.81 -25.14
CA HIS B 205 -69.93 -10.32 -24.89
C HIS B 205 -68.80 -9.38 -25.34
N GLY B 206 -69.02 -8.68 -26.45
CA GLY B 206 -68.06 -7.72 -26.98
C GLY B 206 -66.83 -8.36 -27.61
N LEU B 207 -66.90 -9.64 -27.95
CA LEU B 207 -65.75 -10.32 -28.52
C LEU B 207 -65.82 -10.33 -30.05
N PHE B 208 -64.66 -10.44 -30.68
CA PHE B 208 -64.54 -10.56 -32.14
C PHE B 208 -63.79 -11.85 -32.48
N VAL B 209 -63.86 -12.26 -33.76
CA VAL B 209 -63.16 -13.42 -34.26
C VAL B 209 -61.70 -13.29 -33.88
N GLY B 210 -61.16 -14.35 -33.28
CA GLY B 210 -59.74 -14.42 -32.89
C GLY B 210 -59.47 -14.04 -31.43
N ASP B 211 -60.46 -13.46 -30.77
CA ASP B 211 -60.31 -13.08 -29.35
C ASP B 211 -60.23 -14.31 -28.46
N PHE B 212 -59.44 -14.17 -27.38
CA PHE B 212 -59.17 -15.24 -26.45
C PHE B 212 -60.40 -15.56 -25.60
N VAL B 213 -60.72 -16.85 -25.47
CA VAL B 213 -61.74 -17.31 -24.51
C VAL B 213 -61.30 -18.62 -23.85
N ASN B 214 -61.38 -18.68 -22.53
CA ASN B 214 -60.97 -19.87 -21.78
C ASN B 214 -62.20 -20.52 -21.17
N PHE B 215 -62.30 -21.85 -21.26
CA PHE B 215 -63.44 -22.57 -20.72
C PHE B 215 -63.09 -23.54 -19.60
N SER B 216 -63.92 -23.51 -18.53
CA SER B 216 -63.83 -24.47 -17.42
C SER B 216 -65.19 -25.06 -17.09
N ASN B 217 -65.23 -26.37 -16.95
CA ASN B 217 -66.46 -27.08 -16.49
C ASN B 217 -67.66 -26.95 -17.44
N SER B 218 -67.42 -26.86 -18.74
CA SER B 218 -68.47 -26.55 -19.71
C SER B 218 -69.54 -27.63 -19.80
N ALA B 219 -69.13 -28.87 -19.50
CA ALA B 219 -69.94 -30.08 -19.69
C ALA B 219 -70.35 -30.30 -21.15
N VAL B 220 -69.58 -29.69 -22.06
CA VAL B 220 -69.79 -29.86 -23.50
C VAL B 220 -68.48 -30.29 -24.17
N THR B 221 -68.50 -31.50 -24.73
CA THR B 221 -67.34 -32.10 -25.36
C THR B 221 -66.60 -31.17 -26.32
N GLY B 222 -65.31 -30.94 -26.03
CA GLY B 222 -64.50 -30.12 -26.90
C GLY B 222 -64.44 -28.66 -26.54
N VAL B 223 -65.31 -28.24 -25.64
CA VAL B 223 -65.29 -26.86 -25.15
C VAL B 223 -64.53 -26.87 -23.82
N SER B 224 -63.23 -26.56 -23.89
CA SER B 224 -62.33 -26.76 -22.77
C SER B 224 -61.01 -26.00 -22.96
N GLY B 225 -60.49 -25.43 -21.88
CA GLY B 225 -59.22 -24.75 -21.92
C GLY B 225 -59.19 -23.46 -22.74
N ASP B 226 -57.99 -23.07 -23.15
CA ASP B 226 -57.74 -21.88 -23.95
C ASP B 226 -58.23 -22.12 -25.38
N MET B 227 -59.19 -21.30 -25.83
CA MET B 227 -59.68 -21.35 -27.20
C MET B 227 -59.70 -19.93 -27.79
N THR B 228 -60.20 -19.79 -29.02
CA THR B 228 -60.45 -18.46 -29.61
C THR B 228 -61.84 -18.40 -30.19
N VAL B 229 -62.39 -17.19 -30.29
CA VAL B 229 -63.66 -16.96 -30.97
C VAL B 229 -63.52 -17.29 -32.48
N ALA B 230 -64.33 -18.23 -32.98
CA ALA B 230 -64.35 -18.64 -34.39
C ALA B 230 -65.21 -17.72 -35.27
N THR B 231 -66.46 -17.49 -34.85
CA THR B 231 -67.35 -16.55 -35.53
C THR B 231 -68.16 -15.82 -34.47
N VAL B 232 -68.71 -14.68 -34.84
CA VAL B 232 -69.65 -13.98 -33.99
C VAL B 232 -70.99 -13.97 -34.71
N ILE B 233 -72.02 -14.47 -34.02
CA ILE B 233 -73.34 -14.65 -34.60
C ILE B 233 -74.13 -13.34 -34.47
N ASP B 234 -74.03 -12.73 -33.29
CA ASP B 234 -74.66 -11.46 -32.97
C ASP B 234 -74.08 -11.00 -31.65
N LYS B 235 -74.58 -9.88 -31.12
CA LYS B 235 -74.00 -9.30 -29.90
C LYS B 235 -74.06 -10.22 -28.66
N ASP B 236 -74.92 -11.24 -28.66
CA ASP B 236 -75.12 -12.10 -27.49
C ASP B 236 -74.60 -13.53 -27.68
N ASN B 237 -74.07 -13.84 -28.85
CA ASN B 237 -73.70 -15.21 -29.24
C ASN B 237 -72.48 -15.26 -30.15
N PHE B 238 -71.56 -16.17 -29.82
CA PHE B 238 -70.41 -16.44 -30.68
C PHE B 238 -70.15 -17.96 -30.73
N THR B 239 -69.26 -18.41 -31.60
CA THR B 239 -68.90 -19.84 -31.64
C THR B 239 -67.43 -20.04 -31.40
N VAL B 240 -67.08 -21.26 -31.00
CA VAL B 240 -65.70 -21.67 -30.96
C VAL B 240 -65.63 -22.95 -31.74
N LEU B 241 -64.46 -23.19 -32.34
CA LEU B 241 -64.26 -24.45 -33.04
C LEU B 241 -63.65 -25.48 -32.11
N THR B 242 -64.34 -26.61 -31.91
CA THR B 242 -63.81 -27.68 -31.06
C THR B 242 -63.09 -28.71 -31.93
N PRO B 243 -62.32 -29.60 -31.31
CA PRO B 243 -61.56 -30.63 -32.05
C PRO B 243 -62.38 -31.79 -32.57
N ASN B 244 -63.67 -31.87 -32.24
CA ASN B 244 -64.40 -33.10 -32.53
C ASN B 244 -65.89 -32.88 -32.78
N GLN B 245 -66.57 -33.94 -33.22
CA GLN B 245 -68.04 -33.94 -33.38
C GLN B 245 -68.67 -35.23 -32.86
N GLN B 246 -69.99 -35.17 -32.62
CA GLN B 246 -70.80 -36.20 -31.97
C GLN B 246 -72.06 -36.43 -32.83
N THR B 247 -72.69 -37.59 -32.70
CA THR B 247 -73.89 -37.86 -33.50
C THR B 247 -75.18 -37.34 -32.85
N SER B 248 -75.08 -36.72 -31.67
CA SER B 248 -76.24 -36.12 -31.02
C SER B 248 -75.93 -34.72 -30.50
N ASP B 249 -76.98 -33.90 -30.32
CA ASP B 249 -76.85 -32.52 -29.85
C ASP B 249 -76.40 -32.44 -28.37
N LEU B 250 -75.59 -31.42 -28.06
CA LEU B 250 -75.19 -31.17 -26.67
C LEU B 250 -75.71 -29.83 -26.25
N ASN B 251 -76.09 -29.71 -24.98
CA ASN B 251 -76.63 -28.47 -24.42
C ASN B 251 -76.42 -28.50 -22.91
N ASN B 252 -75.63 -27.57 -22.39
CA ASN B 252 -75.28 -27.59 -20.97
C ASN B 252 -76.25 -26.80 -20.07
N ALA B 253 -77.48 -26.62 -20.54
CA ALA B 253 -78.55 -25.96 -19.78
C ALA B 253 -78.60 -26.50 -18.34
N GLY B 254 -78.63 -25.59 -17.37
CA GLY B 254 -78.68 -25.95 -15.96
C GLY B 254 -77.33 -26.22 -15.28
N LYS B 255 -76.26 -26.28 -16.07
CA LYS B 255 -74.95 -26.61 -15.53
C LYS B 255 -74.15 -25.33 -15.31
N ASN B 256 -73.47 -25.22 -14.18
CA ASN B 256 -72.64 -24.03 -13.93
C ASN B 256 -71.25 -24.22 -14.50
N TRP B 257 -70.71 -23.18 -15.14
CA TRP B 257 -69.40 -23.25 -15.76
C TRP B 257 -68.79 -21.86 -15.73
N HIS B 258 -67.55 -21.75 -16.20
CA HIS B 258 -66.81 -20.50 -16.13
C HIS B 258 -66.16 -20.16 -17.46
N MET B 259 -66.17 -18.86 -17.77
CA MET B 259 -65.47 -18.33 -18.93
C MET B 259 -64.57 -17.24 -18.33
N GLY B 260 -63.41 -16.94 -18.90
CA GLY B 260 -63.38 -16.60 -20.28
C GLY B 260 -62.29 -15.73 -20.83
N THR B 261 -62.16 -14.43 -20.51
CA THR B 261 -61.51 -13.52 -21.49
C THR B 261 -60.19 -12.88 -21.08
N SER B 262 -59.50 -12.30 -22.07
CA SER B 262 -58.16 -11.74 -21.84
C SER B 262 -57.87 -10.60 -22.78
N PHE B 263 -57.70 -9.42 -22.21
CA PHE B 263 -57.13 -8.26 -22.89
C PHE B 263 -55.72 -8.60 -23.44
N HIS B 264 -54.88 -9.23 -22.64
CA HIS B 264 -53.49 -9.44 -23.06
C HIS B 264 -53.31 -10.53 -24.14
N LYS B 265 -54.20 -11.51 -24.19
CA LYS B 265 -54.07 -12.57 -25.20
C LYS B 265 -54.90 -12.31 -26.46
N SER B 266 -55.54 -11.14 -26.54
CA SER B 266 -56.36 -10.83 -27.70
C SER B 266 -55.70 -9.68 -28.42
N PRO B 267 -55.74 -9.66 -29.74
CA PRO B 267 -55.09 -8.57 -30.47
C PRO B 267 -55.94 -7.30 -30.40
N TRP B 268 -55.29 -6.15 -30.56
CA TRP B 268 -56.02 -4.92 -30.81
C TRP B 268 -56.70 -5.01 -32.18
N ARG B 269 -57.92 -4.48 -32.28
CA ARG B 269 -58.49 -4.17 -33.58
C ARG B 269 -58.16 -2.71 -33.80
N LYS B 270 -57.49 -2.43 -34.92
CA LYS B 270 -57.09 -1.06 -35.22
C LYS B 270 -57.77 -0.59 -36.48
N THR B 271 -58.51 0.51 -36.35
CA THR B 271 -59.24 1.09 -37.45
C THR B 271 -58.61 2.45 -37.74
N ASP B 272 -58.03 2.54 -38.93
CA ASP B 272 -57.33 3.73 -39.42
C ASP B 272 -58.37 4.73 -39.88
N LEU B 273 -58.41 5.88 -39.21
CA LEU B 273 -59.36 6.94 -39.58
C LEU B 273 -58.67 8.03 -40.41
N GLY B 274 -57.41 7.83 -40.74
CA GLY B 274 -56.66 8.84 -41.47
C GLY B 274 -56.38 10.10 -40.66
N LEU B 275 -56.07 11.19 -41.35
CA LEU B 275 -55.90 12.49 -40.69
C LEU B 275 -57.25 13.21 -40.77
N ILE B 276 -58.07 12.97 -39.75
CA ILE B 276 -59.44 13.49 -39.69
C ILE B 276 -59.32 14.98 -39.89
N PRO B 277 -60.04 15.51 -40.87
CA PRO B 277 -60.04 16.96 -41.16
C PRO B 277 -60.35 17.81 -39.93
N SER B 278 -59.64 18.94 -39.85
CA SER B 278 -59.82 19.94 -38.84
C SER B 278 -59.92 19.35 -37.41
N VAL B 279 -58.86 18.62 -37.03
CA VAL B 279 -58.70 18.10 -35.67
C VAL B 279 -57.27 18.34 -35.16
N THR B 280 -57.16 18.85 -33.93
CA THR B 280 -55.87 19.00 -33.24
C THR B 280 -55.65 17.87 -32.24
N GLU B 281 -56.69 17.54 -31.47
CA GLU B 281 -56.57 16.55 -30.42
C GLU B 281 -57.94 15.93 -30.20
N VAL B 282 -57.96 14.61 -30.05
CA VAL B 282 -59.17 13.93 -29.61
C VAL B 282 -59.01 13.71 -28.09
N HIS B 283 -60.07 13.97 -27.32
CA HIS B 283 -59.94 14.07 -25.87
C HIS B 283 -61.27 13.75 -25.19
N SER B 284 -61.23 12.91 -24.16
CA SER B 284 -62.42 12.51 -23.41
C SER B 284 -63.26 11.46 -24.12
N PHE B 285 -64.06 10.74 -23.35
CA PHE B 285 -64.81 9.58 -23.83
C PHE B 285 -66.13 9.45 -23.03
N ALA B 286 -67.24 9.29 -23.74
CA ALA B 286 -68.56 9.11 -23.13
C ALA B 286 -69.26 7.92 -23.75
N THR B 287 -69.41 6.86 -22.95
CA THR B 287 -70.17 5.70 -23.41
C THR B 287 -71.59 6.17 -23.56
N ILE B 288 -72.18 5.93 -24.73
CA ILE B 288 -73.57 6.34 -24.96
C ILE B 288 -74.52 5.20 -24.64
N ASP B 289 -74.19 4.02 -25.15
CA ASP B 289 -75.02 2.85 -24.98
C ASP B 289 -74.24 1.60 -25.29
N ASN B 290 -74.99 0.54 -25.55
CA ASN B 290 -74.47 -0.74 -25.88
C ASN B 290 -73.71 -0.84 -27.20
N ASN B 291 -73.93 0.13 -28.07
CA ASN B 291 -73.34 0.05 -29.40
C ASN B 291 -72.21 1.03 -29.70
N GLY B 292 -72.09 2.09 -28.90
CA GLY B 292 -71.18 3.17 -29.26
C GLY B 292 -71.04 4.27 -28.23
N PHE B 293 -70.39 5.35 -28.65
CA PHE B 293 -69.79 6.26 -27.69
C PHE B 293 -69.38 7.51 -28.42
N ALA B 294 -69.09 8.55 -27.64
CA ALA B 294 -68.55 9.75 -28.21
C ALA B 294 -67.16 10.08 -27.63
N MET B 295 -66.37 10.80 -28.42
CA MET B 295 -65.05 11.24 -28.03
C MET B 295 -64.99 12.75 -28.31
N GLY B 296 -64.37 13.51 -27.44
CA GLY B 296 -64.32 14.97 -27.62
C GLY B 296 -63.18 15.33 -28.55
N TYR B 297 -63.24 16.51 -29.12
CA TYR B 297 -62.11 16.99 -29.91
C TYR B 297 -62.11 18.51 -29.91
N HIS B 298 -60.97 19.08 -30.30
CA HIS B 298 -60.95 20.47 -30.71
C HIS B 298 -59.99 20.62 -31.88
N GLN B 299 -60.15 21.73 -32.58
CA GLN B 299 -59.20 22.18 -33.58
C GLN B 299 -58.75 23.57 -33.15
N GLY B 300 -57.47 23.75 -32.89
CA GLY B 300 -56.97 25.05 -32.46
C GLY B 300 -55.71 25.51 -33.19
N ASP B 301 -55.45 24.92 -34.37
CA ASP B 301 -54.22 25.23 -35.15
C ASP B 301 -54.37 26.39 -36.12
N VAL B 302 -55.51 26.44 -36.81
CA VAL B 302 -55.84 27.52 -37.74
C VAL B 302 -57.23 28.04 -37.39
N ALA B 303 -57.60 29.19 -37.93
CA ALA B 303 -58.94 29.75 -37.74
C ALA B 303 -59.90 29.11 -38.75
N PRO B 304 -61.16 28.91 -38.38
CA PRO B 304 -61.66 29.13 -37.01
C PRO B 304 -61.52 27.91 -36.11
N ARG B 305 -61.35 28.19 -34.82
CA ARG B 305 -61.28 27.19 -33.79
C ARG B 305 -62.59 26.39 -33.74
N GLU B 306 -62.48 25.09 -33.50
CA GLU B 306 -63.67 24.25 -33.30
C GLU B 306 -63.56 23.51 -32.00
N VAL B 307 -64.70 23.26 -31.37
CA VAL B 307 -64.75 22.34 -30.24
C VAL B 307 -66.01 21.48 -30.36
N GLY B 308 -65.89 20.17 -30.14
CA GLY B 308 -67.08 19.35 -30.23
C GLY B 308 -66.82 17.92 -29.86
N LEU B 309 -67.50 17.00 -30.56
CA LEU B 309 -67.32 15.59 -30.32
C LEU B 309 -67.54 14.86 -31.63
N PHE B 310 -67.03 13.63 -31.66
CA PHE B 310 -67.28 12.65 -32.72
C PHE B 310 -68.08 11.55 -32.05
N TYR B 311 -69.27 11.29 -32.58
CA TYR B 311 -70.12 10.20 -32.10
C TYR B 311 -69.93 9.02 -33.04
N PHE B 312 -69.66 7.85 -32.44
CA PHE B 312 -69.50 6.59 -33.16
C PHE B 312 -70.70 5.76 -32.75
N PRO B 313 -71.76 5.79 -33.54
CA PRO B 313 -73.04 5.13 -33.16
C PRO B 313 -72.99 3.60 -33.06
N ASP B 314 -72.22 2.95 -33.92
CA ASP B 314 -72.06 1.51 -33.83
C ASP B 314 -70.59 1.18 -34.02
N ALA B 315 -69.83 1.27 -32.93
CA ALA B 315 -68.39 1.06 -32.97
C ALA B 315 -68.02 -0.40 -33.16
N PHE B 316 -69.00 -1.28 -33.05
CA PHE B 316 -68.73 -2.70 -33.12
C PHE B 316 -68.77 -3.22 -34.55
N ASN B 317 -69.85 -2.92 -35.24
CA ASN B 317 -69.97 -3.29 -36.64
C ASN B 317 -69.25 -2.30 -37.55
N SER B 318 -69.23 -1.03 -37.14
CA SER B 318 -68.76 0.06 -38.00
C SER B 318 -67.82 1.03 -37.29
N PRO B 319 -66.62 0.61 -36.90
CA PRO B 319 -65.69 1.51 -36.18
C PRO B 319 -65.23 2.72 -37.00
N SER B 320 -65.30 2.69 -38.33
CA SER B 320 -64.86 3.83 -39.14
C SER B 320 -65.91 4.95 -39.25
N ASN B 321 -67.15 4.65 -38.84
CA ASN B 321 -68.27 5.57 -38.97
C ASN B 321 -68.47 6.47 -37.74
N TYR B 322 -68.19 7.74 -37.91
CA TYR B 322 -68.39 8.70 -36.85
C TYR B 322 -69.09 9.90 -37.45
N VAL B 323 -69.67 10.72 -36.58
CA VAL B 323 -70.30 11.95 -36.99
C VAL B 323 -69.83 13.10 -36.10
N ARG B 324 -69.49 14.21 -36.73
CA ARG B 324 -68.98 15.39 -36.04
C ARG B 324 -70.13 16.22 -35.50
N ARG B 325 -70.01 16.65 -34.24
CA ARG B 325 -70.98 17.54 -33.64
C ARG B 325 -70.20 18.64 -32.92
N GLN B 326 -70.57 19.90 -33.15
CA GLN B 326 -69.82 21.00 -32.55
C GLN B 326 -70.69 21.74 -31.55
N ILE B 327 -70.08 22.35 -30.54
CA ILE B 327 -70.81 23.20 -29.61
C ILE B 327 -71.11 24.51 -30.34
N PRO B 328 -72.01 25.34 -29.79
CA PRO B 328 -72.41 26.58 -30.47
C PRO B 328 -71.21 27.49 -30.65
N SER B 329 -71.24 28.19 -31.78
CA SER B 329 -70.10 28.95 -32.27
C SER B 329 -69.58 30.00 -31.29
N GLU B 330 -70.45 30.64 -30.51
CA GLU B 330 -70.00 31.67 -29.55
C GLU B 330 -69.07 31.13 -28.43
N TYR B 331 -69.11 29.81 -28.23
CA TYR B 331 -68.36 29.16 -27.16
C TYR B 331 -67.06 28.51 -27.65
N GLU B 332 -66.86 28.52 -28.97
CA GLU B 332 -65.68 27.88 -29.56
C GLU B 332 -64.36 28.64 -29.40
N PRO B 333 -64.38 29.96 -29.51
CA PRO B 333 -63.15 30.76 -29.39
C PRO B 333 -62.49 30.54 -28.04
N ASP B 334 -61.16 30.46 -28.06
CA ASP B 334 -60.34 30.31 -26.86
C ASP B 334 -60.66 29.06 -26.06
N ALA B 335 -61.05 27.98 -26.76
CA ALA B 335 -61.51 26.76 -26.09
C ALA B 335 -60.84 25.54 -26.64
N SER B 336 -60.67 24.54 -25.78
CA SER B 336 -60.08 23.28 -26.20
C SER B 336 -60.49 22.14 -25.29
N GLU B 337 -60.03 20.94 -25.63
CA GLU B 337 -60.04 19.78 -24.75
C GLU B 337 -61.32 19.62 -23.90
N PRO B 338 -62.45 19.39 -24.58
CA PRO B 338 -63.72 19.23 -23.86
C PRO B 338 -63.77 17.90 -23.11
N CYS B 339 -64.37 17.90 -21.92
CA CYS B 339 -64.67 16.67 -21.19
C CYS B 339 -66.13 16.36 -21.45
N ILE B 340 -66.43 15.12 -21.82
CA ILE B 340 -67.82 14.76 -22.11
C ILE B 340 -68.26 13.53 -21.33
N LYS B 341 -69.48 13.54 -20.82
CA LYS B 341 -70.08 12.34 -20.23
C LYS B 341 -71.56 12.29 -20.57
N TYR B 342 -72.19 11.13 -20.38
CA TYR B 342 -73.56 10.93 -20.79
C TYR B 342 -74.33 10.25 -19.66
N TYR B 343 -75.38 10.90 -19.18
CA TYR B 343 -76.25 10.34 -18.15
C TYR B 343 -77.72 10.56 -18.49
N ASP B 344 -78.49 9.48 -18.37
CA ASP B 344 -79.95 9.52 -18.53
C ASP B 344 -80.37 10.33 -19.78
N GLY B 345 -79.76 10.00 -20.93
CA GLY B 345 -80.08 10.65 -22.19
C GLY B 345 -79.55 12.06 -22.36
N VAL B 346 -78.66 12.52 -21.48
CA VAL B 346 -78.16 13.88 -21.60
C VAL B 346 -76.65 13.83 -21.75
N LEU B 347 -76.14 14.45 -22.81
CA LEU B 347 -74.71 14.56 -23.03
C LEU B 347 -74.23 15.92 -22.47
N TYR B 348 -73.24 15.85 -21.58
CA TYR B 348 -72.69 17.04 -20.95
C TYR B 348 -71.29 17.28 -21.49
N LEU B 349 -70.93 18.54 -21.71
CA LEU B 349 -69.63 18.86 -22.28
C LEU B 349 -69.10 20.11 -21.56
N ILE B 350 -67.86 20.05 -21.06
CA ILE B 350 -67.18 21.20 -20.45
C ILE B 350 -65.85 21.46 -21.15
N THR B 351 -65.63 22.70 -21.58
CA THR B 351 -64.40 23.09 -22.29
C THR B 351 -63.31 23.59 -21.35
N ARG B 352 -62.08 23.62 -21.88
CA ARG B 352 -60.93 24.28 -21.28
C ARG B 352 -60.81 25.66 -21.93
N GLY B 353 -60.68 26.69 -21.11
CA GLY B 353 -60.31 28.02 -21.60
C GLY B 353 -58.83 28.11 -21.89
N THR B 354 -58.45 28.82 -22.96
CA THR B 354 -57.06 28.88 -23.30
C THR B 354 -56.36 30.14 -22.81
N ARG B 355 -57.12 31.14 -22.37
CA ARG B 355 -56.49 32.33 -21.78
C ARG B 355 -57.30 33.02 -20.70
N GLY B 356 -56.59 33.57 -19.72
CA GLY B 356 -57.23 34.22 -18.58
C GLY B 356 -57.85 35.57 -18.88
N ASP B 357 -57.53 36.14 -20.04
CA ASP B 357 -58.08 37.44 -20.43
C ASP B 357 -59.19 37.40 -21.48
N ARG B 358 -59.72 36.19 -21.75
CA ARG B 358 -60.89 36.03 -22.60
C ARG B 358 -61.86 35.02 -21.96
N LEU B 359 -63.14 35.08 -22.36
CA LEU B 359 -64.14 34.14 -21.82
C LEU B 359 -63.60 32.72 -21.88
N GLY B 360 -63.77 31.97 -20.78
CA GLY B 360 -63.14 30.69 -20.59
C GLY B 360 -64.10 29.50 -20.64
N SER B 361 -63.83 28.55 -19.76
CA SER B 361 -64.60 27.31 -19.69
C SER B 361 -66.09 27.55 -19.75
N SER B 362 -66.78 26.71 -20.54
CA SER B 362 -68.22 26.76 -20.65
C SER B 362 -68.78 25.36 -20.53
N LEU B 363 -70.02 25.26 -20.04
CA LEU B 363 -70.70 23.98 -19.80
C LEU B 363 -71.85 23.88 -20.79
N HIS B 364 -72.05 22.69 -21.36
CA HIS B 364 -73.10 22.50 -22.37
C HIS B 364 -73.84 21.22 -22.11
N ARG B 365 -75.13 21.17 -22.43
CA ARG B 365 -75.89 19.93 -22.36
C ARG B 365 -76.75 19.72 -23.60
N SER B 366 -76.87 18.47 -24.01
CA SER B 366 -77.59 18.10 -25.23
C SER B 366 -78.39 16.84 -25.00
N ARG B 367 -79.65 16.85 -25.48
CA ARG B 367 -80.51 15.66 -25.46
C ARG B 367 -80.56 14.98 -26.82
N ASP B 368 -79.70 15.40 -27.74
CA ASP B 368 -79.65 14.78 -29.06
C ASP B 368 -78.21 14.49 -29.52
N ILE B 369 -77.36 14.09 -28.56
CA ILE B 369 -75.96 13.78 -28.80
C ILE B 369 -75.22 14.88 -29.59
N GLY B 370 -75.44 16.12 -29.17
CA GLY B 370 -74.67 17.24 -29.70
C GLY B 370 -75.23 17.95 -30.91
N GLN B 371 -76.42 17.56 -31.38
CA GLN B 371 -77.02 18.28 -32.50
C GLN B 371 -77.46 19.67 -32.04
N THR B 372 -78.10 19.76 -30.87
CA THR B 372 -78.48 21.05 -30.25
C THR B 372 -78.04 21.09 -28.78
N TRP B 373 -77.88 22.29 -28.23
CA TRP B 373 -77.28 22.47 -26.93
C TRP B 373 -77.95 23.56 -26.11
N GLU B 374 -77.81 23.43 -24.79
CA GLU B 374 -78.08 24.50 -23.84
C GLU B 374 -76.78 24.80 -23.14
N SER B 375 -76.41 26.07 -23.05
CA SER B 375 -75.04 26.45 -22.71
C SER B 375 -74.96 27.46 -21.56
N LEU B 376 -73.85 27.42 -20.85
CA LEU B 376 -73.55 28.41 -19.82
C LEU B 376 -72.06 28.66 -19.70
N ARG B 377 -71.70 29.89 -19.35
CA ARG B 377 -70.32 30.26 -19.16
C ARG B 377 -69.99 30.27 -17.70
N PHE B 378 -68.88 29.66 -17.33
CA PHE B 378 -68.38 29.82 -15.96
C PHE B 378 -67.89 31.27 -15.79
N PRO B 379 -68.18 31.91 -14.66
CA PRO B 379 -67.69 33.27 -14.43
C PRO B 379 -66.16 33.32 -14.34
N HIS B 380 -65.61 34.47 -14.72
CA HIS B 380 -64.19 34.77 -14.49
C HIS B 380 -63.15 33.97 -15.30
N ASN B 381 -63.47 33.65 -16.56
CA ASN B 381 -62.47 33.18 -17.52
C ASN B 381 -61.68 31.98 -16.97
N VAL B 382 -62.36 30.92 -16.54
CA VAL B 382 -61.65 29.72 -16.08
C VAL B 382 -60.79 29.25 -17.25
N HIS B 383 -59.51 28.98 -17.02
CA HIS B 383 -58.60 28.69 -18.12
C HIS B 383 -57.44 27.80 -17.71
N HIS B 384 -56.80 27.22 -18.72
CA HIS B 384 -55.57 26.39 -18.61
C HIS B 384 -55.79 25.00 -18.04
N THR B 385 -57.00 24.75 -17.56
CA THR B 385 -57.33 23.46 -16.95
C THR B 385 -58.47 22.79 -17.70
N THR B 386 -58.44 21.48 -17.84
CA THR B 386 -59.66 20.77 -18.19
C THR B 386 -60.51 20.64 -16.93
N LEU B 387 -61.80 20.35 -17.13
CA LEU B 387 -62.71 20.23 -16.02
C LEU B 387 -63.44 18.89 -16.09
N PRO B 388 -62.73 17.78 -15.83
CA PRO B 388 -63.37 16.46 -15.81
C PRO B 388 -64.35 16.39 -14.64
N PHE B 389 -65.38 15.58 -14.77
CA PHE B 389 -66.49 15.60 -13.85
C PHE B 389 -67.24 14.27 -13.92
N ALA B 390 -68.10 14.03 -12.95
CA ALA B 390 -69.06 12.93 -13.01
C ALA B 390 -70.36 13.51 -12.50
N LYS B 391 -71.47 12.83 -12.73
CA LYS B 391 -72.74 13.29 -12.22
C LYS B 391 -73.15 12.36 -11.09
N VAL B 392 -73.34 12.93 -9.89
CA VAL B 392 -73.75 12.20 -8.69
C VAL B 392 -75.05 12.83 -8.22
N GLY B 393 -76.15 12.08 -8.28
CA GLY B 393 -77.45 12.69 -8.06
C GLY B 393 -77.68 13.81 -9.07
N ASP B 394 -78.20 14.95 -8.61
CA ASP B 394 -78.45 16.10 -9.48
C ASP B 394 -77.19 16.85 -9.86
N ASP B 395 -76.09 16.57 -9.15
CA ASP B 395 -74.90 17.42 -9.22
C ASP B 395 -73.84 16.94 -10.20
N LEU B 396 -73.38 17.86 -11.04
CA LEU B 396 -72.13 17.65 -11.75
C LEU B 396 -71.07 17.98 -10.71
N ILE B 397 -70.16 17.06 -10.46
CA ILE B 397 -69.04 17.35 -9.58
C ILE B 397 -67.80 17.46 -10.42
N MET B 398 -67.22 18.66 -10.46
CA MET B 398 -66.11 18.91 -11.36
C MET B 398 -64.84 19.32 -10.65
N PHE B 399 -63.69 18.89 -11.20
CA PHE B 399 -62.38 19.18 -10.64
C PHE B 399 -61.46 19.91 -11.63
N GLY B 400 -60.70 20.87 -11.14
CA GLY B 400 -59.73 21.56 -11.98
C GLY B 400 -58.54 21.98 -11.15
N SER B 401 -57.40 22.17 -11.81
CA SER B 401 -56.19 22.57 -11.11
C SER B 401 -55.52 23.70 -11.89
N GLU B 402 -55.12 24.77 -11.19
CA GLU B 402 -54.23 25.72 -11.86
C GLU B 402 -52.88 25.04 -12.12
N ARG B 403 -52.20 25.45 -13.19
CA ARG B 403 -50.93 24.80 -13.57
C ARG B 403 -49.72 25.29 -12.76
N ALA B 404 -49.80 26.52 -12.29
CA ALA B 404 -48.81 27.12 -11.42
C ALA B 404 -49.63 28.04 -10.50
N GLU B 405 -49.08 28.37 -9.34
CA GLU B 405 -49.83 29.06 -8.31
C GLU B 405 -50.28 30.44 -8.80
N ASN B 406 -51.51 30.80 -8.44
CA ASN B 406 -52.07 32.13 -8.70
C ASN B 406 -52.35 32.44 -10.19
N GLU B 407 -52.59 31.39 -10.97
CA GLU B 407 -52.96 31.55 -12.38
C GLU B 407 -54.46 31.40 -12.61
N TRP B 408 -55.22 31.03 -11.58
CA TRP B 408 -56.59 30.57 -11.78
C TRP B 408 -57.54 31.71 -12.14
N GLU B 409 -57.31 32.85 -11.51
CA GLU B 409 -58.22 33.96 -11.61
C GLU B 409 -58.17 34.60 -13.00
N ALA B 410 -59.30 35.20 -13.39
CA ALA B 410 -59.38 36.03 -14.59
C ALA B 410 -58.36 37.13 -14.49
N GLY B 411 -57.62 37.35 -15.58
CA GLY B 411 -56.65 38.43 -15.61
C GLY B 411 -55.32 38.08 -14.95
N ALA B 412 -55.26 36.94 -14.27
CA ALA B 412 -53.99 36.54 -13.64
C ALA B 412 -53.01 36.12 -14.71
N PRO B 413 -51.80 36.70 -14.72
CA PRO B 413 -50.79 36.35 -15.70
C PRO B 413 -50.16 34.98 -15.40
N ASP B 414 -49.75 34.28 -16.45
CA ASP B 414 -48.93 33.09 -16.28
C ASP B 414 -47.73 33.47 -15.42
N ASP B 415 -47.36 32.58 -14.53
CA ASP B 415 -46.28 32.81 -13.59
C ASP B 415 -45.45 31.53 -13.58
N ARG B 416 -44.53 31.42 -14.54
CA ARG B 416 -43.76 30.19 -14.75
C ARG B 416 -42.30 30.46 -14.42
N TYR B 417 -41.46 29.42 -14.51
CA TYR B 417 -40.02 29.54 -14.27
C TYR B 417 -39.65 29.88 -12.83
N LYS B 418 -40.55 29.61 -11.89
CA LYS B 418 -40.24 29.66 -10.46
C LYS B 418 -41.12 28.67 -9.73
N ALA B 419 -40.53 27.99 -8.76
CA ALA B 419 -41.24 26.98 -7.99
C ALA B 419 -42.46 27.62 -7.30
N SER B 420 -43.60 26.93 -7.27
CA SER B 420 -44.79 27.47 -6.59
C SER B 420 -45.77 26.35 -6.20
N TYR B 421 -46.87 26.70 -5.52
CA TYR B 421 -47.83 25.73 -5.00
C TYR B 421 -49.24 25.91 -5.64
N PRO B 422 -49.43 25.38 -6.84
CA PRO B 422 -50.72 25.52 -7.51
C PRO B 422 -51.90 24.91 -6.76
N ARG B 423 -53.01 25.64 -6.76
CA ARG B 423 -54.23 25.19 -6.14
C ARG B 423 -55.04 24.23 -7.02
N THR B 424 -55.61 23.21 -6.39
CA THR B 424 -56.59 22.34 -7.03
C THR B 424 -57.95 22.62 -6.39
N PHE B 425 -58.97 22.71 -7.23
CA PHE B 425 -60.32 23.06 -6.82
C PHE B 425 -61.32 22.00 -7.28
N TYR B 426 -62.48 21.97 -6.62
CA TYR B 426 -63.64 21.28 -7.16
C TYR B 426 -64.87 22.17 -6.94
N ALA B 427 -65.91 21.89 -7.71
CA ALA B 427 -67.19 22.58 -7.53
C ALA B 427 -68.33 21.62 -7.86
N ARG B 428 -69.50 21.94 -7.31
CA ARG B 428 -70.72 21.22 -7.63
C ARG B 428 -71.65 22.14 -8.36
N LEU B 429 -72.31 21.61 -9.39
CA LEU B 429 -73.39 22.34 -10.06
C LEU B 429 -74.60 21.43 -10.23
N ASN B 430 -75.72 21.88 -9.71
CA ASN B 430 -76.96 21.15 -9.85
C ASN B 430 -77.55 21.34 -11.25
N VAL B 431 -77.74 20.24 -11.99
CA VAL B 431 -78.16 20.34 -13.39
C VAL B 431 -79.58 20.89 -13.54
N ASN B 432 -80.36 20.79 -12.45
CA ASN B 432 -81.71 21.35 -12.45
C ASN B 432 -81.68 22.84 -12.16
N ASN B 433 -80.52 23.39 -11.82
CA ASN B 433 -80.43 24.86 -11.66
C ASN B 433 -79.71 25.63 -12.78
N TRP B 434 -79.07 24.89 -13.68
CA TRP B 434 -78.42 25.41 -14.91
C TRP B 434 -77.96 26.88 -14.96
N ASN B 435 -77.15 27.25 -13.98
CA ASN B 435 -76.55 28.56 -13.91
C ASN B 435 -75.26 28.41 -13.14
N ALA B 436 -74.19 29.01 -13.62
CA ALA B 436 -72.93 28.94 -12.89
C ALA B 436 -72.53 30.26 -12.24
N ASP B 437 -73.42 31.25 -12.26
CA ASP B 437 -73.05 32.58 -11.76
C ASP B 437 -72.48 32.58 -10.34
N ASP B 438 -73.05 31.73 -9.49
CA ASP B 438 -72.71 31.70 -8.08
C ASP B 438 -71.94 30.43 -7.70
N ILE B 439 -71.26 29.85 -8.70
CA ILE B 439 -70.45 28.64 -8.52
C ILE B 439 -69.38 28.87 -7.45
N GLU B 440 -69.17 27.87 -6.61
CA GLU B 440 -68.21 27.98 -5.53
C GLU B 440 -67.04 27.02 -5.79
N TRP B 441 -65.89 27.58 -6.19
CA TRP B 441 -64.70 26.74 -6.43
C TRP B 441 -63.99 26.57 -5.10
N VAL B 442 -63.87 25.31 -4.64
CA VAL B 442 -63.32 25.01 -3.33
C VAL B 442 -61.95 24.36 -3.49
N ASN B 443 -60.93 25.08 -3.03
CA ASN B 443 -59.53 24.62 -2.99
C ASN B 443 -59.41 23.53 -1.94
N ILE B 444 -59.14 22.30 -2.37
CA ILE B 444 -59.16 21.14 -1.47
C ILE B 444 -57.75 20.56 -1.27
N THR B 445 -56.84 20.87 -2.20
CA THR B 445 -55.44 20.42 -2.07
C THR B 445 -54.54 21.32 -2.89
N ASP B 446 -53.29 21.45 -2.46
CA ASP B 446 -52.26 22.21 -3.20
C ASP B 446 -51.16 21.26 -3.68
N GLN B 447 -50.72 21.47 -4.91
CA GLN B 447 -49.64 20.67 -5.53
C GLN B 447 -48.37 21.53 -5.64
N ILE B 448 -47.33 21.01 -6.26
CA ILE B 448 -46.08 21.73 -6.51
C ILE B 448 -45.89 21.83 -8.01
N TYR B 449 -45.44 23.02 -8.45
CA TYR B 449 -45.03 23.24 -9.83
C TYR B 449 -43.53 23.53 -9.70
N GLN B 450 -42.70 22.70 -10.32
CA GLN B 450 -41.25 22.72 -10.05
C GLN B 450 -40.56 24.02 -10.52
N GLY B 451 -40.92 24.48 -11.72
CA GLY B 451 -40.43 25.76 -12.20
C GLY B 451 -39.16 25.73 -13.05
N GLY B 452 -38.53 24.56 -13.18
CA GLY B 452 -37.31 24.43 -13.98
C GLY B 452 -37.52 24.54 -15.48
N ILE B 453 -38.73 24.33 -15.95
CA ILE B 453 -39.11 24.58 -17.34
C ILE B 453 -40.48 25.26 -17.32
N VAL B 454 -40.87 25.83 -18.46
CA VAL B 454 -42.10 26.62 -18.51
C VAL B 454 -43.34 25.73 -18.38
N ASN B 455 -43.23 24.51 -18.90
CA ASN B 455 -44.35 23.57 -18.89
C ASN B 455 -44.65 23.04 -17.49
N SER B 456 -45.91 22.66 -17.26
CA SER B 456 -46.32 22.13 -15.97
C SER B 456 -47.05 20.83 -16.23
N GLY B 457 -46.69 19.82 -15.46
CA GLY B 457 -47.44 18.56 -15.47
C GLY B 457 -48.61 18.55 -14.50
N VAL B 458 -48.86 19.67 -13.82
CA VAL B 458 -49.95 19.63 -12.83
C VAL B 458 -51.32 19.69 -13.45
N GLY B 459 -52.23 18.86 -12.93
CA GLY B 459 -53.62 18.91 -13.30
C GLY B 459 -53.89 18.06 -14.52
N VAL B 460 -54.63 18.65 -15.46
CA VAL B 460 -55.11 17.99 -16.67
C VAL B 460 -55.47 16.51 -16.43
N GLY B 461 -56.47 16.35 -15.58
CA GLY B 461 -56.82 15.07 -15.01
C GLY B 461 -58.06 14.40 -15.55
N SER B 462 -58.61 13.49 -14.75
CA SER B 462 -59.70 12.65 -15.22
C SER B 462 -60.43 12.22 -13.96
N VAL B 463 -61.75 12.02 -14.08
CA VAL B 463 -62.63 11.79 -12.94
C VAL B 463 -63.45 10.49 -13.11
N VAL B 464 -63.55 9.71 -12.05
CA VAL B 464 -64.45 8.54 -12.03
C VAL B 464 -65.15 8.42 -10.69
N VAL B 465 -66.31 7.77 -10.71
CA VAL B 465 -67.01 7.43 -9.46
C VAL B 465 -66.96 5.92 -9.30
N LYS B 466 -66.63 5.46 -8.10
CA LYS B 466 -66.81 4.05 -7.75
C LYS B 466 -67.54 3.99 -6.44
N ASP B 467 -68.66 3.29 -6.45
CA ASP B 467 -69.54 3.24 -5.27
C ASP B 467 -69.81 4.64 -4.72
N ASN B 468 -69.51 4.87 -3.45
CA ASN B 468 -69.80 6.17 -2.80
C ASN B 468 -68.61 7.14 -2.76
N TYR B 469 -67.64 6.94 -3.64
CA TYR B 469 -66.49 7.84 -3.73
C TYR B 469 -66.31 8.36 -5.16
N ILE B 470 -65.89 9.62 -5.26
CA ILE B 470 -65.47 10.21 -6.52
C ILE B 470 -63.95 10.34 -6.48
N TYR B 471 -63.31 10.14 -7.63
CA TYR B 471 -61.86 10.14 -7.76
C TYR B 471 -61.37 11.09 -8.83
N TYR B 472 -60.43 11.95 -8.47
CA TYR B 472 -59.83 12.87 -9.43
C TYR B 472 -58.34 12.50 -9.56
N MET B 473 -57.96 12.02 -10.73
CA MET B 473 -56.59 11.61 -11.00
C MET B 473 -55.92 12.68 -11.85
N PHE B 474 -54.76 13.15 -11.40
CA PHE B 474 -54.19 14.38 -11.97
C PHE B 474 -52.71 14.46 -11.69
N GLY B 475 -52.01 15.31 -12.43
CA GLY B 475 -50.57 15.36 -12.30
C GLY B 475 -50.20 16.31 -11.18
N GLY B 476 -49.02 16.11 -10.62
CA GLY B 476 -48.46 17.04 -9.65
C GLY B 476 -46.96 16.89 -9.76
N GLU B 477 -46.21 17.94 -9.42
CA GLU B 477 -44.74 17.85 -9.49
C GLU B 477 -44.14 17.83 -8.09
N ASP B 478 -42.82 17.92 -8.03
CA ASP B 478 -42.10 18.04 -6.77
C ASP B 478 -40.97 19.03 -7.04
N HIS B 479 -40.14 19.31 -6.04
CA HIS B 479 -39.12 20.33 -6.24
C HIS B 479 -37.84 19.84 -6.94
N PHE B 480 -37.83 18.59 -7.39
CA PHE B 480 -36.61 18.08 -8.04
C PHE B 480 -36.56 18.51 -9.52
N ASN B 481 -35.58 19.37 -9.85
CA ASN B 481 -35.38 19.87 -11.23
C ASN B 481 -35.03 18.74 -12.22
N PRO B 482 -35.64 18.71 -13.41
CA PRO B 482 -35.27 17.71 -14.43
C PRO B 482 -33.91 18.01 -15.09
N TRP B 483 -33.35 19.18 -14.80
CA TRP B 483 -32.06 19.62 -15.38
C TRP B 483 -32.05 19.73 -16.91
N THR B 484 -33.21 20.08 -17.48
CA THR B 484 -33.31 20.44 -18.89
C THR B 484 -32.34 21.60 -19.18
N TYR B 485 -32.42 22.63 -18.33
CA TYR B 485 -31.41 23.68 -18.29
C TYR B 485 -30.40 23.26 -17.24
N GLY B 486 -29.33 22.63 -17.72
CA GLY B 486 -28.48 21.80 -16.88
C GLY B 486 -27.91 20.66 -17.67
N ASP B 487 -27.56 19.59 -16.96
CA ASP B 487 -26.80 18.51 -17.56
C ASP B 487 -27.67 17.44 -18.26
N ASN B 488 -28.97 17.66 -18.29
CA ASN B 488 -29.89 16.70 -18.90
C ASN B 488 -30.80 17.38 -19.94
N SER B 489 -30.20 18.17 -20.82
CA SER B 489 -30.91 18.80 -21.93
C SER B 489 -31.58 17.74 -22.85
N ALA B 490 -31.01 16.54 -22.91
CA ALA B 490 -31.61 15.40 -23.65
C ALA B 490 -32.83 14.77 -22.95
N LYS B 491 -33.09 15.18 -21.70
CA LYS B 491 -34.30 14.79 -20.96
C LYS B 491 -34.40 13.27 -20.65
N ASP B 492 -33.25 12.62 -20.54
CA ASP B 492 -33.17 11.21 -20.19
C ASP B 492 -33.79 10.98 -18.80
N PRO B 493 -34.88 10.21 -18.72
CA PRO B 493 -35.56 10.01 -17.43
C PRO B 493 -34.65 9.37 -16.39
N PHE B 494 -33.64 8.61 -16.81
CA PHE B 494 -32.90 7.78 -15.88
C PHE B 494 -31.68 8.44 -15.28
N LYS B 495 -31.48 9.71 -15.62
CA LYS B 495 -30.43 10.52 -14.97
C LYS B 495 -31.00 11.29 -13.79
N SER B 496 -30.21 11.35 -12.72
CA SER B 496 -30.58 12.04 -11.48
C SER B 496 -32.04 11.68 -11.08
N ASP B 497 -32.89 12.66 -10.83
CA ASP B 497 -34.25 12.36 -10.37
C ASP B 497 -35.26 12.27 -11.51
N GLY B 498 -34.77 12.28 -12.75
CA GLY B 498 -35.67 12.28 -13.89
C GLY B 498 -36.65 13.42 -13.81
N HIS B 499 -37.90 13.15 -14.19
CA HIS B 499 -38.88 14.19 -14.36
C HIS B 499 -39.83 14.23 -13.17
N PRO B 500 -40.09 15.43 -12.63
CA PRO B 500 -40.83 15.56 -11.37
C PRO B 500 -42.31 15.27 -11.49
N SER B 501 -42.90 15.28 -12.68
CA SER B 501 -44.36 15.08 -12.76
C SER B 501 -44.72 13.63 -12.48
N ASP B 502 -45.69 13.43 -11.60
CA ASP B 502 -46.23 12.11 -11.27
C ASP B 502 -47.71 12.26 -11.00
N LEU B 503 -48.45 11.15 -10.94
CA LEU B 503 -49.89 11.22 -10.77
C LEU B 503 -50.31 11.18 -9.31
N TYR B 504 -51.39 11.91 -9.03
CA TYR B 504 -52.01 11.89 -7.71
C TYR B 504 -53.49 11.57 -7.92
N CYS B 505 -54.20 11.22 -6.84
CA CYS B 505 -55.63 10.97 -6.91
C CYS B 505 -56.30 11.52 -5.65
N TYR B 506 -57.26 12.42 -5.82
CA TYR B 506 -58.03 12.89 -4.68
C TYR B 506 -59.25 12.01 -4.61
N LYS B 507 -59.44 11.35 -3.47
CA LYS B 507 -60.60 10.48 -3.25
C LYS B 507 -61.57 11.20 -2.31
N MET B 508 -62.79 11.45 -2.79
CA MET B 508 -63.74 12.26 -2.04
C MET B 508 -65.03 11.48 -1.81
N LYS B 509 -65.50 11.45 -0.58
CA LYS B 509 -66.70 10.72 -0.24
C LYS B 509 -67.91 11.49 -0.76
N ILE B 510 -68.80 10.78 -1.43
CA ILE B 510 -69.93 11.34 -2.17
C ILE B 510 -71.30 10.79 -1.71
N GLY B 511 -71.27 9.82 -0.81
CA GLY B 511 -72.49 9.20 -0.28
C GLY B 511 -72.13 8.38 0.94
N PRO B 512 -73.13 7.93 1.68
CA PRO B 512 -72.90 7.25 2.96
C PRO B 512 -72.12 5.96 2.80
N ASP B 513 -71.38 5.66 3.85
CA ASP B 513 -70.62 4.43 3.94
C ASP B 513 -71.19 3.60 5.09
N ASN B 514 -71.94 2.56 4.74
CA ASN B 514 -72.63 1.71 5.72
C ASN B 514 -71.83 0.50 6.16
N ARG B 515 -70.52 0.60 6.01
CA ARG B 515 -69.56 -0.39 6.45
C ARG B 515 -68.51 0.23 7.38
N VAL B 516 -67.89 -0.64 8.17
CA VAL B 516 -66.76 -0.31 9.01
C VAL B 516 -65.57 0.00 8.05
N SER B 517 -64.60 0.79 8.50
CA SER B 517 -63.45 1.22 7.67
C SER B 517 -62.69 0.07 6.98
N ARG B 518 -62.31 0.23 5.70
CA ARG B 518 -61.39 -0.67 5.01
C ARG B 518 -59.95 -0.11 5.01
N ASP B 519 -59.76 1.07 5.59
CA ASP B 519 -58.45 1.74 5.57
C ASP B 519 -57.36 0.94 6.28
N PHE B 520 -56.17 0.90 5.68
CA PHE B 520 -54.99 0.36 6.34
C PHE B 520 -53.81 1.29 6.13
N ARG B 521 -52.84 1.18 7.04
CA ARG B 521 -51.51 1.71 6.79
C ARG B 521 -50.67 0.67 6.05
N TYR B 522 -50.01 1.11 4.98
CA TYR B 522 -49.18 0.20 4.21
C TYR B 522 -47.83 0.00 4.93
N GLY B 523 -47.56 -1.22 5.38
CA GLY B 523 -46.34 -1.50 6.13
C GLY B 523 -45.50 -2.63 5.52
N ALA B 524 -45.88 -3.06 4.31
CA ALA B 524 -45.22 -4.15 3.58
C ALA B 524 -44.06 -3.65 2.78
N VAL B 525 -43.14 -4.55 2.44
CA VAL B 525 -42.15 -4.27 1.41
C VAL B 525 -42.91 -4.39 0.07
N PRO B 526 -42.94 -3.33 -0.74
CA PRO B 526 -43.56 -3.42 -2.07
C PRO B 526 -42.83 -4.48 -2.86
N ASN B 527 -43.52 -5.56 -3.20
CA ASN B 527 -42.80 -6.72 -3.72
C ASN B 527 -43.47 -7.27 -4.97
N ARG B 528 -44.08 -6.38 -5.76
CA ARG B 528 -44.73 -6.74 -7.03
C ARG B 528 -43.86 -6.43 -8.25
N ALA B 529 -43.24 -5.26 -8.25
CA ALA B 529 -42.47 -4.79 -9.40
C ALA B 529 -41.20 -5.62 -9.58
N VAL B 530 -40.41 -5.78 -8.51
CA VAL B 530 -39.26 -6.69 -8.52
C VAL B 530 -39.43 -7.64 -7.33
N PRO B 531 -40.18 -8.73 -7.50
CA PRO B 531 -40.52 -9.62 -6.37
C PRO B 531 -39.26 -10.28 -5.82
N VAL B 532 -38.94 -9.99 -4.56
CA VAL B 532 -37.74 -10.52 -3.93
C VAL B 532 -38.10 -11.37 -2.73
N PHE B 533 -37.43 -12.50 -2.62
CA PHE B 533 -37.58 -13.39 -1.46
C PHE B 533 -36.21 -13.80 -1.01
N PHE B 534 -35.96 -13.75 0.30
CA PHE B 534 -34.73 -14.37 0.83
C PHE B 534 -34.90 -15.88 0.77
N ASP B 535 -34.05 -16.53 -0.04
CA ASP B 535 -34.06 -18.00 -0.15
C ASP B 535 -33.52 -18.65 1.12
N THR B 536 -33.57 -19.97 1.21
CA THR B 536 -33.16 -20.71 2.41
C THR B 536 -31.66 -20.59 2.69
N ASN B 537 -30.92 -20.10 1.69
CA ASN B 537 -29.52 -19.79 1.86
C ASN B 537 -29.25 -18.30 2.15
N GLY B 538 -30.30 -17.53 2.41
CA GLY B 538 -30.14 -16.16 2.86
C GLY B 538 -29.87 -15.14 1.79
N VAL B 539 -30.12 -15.52 0.53
CA VAL B 539 -29.82 -14.65 -0.61
C VAL B 539 -31.09 -14.17 -1.29
N ARG B 540 -31.15 -12.87 -1.53
CA ARG B 540 -32.22 -12.24 -2.30
C ARG B 540 -32.46 -12.93 -3.62
N THR B 541 -33.68 -13.43 -3.83
CA THR B 541 -33.98 -14.20 -5.03
C THR B 541 -35.20 -13.64 -5.75
N VAL B 542 -35.06 -13.38 -7.05
CA VAL B 542 -36.13 -12.83 -7.88
C VAL B 542 -36.57 -13.93 -8.85
N PRO B 543 -37.76 -14.50 -8.65
CA PRO B 543 -38.28 -15.56 -9.52
C PRO B 543 -39.02 -15.09 -10.77
N ALA B 544 -39.39 -13.81 -10.87
CA ALA B 544 -40.15 -13.29 -12.01
C ALA B 544 -39.24 -13.19 -13.24
N PRO B 545 -39.73 -13.43 -14.45
CA PRO B 545 -38.95 -13.11 -15.65
C PRO B 545 -38.84 -11.61 -15.76
N MET B 546 -37.70 -11.13 -16.22
CA MET B 546 -37.47 -9.69 -16.26
C MET B 546 -36.67 -9.31 -17.49
N GLU B 547 -36.84 -8.07 -17.91
CA GLU B 547 -36.09 -7.50 -19.01
C GLU B 547 -35.37 -6.27 -18.52
N PHE B 548 -34.06 -6.21 -18.75
CA PHE B 548 -33.26 -5.03 -18.44
C PHE B 548 -32.82 -4.47 -19.78
N THR B 549 -33.32 -3.31 -20.18
CA THR B 549 -32.97 -2.81 -21.50
C THR B 549 -31.89 -1.75 -21.44
N GLY B 550 -31.65 -1.23 -20.24
CA GLY B 550 -30.62 -0.22 -20.05
C GLY B 550 -29.26 -0.87 -19.93
N ASP B 551 -28.19 -0.10 -20.08
CA ASP B 551 -26.83 -0.63 -19.98
C ASP B 551 -26.57 -1.22 -18.61
N LEU B 552 -26.06 -2.44 -18.57
CA LEU B 552 -25.85 -3.13 -17.30
C LEU B 552 -24.37 -3.38 -17.06
N GLY B 553 -23.92 -3.09 -15.83
CA GLY B 553 -22.60 -3.50 -15.40
C GLY B 553 -22.76 -4.59 -14.34
N LEU B 554 -22.12 -5.73 -14.55
CA LEU B 554 -22.20 -6.85 -13.61
C LEU B 554 -20.86 -7.15 -12.96
N GLY B 555 -20.88 -7.71 -11.75
CA GLY B 555 -19.68 -8.13 -11.07
C GLY B 555 -19.41 -9.59 -11.40
N HIS B 556 -19.15 -10.41 -10.40
CA HIS B 556 -18.97 -11.84 -10.63
C HIS B 556 -20.32 -12.44 -11.00
N VAL B 557 -20.36 -13.19 -12.10
CA VAL B 557 -21.60 -13.76 -12.62
C VAL B 557 -21.47 -15.27 -12.69
N THR B 558 -22.45 -15.96 -12.13
CA THR B 558 -22.60 -17.39 -12.32
C THR B 558 -23.87 -17.59 -13.12
N ILE B 559 -23.79 -18.35 -14.21
CA ILE B 559 -24.99 -18.75 -14.96
C ILE B 559 -25.39 -20.17 -14.51
N ARG B 560 -26.54 -20.27 -13.86
CA ARG B 560 -26.95 -21.53 -13.24
C ARG B 560 -27.62 -22.45 -14.25
N ALA B 561 -27.67 -23.74 -13.96
CA ALA B 561 -28.40 -24.70 -14.78
C ALA B 561 -29.86 -24.23 -14.89
N SER B 562 -30.41 -24.22 -16.10
CA SER B 562 -31.76 -23.68 -16.29
C SER B 562 -32.57 -24.38 -17.37
N THR B 563 -31.88 -25.15 -18.21
CA THR B 563 -32.44 -25.50 -19.51
C THR B 563 -32.33 -26.99 -19.84
N SER B 564 -33.40 -27.53 -20.46
CA SER B 564 -33.47 -28.92 -20.92
C SER B 564 -33.34 -29.89 -19.72
N SER B 565 -34.38 -29.89 -18.88
CA SER B 565 -34.38 -30.57 -17.55
C SER B 565 -33.19 -30.17 -16.66
N ASN B 566 -32.82 -28.88 -16.73
CA ASN B 566 -31.70 -28.30 -16.01
C ASN B 566 -30.35 -29.00 -16.22
N ILE B 567 -30.16 -29.58 -17.41
CA ILE B 567 -28.86 -30.20 -17.72
C ILE B 567 -27.79 -29.15 -18.02
N ARG B 568 -28.22 -28.00 -18.55
CA ARG B 568 -27.27 -27.00 -19.01
C ARG B 568 -27.60 -25.59 -18.56
N SER B 569 -26.53 -24.79 -18.43
CA SER B 569 -26.64 -23.34 -18.33
C SER B 569 -26.61 -22.81 -19.76
N GLU B 570 -27.29 -21.70 -19.98
CA GLU B 570 -27.49 -21.20 -21.34
C GLU B 570 -27.49 -19.69 -21.40
N VAL B 571 -26.69 -19.16 -22.33
CA VAL B 571 -26.77 -17.77 -22.73
C VAL B 571 -27.03 -17.76 -24.24
N LEU B 572 -28.07 -17.04 -24.66
CA LEU B 572 -28.42 -16.87 -26.06
C LEU B 572 -28.20 -15.43 -26.51
N MET B 573 -27.51 -15.26 -27.64
CA MET B 573 -27.25 -13.91 -28.17
C MET B 573 -28.15 -13.57 -29.35
N GLU B 574 -28.85 -12.45 -29.24
CA GLU B 574 -29.72 -12.02 -30.34
C GLU B 574 -29.06 -11.04 -31.30
N GLY B 575 -29.85 -10.38 -32.14
CA GLY B 575 -29.34 -9.50 -33.17
C GLY B 575 -28.89 -10.27 -34.41
N GLU B 576 -28.34 -9.54 -35.39
CA GLU B 576 -27.71 -10.18 -36.54
C GLU B 576 -26.56 -11.06 -36.07
N TYR B 577 -25.75 -10.52 -35.16
CA TYR B 577 -24.58 -11.19 -34.65
C TYR B 577 -24.34 -10.80 -33.20
N GLY B 578 -23.58 -11.63 -32.49
CA GLY B 578 -23.27 -11.37 -31.10
C GLY B 578 -21.80 -11.01 -31.07
N PHE B 579 -21.40 -10.20 -30.09
CA PHE B 579 -20.01 -9.86 -29.90
C PHE B 579 -19.69 -10.06 -28.43
N ILE B 580 -18.66 -10.85 -28.16
CA ILE B 580 -18.12 -11.00 -26.82
C ILE B 580 -16.67 -10.54 -26.90
N GLY B 581 -16.36 -9.45 -26.22
CA GLY B 581 -15.05 -8.84 -26.32
C GLY B 581 -14.45 -8.39 -25.02
N LYS B 582 -13.28 -7.77 -25.12
CA LYS B 582 -12.47 -7.44 -23.98
C LYS B 582 -12.08 -5.97 -24.04
N SER B 583 -12.40 -5.24 -22.98
CA SER B 583 -12.04 -3.84 -22.87
C SER B 583 -10.54 -3.69 -22.77
N ILE B 584 -10.07 -2.47 -23.05
CA ILE B 584 -8.68 -2.15 -22.79
C ILE B 584 -8.50 -1.97 -21.27
N PRO B 585 -7.65 -2.77 -20.63
CA PRO B 585 -7.37 -2.66 -19.20
C PRO B 585 -6.82 -1.28 -18.80
N THR B 586 -7.18 -0.83 -17.60
CA THR B 586 -6.78 0.47 -17.10
C THR B 586 -5.31 0.46 -16.70
N ASP B 587 -4.93 -0.55 -15.93
CA ASP B 587 -3.62 -0.57 -15.30
C ASP B 587 -2.58 -1.26 -16.16
N ASN B 588 -2.91 -2.46 -16.64
CA ASN B 588 -1.96 -3.25 -17.41
C ASN B 588 -2.54 -3.63 -18.76
N PRO B 589 -2.62 -2.69 -19.71
CA PRO B 589 -3.11 -3.02 -21.06
C PRO B 589 -2.26 -4.11 -21.72
N ALA B 590 -0.99 -4.25 -21.33
CA ALA B 590 -0.13 -5.30 -21.86
C ALA B 590 -0.61 -6.72 -21.55
N GLY B 591 -1.58 -6.84 -20.65
CA GLY B 591 -2.15 -8.15 -20.33
C GLY B 591 -3.48 -8.46 -21.01
N GLN B 592 -3.97 -7.52 -21.83
CA GLN B 592 -5.32 -7.63 -22.42
C GLN B 592 -5.59 -8.97 -23.12
N ARG B 593 -6.58 -9.71 -22.63
CA ARG B 593 -6.94 -11.00 -23.22
C ARG B 593 -8.25 -11.53 -22.63
N ILE B 594 -8.84 -12.52 -23.29
CA ILE B 594 -9.93 -13.32 -22.69
C ILE B 594 -9.56 -14.78 -22.72
N ILE B 595 -9.78 -15.48 -21.60
CA ILE B 595 -9.56 -16.92 -21.49
C ILE B 595 -10.91 -17.61 -21.52
N PHE B 596 -11.09 -18.56 -22.43
CA PHE B 596 -12.34 -19.33 -22.49
C PHE B 596 -11.94 -20.69 -22.00
N CYS B 597 -12.70 -21.28 -21.06
CA CYS B 597 -12.26 -22.52 -20.42
C CYS B 597 -13.39 -23.52 -20.22
N GLY B 598 -13.12 -24.78 -20.55
CA GLY B 598 -14.04 -25.87 -20.32
C GLY B 598 -14.05 -26.37 -18.89
N GLY B 599 -13.25 -25.74 -18.03
CA GLY B 599 -13.11 -26.10 -16.63
C GLY B 599 -13.21 -24.89 -15.71
N GLU B 600 -13.06 -25.13 -14.40
CA GLU B 600 -13.47 -24.20 -13.34
C GLU B 600 -12.52 -23.04 -13.02
N GLY B 601 -11.29 -23.12 -13.51
CA GLY B 601 -10.27 -22.14 -13.11
C GLY B 601 -9.40 -21.62 -14.24
N THR B 602 -8.59 -20.61 -13.93
CA THR B 602 -7.73 -20.00 -14.95
C THR B 602 -6.60 -20.94 -15.34
N SER B 603 -6.24 -21.86 -14.45
CA SER B 603 -5.25 -22.86 -14.80
C SER B 603 -5.77 -23.80 -15.88
N SER B 604 -4.93 -24.02 -16.90
CA SER B 604 -5.20 -24.93 -18.01
C SER B 604 -5.36 -26.37 -17.51
N THR B 605 -4.78 -26.60 -16.34
CA THR B 605 -5.02 -27.77 -15.51
C THR B 605 -6.52 -28.13 -15.30
N THR B 606 -7.39 -27.14 -15.19
CA THR B 606 -8.83 -27.38 -14.93
C THR B 606 -9.66 -27.75 -16.17
N GLY B 607 -9.15 -27.47 -17.36
CA GLY B 607 -9.91 -27.71 -18.58
C GLY B 607 -9.21 -27.16 -19.80
N ALA B 608 -9.70 -27.53 -20.97
CA ALA B 608 -9.19 -26.99 -22.23
C ALA B 608 -9.46 -25.49 -22.32
N GLN B 609 -8.56 -24.74 -22.93
CA GLN B 609 -8.70 -23.29 -23.01
C GLN B 609 -8.39 -22.77 -24.38
N ILE B 610 -9.08 -21.71 -24.77
CA ILE B 610 -8.63 -20.88 -25.87
C ILE B 610 -8.48 -19.48 -25.30
N THR B 611 -7.32 -18.90 -25.54
CA THR B 611 -7.03 -17.58 -25.04
C THR B 611 -6.84 -16.68 -26.24
N LEU B 612 -7.64 -15.62 -26.31
CA LEU B 612 -7.54 -14.65 -27.41
C LEU B 612 -6.85 -13.42 -26.84
N TYR B 613 -5.69 -13.07 -27.38
CA TYR B 613 -4.96 -11.91 -26.89
C TYR B 613 -5.39 -10.61 -27.57
N GLY B 614 -5.41 -9.54 -26.80
CA GLY B 614 -5.77 -8.23 -27.32
C GLY B 614 -4.65 -7.65 -28.16
N ALA B 615 -4.97 -6.62 -28.93
CA ALA B 615 -3.96 -5.94 -29.73
C ALA B 615 -3.02 -5.16 -28.82
N ASN B 616 -3.46 -4.83 -27.61
CA ASN B 616 -2.62 -4.10 -26.65
C ASN B 616 -1.69 -5.03 -25.85
N ASN B 617 -1.93 -6.33 -25.93
CA ASN B 617 -1.13 -7.30 -25.23
C ASN B 617 0.28 -7.32 -25.77
N THR B 618 1.23 -7.63 -24.88
CA THR B 618 2.64 -7.85 -25.24
C THR B 618 2.72 -8.77 -26.45
N ASP B 619 1.97 -9.87 -26.40
CA ASP B 619 1.78 -10.75 -27.55
C ASP B 619 0.54 -10.37 -28.35
N SER B 620 0.72 -9.38 -29.22
CA SER B 620 -0.39 -8.73 -29.89
C SER B 620 -1.17 -9.70 -30.78
N ARG B 621 -2.45 -9.88 -30.47
CA ARG B 621 -3.37 -10.69 -31.29
C ARG B 621 -2.99 -12.18 -31.37
N ARG B 622 -2.23 -12.66 -30.39
CA ARG B 622 -1.92 -14.08 -30.30
C ARG B 622 -3.21 -14.87 -30.00
N ILE B 623 -3.28 -16.09 -30.50
CA ILE B 623 -4.24 -17.06 -30.00
C ILE B 623 -3.48 -18.25 -29.48
N VAL B 624 -3.84 -18.71 -28.28
CA VAL B 624 -3.28 -19.97 -27.79
C VAL B 624 -4.45 -20.93 -27.59
N TYR B 625 -4.37 -22.07 -28.27
CA TYR B 625 -5.33 -23.14 -28.09
C TYR B 625 -4.64 -24.20 -27.24
N ASN B 626 -5.25 -24.51 -26.09
CA ASN B 626 -4.60 -25.37 -25.11
C ASN B 626 -5.52 -26.49 -24.71
N GLY B 627 -5.26 -27.70 -25.19
CA GLY B 627 -6.05 -28.86 -24.79
C GLY B 627 -5.22 -30.11 -24.91
N ASP B 628 -5.71 -31.24 -24.41
CA ASP B 628 -4.98 -32.50 -24.54
C ASP B 628 -5.33 -33.24 -25.83
N GLU B 629 -6.33 -32.72 -26.55
CA GLU B 629 -6.60 -33.10 -27.93
C GLU B 629 -7.13 -31.86 -28.65
N HIS B 630 -6.75 -31.69 -29.92
CA HIS B 630 -7.30 -30.66 -30.79
C HIS B 630 -7.89 -31.43 -31.98
N LEU B 631 -9.22 -31.55 -32.05
CA LEU B 631 -9.85 -32.35 -33.09
C LEU B 631 -10.71 -31.47 -34.00
N PHE B 632 -10.32 -31.40 -35.27
CA PHE B 632 -11.05 -30.60 -36.25
C PHE B 632 -11.98 -31.51 -37.02
N GLN B 633 -13.27 -31.31 -36.74
CA GLN B 633 -14.35 -32.13 -37.28
C GLN B 633 -15.05 -31.44 -38.43
N SER B 634 -15.55 -32.24 -39.39
CA SER B 634 -16.43 -31.81 -40.49
C SER B 634 -15.84 -30.99 -41.64
N ALA B 635 -14.58 -30.58 -41.56
CA ALA B 635 -13.96 -29.77 -42.61
C ALA B 635 -12.44 -29.84 -42.56
N ASP B 636 -11.82 -29.63 -43.72
CA ASP B 636 -10.37 -29.51 -43.81
C ASP B 636 -9.87 -28.38 -42.91
N VAL B 637 -8.62 -28.48 -42.47
CA VAL B 637 -7.97 -27.39 -41.75
C VAL B 637 -7.22 -26.58 -42.81
N LYS B 638 -7.70 -25.37 -43.12
CA LYS B 638 -7.12 -24.58 -44.22
C LYS B 638 -6.72 -23.17 -43.80
N PRO B 639 -5.78 -22.57 -44.53
CA PRO B 639 -5.48 -21.15 -44.39
C PRO B 639 -6.58 -20.35 -45.09
N TYR B 640 -6.87 -19.17 -44.56
CA TYR B 640 -7.87 -18.28 -45.13
C TYR B 640 -7.51 -17.86 -46.56
N ASN B 641 -6.21 -17.60 -46.79
CA ASN B 641 -5.71 -17.18 -48.10
C ASN B 641 -4.86 -18.28 -48.75
N ASP B 642 -4.55 -18.12 -50.03
CA ASP B 642 -3.87 -19.13 -50.81
C ASP B 642 -2.40 -18.83 -50.91
N ASN B 643 -1.57 -19.81 -50.50
CA ASN B 643 -0.12 -19.70 -50.64
C ASN B 643 0.51 -18.50 -49.93
N VAL B 644 -0.01 -18.18 -48.74
CA VAL B 644 0.46 -17.01 -47.99
C VAL B 644 0.97 -17.39 -46.59
N THR B 645 0.31 -18.35 -45.96
CA THR B 645 0.72 -18.81 -44.63
C THR B 645 1.12 -20.28 -44.60
N ALA B 646 1.78 -20.66 -43.50
CA ALA B 646 2.41 -21.97 -43.42
C ALA B 646 1.86 -22.81 -42.29
N LEU B 647 2.23 -24.09 -42.32
CA LEU B 647 2.06 -24.98 -41.18
C LEU B 647 3.42 -25.01 -40.50
N GLY B 648 3.46 -24.57 -39.25
CA GLY B 648 4.70 -24.47 -38.50
C GLY B 648 5.58 -23.30 -38.89
N GLY B 649 6.74 -23.22 -38.27
CA GLY B 649 7.80 -22.27 -38.58
C GLY B 649 9.13 -22.89 -38.20
N PRO B 650 10.24 -22.22 -38.50
CA PRO B 650 11.58 -22.77 -38.18
C PRO B 650 11.80 -22.98 -36.68
N SER B 651 11.08 -22.21 -35.85
CA SER B 651 11.22 -22.27 -34.40
C SER B 651 9.99 -22.97 -33.78
N ASN B 652 9.07 -23.42 -34.63
CA ASN B 652 7.87 -24.11 -34.18
C ASN B 652 7.55 -25.22 -35.16
N ARG B 653 8.33 -26.28 -35.12
CA ARG B 653 8.15 -27.37 -36.05
C ARG B 653 7.18 -28.42 -35.53
N PHE B 654 6.33 -28.92 -36.41
CA PHE B 654 5.56 -30.11 -36.06
C PHE B 654 6.52 -31.29 -36.19
N THR B 655 6.39 -32.31 -35.34
CA THR B 655 7.28 -33.46 -35.41
C THR B 655 7.21 -34.13 -36.77
N THR B 656 5.99 -34.23 -37.30
CA THR B 656 5.69 -34.90 -38.56
C THR B 656 4.24 -34.62 -38.94
N ALA B 657 3.81 -35.18 -40.07
CA ALA B 657 2.41 -35.14 -40.49
C ALA B 657 1.97 -36.55 -40.84
N TYR B 658 0.84 -36.96 -40.24
CA TYR B 658 0.25 -38.26 -40.54
C TYR B 658 -0.79 -38.07 -41.62
N LEU B 659 -0.48 -38.63 -42.79
CA LEU B 659 -1.27 -38.44 -44.01
C LEU B 659 -1.63 -39.80 -44.62
N GLY B 660 -2.75 -39.84 -45.34
CA GLY B 660 -3.17 -41.02 -46.06
C GLY B 660 -2.58 -41.04 -47.46
N SER B 661 -1.96 -39.93 -47.85
CA SER B 661 -1.29 -39.82 -49.15
C SER B 661 -0.20 -38.73 -49.09
N ASN B 662 0.74 -38.74 -50.03
CA ASN B 662 1.76 -37.69 -50.10
C ASN B 662 1.14 -36.30 -50.29
N PRO B 663 1.81 -35.25 -49.79
CA PRO B 663 1.33 -33.88 -50.01
C PRO B 663 1.13 -33.61 -51.51
N ILE B 664 0.16 -32.77 -51.83
CA ILE B 664 -0.08 -32.37 -53.21
C ILE B 664 0.47 -30.96 -53.32
N VAL B 665 1.60 -30.85 -54.02
CA VAL B 665 2.29 -29.58 -54.05
C VAL B 665 2.28 -28.98 -55.45
N THR B 666 2.02 -27.68 -55.51
CA THR B 666 1.65 -27.00 -56.75
C THR B 666 2.22 -25.59 -56.83
N SER C 1 -60.99 17.08 39.93
CA SER C 1 -60.59 17.73 38.65
C SER C 1 -59.14 18.27 38.65
N ALA C 2 -58.43 17.97 37.57
CA ALA C 2 -57.02 18.35 37.42
C ALA C 2 -56.85 19.87 37.28
N LYS C 3 -55.84 20.41 37.94
CA LYS C 3 -55.56 21.85 37.89
C LYS C 3 -54.84 22.30 36.61
N GLY C 4 -53.94 21.46 36.11
CA GLY C 4 -53.16 21.78 34.91
C GLY C 4 -52.36 23.07 35.03
N ASP C 5 -51.69 23.24 36.16
CA ASP C 5 -50.94 24.46 36.43
C ASP C 5 -49.43 24.22 36.48
N GLY C 6 -49.01 23.03 36.08
CA GLY C 6 -47.61 22.65 35.99
C GLY C 6 -46.91 22.39 37.31
N VAL C 7 -47.65 22.53 38.41
CA VAL C 7 -47.07 22.44 39.75
C VAL C 7 -47.84 21.53 40.71
N THR C 8 -49.17 21.66 40.72
CA THR C 8 -50.01 20.81 41.55
C THR C 8 -50.02 19.39 41.02
N ASP C 9 -49.84 18.41 41.92
CA ASP C 9 -49.88 17.01 41.54
C ASP C 9 -51.29 16.60 41.05
N ASP C 10 -51.39 16.30 39.75
CA ASP C 10 -52.65 15.98 39.11
C ASP C 10 -52.81 14.47 38.86
N THR C 11 -51.87 13.68 39.37
CA THR C 11 -51.85 12.22 39.14
C THR C 11 -53.20 11.56 39.44
N ALA C 12 -53.73 11.79 40.64
CA ALA C 12 -54.97 11.15 41.10
C ALA C 12 -56.19 11.60 40.31
N ALA C 13 -56.29 12.90 40.03
CA ALA C 13 -57.41 13.44 39.23
C ALA C 13 -57.41 12.86 37.81
N LEU C 14 -56.21 12.72 37.26
CA LEU C 14 -56.02 12.19 35.92
C LEU C 14 -56.38 10.71 35.89
N THR C 15 -56.00 9.97 36.92
CA THR C 15 -56.38 8.56 37.04
C THR C 15 -57.90 8.40 37.13
N SER C 16 -58.53 9.26 37.93
CA SER C 16 -59.98 9.26 38.08
C SER C 16 -60.69 9.58 36.74
N ALA C 17 -60.18 10.56 36.00
CA ALA C 17 -60.76 10.90 34.69
C ALA C 17 -60.60 9.74 33.72
N LEU C 18 -59.40 9.17 33.66
CA LEU C 18 -59.15 8.04 32.78
C LEU C 18 -60.06 6.85 33.10
N ASN C 19 -60.28 6.61 34.39
CA ASN C 19 -61.13 5.49 34.82
C ASN C 19 -62.61 5.68 34.51
N ASP C 20 -63.01 6.94 34.39
CA ASP C 20 -64.41 7.31 34.19
C ASP C 20 -64.80 7.61 32.74
N THR C 21 -63.85 7.45 31.81
CA THR C 21 -64.11 7.80 30.42
C THR C 21 -63.83 6.62 29.51
N PRO C 22 -64.59 6.48 28.42
CA PRO C 22 -64.38 5.37 27.48
C PRO C 22 -62.99 5.47 26.85
N VAL C 23 -62.39 4.33 26.51
CA VAL C 23 -61.00 4.34 26.09
C VAL C 23 -60.78 5.06 24.77
N GLY C 24 -61.83 5.12 23.97
CA GLY C 24 -61.74 5.72 22.65
C GLY C 24 -61.82 7.22 22.67
N GLN C 25 -62.27 7.80 23.80
CA GLN C 25 -62.37 9.24 23.95
C GLN C 25 -60.97 9.86 23.95
N LYS C 26 -60.79 10.90 23.15
CA LYS C 26 -59.56 11.70 23.22
C LYS C 26 -59.77 12.78 24.27
N ILE C 27 -59.03 12.65 25.36
CA ILE C 27 -59.14 13.59 26.46
C ILE C 27 -58.32 14.86 26.16
N ASN C 28 -59.03 15.98 26.03
CA ASN C 28 -58.41 17.25 25.62
C ASN C 28 -57.89 18.03 26.85
N GLY C 29 -56.57 18.19 26.92
CA GLY C 29 -55.95 18.84 28.06
C GLY C 29 -55.85 20.34 27.90
N ASN C 30 -56.39 20.87 26.80
CA ASN C 30 -56.49 22.31 26.54
C ASN C 30 -55.13 23.02 26.52
N GLY C 31 -54.11 22.29 26.11
CA GLY C 31 -52.77 22.84 25.96
C GLY C 31 -52.10 23.17 27.28
N LYS C 32 -52.65 22.65 28.37
CA LYS C 32 -52.08 22.87 29.70
C LYS C 32 -51.01 21.81 30.01
N THR C 33 -50.19 22.09 31.02
CA THR C 33 -49.20 21.15 31.55
C THR C 33 -49.67 20.58 32.88
N TYR C 34 -49.61 19.26 32.99
CA TYR C 34 -50.09 18.51 34.14
C TYR C 34 -48.92 17.86 34.86
N LYS C 35 -48.77 18.14 36.15
CA LYS C 35 -47.72 17.52 36.93
C LYS C 35 -48.20 16.17 37.42
N VAL C 36 -47.36 15.16 37.23
CA VAL C 36 -47.69 13.80 37.66
C VAL C 36 -46.48 13.13 38.30
N THR C 37 -46.74 12.12 39.14
CA THR C 37 -45.67 11.36 39.80
C THR C 37 -45.39 10.06 39.06
N SER C 38 -46.22 9.75 38.06
CA SER C 38 -46.06 8.63 37.15
C SER C 38 -46.76 9.01 35.86
N LEU C 39 -46.19 8.66 34.72
CA LEU C 39 -46.80 9.03 33.45
C LEU C 39 -48.04 8.17 33.26
N PRO C 40 -49.18 8.79 32.96
CA PRO C 40 -50.42 8.05 32.70
C PRO C 40 -50.43 7.49 31.25
N ASP C 41 -51.58 6.98 30.82
CA ASP C 41 -51.75 6.47 29.46
C ASP C 41 -51.78 7.64 28.50
N ILE C 42 -50.61 8.06 28.02
CA ILE C 42 -50.48 9.28 27.21
C ILE C 42 -51.29 9.21 25.91
N SER C 43 -51.43 7.99 25.38
CA SER C 43 -52.15 7.76 24.13
C SER C 43 -53.64 8.17 24.17
N ARG C 44 -54.21 8.28 25.36
CA ARG C 44 -55.62 8.65 25.47
C ARG C 44 -55.82 10.16 25.56
N PHE C 45 -54.74 10.91 25.49
CA PHE C 45 -54.78 12.37 25.57
C PHE C 45 -54.47 13.05 24.25
N ILE C 46 -55.13 14.18 24.01
CA ILE C 46 -54.70 15.10 22.96
C ILE C 46 -54.43 16.48 23.56
N ASN C 47 -53.54 17.25 22.91
CA ASN C 47 -53.32 18.63 23.28
C ASN C 47 -52.99 18.75 24.77
N THR C 48 -52.05 17.92 25.23
CA THR C 48 -51.73 17.75 26.65
C THR C 48 -50.24 17.62 26.81
N ARG C 49 -49.66 18.32 27.79
CA ARG C 49 -48.26 18.15 28.13
C ARG C 49 -48.19 17.71 29.58
N PHE C 50 -47.31 16.76 29.87
CA PHE C 50 -47.09 16.33 31.24
C PHE C 50 -45.72 16.77 31.72
N VAL C 51 -45.63 17.16 32.99
CA VAL C 51 -44.32 17.30 33.66
C VAL C 51 -44.12 16.16 34.63
N TYR C 52 -42.97 15.50 34.56
CA TYR C 52 -42.74 14.30 35.32
C TYR C 52 -41.27 14.25 35.72
N GLU C 53 -41.01 13.95 36.99
CA GLU C 53 -39.64 13.84 37.47
C GLU C 53 -39.26 12.37 37.59
N ARG C 54 -38.77 11.78 36.51
CA ARG C 54 -38.34 10.38 36.55
C ARG C 54 -37.19 10.21 37.54
N ILE C 55 -36.23 11.14 37.48
CA ILE C 55 -35.25 11.31 38.53
C ILE C 55 -35.65 12.56 39.32
N PRO C 56 -35.87 12.41 40.64
CA PRO C 56 -36.17 13.54 41.51
C PRO C 56 -35.28 14.76 41.29
N GLY C 57 -35.90 15.92 41.09
CA GLY C 57 -35.16 17.15 40.86
C GLY C 57 -34.80 17.43 39.40
N GLN C 58 -35.30 16.61 38.49
CA GLN C 58 -35.00 16.76 37.07
C GLN C 58 -36.26 16.65 36.21
N PRO C 59 -37.12 17.67 36.24
CA PRO C 59 -38.38 17.61 35.50
C PRO C 59 -38.13 17.63 33.99
N LEU C 60 -38.77 16.70 33.29
CA LEU C 60 -38.85 16.70 31.83
C LEU C 60 -40.33 16.72 31.45
N TYR C 61 -40.60 17.06 30.19
CA TYR C 61 -41.95 17.30 29.70
C TYR C 61 -42.23 16.31 28.59
N TYR C 62 -43.49 15.91 28.49
CA TYR C 62 -43.93 14.80 27.65
C TYR C 62 -45.19 15.23 26.90
N ALA C 63 -45.11 15.20 25.58
CA ALA C 63 -46.19 15.67 24.72
C ALA C 63 -47.14 14.55 24.30
N SER C 64 -48.44 14.76 24.50
CA SER C 64 -49.44 13.90 23.87
C SER C 64 -49.51 14.21 22.38
N GLU C 65 -50.28 13.42 21.64
CA GLU C 65 -50.57 13.74 20.24
C GLU C 65 -51.24 15.10 20.20
N GLU C 66 -50.88 15.89 19.19
CA GLU C 66 -51.48 17.19 18.91
C GLU C 66 -51.09 18.33 19.82
N PHE C 67 -50.27 18.08 20.83
CA PHE C 67 -49.76 19.19 21.62
C PHE C 67 -48.84 20.12 20.82
N VAL C 68 -47.93 19.52 20.04
CA VAL C 68 -47.23 20.27 19.01
C VAL C 68 -47.77 19.82 17.66
N GLN C 69 -47.82 20.73 16.69
CA GLN C 69 -48.10 20.36 15.32
C GLN C 69 -46.83 19.78 14.72
N GLY C 70 -46.67 18.46 14.78
CA GLY C 70 -45.46 17.80 14.31
C GLY C 70 -45.71 16.35 13.94
N GLU C 71 -44.79 15.78 13.18
CA GLU C 71 -44.93 14.42 12.67
C GLU C 71 -43.55 13.80 12.49
N LEU C 72 -43.41 12.54 12.87
CA LEU C 72 -42.18 11.79 12.60
C LEU C 72 -42.26 11.08 11.24
N PHE C 73 -41.18 11.13 10.47
CA PHE C 73 -41.09 10.38 9.20
C PHE C 73 -39.92 9.44 9.28
N LYS C 74 -40.02 8.26 8.68
CA LYS C 74 -38.82 7.46 8.41
C LYS C 74 -38.32 7.81 7.02
N ILE C 75 -37.04 8.16 6.89
CA ILE C 75 -36.54 8.70 5.62
C ILE C 75 -35.43 7.89 4.91
N THR C 76 -34.80 6.95 5.60
CA THR C 76 -34.02 5.91 4.91
C THR C 76 -34.45 4.53 5.36
N ASP C 77 -34.20 3.53 4.52
CA ASP C 77 -34.49 2.15 4.87
C ASP C 77 -33.56 1.26 4.08
N THR C 78 -32.32 1.19 4.56
CA THR C 78 -31.21 0.62 3.83
C THR C 78 -30.50 -0.34 4.78
N PRO C 79 -29.88 -1.41 4.27
CA PRO C 79 -29.17 -2.38 5.11
C PRO C 79 -27.86 -1.83 5.70
N TYR C 80 -27.33 -0.72 5.18
CA TYR C 80 -26.13 -0.09 5.77
C TYR C 80 -26.42 0.44 7.18
N TYR C 81 -25.37 0.63 7.98
CA TYR C 81 -25.47 1.36 9.26
C TYR C 81 -25.61 2.84 8.91
N ASN C 82 -26.85 3.33 8.90
CA ASN C 82 -27.12 4.70 8.44
C ASN C 82 -27.34 5.60 9.63
N ALA C 83 -26.42 6.53 9.81
CA ALA C 83 -26.43 7.35 11.01
C ALA C 83 -25.61 8.59 10.74
N TRP C 84 -25.50 9.41 11.79
CA TRP C 84 -24.73 10.65 11.75
C TRP C 84 -25.14 11.65 10.66
N PRO C 85 -26.38 12.15 10.64
CA PRO C 85 -26.68 13.37 9.87
C PRO C 85 -25.81 14.52 10.41
N GLN C 86 -25.41 14.42 11.68
CA GLN C 86 -24.61 15.47 12.32
C GLN C 86 -23.38 15.87 11.50
N ASP C 87 -23.17 17.17 11.30
CA ASP C 87 -24.25 18.16 11.36
C ASP C 87 -24.20 18.82 9.98
N LYS C 88 -24.89 18.17 9.04
CA LYS C 88 -24.65 18.38 7.61
C LYS C 88 -25.86 18.84 6.79
N ALA C 89 -27.07 18.83 7.37
CA ALA C 89 -28.28 19.13 6.59
C ALA C 89 -28.33 20.59 6.14
N PHE C 90 -28.96 20.80 4.99
CA PHE C 90 -29.18 22.14 4.48
C PHE C 90 -30.37 22.12 3.53
N VAL C 91 -30.91 23.31 3.25
CA VAL C 91 -31.83 23.43 2.17
C VAL C 91 -31.30 24.34 1.08
N TYR C 92 -31.54 23.94 -0.16
CA TYR C 92 -31.07 24.69 -1.30
C TYR C 92 -32.07 24.62 -2.44
N GLU C 93 -32.50 25.79 -2.93
CA GLU C 93 -33.52 25.90 -3.97
C GLU C 93 -34.68 24.91 -3.78
N ASN C 94 -35.30 24.99 -2.60
CA ASN C 94 -36.50 24.24 -2.24
C ASN C 94 -36.34 22.76 -1.96
N VAL C 95 -35.11 22.27 -2.01
CA VAL C 95 -34.85 20.85 -1.77
C VAL C 95 -34.21 20.73 -0.40
N ILE C 96 -34.78 19.86 0.43
CA ILE C 96 -34.20 19.58 1.74
C ILE C 96 -33.19 18.46 1.56
N TYR C 97 -31.95 18.73 1.98
CA TYR C 97 -30.86 17.74 1.91
C TYR C 97 -30.50 17.14 3.27
N ALA C 98 -30.44 15.80 3.35
CA ALA C 98 -30.11 15.10 4.59
C ALA C 98 -28.90 14.17 4.39
N PRO C 99 -27.69 14.74 4.44
CA PRO C 99 -26.47 13.95 4.30
C PRO C 99 -26.20 13.15 5.57
N TYR C 100 -25.52 12.04 5.43
CA TYR C 100 -25.28 11.12 6.54
C TYR C 100 -24.12 10.24 6.15
N MET C 101 -23.76 9.31 7.02
CA MET C 101 -22.79 8.30 6.63
C MET C 101 -23.44 6.93 6.70
N GLY C 102 -23.28 6.15 5.63
CA GLY C 102 -23.77 4.78 5.57
C GLY C 102 -22.55 3.87 5.62
N SER C 103 -22.39 3.18 6.74
CA SER C 103 -21.21 2.33 6.91
C SER C 103 -21.64 0.98 7.45
N ASP C 104 -20.72 0.27 8.10
CA ASP C 104 -21.11 -0.98 8.73
C ASP C 104 -20.93 -0.96 10.25
N ARG C 105 -20.48 0.18 10.79
CA ARG C 105 -20.19 0.29 12.21
C ARG C 105 -19.87 1.73 12.58
N HIS C 106 -19.62 1.95 13.86
CA HIS C 106 -19.10 3.23 14.32
C HIS C 106 -17.62 3.28 13.93
N GLY C 107 -17.37 3.78 12.73
CA GLY C 107 -16.03 3.73 12.16
C GLY C 107 -16.18 3.81 10.65
N VAL C 108 -15.08 3.79 9.91
CA VAL C 108 -15.16 4.11 8.50
C VAL C 108 -15.19 2.91 7.53
N SER C 109 -15.22 1.70 8.10
CA SER C 109 -15.39 0.49 7.28
C SER C 109 -16.68 0.55 6.46
N ARG C 110 -16.56 0.21 5.17
CA ARG C 110 -17.64 0.24 4.18
C ARG C 110 -18.34 1.58 4.02
N LEU C 111 -17.73 2.65 4.48
CA LEU C 111 -18.44 3.93 4.58
C LEU C 111 -18.49 4.75 3.29
N HIS C 112 -19.69 5.23 2.96
CA HIS C 112 -19.86 6.27 1.93
C HIS C 112 -20.58 7.43 2.57
N VAL C 113 -20.06 8.64 2.35
CA VAL C 113 -20.79 9.83 2.72
C VAL C 113 -21.92 9.87 1.70
N SER C 114 -23.14 10.02 2.20
CA SER C 114 -24.34 9.79 1.41
C SER C 114 -25.30 10.93 1.70
N TRP C 115 -26.36 11.02 0.90
CA TRP C 115 -27.53 11.82 1.27
C TRP C 115 -28.79 11.22 0.69
N VAL C 116 -29.90 11.54 1.34
CA VAL C 116 -31.21 11.49 0.73
C VAL C 116 -31.77 12.91 0.73
N LYS C 117 -32.74 13.16 -0.14
CA LYS C 117 -33.25 14.50 -0.36
C LYS C 117 -34.75 14.42 -0.41
N SER C 118 -35.40 15.51 -0.03
CA SER C 118 -36.85 15.59 -0.20
C SER C 118 -37.23 16.75 -1.11
N GLY C 119 -38.06 16.44 -2.09
CA GLY C 119 -38.57 17.46 -3.00
C GLY C 119 -40.01 17.84 -2.75
N ASP C 120 -40.58 17.41 -1.62
CA ASP C 120 -41.97 17.77 -1.30
C ASP C 120 -42.12 18.12 0.20
N ASP C 121 -41.18 18.90 0.71
CA ASP C 121 -41.25 19.38 2.07
C ASP C 121 -41.29 18.26 3.11
N GLY C 122 -40.55 17.18 2.83
CA GLY C 122 -40.33 16.12 3.80
C GLY C 122 -41.31 14.95 3.77
N GLN C 123 -42.30 14.95 2.88
CA GLN C 123 -43.28 13.85 2.84
C GLN C 123 -42.65 12.55 2.29
N THR C 124 -41.71 12.71 1.38
CA THR C 124 -41.20 11.63 0.56
C THR C 124 -39.71 11.91 0.33
N TRP C 125 -38.88 10.88 0.31
CA TRP C 125 -37.43 11.06 0.23
C TRP C 125 -36.82 10.25 -0.90
N SER C 126 -35.67 10.72 -1.40
CA SER C 126 -35.05 10.14 -2.59
C SER C 126 -34.28 8.85 -2.29
N THR C 127 -33.92 8.13 -3.36
CA THR C 127 -32.96 7.01 -3.27
C THR C 127 -31.61 7.51 -2.79
N PRO C 128 -30.98 6.84 -1.82
CA PRO C 128 -29.65 7.28 -1.35
C PRO C 128 -28.64 7.47 -2.49
N GLU C 129 -27.88 8.56 -2.41
CA GLU C 129 -26.80 8.83 -3.34
C GLU C 129 -25.49 8.84 -2.57
N TRP C 130 -24.45 8.21 -3.13
CA TRP C 130 -23.14 8.23 -2.51
C TRP C 130 -22.42 9.47 -3.00
N LEU C 131 -21.87 10.26 -2.06
CA LEU C 131 -21.10 11.45 -2.41
C LEU C 131 -19.60 11.17 -2.49
N THR C 132 -19.13 10.15 -1.78
CA THR C 132 -17.73 9.75 -1.82
C THR C 132 -17.64 8.31 -2.26
N ASP C 133 -16.55 7.97 -2.94
CA ASP C 133 -16.19 6.58 -3.21
C ASP C 133 -15.41 6.09 -2.00
N LEU C 134 -15.14 4.79 -1.92
CA LEU C 134 -14.14 4.31 -1.00
C LEU C 134 -12.81 4.96 -1.35
N HIS C 135 -12.08 5.37 -0.33
CA HIS C 135 -10.76 6.00 -0.48
C HIS C 135 -9.82 5.11 -1.29
N PRO C 136 -8.97 5.69 -2.14
CA PRO C 136 -7.98 4.92 -2.90
C PRO C 136 -7.17 3.92 -2.07
N ASP C 137 -6.87 4.24 -0.82
CA ASP C 137 -6.07 3.38 0.06
C ASP C 137 -6.90 2.50 1.03
N TYR C 138 -8.18 2.35 0.74
CA TYR C 138 -9.03 1.37 1.44
C TYR C 138 -8.40 -0.02 1.25
N PRO C 139 -8.38 -0.91 2.26
CA PRO C 139 -9.01 -0.73 3.57
C PRO C 139 -8.14 -0.23 4.72
N THR C 140 -7.07 0.52 4.45
CA THR C 140 -6.29 1.11 5.52
C THR C 140 -7.01 2.34 6.08
N VAL C 141 -7.51 3.17 5.16
CA VAL C 141 -8.21 4.38 5.52
C VAL C 141 -9.46 4.54 4.68
N ASN C 142 -10.35 5.41 5.12
CA ASN C 142 -11.56 5.74 4.40
C ASN C 142 -12.05 7.13 4.83
N TYR C 143 -12.97 7.69 4.04
CA TYR C 143 -13.49 9.03 4.28
C TYR C 143 -14.48 9.10 5.44
N HIS C 144 -14.78 10.33 5.83
CA HIS C 144 -15.64 10.63 6.95
C HIS C 144 -16.00 12.11 6.79
N CYS C 145 -17.23 12.47 7.16
CA CYS C 145 -17.66 13.85 7.07
C CYS C 145 -18.76 14.16 8.06
N MET C 146 -18.55 15.22 8.84
CA MET C 146 -19.59 15.69 9.75
C MET C 146 -19.83 17.19 9.59
N SER C 147 -19.24 17.77 8.57
CA SER C 147 -19.42 19.19 8.29
C SER C 147 -19.61 19.43 6.80
N MET C 148 -20.77 19.93 6.43
CA MET C 148 -21.11 20.15 5.04
C MET C 148 -22.13 21.28 5.01
N GLY C 149 -22.14 22.07 3.93
CA GLY C 149 -23.12 23.12 3.76
C GLY C 149 -22.89 23.90 2.45
N VAL C 150 -23.67 24.96 2.26
CA VAL C 150 -23.61 25.73 1.01
C VAL C 150 -23.21 27.18 1.25
N CYS C 151 -22.32 27.69 0.39
CA CYS C 151 -21.87 29.08 0.43
C CYS C 151 -21.77 29.53 -1.03
N ARG C 152 -22.47 30.60 -1.37
CA ARG C 152 -22.50 31.14 -2.74
C ARG C 152 -22.63 30.05 -3.81
N ASN C 153 -23.67 29.23 -3.68
CA ASN C 153 -24.03 28.28 -4.73
C ASN C 153 -23.04 27.11 -4.89
N ARG C 154 -22.25 26.86 -3.85
CA ARG C 154 -21.29 25.77 -3.86
C ARG C 154 -21.46 24.92 -2.63
N LEU C 155 -21.44 23.59 -2.80
CA LEU C 155 -21.38 22.70 -1.64
C LEU C 155 -19.93 22.65 -1.15
N PHE C 156 -19.74 22.92 0.14
CA PHE C 156 -18.45 22.79 0.81
C PHE C 156 -18.59 21.70 1.86
N ALA C 157 -17.59 20.83 1.94
CA ALA C 157 -17.60 19.76 2.94
C ALA C 157 -16.18 19.52 3.46
N MET C 158 -16.04 19.28 4.75
CA MET C 158 -14.74 18.86 5.27
C MET C 158 -14.66 17.35 5.17
N ILE C 159 -13.90 16.87 4.20
CA ILE C 159 -13.80 15.44 3.98
C ILE C 159 -12.54 14.96 4.72
N GLU C 160 -12.78 14.16 5.74
CA GLU C 160 -11.71 13.63 6.57
C GLU C 160 -11.31 12.25 6.10
N THR C 161 -10.04 11.91 6.34
CA THR C 161 -9.53 10.56 6.12
C THR C 161 -9.20 10.02 7.49
N ARG C 162 -9.67 8.81 7.77
CA ARG C 162 -9.49 8.16 9.07
C ARG C 162 -9.10 6.69 8.89
N THR C 163 -8.31 6.17 9.81
CA THR C 163 -7.94 4.74 9.78
C THR C 163 -9.16 3.87 10.08
N LEU C 164 -9.26 2.72 9.41
CA LEU C 164 -10.26 1.71 9.77
C LEU C 164 -9.96 1.12 11.14
N ALA C 165 -8.68 0.91 11.43
CA ALA C 165 -8.25 0.23 12.65
C ALA C 165 -8.74 0.95 13.89
N LYS C 166 -8.49 2.26 13.97
CA LYS C 166 -8.79 3.01 15.19
C LYS C 166 -9.68 4.25 15.03
N ASN C 167 -10.16 4.51 13.81
CA ASN C 167 -10.88 5.75 13.50
C ASN C 167 -10.04 7.00 13.81
N ALA C 168 -8.71 6.90 13.65
CA ALA C 168 -7.81 8.03 13.91
C ALA C 168 -7.75 8.97 12.69
N LEU C 169 -7.90 10.27 12.93
CA LEU C 169 -7.83 11.24 11.85
C LEU C 169 -6.43 11.25 11.21
N THR C 170 -6.40 11.24 9.87
CA THR C 170 -5.19 11.10 9.07
C THR C 170 -4.95 12.32 8.18
N ASN C 171 -6.06 12.95 7.76
CA ASN C 171 -6.02 14.07 6.83
C ASN C 171 -7.35 14.80 6.80
N CYS C 172 -7.28 16.12 6.59
CA CYS C 172 -8.46 16.97 6.37
C CYS C 172 -8.32 17.67 5.02
N ALA C 173 -9.38 17.59 4.21
CA ALA C 173 -9.45 18.32 2.93
C ALA C 173 -10.80 18.99 2.82
N LEU C 174 -10.79 20.23 2.31
CA LEU C 174 -12.00 20.93 1.98
C LEU C 174 -12.36 20.54 0.55
N TRP C 175 -13.54 19.95 0.37
CA TRP C 175 -13.99 19.60 -0.96
C TRP C 175 -15.15 20.50 -1.30
N ASP C 176 -15.17 21.05 -2.51
CA ASP C 176 -16.33 21.82 -2.93
C ASP C 176 -16.71 21.63 -4.39
N ARG C 177 -18.00 21.83 -4.67
CA ARG C 177 -18.58 21.60 -5.99
C ARG C 177 -19.69 22.60 -6.18
N PRO C 178 -19.95 23.04 -7.41
CA PRO C 178 -21.08 23.93 -7.66
C PRO C 178 -22.37 23.14 -7.47
N MET C 179 -23.40 23.76 -6.93
CA MET C 179 -24.70 23.10 -6.86
C MET C 179 -25.41 23.21 -8.22
N SER C 180 -26.16 22.18 -8.59
CA SER C 180 -26.98 22.24 -9.80
C SER C 180 -28.10 23.28 -9.65
N ARG C 181 -28.29 24.13 -10.66
CA ARG C 181 -29.36 25.12 -10.68
C ARG C 181 -29.70 25.40 -12.12
N SER C 182 -30.92 25.84 -12.35
CA SER C 182 -31.35 26.37 -13.64
C SER C 182 -31.55 27.85 -13.44
N LEU C 183 -30.98 28.67 -14.32
CA LEU C 183 -31.15 30.12 -14.24
C LEU C 183 -31.90 30.66 -15.44
N HIS C 184 -32.84 31.55 -15.18
CA HIS C 184 -33.60 32.15 -16.27
C HIS C 184 -33.23 33.63 -16.34
N LEU C 185 -32.44 33.98 -17.35
CA LEU C 185 -31.79 35.29 -17.38
C LEU C 185 -32.15 36.13 -18.59
N THR C 186 -31.87 37.42 -18.45
CA THR C 186 -32.07 38.38 -19.50
C THR C 186 -30.75 39.11 -19.78
N GLY C 187 -30.23 38.93 -21.00
CA GLY C 187 -28.99 39.58 -21.40
C GLY C 187 -27.78 39.03 -20.66
N GLY C 188 -26.66 39.76 -20.71
CA GLY C 188 -25.46 39.38 -19.98
C GLY C 188 -24.44 38.51 -20.72
N ILE C 189 -24.69 38.13 -21.98
CA ILE C 189 -23.68 37.40 -22.75
C ILE C 189 -23.13 38.31 -23.84
N THR C 190 -21.81 38.49 -23.86
CA THR C 190 -21.15 39.25 -24.93
C THR C 190 -20.01 38.45 -25.56
N LYS C 191 -19.78 38.65 -26.85
CA LYS C 191 -18.71 37.96 -27.55
C LYS C 191 -18.05 38.96 -28.49
N ALA C 192 -16.84 39.40 -28.12
CA ALA C 192 -16.11 40.39 -28.91
C ALA C 192 -15.75 39.79 -30.28
N ALA C 193 -15.74 40.61 -31.32
CA ALA C 193 -15.35 40.14 -32.66
C ALA C 193 -13.95 39.51 -32.68
N ASN C 194 -13.77 38.53 -33.56
CA ASN C 194 -12.47 37.97 -33.92
C ASN C 194 -11.79 37.14 -32.83
N GLN C 195 -12.60 36.66 -31.89
CA GLN C 195 -12.06 35.75 -30.89
C GLN C 195 -13.17 34.81 -30.41
N ARG C 196 -12.78 33.71 -29.78
CA ARG C 196 -13.69 32.58 -29.61
C ARG C 196 -14.43 32.55 -28.27
N TYR C 197 -14.06 33.43 -27.35
CA TYR C 197 -14.66 33.36 -26.01
C TYR C 197 -15.89 34.25 -25.89
N ALA C 198 -16.85 33.80 -25.08
CA ALA C 198 -17.98 34.63 -24.73
C ALA C 198 -17.90 34.88 -23.25
N THR C 199 -18.19 36.10 -22.82
CA THR C 199 -18.26 36.33 -21.37
C THR C 199 -19.69 36.37 -20.90
N ILE C 200 -19.91 35.70 -19.77
CA ILE C 200 -21.22 35.45 -19.22
C ILE C 200 -21.34 36.16 -17.87
N HIS C 201 -22.32 37.06 -17.78
CA HIS C 201 -22.60 37.77 -16.54
C HIS C 201 -23.63 37.01 -15.73
N VAL C 202 -23.18 36.42 -14.62
CA VAL C 202 -24.05 35.72 -13.66
C VAL C 202 -23.61 36.09 -12.26
N PRO C 203 -24.38 36.99 -11.61
CA PRO C 203 -24.04 37.43 -10.26
C PRO C 203 -23.85 36.24 -9.31
N ASP C 204 -22.72 36.25 -8.60
CA ASP C 204 -22.43 35.27 -7.55
C ASP C 204 -22.55 33.84 -8.08
N HIS C 205 -22.01 33.60 -9.28
CA HIS C 205 -22.21 32.33 -9.96
C HIS C 205 -21.61 31.18 -9.14
N GLY C 206 -20.50 31.47 -8.45
CA GLY C 206 -19.79 30.48 -7.63
C GLY C 206 -19.17 29.35 -8.42
N LEU C 207 -18.82 29.61 -9.68
CA LEU C 207 -18.23 28.59 -10.55
C LEU C 207 -16.73 28.74 -10.63
N PHE C 208 -16.05 27.64 -10.87
CA PHE C 208 -14.61 27.69 -11.12
C PHE C 208 -14.29 27.18 -12.51
N VAL C 209 -13.08 27.48 -12.97
CA VAL C 209 -12.58 26.95 -14.24
C VAL C 209 -12.82 25.43 -14.32
N GLY C 210 -13.42 25.01 -15.43
CA GLY C 210 -13.64 23.60 -15.69
C GLY C 210 -15.00 23.13 -15.23
N ASP C 211 -15.74 23.99 -14.53
CA ASP C 211 -17.11 23.65 -14.13
C ASP C 211 -18.10 23.58 -15.29
N PHE C 212 -19.13 22.76 -15.14
CA PHE C 212 -20.12 22.54 -16.19
C PHE C 212 -21.07 23.72 -16.31
N VAL C 213 -21.35 24.14 -17.55
CA VAL C 213 -22.40 25.13 -17.83
C VAL C 213 -23.11 24.75 -19.12
N ASN C 214 -24.44 24.82 -19.10
CA ASN C 214 -25.26 24.48 -20.26
C ASN C 214 -26.05 25.71 -20.66
N PHE C 215 -26.12 25.98 -21.96
CA PHE C 215 -26.77 27.17 -22.46
C PHE C 215 -27.92 26.83 -23.39
N SER C 216 -29.04 27.55 -23.22
CA SER C 216 -30.22 27.46 -24.09
C SER C 216 -30.74 28.83 -24.49
N ASN C 217 -31.09 28.98 -25.76
CA ASN C 217 -31.62 30.23 -26.31
C ASN C 217 -30.74 31.48 -26.10
N SER C 218 -29.42 31.31 -26.05
CA SER C 218 -28.50 32.46 -25.81
C SER C 218 -28.61 33.59 -26.82
N ALA C 219 -28.93 33.26 -28.08
CA ALA C 219 -28.88 34.23 -29.19
C ALA C 219 -27.45 34.76 -29.46
N VAL C 220 -26.44 33.99 -29.03
CA VAL C 220 -25.04 34.32 -29.30
C VAL C 220 -24.37 33.10 -29.90
N THR C 221 -23.87 33.27 -31.12
CA THR C 221 -23.24 32.18 -31.87
C THR C 221 -22.20 31.45 -31.05
N GLY C 222 -22.38 30.12 -30.95
CA GLY C 222 -21.41 29.25 -30.31
C GLY C 222 -21.63 29.04 -28.83
N VAL C 223 -22.53 29.84 -28.24
CA VAL C 223 -22.86 29.71 -26.83
C VAL C 223 -24.13 28.86 -26.78
N SER C 224 -23.93 27.56 -26.72
CA SER C 224 -25.01 26.61 -26.94
C SER C 224 -24.64 25.26 -26.34
N GLY C 225 -25.60 24.63 -25.69
CA GLY C 225 -25.42 23.28 -25.20
C GLY C 225 -24.46 23.19 -24.03
N ASP C 226 -23.87 22.01 -23.90
CA ASP C 226 -22.98 21.69 -22.80
C ASP C 226 -21.61 22.33 -23.03
N MET C 227 -21.19 23.15 -22.06
CA MET C 227 -19.92 23.85 -22.14
C MET C 227 -19.20 23.75 -20.79
N THR C 228 -18.03 24.38 -20.71
CA THR C 228 -17.31 24.45 -19.43
C THR C 228 -16.77 25.86 -19.26
N VAL C 229 -16.59 26.25 -18.00
CA VAL C 229 -15.99 27.56 -17.65
C VAL C 229 -14.52 27.59 -18.06
N ALA C 230 -14.16 28.57 -18.89
CA ALA C 230 -12.80 28.71 -19.39
C ALA C 230 -11.95 29.56 -18.45
N THR C 231 -12.47 30.73 -18.07
CA THR C 231 -11.76 31.58 -17.10
C THR C 231 -12.81 32.23 -16.21
N VAL C 232 -12.47 32.50 -14.97
CA VAL C 232 -13.36 33.35 -14.17
C VAL C 232 -12.75 34.74 -14.01
N ILE C 233 -13.54 35.72 -14.45
CA ILE C 233 -13.11 37.11 -14.49
C ILE C 233 -13.19 37.69 -13.09
N ASP C 234 -14.33 37.48 -12.44
CA ASP C 234 -14.59 37.87 -11.05
C ASP C 234 -15.82 37.10 -10.57
N LYS C 235 -16.35 37.44 -9.40
CA LYS C 235 -17.42 36.65 -8.79
C LYS C 235 -18.72 36.70 -9.59
N ASP C 236 -18.87 37.73 -10.42
CA ASP C 236 -20.09 37.89 -11.23
C ASP C 236 -19.95 37.57 -12.71
N ASN C 237 -18.76 37.19 -13.15
CA ASN C 237 -18.48 37.01 -14.59
C ASN C 237 -17.47 35.92 -14.88
N PHE C 238 -17.75 35.16 -15.94
CA PHE C 238 -16.85 34.11 -16.41
C PHE C 238 -16.93 34.02 -17.93
N THR C 239 -16.02 33.27 -18.53
CA THR C 239 -16.03 33.09 -19.99
C THR C 239 -16.16 31.62 -20.30
N VAL C 240 -16.61 31.33 -21.53
CA VAL C 240 -16.64 29.97 -22.07
C VAL C 240 -16.01 30.05 -23.46
N LEU C 241 -15.27 29.01 -23.81
CA LEU C 241 -14.67 28.91 -25.15
C LEU C 241 -15.68 28.30 -26.13
N THR C 242 -16.06 29.07 -27.15
CA THR C 242 -16.93 28.55 -28.22
C THR C 242 -16.12 27.97 -29.39
N PRO C 243 -16.79 27.22 -30.28
CA PRO C 243 -16.12 26.62 -31.45
C PRO C 243 -15.74 27.59 -32.56
N ASN C 244 -16.15 28.87 -32.50
CA ASN C 244 -16.01 29.74 -33.65
C ASN C 244 -15.93 31.22 -33.29
N GLN C 245 -15.61 32.05 -34.29
CA GLN C 245 -15.50 33.49 -34.09
C GLN C 245 -16.17 34.22 -35.23
N GLN C 246 -16.66 35.41 -34.91
CA GLN C 246 -17.40 36.21 -35.85
C GLN C 246 -16.66 37.53 -36.03
N THR C 247 -16.95 38.25 -37.11
CA THR C 247 -16.23 39.51 -37.38
C THR C 247 -16.98 40.76 -36.86
N SER C 248 -18.09 40.55 -36.18
CA SER C 248 -18.75 41.65 -35.48
C SER C 248 -19.05 41.23 -34.04
N ASP C 249 -19.18 42.21 -33.15
CA ASP C 249 -19.48 41.98 -31.74
C ASP C 249 -20.91 41.47 -31.57
N LEU C 250 -21.09 40.53 -30.64
CA LEU C 250 -22.40 40.01 -30.29
C LEU C 250 -22.71 40.33 -28.84
N ASN C 251 -23.97 40.66 -28.56
CA ASN C 251 -24.42 41.03 -27.23
C ASN C 251 -25.90 40.69 -27.17
N ASN C 252 -26.31 39.83 -26.24
CA ASN C 252 -27.70 39.42 -26.18
C ASN C 252 -28.56 40.24 -25.21
N ALA C 253 -28.13 41.46 -24.91
CA ALA C 253 -28.95 42.40 -24.13
C ALA C 253 -30.45 42.32 -24.48
N GLY C 254 -31.31 42.23 -23.47
CA GLY C 254 -32.74 42.21 -23.69
C GLY C 254 -33.32 40.85 -24.06
N LYS C 255 -32.47 39.87 -24.33
CA LYS C 255 -32.95 38.56 -24.73
C LYS C 255 -33.04 37.56 -23.56
N ASN C 256 -34.12 36.79 -23.51
CA ASN C 256 -34.33 35.82 -22.44
C ASN C 256 -33.67 34.51 -22.80
N TRP C 257 -32.86 34.00 -21.87
CA TRP C 257 -32.16 32.74 -22.10
C TRP C 257 -32.05 31.92 -20.82
N HIS C 258 -31.42 30.76 -20.91
CA HIS C 258 -31.33 29.84 -19.77
C HIS C 258 -29.95 29.18 -19.61
N MET C 259 -29.51 29.05 -18.36
CA MET C 259 -28.32 28.31 -17.93
C MET C 259 -28.80 27.52 -16.67
N GLY C 260 -28.26 26.40 -16.18
CA GLY C 260 -27.29 25.54 -16.75
C GLY C 260 -26.14 25.02 -15.88
N THR C 261 -26.24 24.79 -14.56
CA THR C 261 -25.09 24.20 -13.83
C THR C 261 -25.27 22.75 -13.38
N SER C 262 -24.18 22.06 -13.03
CA SER C 262 -24.27 20.65 -12.64
C SER C 262 -23.24 20.24 -11.60
N PHE C 263 -23.75 19.82 -10.45
CA PHE C 263 -22.94 19.20 -9.39
C PHE C 263 -22.24 17.97 -9.96
N HIS C 264 -23.00 17.08 -10.60
CA HIS C 264 -22.43 15.82 -11.07
C HIS C 264 -21.40 15.93 -12.20
N LYS C 265 -21.55 16.91 -13.09
CA LYS C 265 -20.64 17.04 -14.23
C LYS C 265 -19.49 18.00 -13.95
N SER C 266 -19.42 18.53 -12.73
CA SER C 266 -18.29 19.37 -12.33
C SER C 266 -17.39 18.61 -11.34
N PRO C 267 -16.08 18.72 -11.48
CA PRO C 267 -15.18 18.01 -10.58
C PRO C 267 -15.18 18.69 -9.22
N TRP C 268 -14.92 17.93 -8.17
CA TRP C 268 -14.68 18.54 -6.87
C TRP C 268 -13.45 19.42 -6.97
N ARG C 269 -13.46 20.53 -6.26
CA ARG C 269 -12.20 21.20 -5.96
C ARG C 269 -11.81 20.70 -4.59
N LYS C 270 -10.63 20.08 -4.51
CA LYS C 270 -10.16 19.45 -3.28
C LYS C 270 -8.93 20.18 -2.75
N THR C 271 -9.08 20.78 -1.57
CA THR C 271 -8.00 21.57 -0.98
C THR C 271 -7.46 20.80 0.20
N ASP C 272 -6.23 20.32 0.05
CA ASP C 272 -5.58 19.52 1.08
C ASP C 272 -5.11 20.45 2.20
N LEU C 273 -5.63 20.19 3.41
CA LEU C 273 -5.31 21.00 4.59
C LEU C 273 -4.36 20.24 5.48
N GLY C 274 -4.01 19.03 5.06
CA GLY C 274 -3.12 18.14 5.80
C GLY C 274 -3.76 17.62 7.08
N LEU C 275 -2.92 17.22 8.01
CA LEU C 275 -3.40 16.90 9.35
C LEU C 275 -3.45 18.16 10.18
N ILE C 276 -4.64 18.77 10.23
CA ILE C 276 -4.82 19.98 11.03
C ILE C 276 -4.47 19.65 12.48
N PRO C 277 -3.51 20.35 13.07
CA PRO C 277 -3.08 20.04 14.43
C PRO C 277 -4.20 20.20 15.43
N SER C 278 -4.22 19.35 16.45
CA SER C 278 -5.16 19.49 17.54
C SER C 278 -6.65 19.48 17.09
N VAL C 279 -7.01 18.47 16.31
CA VAL C 279 -8.38 18.29 15.85
C VAL C 279 -8.72 16.83 15.97
N THR C 280 -9.83 16.52 16.63
CA THR C 280 -10.40 15.17 16.59
C THR C 280 -11.42 15.04 15.48
N GLU C 281 -12.34 15.99 15.39
CA GLU C 281 -13.43 15.95 14.41
C GLU C 281 -13.77 17.36 13.99
N VAL C 282 -14.07 17.55 12.71
CA VAL C 282 -14.67 18.81 12.24
C VAL C 282 -16.15 18.52 12.09
N HIS C 283 -17.01 19.41 12.59
CA HIS C 283 -18.42 19.09 12.80
C HIS C 283 -19.26 20.37 12.72
N SER C 284 -20.27 20.37 11.85
CA SER C 284 -21.20 21.51 11.71
C SER C 284 -20.65 22.63 10.83
N PHE C 285 -21.55 23.46 10.35
CA PHE C 285 -21.25 24.35 9.26
C PHE C 285 -22.16 25.56 9.36
N ALA C 286 -21.57 26.75 9.35
CA ALA C 286 -22.36 27.98 9.36
C ALA C 286 -21.90 28.88 8.25
N THR C 287 -22.79 29.17 7.31
CA THR C 287 -22.51 30.19 6.32
C THR C 287 -22.48 31.57 6.96
N ILE C 288 -21.40 32.31 6.72
CA ILE C 288 -21.20 33.62 7.32
C ILE C 288 -21.68 34.71 6.35
N ASP C 289 -21.20 34.65 5.12
CA ASP C 289 -21.61 35.60 4.10
C ASP C 289 -21.38 35.03 2.71
N ASN C 290 -21.24 35.93 1.74
CA ASN C 290 -20.98 35.60 0.35
C ASN C 290 -19.60 34.98 0.10
N ASN C 291 -18.66 35.14 1.03
CA ASN C 291 -17.27 34.78 0.81
C ASN C 291 -16.79 33.59 1.59
N GLY C 292 -17.40 33.34 2.74
CA GLY C 292 -16.95 32.26 3.59
C GLY C 292 -17.90 31.77 4.64
N PHE C 293 -17.37 30.91 5.49
CA PHE C 293 -18.17 30.15 6.43
C PHE C 293 -17.30 29.68 7.59
N ALA C 294 -17.94 29.16 8.63
CA ALA C 294 -17.21 28.51 9.71
C ALA C 294 -17.63 27.05 9.84
N MET C 295 -16.71 26.23 10.35
CA MET C 295 -16.92 24.81 10.59
C MET C 295 -16.53 24.53 12.04
N GLY C 296 -17.35 23.79 12.77
CA GLY C 296 -17.05 23.50 14.17
C GLY C 296 -15.94 22.49 14.29
N TYR C 297 -15.32 22.41 15.46
CA TYR C 297 -14.40 21.32 15.73
C TYR C 297 -14.25 21.11 17.23
N HIS C 298 -13.76 19.93 17.59
CA HIS C 298 -13.23 19.69 18.91
C HIS C 298 -11.98 18.81 18.81
N GLN C 299 -11.20 18.83 19.87
CA GLN C 299 -10.09 17.91 20.04
C GLN C 299 -10.24 17.26 21.40
N GLY C 300 -10.38 15.95 21.45
CA GLY C 300 -10.66 15.30 22.71
C GLY C 300 -9.77 14.11 23.05
N ASP C 301 -8.68 13.97 22.30
CA ASP C 301 -7.73 12.86 22.45
C ASP C 301 -6.72 13.16 23.58
N VAL C 302 -6.13 14.35 23.55
CA VAL C 302 -5.12 14.70 24.53
C VAL C 302 -5.32 16.10 25.10
N ALA C 303 -4.74 16.34 26.27
CA ALA C 303 -4.88 17.60 26.96
C ALA C 303 -4.02 18.69 26.28
N PRO C 304 -4.54 19.91 26.17
CA PRO C 304 -5.91 20.23 26.61
C PRO C 304 -6.95 19.94 25.53
N ARG C 305 -8.14 19.53 25.96
CA ARG C 305 -9.28 19.38 25.07
C ARG C 305 -9.69 20.77 24.58
N GLU C 306 -10.09 20.84 23.31
CA GLU C 306 -10.53 22.10 22.73
C GLU C 306 -11.89 21.93 22.08
N VAL C 307 -12.63 23.03 21.99
CA VAL C 307 -13.90 23.09 21.28
C VAL C 307 -13.94 24.49 20.69
N GLY C 308 -14.32 24.59 19.43
CA GLY C 308 -14.36 25.87 18.77
C GLY C 308 -14.79 25.75 17.32
N LEU C 309 -14.30 26.66 16.49
CA LEU C 309 -14.64 26.68 15.07
C LEU C 309 -13.41 27.08 14.29
N PHE C 310 -13.40 26.75 12.99
CA PHE C 310 -12.43 27.27 12.04
C PHE C 310 -13.22 28.18 11.12
N TYR C 311 -12.82 29.44 11.04
CA TYR C 311 -13.48 30.40 10.16
C TYR C 311 -12.66 30.56 8.87
N PHE C 312 -13.31 30.27 7.74
CA PHE C 312 -12.73 30.46 6.42
C PHE C 312 -13.29 31.78 5.85
N PRO C 313 -12.55 32.89 5.98
CA PRO C 313 -13.08 34.21 5.56
C PRO C 313 -13.37 34.35 4.06
N ASP C 314 -12.55 33.73 3.21
CA ASP C 314 -12.76 33.78 1.76
C ASP C 314 -12.44 32.41 1.17
N ALA C 315 -13.44 31.54 1.18
CA ALA C 315 -13.22 30.16 0.79
C ALA C 315 -13.12 29.99 -0.73
N PHE C 316 -13.50 31.03 -1.46
CA PHE C 316 -13.41 30.99 -2.92
C PHE C 316 -12.02 31.27 -3.45
N ASN C 317 -11.45 32.39 -3.02
CA ASN C 317 -10.11 32.74 -3.46
C ASN C 317 -9.03 32.00 -2.67
N SER C 318 -9.33 31.70 -1.39
CA SER C 318 -8.36 31.19 -0.44
C SER C 318 -8.88 30.05 0.46
N PRO C 319 -9.18 28.89 -0.12
CA PRO C 319 -9.78 27.79 0.65
C PRO C 319 -8.85 27.20 1.69
N SER C 320 -7.54 27.43 1.56
CA SER C 320 -6.57 26.90 2.53
C SER C 320 -6.32 27.80 3.75
N ASN C 321 -6.98 28.95 3.80
CA ASN C 321 -6.78 29.92 4.86
C ASN C 321 -7.96 29.94 5.82
N TYR C 322 -7.70 29.61 7.07
CA TYR C 322 -8.72 29.60 8.11
C TYR C 322 -8.11 30.08 9.41
N VAL C 323 -8.97 30.43 10.36
CA VAL C 323 -8.53 30.91 11.67
C VAL C 323 -9.28 30.13 12.77
N ARG C 324 -8.51 29.61 13.71
CA ARG C 324 -9.05 28.80 14.80
C ARG C 324 -9.60 29.68 15.93
N ARG C 325 -10.86 29.46 16.32
CA ARG C 325 -11.43 30.24 17.42
C ARG C 325 -11.98 29.26 18.44
N GLN C 326 -11.62 29.45 19.71
CA GLN C 326 -12.09 28.54 20.74
C GLN C 326 -13.15 29.19 21.61
N ILE C 327 -14.06 28.38 22.14
CA ILE C 327 -15.00 28.86 23.13
C ILE C 327 -14.23 29.09 24.44
N PRO C 328 -14.84 29.82 25.37
CA PRO C 328 -14.15 30.16 26.62
C PRO C 328 -13.69 28.90 27.34
N SER C 329 -12.47 28.95 27.92
CA SER C 329 -11.83 27.79 28.54
C SER C 329 -12.67 26.99 29.55
N GLU C 330 -13.56 27.65 30.31
CA GLU C 330 -14.35 26.92 31.31
C GLU C 330 -15.36 25.94 30.70
N TYR C 331 -15.70 26.15 29.45
CA TYR C 331 -16.74 25.33 28.83
C TYR C 331 -16.20 24.19 27.98
N GLU C 332 -14.87 24.16 27.82
CA GLU C 332 -14.20 23.18 26.98
C GLU C 332 -14.08 21.75 27.56
N PRO C 333 -13.82 21.60 28.87
CA PRO C 333 -13.85 20.26 29.49
C PRO C 333 -15.13 19.48 29.20
N ASP C 334 -15.00 18.18 28.95
CA ASP C 334 -16.12 17.25 28.76
C ASP C 334 -17.11 17.69 27.65
N ALA C 335 -16.59 18.38 26.63
CA ALA C 335 -17.42 18.92 25.55
C ALA C 335 -16.88 18.46 24.21
N SER C 336 -17.75 18.33 23.22
CA SER C 336 -17.33 18.00 21.86
C SER C 336 -18.36 18.46 20.83
N GLU C 337 -18.06 18.17 19.56
CA GLU C 337 -19.03 18.23 18.47
C GLU C 337 -19.97 19.42 18.54
N PRO C 338 -19.42 20.62 18.44
CA PRO C 338 -20.23 21.84 18.53
C PRO C 338 -21.14 22.00 17.31
N CYS C 339 -22.39 22.42 17.52
CA CYS C 339 -23.25 22.86 16.41
C CYS C 339 -23.21 24.38 16.30
N ILE C 340 -23.03 24.90 15.10
CA ILE C 340 -22.88 26.34 14.90
C ILE C 340 -23.77 26.86 13.78
N LYS C 341 -24.41 28.01 14.03
CA LYS C 341 -25.21 28.71 13.03
C LYS C 341 -25.00 30.20 13.21
N TYR C 342 -25.25 30.97 12.16
CA TYR C 342 -25.03 32.40 12.15
C TYR C 342 -26.31 33.09 11.72
N TYR C 343 -26.80 34.01 12.56
CA TYR C 343 -28.01 34.77 12.26
C TYR C 343 -27.86 36.23 12.66
N ASP C 344 -28.12 37.12 11.70
CA ASP C 344 -28.14 38.58 11.93
C ASP C 344 -26.90 39.04 12.70
N GLY C 345 -25.72 38.64 12.21
CA GLY C 345 -24.47 39.04 12.82
C GLY C 345 -24.04 38.32 14.10
N VAL C 346 -24.81 37.32 14.53
CA VAL C 346 -24.50 36.59 15.76
C VAL C 346 -24.20 35.12 15.44
N LEU C 347 -23.07 34.64 15.94
CA LEU C 347 -22.67 33.26 15.80
C LEU C 347 -23.03 32.50 17.08
N TYR C 348 -23.85 31.45 16.92
CA TYR C 348 -24.32 30.63 18.04
C TYR C 348 -23.62 29.27 18.00
N LEU C 349 -23.25 28.76 19.18
CA LEU C 349 -22.55 27.50 19.30
C LEU C 349 -23.10 26.72 20.49
N ILE C 350 -23.51 25.46 20.24
CA ILE C 350 -23.96 24.60 21.31
C ILE C 350 -23.09 23.33 21.33
N THR C 351 -22.54 22.99 22.49
CA THR C 351 -21.69 21.81 22.60
C THR C 351 -22.48 20.56 22.97
N ARG C 352 -21.88 19.40 22.71
CA ARG C 352 -22.34 18.11 23.26
C ARG C 352 -21.54 17.91 24.54
N GLY C 353 -22.21 17.47 25.61
CA GLY C 353 -21.53 17.01 26.80
C GLY C 353 -21.08 15.55 26.67
N THR C 354 -19.91 15.21 27.22
CA THR C 354 -19.38 13.85 27.03
C THR C 354 -19.76 12.88 28.15
N ARG C 355 -20.20 13.38 29.30
CA ARG C 355 -20.63 12.49 30.39
C ARG C 355 -21.70 13.10 31.29
N GLY C 356 -22.58 12.27 31.80
CA GLY C 356 -23.72 12.72 32.58
C GLY C 356 -23.41 13.12 34.02
N ASP C 357 -22.18 12.86 34.44
CA ASP C 357 -21.77 13.21 35.82
C ASP C 357 -20.87 14.45 35.86
N ARG C 358 -20.75 15.14 34.73
CA ARG C 358 -19.97 16.39 34.64
C ARG C 358 -20.81 17.44 33.91
N LEU C 359 -20.57 18.71 34.19
CA LEU C 359 -21.25 19.79 33.48
C LEU C 359 -21.22 19.54 31.95
N GLY C 360 -22.38 19.67 31.31
CA GLY C 360 -22.58 19.20 29.95
C GLY C 360 -22.74 20.32 28.94
N SER C 361 -23.61 20.11 27.96
CA SER C 361 -23.88 21.07 26.89
C SER C 361 -24.01 22.52 27.39
N SER C 362 -23.40 23.43 26.65
CA SER C 362 -23.48 24.86 26.93
C SER C 362 -23.73 25.58 25.61
N LEU C 363 -24.28 26.78 25.71
CA LEU C 363 -24.67 27.60 24.56
C LEU C 363 -23.84 28.88 24.59
N HIS C 364 -23.37 29.32 23.43
CA HIS C 364 -22.50 30.49 23.33
C HIS C 364 -22.95 31.33 22.16
N ARG C 365 -22.78 32.64 22.27
CA ARG C 365 -23.05 33.57 21.17
C ARG C 365 -21.88 34.54 21.04
N SER C 366 -21.57 34.93 19.81
CA SER C 366 -20.44 35.82 19.53
C SER C 366 -20.84 36.81 18.45
N ARG C 367 -20.46 38.08 18.64
CA ARG C 367 -20.70 39.11 17.62
C ARG C 367 -19.46 39.45 16.79
N ASP C 368 -18.41 38.65 16.94
CA ASP C 368 -17.15 38.85 16.21
C ASP C 368 -16.56 37.52 15.70
N ILE C 369 -17.45 36.61 15.33
CA ILE C 369 -17.07 35.31 14.77
C ILE C 369 -16.12 34.50 15.68
N GLY C 370 -16.45 34.45 16.97
CA GLY C 370 -15.77 33.54 17.87
C GLY C 370 -14.57 34.07 18.63
N GLN C 371 -14.26 35.35 18.49
CA GLN C 371 -13.16 35.96 19.25
C GLN C 371 -13.55 36.16 20.71
N THR C 372 -14.76 36.68 20.95
CA THR C 372 -15.32 36.80 22.31
C THR C 372 -16.68 36.14 22.36
N TRP C 373 -17.10 35.70 23.56
CA TRP C 373 -18.35 34.98 23.71
C TRP C 373 -19.14 35.41 24.95
N GLU C 374 -20.47 35.26 24.87
CA GLU C 374 -21.37 35.25 26.04
C GLU C 374 -21.86 33.79 26.11
N SER C 375 -21.95 33.24 27.32
CA SER C 375 -22.15 31.81 27.49
C SER C 375 -23.14 31.44 28.59
N LEU C 376 -23.69 30.25 28.44
CA LEU C 376 -24.66 29.77 29.39
C LEU C 376 -24.59 28.25 29.42
N ARG C 377 -24.79 27.67 30.60
CA ARG C 377 -24.72 26.23 30.75
C ARG C 377 -26.13 25.67 30.86
N PHE C 378 -26.46 24.64 30.07
CA PHE C 378 -27.73 23.95 30.27
C PHE C 378 -27.71 23.21 31.61
N PRO C 379 -28.82 23.28 32.35
CA PRO C 379 -28.95 22.57 33.63
C PRO C 379 -28.88 21.05 33.49
N HIS C 380 -28.40 20.38 34.54
CA HIS C 380 -28.40 18.91 34.63
C HIS C 380 -27.60 18.15 33.56
N ASN C 381 -26.43 18.66 33.20
CA ASN C 381 -25.43 17.85 32.52
C ASN C 381 -25.94 17.19 31.23
N VAL C 382 -26.50 17.99 30.31
CA VAL C 382 -26.97 17.42 29.04
C VAL C 382 -25.77 16.76 28.36
N HIS C 383 -25.92 15.49 27.97
CA HIS C 383 -24.79 14.72 27.46
C HIS C 383 -25.19 13.66 26.42
N HIS C 384 -24.16 13.15 25.72
CA HIS C 384 -24.24 12.10 24.68
C HIS C 384 -24.95 12.50 23.40
N THR C 385 -25.56 13.67 23.39
CA THR C 385 -26.27 14.13 22.20
C THR C 385 -25.70 15.45 21.68
N THR C 386 -25.69 15.63 20.36
CA THR C 386 -25.47 16.98 19.84
C THR C 386 -26.82 17.67 19.95
N LEU C 387 -26.78 18.99 19.84
CA LEU C 387 -27.99 19.81 19.97
C LEU C 387 -28.07 20.75 18.79
N PRO C 388 -28.31 20.18 17.59
CA PRO C 388 -28.56 20.97 16.39
C PRO C 388 -29.79 21.85 16.60
N PHE C 389 -29.81 23.02 15.98
CA PHE C 389 -30.81 24.02 16.30
C PHE C 389 -30.97 24.98 15.14
N ALA C 390 -32.03 25.77 15.19
CA ALA C 390 -32.16 26.89 14.27
C ALA C 390 -32.75 28.04 15.06
N LYS C 391 -32.62 29.24 14.52
CA LYS C 391 -33.24 30.40 15.14
C LYS C 391 -34.50 30.78 14.39
N VAL C 392 -35.60 30.87 15.12
CA VAL C 392 -36.90 31.22 14.56
C VAL C 392 -37.42 32.35 15.43
N GLY C 393 -37.50 33.55 14.86
CA GLY C 393 -37.81 34.74 15.63
C GLY C 393 -36.80 34.89 16.77
N ASP C 394 -37.31 35.07 17.98
CA ASP C 394 -36.44 35.32 19.12
C ASP C 394 -35.91 34.03 19.76
N ASP C 395 -36.40 32.87 19.29
CA ASP C 395 -36.05 31.59 19.90
C ASP C 395 -35.02 30.80 19.11
N LEU C 396 -34.10 30.19 19.85
CA LEU C 396 -33.35 29.04 19.33
C LEU C 396 -34.25 27.85 19.56
N ILE C 397 -34.42 27.01 18.53
CA ILE C 397 -35.20 25.78 18.69
C ILE C 397 -34.22 24.63 18.51
N MET C 398 -33.99 23.90 19.59
CA MET C 398 -32.98 22.84 19.54
C MET C 398 -33.58 21.45 19.73
N PHE C 399 -32.89 20.44 19.21
CA PHE C 399 -33.37 19.07 19.28
C PHE C 399 -32.25 18.18 19.79
N GLY C 400 -32.61 17.16 20.56
CA GLY C 400 -31.63 16.17 21.00
C GLY C 400 -32.28 14.82 21.28
N SER C 401 -31.47 13.79 21.33
CA SER C 401 -31.97 12.45 21.56
C SER C 401 -31.03 11.72 22.50
N GLU C 402 -31.56 11.11 23.56
CA GLU C 402 -30.74 10.20 24.33
C GLU C 402 -30.47 9.01 23.42
N ARG C 403 -29.37 8.31 23.67
CA ARG C 403 -28.86 7.29 22.76
C ARG C 403 -29.46 5.93 23.07
N ALA C 404 -29.87 5.76 24.34
CA ALA C 404 -30.65 4.59 24.79
C ALA C 404 -31.55 5.11 25.91
N GLU C 405 -32.62 4.38 26.23
CA GLU C 405 -33.63 4.89 27.16
C GLU C 405 -33.04 5.20 28.54
N ASN C 406 -33.44 6.34 29.12
CA ASN C 406 -33.11 6.72 30.50
C ASN C 406 -31.64 7.11 30.73
N GLU C 407 -31.02 7.63 29.67
CA GLU C 407 -29.67 8.15 29.77
C GLU C 407 -29.66 9.68 29.81
N TRP C 408 -30.80 10.32 29.54
CA TRP C 408 -30.83 11.78 29.39
C TRP C 408 -30.39 12.54 30.64
N GLU C 409 -30.86 12.09 31.80
CA GLU C 409 -30.71 12.86 33.04
C GLU C 409 -29.27 12.88 33.57
N ALA C 410 -28.97 13.93 34.34
CA ALA C 410 -27.72 14.02 35.08
C ALA C 410 -27.61 12.83 36.02
N GLY C 411 -26.47 12.14 35.96
CA GLY C 411 -26.25 11.04 36.88
C GLY C 411 -26.79 9.70 36.37
N ALA C 412 -27.54 9.71 35.27
CA ALA C 412 -28.07 8.47 34.70
C ALA C 412 -26.92 7.67 34.09
N PRO C 413 -26.73 6.43 34.54
CA PRO C 413 -25.69 5.57 33.97
C PRO C 413 -26.04 5.18 32.52
N ASP C 414 -25.03 4.95 31.65
CA ASP C 414 -25.27 4.35 30.33
C ASP C 414 -26.02 3.02 30.54
N ASP C 415 -27.00 2.75 29.67
CA ASP C 415 -27.78 1.51 29.77
C ASP C 415 -27.82 0.86 28.40
N ARG C 416 -26.82 0.04 28.12
CA ARG C 416 -26.66 -0.54 26.80
C ARG C 416 -26.87 -2.05 26.88
N TYR C 417 -26.67 -2.74 25.76
CA TYR C 417 -26.79 -4.19 25.68
C TYR C 417 -28.18 -4.74 26.02
N LYS C 418 -29.19 -3.89 25.92
CA LYS C 418 -30.58 -4.34 26.01
C LYS C 418 -31.46 -3.41 25.22
N ALA C 419 -32.51 -3.96 24.61
CA ALA C 419 -33.41 -3.16 23.78
C ALA C 419 -34.09 -2.12 24.66
N SER C 420 -34.28 -0.92 24.12
CA SER C 420 -34.99 0.11 24.86
C SER C 420 -35.53 1.18 23.93
N TYR C 421 -36.28 2.10 24.51
CA TYR C 421 -36.97 3.13 23.74
C TYR C 421 -36.49 4.55 24.07
N PRO C 422 -35.34 4.97 23.55
CA PRO C 422 -34.80 6.31 23.87
C PRO C 422 -35.69 7.45 23.46
N ARG C 423 -35.72 8.47 24.33
CA ARG C 423 -36.58 9.62 24.15
C ARG C 423 -35.88 10.68 23.33
N THR C 424 -36.65 11.34 22.47
CA THR C 424 -36.15 12.49 21.72
C THR C 424 -36.86 13.72 22.23
N PHE C 425 -36.09 14.79 22.40
CA PHE C 425 -36.57 16.03 22.98
C PHE C 425 -36.33 17.21 22.05
N TYR C 426 -37.14 18.25 22.23
CA TYR C 426 -36.79 19.58 21.75
C TYR C 426 -37.01 20.63 22.85
N ALA C 427 -36.41 21.82 22.68
CA ALA C 427 -36.62 22.91 23.61
C ALA C 427 -36.48 24.25 22.90
N ARG C 428 -37.14 25.27 23.44
CA ARG C 428 -36.98 26.62 22.98
C ARG C 428 -36.21 27.44 24.00
N LEU C 429 -35.30 28.28 23.51
CA LEU C 429 -34.59 29.20 24.37
C LEU C 429 -34.71 30.59 23.76
N ASN C 430 -35.21 31.53 24.54
CA ASN C 430 -35.35 32.89 24.06
C ASN C 430 -33.99 33.57 24.19
N VAL C 431 -33.45 34.05 23.07
CA VAL C 431 -32.10 34.65 23.09
C VAL C 431 -32.04 36.00 23.81
N ASN C 432 -33.16 36.73 23.87
CA ASN C 432 -33.18 37.99 24.62
C ASN C 432 -33.04 37.76 26.12
N ASN C 433 -33.76 36.77 26.64
CA ASN C 433 -33.72 36.50 28.08
C ASN C 433 -32.42 35.80 28.48
N TRP C 434 -31.85 35.05 27.54
CA TRP C 434 -30.53 34.43 27.68
C TRP C 434 -30.33 33.82 29.08
N ASN C 435 -31.18 32.87 29.42
CA ASN C 435 -31.13 32.17 30.70
C ASN C 435 -31.71 30.79 30.50
N ALA C 436 -30.94 29.75 30.80
CA ALA C 436 -31.41 28.39 30.54
C ALA C 436 -31.82 27.63 31.79
N ASP C 437 -31.80 28.29 32.94
CA ASP C 437 -32.08 27.60 34.20
C ASP C 437 -33.44 26.91 34.22
N ASP C 438 -34.43 27.50 33.56
CA ASP C 438 -35.75 26.88 33.49
C ASP C 438 -36.18 26.41 32.08
N ILE C 439 -35.21 25.90 31.34
CA ILE C 439 -35.42 25.36 30.00
C ILE C 439 -36.32 24.13 30.09
N GLU C 440 -37.20 23.97 29.11
CA GLU C 440 -38.17 22.87 29.10
C GLU C 440 -37.91 21.89 27.96
N TRP C 441 -37.31 20.74 28.28
CA TRP C 441 -37.08 19.70 27.27
C TRP C 441 -38.37 18.94 27.11
N VAL C 442 -38.90 18.93 25.89
CA VAL C 442 -40.19 18.29 25.64
C VAL C 442 -39.99 17.04 24.78
N ASN C 443 -40.37 15.92 25.37
CA ASN C 443 -40.25 14.60 24.73
C ASN C 443 -41.37 14.52 23.69
N ILE C 444 -41.01 14.44 22.42
CA ILE C 444 -41.99 14.52 21.32
C ILE C 444 -42.10 13.25 20.51
N THR C 445 -41.08 12.42 20.60
CA THR C 445 -41.06 11.09 19.95
C THR C 445 -40.09 10.14 20.65
N ASP C 446 -40.38 8.84 20.60
CA ASP C 446 -39.46 7.82 21.12
C ASP C 446 -38.98 6.94 19.98
N GLN C 447 -37.71 6.60 20.02
CA GLN C 447 -37.05 5.78 19.01
C GLN C 447 -36.79 4.40 19.60
N ILE C 448 -36.12 3.55 18.85
CA ILE C 448 -35.64 2.25 19.37
C ILE C 448 -34.11 2.19 19.36
N TYR C 449 -33.53 1.68 20.45
CA TYR C 449 -32.13 1.29 20.50
C TYR C 449 -32.15 -0.24 20.52
N GLN C 450 -31.48 -0.86 19.56
CA GLN C 450 -31.62 -2.30 19.38
C GLN C 450 -31.01 -3.13 20.52
N GLY C 451 -29.79 -2.78 20.95
CA GLY C 451 -29.18 -3.40 22.12
C GLY C 451 -28.25 -4.56 21.83
N GLY C 452 -28.12 -4.91 20.55
CA GLY C 452 -27.27 -6.00 20.12
C GLY C 452 -25.78 -5.69 20.20
N ILE C 453 -25.43 -4.41 20.23
CA ILE C 453 -24.04 -3.98 20.47
C ILE C 453 -24.16 -2.76 21.33
N VAL C 454 -23.03 -2.35 21.90
CA VAL C 454 -23.02 -1.23 22.83
C VAL C 454 -23.33 0.10 22.15
N ASN C 455 -22.92 0.24 20.89
CA ASN C 455 -23.11 1.47 20.12
C ASN C 455 -24.55 1.71 19.73
N SER C 456 -24.90 2.99 19.64
CA SER C 456 -26.23 3.41 19.23
C SER C 456 -26.13 4.35 18.02
N GLY C 457 -26.99 4.14 17.04
CA GLY C 457 -27.08 5.08 15.95
C GLY C 457 -28.17 6.11 16.21
N VAL C 458 -28.88 6.03 17.35
CA VAL C 458 -29.96 6.97 17.56
C VAL C 458 -29.48 8.41 17.76
N GLY C 459 -30.19 9.36 17.17
CA GLY C 459 -29.91 10.77 17.38
C GLY C 459 -28.79 11.31 16.53
N VAL C 460 -27.86 11.99 17.19
CA VAL C 460 -26.74 12.72 16.56
C VAL C 460 -27.10 13.27 15.19
N GLY C 461 -28.07 14.19 15.19
CA GLY C 461 -28.69 14.59 13.95
C GLY C 461 -28.37 16.00 13.53
N SER C 462 -29.34 16.62 12.87
CA SER C 462 -29.13 17.89 12.19
C SER C 462 -30.48 18.57 11.95
N VAL C 463 -30.47 19.89 11.85
CA VAL C 463 -31.71 20.66 11.83
C VAL C 463 -31.70 21.70 10.70
N VAL C 464 -32.83 21.83 10.01
CA VAL C 464 -33.01 22.92 9.05
C VAL C 464 -34.43 23.46 9.14
N VAL C 465 -34.59 24.71 8.72
CA VAL C 465 -35.90 25.32 8.58
C VAL C 465 -36.17 25.50 7.09
N LYS C 466 -37.36 25.12 6.66
CA LYS C 466 -37.79 25.48 5.32
C LYS C 466 -39.19 26.03 5.44
N ASP C 467 -39.35 27.28 4.99
CA ASP C 467 -40.62 27.99 5.13
C ASP C 467 -41.07 27.94 6.60
N ASN C 468 -42.28 27.46 6.88
CA ASN C 468 -42.83 27.54 8.23
C ASN C 468 -42.67 26.23 9.04
N TYR C 469 -41.71 25.40 8.63
CA TYR C 469 -41.44 24.12 9.29
C TYR C 469 -39.97 23.96 9.60
N ILE C 470 -39.72 23.35 10.76
CA ILE C 470 -38.39 22.99 11.16
C ILE C 470 -38.29 21.48 11.09
N TYR C 471 -37.10 21.00 10.77
CA TYR C 471 -36.86 19.61 10.43
C TYR C 471 -35.69 19.10 11.22
N TYR C 472 -35.90 18.04 12.02
CA TYR C 472 -34.79 17.42 12.73
C TYR C 472 -34.56 16.06 12.13
N MET C 473 -33.36 15.83 11.57
CA MET C 473 -33.03 14.58 10.89
C MET C 473 -32.04 13.85 11.76
N PHE C 474 -32.31 12.57 12.07
CA PHE C 474 -31.55 11.91 13.12
C PHE C 474 -31.72 10.43 12.96
N GLY C 475 -30.89 9.68 13.67
CA GLY C 475 -30.89 8.23 13.59
C GLY C 475 -31.91 7.58 14.50
N GLY C 476 -32.33 6.38 14.11
CA GLY C 476 -33.06 5.52 15.02
C GLY C 476 -32.83 4.07 14.62
N GLU C 477 -33.02 3.14 15.54
CA GLU C 477 -32.87 1.74 15.23
C GLU C 477 -34.22 1.03 15.19
N ASP C 478 -34.15 -0.29 15.05
CA ASP C 478 -35.32 -1.15 15.15
C ASP C 478 -34.86 -2.36 15.96
N HIS C 479 -35.75 -3.33 16.17
CA HIS C 479 -35.41 -4.51 16.95
C HIS C 479 -34.60 -5.61 16.23
N PHE C 480 -34.30 -5.41 14.95
CA PHE C 480 -33.56 -6.40 14.18
C PHE C 480 -32.05 -6.34 14.50
N ASN C 481 -31.56 -7.36 15.19
CA ASN C 481 -30.12 -7.50 15.56
C ASN C 481 -29.23 -7.60 14.32
N PRO C 482 -28.09 -6.90 14.30
CA PRO C 482 -27.10 -7.03 13.22
C PRO C 482 -26.30 -8.32 13.26
N TRP C 483 -26.42 -9.06 14.36
CA TRP C 483 -25.74 -10.35 14.53
C TRP C 483 -24.23 -10.20 14.53
N THR C 484 -23.74 -9.06 15.04
CA THR C 484 -22.31 -8.88 15.27
C THR C 484 -21.80 -9.96 16.23
N TYR C 485 -22.56 -10.19 17.29
CA TYR C 485 -22.37 -11.33 18.17
C TYR C 485 -23.39 -12.33 17.67
N GLY C 486 -22.91 -13.20 16.79
CA GLY C 486 -23.75 -14.08 16.01
C GLY C 486 -23.00 -14.40 14.72
N ASP C 487 -23.74 -14.67 13.65
CA ASP C 487 -23.15 -15.15 12.40
C ASP C 487 -22.64 -14.07 11.44
N ASN C 488 -22.64 -12.82 11.89
CA ASN C 488 -22.23 -11.66 11.07
C ASN C 488 -21.24 -10.75 11.82
N SER C 489 -20.22 -11.35 12.43
CA SER C 489 -19.17 -10.57 13.10
C SER C 489 -18.41 -9.67 12.12
N ALA C 490 -18.42 -10.08 10.84
CA ALA C 490 -17.86 -9.28 9.75
C ALA C 490 -18.69 -8.03 9.40
N LYS C 491 -19.93 -7.97 9.90
CA LYS C 491 -20.79 -6.80 9.73
C LYS C 491 -21.18 -6.51 8.28
N ASP C 492 -21.23 -7.54 7.46
CA ASP C 492 -21.73 -7.44 6.08
C ASP C 492 -23.19 -6.92 6.10
N PRO C 493 -23.45 -5.76 5.50
CA PRO C 493 -24.81 -5.21 5.46
C PRO C 493 -25.81 -6.08 4.71
N PHE C 494 -25.35 -6.91 3.77
CA PHE C 494 -26.28 -7.66 2.92
C PHE C 494 -26.68 -9.05 3.39
N LYS C 495 -26.21 -9.43 4.56
CA LYS C 495 -26.69 -10.63 5.26
C LYS C 495 -27.88 -10.29 6.15
N SER C 496 -28.88 -11.19 6.17
CA SER C 496 -30.04 -11.06 7.06
C SER C 496 -30.64 -9.64 6.97
N ASP C 497 -30.88 -9.00 8.10
CA ASP C 497 -31.49 -7.66 8.13
C ASP C 497 -30.47 -6.51 8.08
N GLY C 498 -29.22 -6.83 7.82
CA GLY C 498 -28.16 -5.83 7.89
C GLY C 498 -28.24 -5.03 9.19
N HIS C 499 -27.98 -3.73 9.08
CA HIS C 499 -27.81 -2.88 10.24
C HIS C 499 -29.07 -2.06 10.54
N PRO C 500 -29.52 -2.10 11.79
CA PRO C 500 -30.84 -1.55 12.14
C PRO C 500 -30.90 -0.03 12.11
N SER C 501 -29.76 0.67 12.10
CA SER C 501 -29.82 2.12 12.09
C SER C 501 -30.24 2.71 10.73
N ASP C 502 -31.18 3.64 10.79
CA ASP C 502 -31.71 4.33 9.63
C ASP C 502 -32.11 5.75 10.06
N LEU C 503 -32.42 6.61 9.08
CA LEU C 503 -32.70 8.02 9.39
C LEU C 503 -34.18 8.29 9.48
N TYR C 504 -34.50 9.24 10.37
CA TYR C 504 -35.85 9.71 10.60
C TYR C 504 -35.86 11.22 10.51
N CYS C 505 -37.05 11.80 10.39
CA CYS C 505 -37.15 13.26 10.39
C CYS C 505 -38.41 13.70 11.11
N TYR C 506 -38.21 14.54 12.13
CA TYR C 506 -39.34 15.14 12.81
C TYR C 506 -39.60 16.50 12.17
N LYS C 507 -40.76 16.65 11.56
CA LYS C 507 -41.16 17.86 10.90
C LYS C 507 -42.14 18.59 11.84
N MET C 508 -41.77 19.80 12.25
CA MET C 508 -42.53 20.55 13.23
C MET C 508 -42.91 21.92 12.68
N LYS C 509 -44.19 22.24 12.77
CA LYS C 509 -44.70 23.53 12.34
C LYS C 509 -44.26 24.62 13.31
N ILE C 510 -43.78 25.72 12.73
CA ILE C 510 -43.10 26.78 13.44
C ILE C 510 -43.64 28.18 13.08
N GLY C 511 -44.57 28.21 12.11
CA GLY C 511 -45.20 29.44 11.65
C GLY C 511 -46.53 29.11 10.98
N PRO C 512 -47.37 30.11 10.75
CA PRO C 512 -48.71 29.88 10.19
C PRO C 512 -48.61 29.35 8.77
N ASP C 513 -49.56 28.51 8.40
CA ASP C 513 -49.64 27.96 7.08
C ASP C 513 -50.88 28.50 6.42
N ASN C 514 -50.72 29.43 5.47
CA ASN C 514 -51.86 30.10 4.85
C ASN C 514 -52.33 29.42 3.55
N ARG C 515 -51.94 28.15 3.42
CA ARG C 515 -52.34 27.29 2.33
C ARG C 515 -53.18 26.12 2.84
N VAL C 516 -54.01 25.59 1.96
CA VAL C 516 -54.72 24.35 2.19
C VAL C 516 -53.67 23.23 2.23
N SER C 517 -54.00 22.04 2.75
CA SER C 517 -53.00 20.98 2.94
C SER C 517 -52.35 20.47 1.65
N ARG C 518 -51.04 20.20 1.71
CA ARG C 518 -50.32 19.51 0.63
C ARG C 518 -50.18 18.01 0.95
N ASP C 519 -50.65 17.59 2.12
CA ASP C 519 -50.42 16.21 2.58
C ASP C 519 -51.07 15.19 1.65
N PHE C 520 -50.38 14.09 1.41
CA PHE C 520 -50.96 12.96 0.70
C PHE C 520 -50.55 11.67 1.39
N ARG C 521 -51.35 10.63 1.15
CA ARG C 521 -50.98 9.27 1.51
C ARG C 521 -50.27 8.70 0.27
N TYR C 522 -49.09 8.12 0.50
CA TYR C 522 -48.33 7.45 -0.56
C TYR C 522 -48.96 6.11 -0.93
N GLY C 523 -49.48 6.00 -2.15
CA GLY C 523 -50.15 4.78 -2.59
C GLY C 523 -49.53 4.14 -3.82
N ALA C 524 -48.42 4.73 -4.27
CA ALA C 524 -47.70 4.32 -5.49
C ALA C 524 -46.77 3.13 -5.27
N VAL C 525 -46.47 2.42 -6.34
CA VAL C 525 -45.30 1.52 -6.36
C VAL C 525 -44.06 2.42 -6.42
N PRO C 526 -43.15 2.32 -5.46
CA PRO C 526 -41.89 3.09 -5.53
C PRO C 526 -41.12 2.65 -6.75
N ASN C 527 -40.99 3.54 -7.73
CA ASN C 527 -40.48 3.15 -9.04
C ASN C 527 -39.35 4.03 -9.53
N ARG C 528 -38.56 4.56 -8.58
CA ARG C 528 -37.36 5.35 -8.87
C ARG C 528 -36.07 4.54 -8.74
N ALA C 529 -35.97 3.69 -7.71
CA ALA C 529 -34.72 2.97 -7.45
C ALA C 529 -34.47 1.90 -8.52
N VAL C 530 -35.47 1.07 -8.77
CA VAL C 530 -35.40 0.09 -9.87
C VAL C 530 -36.65 0.29 -10.70
N PRO C 531 -36.61 1.22 -11.66
CA PRO C 531 -37.84 1.55 -12.41
C PRO C 531 -38.32 0.35 -13.23
N VAL C 532 -39.49 -0.18 -12.89
CA VAL C 532 -40.08 -1.32 -13.59
C VAL C 532 -41.39 -0.93 -14.27
N PHE C 533 -41.56 -1.38 -15.51
CA PHE C 533 -42.80 -1.16 -16.26
C PHE C 533 -43.19 -2.49 -16.88
N PHE C 534 -44.48 -2.83 -16.79
CA PHE C 534 -44.97 -4.02 -17.50
C PHE C 534 -45.04 -3.68 -19.00
N ASP C 535 -44.21 -4.37 -19.79
CA ASP C 535 -44.16 -4.09 -21.23
C ASP C 535 -45.41 -4.63 -21.92
N THR C 536 -45.58 -4.34 -23.21
CA THR C 536 -46.79 -4.73 -23.92
C THR C 536 -46.95 -6.25 -24.04
N ASN C 537 -45.86 -6.97 -23.82
CA ASN C 537 -45.90 -8.42 -23.78
C ASN C 537 -46.05 -9.00 -22.36
N GLY C 538 -46.24 -8.11 -21.36
CA GLY C 538 -46.61 -8.54 -20.03
C GLY C 538 -45.43 -8.86 -19.11
N VAL C 539 -44.24 -8.40 -19.50
CA VAL C 539 -43.02 -8.74 -18.77
C VAL C 539 -42.44 -7.47 -18.13
N ARG C 540 -42.10 -7.56 -16.85
CA ARG C 540 -41.41 -6.49 -16.13
C ARG C 540 -40.15 -6.06 -16.86
N THR C 541 -40.02 -4.76 -17.09
CA THR C 541 -38.95 -4.20 -17.89
C THR C 541 -38.33 -3.02 -17.13
N VAL C 542 -37.02 -3.08 -16.96
CA VAL C 542 -36.24 -2.03 -16.33
C VAL C 542 -35.41 -1.30 -17.39
N PRO C 543 -35.75 -0.05 -17.72
CA PRO C 543 -35.01 0.67 -18.77
C PRO C 543 -33.79 1.41 -18.25
N ALA C 544 -33.61 1.49 -16.94
CA ALA C 544 -32.51 2.28 -16.35
C ALA C 544 -31.19 1.54 -16.45
N PRO C 545 -30.09 2.25 -16.71
CA PRO C 545 -28.78 1.64 -16.58
C PRO C 545 -28.57 1.28 -15.11
N MET C 546 -27.96 0.13 -14.87
CA MET C 546 -27.77 -0.35 -13.51
C MET C 546 -26.45 -1.06 -13.39
N GLU C 547 -25.91 -1.07 -12.17
CA GLU C 547 -24.69 -1.78 -11.86
C GLU C 547 -25.05 -2.74 -10.73
N PHE C 548 -24.77 -4.02 -10.95
CA PHE C 548 -24.86 -5.01 -9.89
C PHE C 548 -23.44 -5.39 -9.49
N THR C 549 -23.01 -5.01 -8.28
CA THR C 549 -21.64 -5.30 -7.86
C THR C 549 -21.50 -6.53 -6.96
N GLY C 550 -22.60 -6.96 -6.37
CA GLY C 550 -22.62 -8.19 -5.60
C GLY C 550 -22.66 -9.41 -6.51
N ASP C 551 -22.23 -10.55 -6.00
CA ASP C 551 -22.24 -11.80 -6.78
C ASP C 551 -23.64 -12.10 -7.28
N LEU C 552 -23.74 -12.44 -8.57
CA LEU C 552 -25.01 -12.64 -9.23
C LEU C 552 -25.14 -14.08 -9.72
N GLY C 553 -26.28 -14.69 -9.43
CA GLY C 553 -26.59 -15.98 -10.02
C GLY C 553 -27.73 -15.73 -10.98
N LEU C 554 -27.60 -16.19 -12.22
CA LEU C 554 -28.63 -15.98 -13.21
C LEU C 554 -29.15 -17.32 -13.71
N GLY C 555 -30.38 -17.35 -14.22
CA GLY C 555 -30.96 -18.56 -14.81
C GLY C 555 -30.75 -18.51 -16.32
N HIS C 556 -31.80 -18.75 -17.11
CA HIS C 556 -31.67 -18.61 -18.57
C HIS C 556 -31.44 -17.14 -18.96
N VAL C 557 -30.42 -16.88 -19.78
CA VAL C 557 -30.09 -15.51 -20.14
C VAL C 557 -30.18 -15.30 -21.65
N THR C 558 -30.85 -14.24 -22.07
CA THR C 558 -30.81 -13.81 -23.47
C THR C 558 -30.20 -12.41 -23.55
N ILE C 559 -29.19 -12.26 -24.39
CA ILE C 559 -28.61 -10.95 -24.63
C ILE C 559 -29.21 -10.43 -25.90
N ARG C 560 -29.96 -9.35 -25.76
CA ARG C 560 -30.73 -8.86 -26.87
C ARG C 560 -29.90 -7.90 -27.69
N ALA C 561 -30.34 -7.64 -28.92
CA ALA C 561 -29.67 -6.68 -29.79
C ALA C 561 -29.70 -5.32 -29.12
N SER C 562 -28.56 -4.65 -29.04
CA SER C 562 -28.47 -3.42 -28.26
C SER C 562 -27.59 -2.35 -28.87
N THR C 563 -26.77 -2.74 -29.84
CA THR C 563 -25.59 -1.94 -30.15
C THR C 563 -25.43 -1.75 -31.66
N SER C 564 -25.01 -0.52 -32.02
CA SER C 564 -24.74 -0.10 -33.39
C SER C 564 -26.00 -0.21 -34.26
N SER C 565 -26.95 0.71 -34.01
CA SER C 565 -28.30 0.63 -34.54
C SER C 565 -28.90 -0.76 -34.35
N ASN C 566 -28.65 -1.31 -33.16
CA ASN C 566 -29.14 -2.63 -32.72
C ASN C 566 -28.84 -3.77 -33.68
N ILE C 567 -27.70 -3.68 -34.39
CA ILE C 567 -27.30 -4.78 -35.26
C ILE C 567 -26.78 -5.98 -34.44
N ARG C 568 -26.23 -5.70 -33.26
CA ARG C 568 -25.59 -6.75 -32.45
C ARG C 568 -25.97 -6.73 -30.98
N SER C 569 -25.90 -7.92 -30.37
CA SER C 569 -25.87 -8.07 -28.93
C SER C 569 -24.41 -8.03 -28.53
N GLU C 570 -24.13 -7.59 -27.32
CA GLU C 570 -22.75 -7.33 -26.95
C GLU C 570 -22.50 -7.54 -25.48
N VAL C 571 -21.43 -8.28 -25.20
CA VAL C 571 -20.89 -8.44 -23.87
C VAL C 571 -19.41 -7.98 -23.91
N LEU C 572 -19.11 -7.00 -23.06
CA LEU C 572 -17.74 -6.51 -22.87
C LEU C 572 -17.23 -6.95 -21.52
N MET C 573 -16.02 -7.51 -21.50
CA MET C 573 -15.38 -7.96 -20.26
C MET C 573 -14.25 -7.00 -19.86
N GLU C 574 -14.26 -6.55 -18.60
CA GLU C 574 -13.25 -5.61 -18.12
C GLU C 574 -12.14 -6.31 -17.34
N GLY C 575 -11.32 -5.52 -16.65
CA GLY C 575 -10.17 -6.03 -15.92
C GLY C 575 -8.98 -6.20 -16.84
N GLU C 576 -7.88 -6.71 -16.28
CA GLU C 576 -6.72 -7.08 -17.10
C GLU C 576 -7.17 -8.12 -18.11
N TYR C 577 -7.92 -9.11 -17.66
CA TYR C 577 -8.38 -10.18 -18.53
C TYR C 577 -9.75 -10.63 -18.13
N GLY C 578 -10.44 -11.27 -19.07
CA GLY C 578 -11.71 -11.89 -18.81
C GLY C 578 -11.57 -13.39 -18.79
N PHE C 579 -12.46 -14.03 -18.02
CA PHE C 579 -12.49 -15.49 -17.90
C PHE C 579 -13.95 -15.96 -17.99
N ILE C 580 -14.20 -16.86 -18.93
CA ILE C 580 -15.48 -17.56 -19.03
C ILE C 580 -15.17 -19.03 -18.85
N GLY C 581 -15.72 -19.62 -17.79
CA GLY C 581 -15.35 -20.96 -17.41
C GLY C 581 -16.55 -21.80 -17.05
N LYS C 582 -16.25 -23.03 -16.67
CA LYS C 582 -17.24 -24.07 -16.41
C LYS C 582 -16.98 -24.70 -15.07
N SER C 583 -17.95 -24.59 -14.16
CA SER C 583 -17.86 -25.20 -12.84
C SER C 583 -17.89 -26.71 -12.97
N ILE C 584 -17.40 -27.41 -11.95
CA ILE C 584 -17.50 -28.88 -11.90
C ILE C 584 -18.96 -29.30 -11.72
N PRO C 585 -19.51 -30.07 -12.66
CA PRO C 585 -20.91 -30.51 -12.53
C PRO C 585 -21.15 -31.28 -11.24
N THR C 586 -22.31 -31.08 -10.62
CA THR C 586 -22.67 -31.80 -9.39
C THR C 586 -22.99 -33.27 -9.65
N ASP C 587 -23.83 -33.52 -10.64
CA ASP C 587 -24.35 -34.86 -10.88
C ASP C 587 -23.55 -35.67 -11.91
N ASN C 588 -23.10 -35.00 -12.97
CA ASN C 588 -22.33 -35.69 -14.00
C ASN C 588 -21.01 -34.97 -14.34
N PRO C 589 -20.04 -35.00 -13.43
CA PRO C 589 -18.73 -34.38 -13.69
C PRO C 589 -18.10 -34.87 -15.00
N ALA C 590 -18.40 -36.11 -15.39
CA ALA C 590 -17.83 -36.70 -16.61
C ALA C 590 -18.26 -35.98 -17.88
N GLY C 591 -19.28 -35.14 -17.78
CA GLY C 591 -19.77 -34.35 -18.90
C GLY C 591 -19.28 -32.90 -18.97
N GLN C 592 -18.51 -32.46 -17.97
CA GLN C 592 -18.06 -31.08 -17.88
C GLN C 592 -17.54 -30.55 -19.21
N ARG C 593 -18.21 -29.51 -19.73
CA ARG C 593 -17.81 -28.88 -20.98
C ARG C 593 -18.58 -27.58 -21.22
N ILE C 594 -18.05 -26.73 -22.11
CA ILE C 594 -18.85 -25.63 -22.63
C ILE C 594 -18.92 -25.75 -24.16
N ILE C 595 -20.12 -25.61 -24.71
CA ILE C 595 -20.33 -25.50 -26.16
C ILE C 595 -20.52 -24.05 -26.57
N PHE C 596 -19.64 -23.55 -27.43
CA PHE C 596 -19.78 -22.24 -28.04
C PHE C 596 -20.33 -22.46 -29.44
N CYS C 597 -21.39 -21.75 -29.81
CA CYS C 597 -22.10 -22.03 -31.05
C CYS C 597 -22.48 -20.76 -31.78
N GLY C 598 -22.31 -20.79 -33.09
CA GLY C 598 -22.69 -19.69 -33.97
C GLY C 598 -24.16 -19.72 -34.33
N GLY C 599 -24.85 -20.79 -33.91
CA GLY C 599 -26.28 -20.97 -34.14
C GLY C 599 -27.10 -21.18 -32.88
N GLU C 600 -28.38 -21.51 -33.05
CA GLU C 600 -29.35 -21.40 -31.96
C GLU C 600 -29.45 -22.58 -31.01
N GLY C 601 -28.86 -23.73 -31.35
CA GLY C 601 -29.03 -24.92 -30.52
C GLY C 601 -27.75 -25.71 -30.26
N THR C 602 -27.86 -26.72 -29.38
CA THR C 602 -26.77 -27.64 -29.08
C THR C 602 -26.33 -28.48 -30.25
N SER C 603 -27.26 -28.76 -31.17
CA SER C 603 -26.92 -29.51 -32.37
C SER C 603 -25.95 -28.70 -33.23
N SER C 604 -24.88 -29.34 -33.67
CA SER C 604 -23.94 -28.71 -34.60
C SER C 604 -24.62 -28.41 -35.94
N THR C 605 -25.82 -28.93 -36.14
CA THR C 605 -26.61 -28.62 -37.33
C THR C 605 -27.03 -27.14 -37.40
N THR C 606 -27.11 -26.47 -36.25
CA THR C 606 -27.58 -25.08 -36.20
C THR C 606 -26.46 -24.05 -36.40
N GLY C 607 -25.20 -24.50 -36.32
CA GLY C 607 -24.08 -23.58 -36.42
C GLY C 607 -22.73 -24.19 -36.10
N ALA C 608 -21.70 -23.47 -36.49
CA ALA C 608 -20.32 -23.85 -36.18
C ALA C 608 -20.20 -23.86 -34.66
N GLN C 609 -19.44 -24.83 -34.17
CA GLN C 609 -19.25 -25.02 -32.73
C GLN C 609 -17.79 -25.25 -32.38
N ILE C 610 -17.40 -24.74 -31.21
CA ILE C 610 -16.16 -25.15 -30.54
C ILE C 610 -16.60 -25.59 -29.15
N THR C 611 -16.19 -26.80 -28.80
CA THR C 611 -16.48 -27.34 -27.48
C THR C 611 -15.17 -27.53 -26.70
N LEU C 612 -15.08 -26.88 -25.54
CA LEU C 612 -13.94 -27.02 -24.65
C LEU C 612 -14.35 -28.00 -23.54
N TYR C 613 -13.64 -29.11 -23.45
CA TYR C 613 -13.93 -30.12 -22.44
C TYR C 613 -13.17 -29.85 -21.14
N GLY C 614 -13.85 -30.05 -20.03
CA GLY C 614 -13.23 -29.93 -18.72
C GLY C 614 -12.28 -31.07 -18.44
N ALA C 615 -11.37 -30.84 -17.49
CA ALA C 615 -10.44 -31.89 -17.06
C ALA C 615 -11.20 -33.08 -16.45
N ASN C 616 -12.42 -32.82 -15.97
CA ASN C 616 -13.21 -33.87 -15.32
C ASN C 616 -14.02 -34.67 -16.33
N ASN C 617 -14.11 -34.17 -17.57
CA ASN C 617 -14.77 -34.91 -18.63
C ASN C 617 -14.06 -36.24 -18.90
N THR C 618 -14.85 -37.24 -19.30
CA THR C 618 -14.30 -38.49 -19.83
C THR C 618 -13.23 -38.22 -20.90
N ASP C 619 -13.45 -37.20 -21.72
CA ASP C 619 -12.42 -36.77 -22.68
C ASP C 619 -11.75 -35.53 -22.14
N SER C 620 -10.83 -35.78 -21.22
CA SER C 620 -10.25 -34.74 -20.39
C SER C 620 -9.49 -33.71 -21.24
N ARG C 621 -9.89 -32.45 -21.10
CA ARG C 621 -9.28 -31.31 -21.81
C ARG C 621 -9.27 -31.40 -23.34
N ARG C 622 -10.18 -32.20 -23.90
CA ARG C 622 -10.36 -32.27 -25.34
C ARG C 622 -10.89 -30.92 -25.88
N ILE C 623 -10.50 -30.55 -27.11
CA ILE C 623 -11.20 -29.51 -27.84
C ILE C 623 -11.67 -30.11 -29.15
N VAL C 624 -12.95 -29.92 -29.45
CA VAL C 624 -13.51 -30.27 -30.76
C VAL C 624 -13.93 -28.98 -31.46
N TYR C 625 -13.37 -28.77 -32.65
CA TYR C 625 -13.74 -27.64 -33.49
C TYR C 625 -14.63 -28.18 -34.59
N ASN C 626 -15.88 -27.72 -34.64
CA ASN C 626 -16.84 -28.31 -35.57
C ASN C 626 -17.46 -27.25 -36.48
N GLY C 627 -16.94 -27.18 -37.71
CA GLY C 627 -17.43 -26.26 -38.70
C GLY C 627 -17.42 -26.92 -40.08
N ASP C 628 -18.12 -26.30 -41.03
CA ASP C 628 -18.10 -26.72 -42.44
C ASP C 628 -16.91 -26.12 -43.19
N GLU C 629 -16.28 -25.13 -42.57
CA GLU C 629 -14.98 -24.62 -43.00
C GLU C 629 -14.17 -24.24 -41.76
N HIS C 630 -12.87 -24.55 -41.75
CA HIS C 630 -11.95 -24.04 -40.73
C HIS C 630 -10.87 -23.20 -41.46
N LEU C 631 -10.94 -21.89 -41.33
CA LEU C 631 -10.04 -20.97 -42.04
C LEU C 631 -9.19 -20.14 -41.07
N PHE C 632 -7.90 -20.37 -41.10
CA PHE C 632 -6.95 -19.67 -40.26
C PHE C 632 -6.36 -18.51 -41.02
N GLN C 633 -6.72 -17.32 -40.53
CA GLN C 633 -6.41 -16.04 -41.14
C GLN C 633 -5.30 -15.32 -40.40
N SER C 634 -4.47 -14.62 -41.16
CA SER C 634 -3.46 -13.64 -40.69
C SER C 634 -2.16 -14.21 -40.11
N ALA C 635 -2.07 -15.53 -39.96
CA ALA C 635 -0.91 -16.14 -39.34
C ALA C 635 -0.77 -17.62 -39.68
N ASP C 636 0.46 -18.12 -39.60
CA ASP C 636 0.76 -19.53 -39.70
C ASP C 636 0.01 -20.33 -38.62
N VAL C 637 -0.37 -21.56 -38.96
CA VAL C 637 -0.90 -22.54 -38.01
C VAL C 637 0.30 -23.29 -37.42
N LYS C 638 0.58 -23.03 -36.14
CA LYS C 638 1.83 -23.49 -35.54
C LYS C 638 1.61 -24.23 -34.22
N PRO C 639 2.54 -25.13 -33.90
CA PRO C 639 2.58 -25.71 -32.55
C PRO C 639 3.18 -24.68 -31.62
N TYR C 640 2.77 -24.73 -30.36
CA TYR C 640 3.26 -23.81 -29.37
C TYR C 640 4.74 -24.08 -29.11
N ASN C 641 5.07 -25.35 -28.88
CA ASN C 641 6.47 -25.74 -28.72
C ASN C 641 7.07 -26.31 -30.00
N ASP C 642 8.39 -26.39 -30.02
CA ASP C 642 9.15 -26.82 -31.18
C ASP C 642 9.43 -28.32 -31.18
N ASN C 643 8.97 -28.99 -32.24
CA ASN C 643 9.30 -30.41 -32.46
C ASN C 643 8.80 -31.32 -31.33
N VAL C 644 7.57 -31.04 -30.87
CA VAL C 644 6.96 -31.82 -29.78
C VAL C 644 5.61 -32.45 -30.20
N THR C 645 4.80 -31.69 -30.93
CA THR C 645 3.51 -32.19 -31.32
C THR C 645 3.43 -32.35 -32.83
N ALA C 646 2.47 -33.16 -33.27
CA ALA C 646 2.36 -33.54 -34.68
C ALA C 646 1.10 -32.98 -35.32
N LEU C 647 1.04 -33.09 -36.64
CA LEU C 647 -0.19 -32.91 -37.41
C LEU C 647 -0.74 -34.32 -37.68
N GLY C 648 -1.95 -34.58 -37.18
CA GLY C 648 -2.56 -35.88 -37.34
C GLY C 648 -1.96 -36.91 -36.42
N GLY C 649 -2.35 -38.16 -36.64
CA GLY C 649 -1.89 -39.26 -35.81
C GLY C 649 -2.27 -40.51 -36.60
N PRO C 650 -1.80 -41.67 -36.15
CA PRO C 650 -2.02 -42.93 -36.90
C PRO C 650 -3.48 -43.35 -37.02
N SER C 651 -4.33 -42.92 -36.09
CA SER C 651 -5.76 -43.22 -36.15
C SER C 651 -6.57 -41.99 -36.53
N ASN C 652 -5.87 -40.90 -36.84
CA ASN C 652 -6.48 -39.64 -37.25
C ASN C 652 -5.60 -39.04 -38.34
N ARG C 653 -5.56 -39.68 -39.50
CA ARG C 653 -4.76 -39.19 -40.60
C ARG C 653 -5.48 -38.10 -41.39
N PHE C 654 -4.77 -37.04 -41.76
CA PHE C 654 -5.32 -36.07 -42.73
C PHE C 654 -5.14 -36.77 -44.08
N THR C 655 -6.09 -36.58 -44.98
CA THR C 655 -6.06 -37.29 -46.27
C THR C 655 -4.81 -36.92 -47.05
N THR C 656 -4.43 -35.64 -46.96
CA THR C 656 -3.26 -35.10 -47.65
C THR C 656 -3.00 -33.70 -47.10
N ALA C 657 -1.94 -33.07 -47.60
CA ALA C 657 -1.70 -31.64 -47.40
C ALA C 657 -1.52 -30.97 -48.75
N TYR C 658 -2.29 -29.90 -48.97
CA TYR C 658 -2.16 -29.06 -50.15
C TYR C 658 -1.19 -27.91 -49.85
N LEU C 659 -0.05 -27.94 -50.54
CA LEU C 659 1.07 -27.01 -50.29
C LEU C 659 1.56 -26.34 -51.57
N GLY C 660 2.20 -25.17 -51.42
CA GLY C 660 2.83 -24.48 -52.53
C GLY C 660 4.29 -24.86 -52.76
N SER C 661 4.80 -25.72 -51.87
CA SER C 661 6.19 -26.21 -51.93
C SER C 661 6.33 -27.42 -51.01
N ASN C 662 7.37 -28.22 -51.23
CA ASN C 662 7.61 -29.39 -50.39
C ASN C 662 7.79 -28.99 -48.92
N PRO C 663 7.45 -29.88 -47.98
CA PRO C 663 7.74 -29.62 -46.57
C PRO C 663 9.22 -29.33 -46.36
N ILE C 664 9.52 -28.43 -45.42
CA ILE C 664 10.89 -28.15 -45.02
C ILE C 664 11.19 -28.99 -43.79
N VAL C 665 11.96 -30.06 -43.99
CA VAL C 665 12.28 -30.95 -42.87
C VAL C 665 13.73 -30.79 -42.42
N THR C 666 13.88 -30.74 -41.10
CA THR C 666 15.05 -30.15 -40.46
C THR C 666 15.35 -30.88 -39.15
N SER D 1 78.72 -15.77 34.59
CA SER D 1 77.29 -15.55 34.22
C SER D 1 76.85 -14.10 34.47
N ALA D 2 75.75 -13.71 33.83
CA ALA D 2 75.27 -12.34 33.91
C ALA D 2 74.71 -12.07 35.30
N LYS D 3 75.11 -10.96 35.91
CA LYS D 3 74.61 -10.63 37.26
C LYS D 3 73.21 -10.03 37.27
N GLY D 4 72.86 -9.26 36.24
CA GLY D 4 71.59 -8.54 36.20
C GLY D 4 71.29 -7.71 37.45
N ASP D 5 72.27 -6.93 37.87
CA ASP D 5 72.18 -6.10 39.08
C ASP D 5 72.22 -4.60 38.72
N GLY D 6 72.19 -4.31 37.41
CA GLY D 6 72.13 -2.94 36.91
C GLY D 6 73.43 -2.15 37.01
N VAL D 7 74.51 -2.78 37.50
CA VAL D 7 75.79 -2.08 37.72
C VAL D 7 77.04 -2.83 37.20
N THR D 8 77.07 -4.15 37.43
CA THR D 8 78.15 -5.01 36.92
C THR D 8 78.04 -5.14 35.42
N ASP D 9 79.16 -4.97 34.73
CA ASP D 9 79.18 -5.10 33.28
C ASP D 9 78.91 -6.54 32.87
N ASP D 10 77.78 -6.75 32.20
CA ASP D 10 77.34 -8.06 31.79
C ASP D 10 77.53 -8.32 30.31
N THR D 11 78.16 -7.36 29.62
CA THR D 11 78.31 -7.46 28.17
C THR D 11 78.84 -8.82 27.72
N ALA D 12 80.02 -9.19 28.21
CA ALA D 12 80.66 -10.46 27.81
C ALA D 12 79.82 -11.69 28.17
N ALA D 13 79.21 -11.70 29.35
CA ALA D 13 78.36 -12.83 29.75
C ALA D 13 77.18 -12.96 28.79
N LEU D 14 76.63 -11.83 28.37
CA LEU D 14 75.49 -11.82 27.46
C LEU D 14 75.89 -12.23 26.05
N THR D 15 77.04 -11.74 25.61
CA THR D 15 77.64 -12.16 24.34
C THR D 15 77.81 -13.69 24.34
N SER D 16 78.35 -14.23 25.44
CA SER D 16 78.55 -15.67 25.56
C SER D 16 77.21 -16.43 25.54
N ALA D 17 76.24 -15.95 26.31
CA ALA D 17 74.92 -16.58 26.33
C ALA D 17 74.28 -16.62 24.94
N LEU D 18 74.30 -15.50 24.22
CA LEU D 18 73.64 -15.40 22.91
C LEU D 18 74.28 -16.29 21.88
N ASN D 19 75.58 -16.44 21.97
CA ASN D 19 76.25 -17.25 20.97
C ASN D 19 76.13 -18.74 21.23
N ASP D 20 75.81 -19.11 22.47
CA ASP D 20 75.58 -20.51 22.85
C ASP D 20 74.12 -20.95 22.73
N THR D 21 73.20 -20.01 22.53
CA THR D 21 71.78 -20.34 22.48
C THR D 21 71.22 -20.19 21.06
N PRO D 22 70.30 -21.09 20.66
CA PRO D 22 69.65 -21.02 19.34
C PRO D 22 68.94 -19.68 19.11
N VAL D 23 68.96 -19.16 17.89
CA VAL D 23 68.41 -17.81 17.62
C VAL D 23 66.93 -17.68 17.91
N GLY D 24 66.23 -18.81 18.00
CA GLY D 24 64.79 -18.81 18.20
C GLY D 24 64.35 -18.81 19.65
N GLN D 25 65.26 -19.16 20.55
CA GLN D 25 64.99 -19.14 21.98
C GLN D 25 64.75 -17.70 22.46
N LYS D 26 63.69 -17.51 23.23
CA LYS D 26 63.48 -16.24 23.91
C LYS D 26 64.18 -16.32 25.27
N ILE D 27 65.21 -15.50 25.41
CA ILE D 27 66.06 -15.52 26.60
C ILE D 27 65.39 -14.68 27.68
N ASN D 28 65.02 -15.33 28.77
CA ASN D 28 64.21 -14.68 29.81
C ASN D 28 65.14 -14.03 30.81
N GLY D 29 65.06 -12.72 30.88
CA GLY D 29 65.89 -11.95 31.77
C GLY D 29 65.35 -11.81 33.18
N ASN D 30 64.21 -12.43 33.47
CA ASN D 30 63.63 -12.47 34.82
C ASN D 30 63.36 -11.08 35.43
N GLY D 31 63.01 -10.13 34.57
CA GLY D 31 62.63 -8.79 34.97
C GLY D 31 63.78 -7.97 35.50
N LYS D 32 65.00 -8.47 35.35
CA LYS D 32 66.20 -7.77 35.84
C LYS D 32 66.77 -6.79 34.82
N THR D 33 67.63 -5.90 35.31
CA THR D 33 68.33 -4.90 34.50
C THR D 33 69.80 -5.27 34.39
N TYR D 34 70.30 -5.22 33.15
CA TYR D 34 71.63 -5.70 32.80
C TYR D 34 72.44 -4.56 32.23
N LYS D 35 73.54 -4.22 32.89
CA LYS D 35 74.41 -3.15 32.40
C LYS D 35 75.26 -3.66 31.25
N VAL D 36 75.33 -2.86 30.19
CA VAL D 36 76.08 -3.24 28.98
C VAL D 36 76.81 -2.03 28.44
N THR D 37 77.90 -2.28 27.70
CA THR D 37 78.68 -1.23 27.03
C THR D 37 78.31 -1.11 25.55
N SER D 38 77.49 -2.05 25.08
CA SER D 38 76.86 -1.97 23.77
C SER D 38 75.56 -2.72 23.85
N LEU D 39 74.54 -2.25 23.13
CA LEU D 39 73.26 -2.94 23.17
C LEU D 39 73.37 -4.24 22.37
N PRO D 40 72.98 -5.37 22.96
CA PRO D 40 72.98 -6.62 22.23
C PRO D 40 71.73 -6.75 21.36
N ASP D 41 71.52 -7.95 20.85
CA ASP D 41 70.37 -8.26 20.03
C ASP D 41 69.11 -8.32 20.89
N ILE D 42 68.52 -7.15 21.08
CA ILE D 42 67.39 -6.98 22.00
C ILE D 42 66.25 -7.95 21.65
N SER D 43 66.07 -8.20 20.35
CA SER D 43 65.00 -9.05 19.82
C SER D 43 65.00 -10.51 20.33
N ARG D 44 66.15 -10.94 20.82
CA ARG D 44 66.28 -12.31 21.31
C ARG D 44 65.94 -12.43 22.81
N PHE D 45 65.55 -11.33 23.45
CA PHE D 45 65.28 -11.33 24.88
C PHE D 45 63.79 -11.09 25.16
N ILE D 46 63.30 -11.61 26.30
CA ILE D 46 62.01 -11.23 26.85
C ILE D 46 62.18 -10.84 28.32
N ASN D 47 61.30 -9.98 28.81
CA ASN D 47 61.31 -9.67 30.22
C ASN D 47 62.70 -9.24 30.69
N THR D 48 63.34 -8.37 29.89
CA THR D 48 64.70 -7.88 30.15
C THR D 48 64.75 -6.37 29.95
N ARG D 49 65.52 -5.70 30.80
CA ARG D 49 65.82 -4.29 30.61
C ARG D 49 67.34 -4.14 30.60
N PHE D 50 67.86 -3.24 29.75
CA PHE D 50 69.30 -2.98 29.70
C PHE D 50 69.57 -1.55 30.12
N VAL D 51 70.67 -1.31 30.84
CA VAL D 51 71.17 0.05 31.04
C VAL D 51 72.42 0.26 30.25
N TYR D 52 72.49 1.39 29.57
CA TYR D 52 73.51 1.61 28.57
C TYR D 52 73.74 3.09 28.47
N GLU D 53 75.01 3.47 28.52
CA GLU D 53 75.38 4.87 28.41
C GLU D 53 75.93 5.09 27.00
N ARG D 54 75.02 5.41 26.08
CA ARG D 54 75.40 5.77 24.71
C ARG D 54 76.38 6.95 24.74
N ILE D 55 76.06 7.95 25.56
CA ILE D 55 76.93 9.08 25.85
C ILE D 55 77.40 8.88 27.28
N PRO D 56 78.71 8.84 27.52
CA PRO D 56 79.22 8.52 28.86
C PRO D 56 78.62 9.42 29.93
N GLY D 57 78.17 8.81 31.02
CA GLY D 57 77.55 9.53 32.12
C GLY D 57 76.06 9.78 31.97
N GLN D 58 75.43 9.24 30.93
CA GLN D 58 74.01 9.44 30.71
C GLN D 58 73.31 8.10 30.47
N PRO D 59 73.12 7.34 31.53
CA PRO D 59 72.52 6.02 31.38
C PRO D 59 71.07 6.17 30.96
N LEU D 60 70.67 5.40 29.95
CA LEU D 60 69.24 5.23 29.60
C LEU D 60 68.93 3.74 29.60
N TYR D 61 67.64 3.41 29.61
CA TYR D 61 67.21 2.04 29.81
C TYR D 61 66.45 1.57 28.58
N TYR D 62 66.54 0.27 28.29
CA TYR D 62 66.03 -0.26 27.03
C TYR D 62 65.31 -1.56 27.34
N ALA D 63 64.03 -1.58 26.99
CA ALA D 63 63.15 -2.69 27.32
C ALA D 63 63.02 -3.67 26.17
N SER D 64 63.30 -4.94 26.47
CA SER D 64 62.95 -6.00 25.54
C SER D 64 61.43 -6.18 25.52
N GLU D 65 60.97 -6.98 24.56
CA GLU D 65 59.59 -7.43 24.53
C GLU D 65 59.21 -8.04 25.87
N GLU D 66 57.98 -7.76 26.29
CA GLU D 66 57.38 -8.29 27.53
C GLU D 66 58.01 -7.78 28.83
N PHE D 67 59.01 -6.91 28.77
CA PHE D 67 59.43 -6.27 30.02
C PHE D 67 58.34 -5.33 30.62
N VAL D 68 57.75 -4.46 29.82
CA VAL D 68 56.49 -3.82 30.24
C VAL D 68 55.31 -4.48 29.51
N GLN D 69 54.13 -4.48 30.13
CA GLN D 69 52.92 -4.95 29.45
C GLN D 69 52.39 -3.78 28.63
N GLY D 70 52.75 -3.76 27.36
CA GLY D 70 52.45 -2.61 26.53
C GLY D 70 52.50 -2.96 25.07
N GLU D 71 51.88 -2.12 24.26
CA GLU D 71 51.80 -2.36 22.81
C GLU D 71 51.64 -1.02 22.07
N LEU D 72 52.30 -0.88 20.92
CA LEU D 72 52.17 0.30 20.09
C LEU D 72 51.09 0.08 19.02
N PHE D 73 50.25 1.10 18.82
CA PHE D 73 49.24 1.06 17.76
C PHE D 73 49.47 2.23 16.81
N LYS D 74 49.18 2.01 15.53
CA LYS D 74 49.08 3.11 14.57
C LYS D 74 47.60 3.51 14.50
N ILE D 75 47.30 4.80 14.68
CA ILE D 75 45.88 5.21 14.88
C ILE D 75 45.34 6.20 13.85
N THR D 76 46.22 6.86 13.09
CA THR D 76 45.81 7.51 11.82
C THR D 76 46.64 7.08 10.64
N ASP D 77 46.08 7.21 9.45
CA ASP D 77 46.80 6.84 8.21
C ASP D 77 46.20 7.70 7.11
N THR D 78 46.63 8.95 7.06
CA THR D 78 46.01 9.99 6.27
C THR D 78 47.14 10.73 5.55
N PRO D 79 46.90 11.29 4.37
CA PRO D 79 47.94 12.02 3.62
C PRO D 79 48.31 13.40 4.20
N TYR D 80 47.50 13.94 5.12
CA TYR D 80 47.91 15.17 5.80
C TYR D 80 49.10 14.95 6.69
N TYR D 81 49.76 16.05 7.04
CA TYR D 81 50.82 16.09 8.04
C TYR D 81 50.04 16.01 9.35
N ASN D 82 49.97 14.82 9.93
CA ASN D 82 49.19 14.55 11.12
C ASN D 82 50.10 14.45 12.33
N ALA D 83 50.02 15.44 13.20
CA ALA D 83 50.92 15.52 14.35
C ALA D 83 50.32 16.39 15.44
N TRP D 84 51.11 16.66 16.48
CA TRP D 84 50.68 17.50 17.58
C TRP D 84 49.40 17.04 18.31
N PRO D 85 49.34 15.80 18.83
CA PRO D 85 48.32 15.51 19.85
C PRO D 85 48.48 16.47 21.04
N GLN D 86 49.69 16.98 21.26
CA GLN D 86 49.98 17.89 22.38
C GLN D 86 48.97 19.05 22.45
N ASP D 87 48.39 19.30 23.61
CA ASP D 87 48.26 18.31 24.67
C ASP D 87 46.75 18.27 24.91
N LYS D 88 46.06 17.47 24.07
CA LYS D 88 44.62 17.58 23.90
C LYS D 88 43.81 16.34 24.24
N ALA D 89 44.47 15.21 24.46
CA ALA D 89 43.77 13.93 24.63
C ALA D 89 42.93 13.91 25.89
N PHE D 90 41.83 13.16 25.86
CA PHE D 90 40.96 13.04 27.00
C PHE D 90 40.07 11.82 26.83
N VAL D 91 39.50 11.36 27.93
CA VAL D 91 38.53 10.28 27.89
C VAL D 91 37.19 10.84 28.36
N TYR D 92 36.14 10.53 27.64
CA TYR D 92 34.80 10.92 28.08
C TYR D 92 33.79 9.82 27.82
N GLU D 93 33.09 9.40 28.87
CA GLU D 93 32.08 8.35 28.81
C GLU D 93 32.53 7.14 27.96
N ASN D 94 33.66 6.59 28.38
CA ASN D 94 34.27 5.36 27.86
C ASN D 94 34.96 5.44 26.48
N VAL D 95 34.94 6.62 25.86
CA VAL D 95 35.56 6.85 24.55
C VAL D 95 36.87 7.61 24.76
N ILE D 96 37.93 7.13 24.13
CA ILE D 96 39.24 7.82 24.16
C ILE D 96 39.30 8.75 22.95
N TYR D 97 39.61 10.02 23.18
CA TYR D 97 39.71 11.01 22.11
C TYR D 97 41.17 11.39 21.96
N ALA D 98 41.65 11.35 20.71
CA ALA D 98 42.99 11.80 20.36
C ALA D 98 42.88 12.95 19.37
N PRO D 99 42.67 14.18 19.86
CA PRO D 99 42.68 15.34 18.98
C PRO D 99 44.10 15.67 18.53
N TYR D 100 44.23 16.28 17.35
CA TYR D 100 45.52 16.60 16.74
C TYR D 100 45.29 17.68 15.70
N MET D 101 46.34 18.01 14.95
CA MET D 101 46.18 18.96 13.84
C MET D 101 46.69 18.27 12.59
N GLY D 102 45.88 18.29 11.54
CA GLY D 102 46.26 17.74 10.26
C GLY D 102 46.50 18.90 9.32
N SER D 103 47.76 19.10 8.93
CA SER D 103 48.09 20.24 8.08
C SER D 103 48.90 19.78 6.87
N ASP D 104 49.68 20.68 6.29
CA ASP D 104 50.64 20.27 5.26
C ASP D 104 52.08 20.55 5.68
N ARG D 105 52.23 21.06 6.90
CA ARG D 105 53.54 21.54 7.39
C ARG D 105 53.48 21.97 8.87
N HIS D 106 54.66 22.27 9.43
CA HIS D 106 54.77 22.96 10.71
C HIS D 106 54.32 24.40 10.54
N GLY D 107 53.01 24.59 10.61
CA GLY D 107 52.37 25.88 10.36
C GLY D 107 50.89 25.59 10.20
N VAL D 108 50.10 26.62 9.93
CA VAL D 108 48.66 26.46 9.88
C VAL D 108 48.08 26.32 8.44
N SER D 109 48.96 26.20 7.46
CA SER D 109 48.55 25.99 6.06
C SER D 109 47.79 24.66 5.94
N ARG D 110 46.62 24.72 5.30
CA ARG D 110 45.74 23.55 5.08
C ARG D 110 45.24 22.86 6.36
N LEU D 111 45.38 23.53 7.51
CA LEU D 111 45.18 22.89 8.80
C LEU D 111 43.71 22.80 9.23
N HIS D 112 43.32 21.61 9.70
CA HIS D 112 42.07 21.41 10.46
C HIS D 112 42.44 20.79 11.80
N VAL D 113 41.90 21.38 12.87
CA VAL D 113 41.97 20.78 14.19
C VAL D 113 41.06 19.58 14.04
N SER D 114 41.56 18.39 14.39
CA SER D 114 40.88 17.14 14.06
C SER D 114 40.89 16.21 15.28
N TRP D 115 40.10 15.14 15.26
CA TRP D 115 40.41 14.04 16.16
C TRP D 115 40.08 12.70 15.53
N VAL D 116 40.70 11.67 16.08
CA VAL D 116 40.21 10.30 15.93
C VAL D 116 39.92 9.80 17.34
N LYS D 117 39.04 8.79 17.42
CA LYS D 117 38.48 8.35 18.69
C LYS D 117 38.56 6.84 18.73
N SER D 118 38.69 6.27 19.91
CA SER D 118 38.55 4.81 20.03
C SER D 118 37.42 4.41 20.95
N GLY D 119 36.63 3.45 20.48
CA GLY D 119 35.49 2.96 21.22
C GLY D 119 35.69 1.56 21.74
N ASP D 120 36.92 1.04 21.65
CA ASP D 120 37.22 -0.30 22.17
C ASP D 120 38.57 -0.30 22.92
N ASP D 121 38.78 0.75 23.70
CA ASP D 121 39.97 0.89 24.55
C ASP D 121 41.28 0.88 23.76
N GLY D 122 41.27 1.50 22.58
CA GLY D 122 42.49 1.71 21.82
C GLY D 122 42.81 0.65 20.77
N GLN D 123 41.99 -0.38 20.62
CA GLN D 123 42.34 -1.43 19.63
C GLN D 123 42.10 -0.91 18.22
N THR D 124 41.10 -0.06 18.08
CA THR D 124 40.73 0.42 16.79
C THR D 124 40.23 1.86 16.90
N TRP D 125 40.36 2.63 15.83
CA TRP D 125 40.16 4.06 15.87
C TRP D 125 39.26 4.56 14.73
N SER D 126 38.62 5.70 14.94
CA SER D 126 37.59 6.17 14.01
C SER D 126 38.16 6.89 12.77
N THR D 127 37.31 7.14 11.77
CA THR D 127 37.66 8.04 10.65
C THR D 127 37.87 9.45 11.20
N PRO D 128 38.96 10.14 10.81
CA PRO D 128 39.19 11.52 11.26
C PRO D 128 37.97 12.44 11.11
N GLU D 129 37.69 13.22 12.14
CA GLU D 129 36.70 14.29 12.07
C GLU D 129 37.39 15.65 12.15
N TRP D 130 37.00 16.58 11.28
CA TRP D 130 37.43 17.97 11.39
C TRP D 130 36.57 18.71 12.40
N LEU D 131 37.24 19.32 13.36
CA LEU D 131 36.58 20.08 14.41
C LEU D 131 36.51 21.53 14.03
N THR D 132 37.48 21.99 13.24
CA THR D 132 37.42 23.35 12.73
C THR D 132 37.35 23.39 11.22
N ASP D 133 36.79 24.48 10.70
CA ASP D 133 36.89 24.79 9.28
C ASP D 133 38.12 25.63 9.05
N LEU D 134 38.49 25.81 7.78
CA LEU D 134 39.52 26.78 7.47
C LEU D 134 38.93 28.10 7.91
N HIS D 135 39.77 28.94 8.50
CA HIS D 135 39.37 30.26 9.00
C HIS D 135 38.74 31.06 7.85
N PRO D 136 37.74 31.89 8.14
CA PRO D 136 37.10 32.76 7.12
C PRO D 136 38.09 33.64 6.32
N ASP D 137 39.21 33.99 6.93
CA ASP D 137 40.23 34.84 6.30
C ASP D 137 41.46 34.07 5.78
N TYR D 138 41.34 32.74 5.72
CA TYR D 138 42.28 31.89 5.01
C TYR D 138 42.41 32.40 3.56
N PRO D 139 43.61 32.45 2.97
CA PRO D 139 44.86 31.91 3.52
C PRO D 139 45.81 32.89 4.23
N THR D 140 45.29 33.97 4.80
CA THR D 140 46.12 34.88 5.57
C THR D 140 46.38 34.32 6.98
N VAL D 141 45.32 33.79 7.58
CA VAL D 141 45.40 33.20 8.91
C VAL D 141 44.57 31.93 8.93
N ASN D 142 44.83 31.09 9.93
CA ASN D 142 44.10 29.83 10.13
C ASN D 142 44.18 29.41 11.60
N TYR D 143 43.35 28.46 12.00
CA TYR D 143 43.25 28.04 13.39
C TYR D 143 44.38 27.14 13.84
N HIS D 144 44.48 26.96 15.15
CA HIS D 144 45.54 26.17 15.75
C HIS D 144 45.01 25.88 17.14
N CYS D 145 45.32 24.69 17.67
CA CYS D 145 44.88 24.36 19.02
C CYS D 145 45.81 23.33 19.66
N MET D 146 46.32 23.63 20.85
CA MET D 146 47.12 22.67 21.61
C MET D 146 46.59 22.49 23.04
N SER D 147 45.43 23.05 23.32
CA SER D 147 44.80 22.92 24.63
C SER D 147 43.31 22.64 24.51
N MET D 148 42.93 21.43 24.91
CA MET D 148 41.56 20.97 24.80
C MET D 148 41.31 19.95 25.92
N GLY D 149 40.10 19.95 26.47
CA GLY D 149 39.70 18.97 27.47
C GLY D 149 38.23 19.10 27.82
N VAL D 150 37.79 18.38 28.85
CA VAL D 150 36.37 18.39 29.24
C VAL D 150 36.19 18.86 30.67
N CYS D 151 35.20 19.71 30.87
CA CYS D 151 34.86 20.18 32.20
C CYS D 151 33.33 20.18 32.29
N ARG D 152 32.79 19.46 33.26
CA ARG D 152 31.34 19.40 33.47
C ARG D 152 30.52 19.17 32.19
N ASN D 153 30.90 18.12 31.45
CA ASN D 153 30.14 17.68 30.25
C ASN D 153 30.22 18.64 29.06
N ARG D 154 31.22 19.51 29.07
CA ARG D 154 31.47 20.36 27.92
C ARG D 154 32.91 20.23 27.46
N LEU D 155 33.11 20.21 26.15
CA LEU D 155 34.44 20.33 25.58
C LEU D 155 34.84 21.81 25.56
N PHE D 156 36.04 22.11 26.05
CA PHE D 156 36.60 23.46 26.00
C PHE D 156 37.90 23.38 25.21
N ALA D 157 38.14 24.37 24.35
CA ALA D 157 39.34 24.36 23.54
C ALA D 157 39.82 25.79 23.40
N MET D 158 41.12 26.01 23.48
CA MET D 158 41.64 27.34 23.18
C MET D 158 41.96 27.32 21.70
N ILE D 159 41.15 28.04 20.94
CA ILE D 159 41.29 28.04 19.48
C ILE D 159 42.04 29.35 19.17
N GLU D 160 43.25 29.18 18.67
CA GLU D 160 44.12 30.29 18.34
C GLU D 160 43.99 30.57 16.85
N THR D 161 44.25 31.83 16.50
CA THR D 161 44.35 32.22 15.10
C THR D 161 45.80 32.64 14.88
N ARG D 162 46.43 32.13 13.82
CA ARG D 162 47.85 32.37 13.58
C ARG D 162 48.07 32.63 12.10
N THR D 163 49.09 33.41 11.76
CA THR D 163 49.36 33.71 10.35
C THR D 163 50.01 32.53 9.64
N LEU D 164 49.67 32.34 8.37
CA LEU D 164 50.32 31.31 7.55
C LEU D 164 51.76 31.71 7.28
N ALA D 165 52.00 33.01 7.12
CA ALA D 165 53.32 33.52 6.78
C ALA D 165 54.38 33.20 7.84
N LYS D 166 54.06 33.42 9.10
CA LYS D 166 55.05 33.28 10.17
C LYS D 166 54.58 32.46 11.37
N ASN D 167 53.38 31.90 11.30
CA ASN D 167 52.80 31.19 12.43
C ASN D 167 52.70 32.08 13.66
N ALA D 168 52.55 33.38 13.44
CA ALA D 168 52.46 34.34 14.53
C ALA D 168 51.03 34.37 15.11
N LEU D 169 50.93 34.34 16.43
CA LEU D 169 49.63 34.39 17.11
C LEU D 169 48.91 35.74 16.90
N THR D 170 47.68 35.66 16.41
CA THR D 170 46.86 36.83 16.08
C THR D 170 45.72 37.00 17.10
N ASN D 171 45.19 35.89 17.60
CA ASN D 171 43.99 35.94 18.40
C ASN D 171 43.85 34.66 19.20
N CYS D 172 43.28 34.77 20.41
CA CYS D 172 42.91 33.59 21.19
C CYS D 172 41.41 33.65 21.50
N ALA D 173 40.75 32.52 21.36
CA ALA D 173 39.36 32.42 21.73
C ALA D 173 39.12 31.12 22.49
N LEU D 174 38.30 31.18 23.53
CA LEU D 174 37.85 29.99 24.22
C LEU D 174 36.55 29.52 23.55
N TRP D 175 36.59 28.31 22.99
CA TRP D 175 35.44 27.71 22.30
C TRP D 175 34.96 26.54 23.14
N ASP D 176 33.66 26.41 23.34
CA ASP D 176 33.16 25.25 24.06
C ASP D 176 31.81 24.78 23.53
N ARG D 177 31.50 23.51 23.78
CA ARG D 177 30.36 22.84 23.17
C ARG D 177 29.96 21.72 24.11
N PRO D 178 28.68 21.42 24.24
CA PRO D 178 28.28 20.31 25.11
C PRO D 178 28.71 18.99 24.48
N MET D 179 29.12 18.04 25.30
CA MET D 179 29.46 16.71 24.80
C MET D 179 28.17 15.90 24.62
N SER D 180 28.14 15.05 23.60
CA SER D 180 26.97 14.20 23.36
C SER D 180 26.88 13.10 24.43
N ARG D 181 25.68 12.94 24.99
CA ARG D 181 25.42 11.94 26.02
C ARG D 181 23.98 11.49 25.91
N SER D 182 23.75 10.25 26.33
CA SER D 182 22.41 9.75 26.62
C SER D 182 22.25 9.61 28.13
N LEU D 183 21.17 10.20 28.65
CA LEU D 183 20.88 10.06 30.09
C LEU D 183 19.59 9.30 30.30
N HIS D 184 19.62 8.39 31.27
CA HIS D 184 18.47 7.57 31.59
C HIS D 184 18.06 7.95 33.00
N LEU D 185 16.96 8.72 33.10
CA LEU D 185 16.62 9.45 34.33
C LEU D 185 15.27 9.04 34.87
N THR D 186 15.01 9.37 36.14
CA THR D 186 13.72 9.16 36.77
C THR D 186 13.20 10.47 37.34
N GLY D 187 12.03 10.92 36.88
CA GLY D 187 11.41 12.15 37.35
C GLY D 187 12.24 13.37 36.95
N GLY D 188 11.96 14.51 37.58
CA GLY D 188 12.70 15.73 37.34
C GLY D 188 12.12 16.68 36.29
N ILE D 189 10.98 16.34 35.71
CA ILE D 189 10.33 17.23 34.75
C ILE D 189 9.02 17.74 35.29
N THR D 190 8.93 19.05 35.39
CA THR D 190 7.72 19.72 35.85
C THR D 190 7.28 20.78 34.84
N LYS D 191 5.97 20.96 34.74
CA LYS D 191 5.40 21.96 33.84
C LYS D 191 4.19 22.54 34.52
N ALA D 192 4.30 23.82 34.87
CA ALA D 192 3.21 24.51 35.55
C ALA D 192 2.02 24.74 34.63
N ALA D 193 0.82 24.62 35.18
CA ALA D 193 -0.41 24.89 34.43
C ALA D 193 -0.42 26.26 33.80
N ASN D 194 -1.02 26.34 32.61
CA ASN D 194 -1.36 27.62 31.96
C ASN D 194 -0.18 28.39 31.45
N GLN D 195 0.92 27.67 31.25
CA GLN D 195 2.06 28.21 30.56
C GLN D 195 2.82 27.08 29.88
N ARG D 196 3.79 27.45 29.03
CA ARG D 196 4.35 26.54 28.04
C ARG D 196 5.75 26.04 28.31
N TYR D 197 6.39 26.56 29.34
CA TYR D 197 7.76 26.11 29.65
C TYR D 197 7.72 24.88 30.56
N ALA D 198 8.66 23.96 30.37
CA ALA D 198 8.78 22.84 31.31
C ALA D 198 10.16 22.91 31.94
N THR D 199 10.26 22.71 33.24
CA THR D 199 11.62 22.68 33.80
C THR D 199 12.18 21.28 34.02
N ILE D 200 13.44 21.15 33.67
CA ILE D 200 14.12 19.87 33.58
C ILE D 200 15.26 19.87 34.58
N HIS D 201 15.17 18.96 35.54
CA HIS D 201 16.23 18.77 36.54
C HIS D 201 17.21 17.73 36.05
N VAL D 202 18.43 18.19 35.75
CA VAL D 202 19.54 17.34 35.33
C VAL D 202 20.78 17.93 36.00
N PRO D 203 21.27 17.31 37.08
CA PRO D 203 22.46 17.82 37.77
C PRO D 203 23.66 17.98 36.85
N ASP D 204 24.33 19.12 36.96
CA ASP D 204 25.55 19.40 36.19
C ASP D 204 25.38 19.17 34.68
N HIS D 205 24.29 19.69 34.14
CA HIS D 205 23.93 19.38 32.76
C HIS D 205 24.94 19.96 31.76
N GLY D 206 25.53 21.09 32.14
CA GLY D 206 26.53 21.79 31.33
C GLY D 206 25.97 22.41 30.05
N LEU D 207 24.67 22.71 30.02
CA LEU D 207 24.05 23.18 28.80
C LEU D 207 23.79 24.67 28.86
N PHE D 208 23.75 25.31 27.69
CA PHE D 208 23.39 26.72 27.58
C PHE D 208 22.15 26.89 26.71
N VAL D 209 21.54 28.06 26.78
CA VAL D 209 20.42 28.39 25.90
C VAL D 209 20.80 28.13 24.44
N GLY D 210 19.95 27.38 23.75
CA GLY D 210 20.16 27.06 22.36
C GLY D 210 20.74 25.67 22.17
N ASP D 211 21.23 25.04 23.23
CA ASP D 211 21.85 23.72 23.07
C ASP D 211 20.76 22.65 22.80
N PHE D 212 21.15 21.65 22.02
CA PHE D 212 20.24 20.59 21.62
C PHE D 212 19.94 19.65 22.79
N VAL D 213 18.65 19.37 22.99
CA VAL D 213 18.21 18.28 23.87
C VAL D 213 17.06 17.48 23.21
N ASN D 214 17.15 16.15 23.28
CA ASN D 214 16.13 15.25 22.75
C ASN D 214 15.47 14.53 23.91
N PHE D 215 14.15 14.38 23.84
CA PHE D 215 13.39 13.75 24.93
C PHE D 215 12.66 12.51 24.47
N SER D 216 12.64 11.49 25.33
CA SER D 216 11.89 10.27 25.08
C SER D 216 11.21 9.82 26.36
N ASN D 217 9.94 9.41 26.23
CA ASN D 217 9.14 8.87 27.33
C ASN D 217 8.98 9.82 28.53
N SER D 218 8.96 11.12 28.27
CA SER D 218 8.94 12.12 29.34
C SER D 218 7.71 11.99 30.22
N ALA D 219 6.61 11.61 29.58
CA ALA D 219 5.29 11.59 30.21
C ALA D 219 4.84 12.99 30.63
N VAL D 220 5.41 14.01 29.96
CA VAL D 220 5.01 15.39 30.14
C VAL D 220 4.69 16.00 28.78
N THR D 221 3.45 16.44 28.61
CA THR D 221 2.97 16.97 27.35
C THR D 221 3.85 18.10 26.76
N GLY D 222 4.21 17.94 25.49
CA GLY D 222 5.09 18.87 24.79
C GLY D 222 6.59 18.68 25.00
N VAL D 223 6.99 17.87 25.97
CA VAL D 223 8.42 17.59 26.21
C VAL D 223 8.70 16.29 25.47
N SER D 224 9.06 16.44 24.21
CA SER D 224 9.16 15.29 23.30
C SER D 224 10.00 15.61 22.10
N GLY D 225 10.78 14.62 21.64
CA GLY D 225 11.50 14.76 20.40
C GLY D 225 12.72 15.68 20.54
N ASP D 226 13.17 16.20 19.39
CA ASP D 226 14.26 17.17 19.35
C ASP D 226 13.81 18.54 19.84
N MET D 227 14.51 19.08 20.83
CA MET D 227 14.20 20.43 21.35
C MET D 227 15.49 21.23 21.59
N THR D 228 15.35 22.44 22.10
CA THR D 228 16.51 23.20 22.56
C THR D 228 16.28 23.78 23.96
N VAL D 229 17.38 24.06 24.65
CA VAL D 229 17.29 24.67 25.95
C VAL D 229 16.75 26.10 25.76
N ALA D 230 15.67 26.43 26.46
CA ALA D 230 15.06 27.75 26.33
C ALA D 230 15.66 28.75 27.31
N THR D 231 15.87 28.31 28.55
CA THR D 231 16.49 29.12 29.61
C THR D 231 17.33 28.20 30.48
N VAL D 232 18.34 28.74 31.15
CA VAL D 232 18.95 27.97 32.21
C VAL D 232 18.73 28.67 33.55
N ILE D 233 18.21 27.90 34.49
CA ILE D 233 17.87 28.42 35.80
C ILE D 233 19.14 28.44 36.65
N ASP D 234 19.81 27.28 36.71
CA ASP D 234 21.06 27.12 37.43
C ASP D 234 21.80 25.89 36.86
N LYS D 235 22.89 25.47 37.51
CA LYS D 235 23.73 24.40 36.97
C LYS D 235 23.04 23.04 36.92
N ASP D 236 21.95 22.90 37.66
CA ASP D 236 21.25 21.62 37.76
C ASP D 236 19.88 21.62 37.09
N ASN D 237 19.46 22.78 36.57
CA ASN D 237 18.10 22.97 36.05
C ASN D 237 18.03 23.88 34.83
N PHE D 238 17.26 23.48 33.83
CA PHE D 238 17.00 24.31 32.65
C PHE D 238 15.54 24.15 32.21
N THR D 239 15.09 24.96 31.26
CA THR D 239 13.72 24.83 30.77
C THR D 239 13.78 24.58 29.27
N VAL D 240 12.70 23.98 28.76
CA VAL D 240 12.46 23.93 27.34
C VAL D 240 11.11 24.64 27.08
N LEU D 241 10.93 25.18 25.89
CA LEU D 241 9.65 25.84 25.59
C LEU D 241 8.85 24.86 24.75
N THR D 242 7.76 24.34 25.32
CA THR D 242 6.88 23.41 24.59
C THR D 242 5.87 24.15 23.70
N PRO D 243 5.24 23.42 22.78
CA PRO D 243 4.19 23.99 21.93
C PRO D 243 2.84 24.28 22.58
N ASN D 244 2.59 23.83 23.80
CA ASN D 244 1.24 23.84 24.33
C ASN D 244 1.16 24.12 25.83
N GLN D 245 -0.04 24.42 26.31
CA GLN D 245 -0.27 24.57 27.74
C GLN D 245 -1.49 23.79 28.16
N GLN D 246 -1.50 23.42 29.43
CA GLN D 246 -2.55 22.63 30.03
C GLN D 246 -3.13 23.33 31.24
N THR D 247 -4.35 22.94 31.64
CA THR D 247 -4.99 23.59 32.78
C THR D 247 -4.51 23.05 34.14
N SER D 248 -3.87 21.87 34.13
CA SER D 248 -3.35 21.23 35.35
C SER D 248 -1.81 21.17 35.34
N ASP D 249 -1.18 21.11 36.51
CA ASP D 249 0.27 20.94 36.60
C ASP D 249 0.68 19.50 36.25
N LEU D 250 1.84 19.36 35.60
CA LEU D 250 2.40 18.04 35.33
C LEU D 250 3.72 17.91 36.06
N ASN D 251 4.03 16.69 36.49
CA ASN D 251 5.26 16.41 37.23
C ASN D 251 5.51 14.93 37.04
N ASN D 252 6.58 14.59 36.32
CA ASN D 252 6.82 13.20 35.99
C ASN D 252 7.54 12.41 37.07
N ALA D 253 7.43 12.83 38.33
CA ALA D 253 8.10 12.11 39.41
C ALA D 253 7.87 10.60 39.35
N GLY D 254 8.94 9.83 39.52
CA GLY D 254 8.84 8.38 39.51
C GLY D 254 8.86 7.73 38.13
N LYS D 255 8.78 8.52 37.07
CA LYS D 255 8.79 7.97 35.71
C LYS D 255 10.18 7.89 35.13
N ASN D 256 10.49 6.77 34.48
CA ASN D 256 11.76 6.61 33.75
C ASN D 256 11.65 7.21 32.35
N TRP D 257 12.62 8.07 32.01
CA TRP D 257 12.64 8.70 30.70
C TRP D 257 14.11 8.84 30.25
N HIS D 258 14.31 9.33 29.03
CA HIS D 258 15.64 9.42 28.42
C HIS D 258 15.84 10.80 27.80
N MET D 259 17.04 11.34 28.00
CA MET D 259 17.57 12.56 27.34
C MET D 259 18.97 12.12 26.79
N GLY D 260 19.54 12.64 25.71
CA GLY D 260 19.14 13.75 24.93
C GLY D 260 20.16 14.77 24.45
N THR D 261 21.51 14.68 24.59
CA THR D 261 22.37 15.83 24.15
C THR D 261 23.21 15.62 22.88
N SER D 262 23.68 16.72 22.27
CA SER D 262 24.43 16.64 21.01
C SER D 262 25.46 17.72 20.81
N PHE D 263 26.71 17.29 20.72
CA PHE D 263 27.84 18.12 20.30
C PHE D 263 27.59 18.74 18.93
N HIS D 264 27.19 17.91 17.97
CA HIS D 264 27.07 18.32 16.57
C HIS D 264 25.88 19.24 16.26
N LYS D 265 24.79 19.09 17.00
CA LYS D 265 23.62 19.93 16.78
C LYS D 265 23.58 21.16 17.68
N SER D 266 24.61 21.34 18.51
CA SER D 266 24.68 22.51 19.38
C SER D 266 25.79 23.42 18.85
N PRO D 267 25.59 24.74 18.91
CA PRO D 267 26.62 25.65 18.42
C PRO D 267 27.77 25.77 19.42
N TRP D 268 28.93 26.17 18.91
CA TRP D 268 30.02 26.52 19.80
C TRP D 268 29.63 27.82 20.53
N ARG D 269 29.92 27.89 21.83
CA ARG D 269 30.00 29.18 22.49
C ARG D 269 31.44 29.67 22.28
N LYS D 270 31.58 30.88 21.70
CA LYS D 270 32.89 31.45 21.42
C LYS D 270 33.14 32.70 22.25
N THR D 271 34.22 32.66 23.02
CA THR D 271 34.61 33.77 23.86
C THR D 271 35.95 34.33 23.39
N ASP D 272 35.88 35.48 22.73
CA ASP D 272 37.06 36.18 22.22
C ASP D 272 37.90 36.73 23.37
N LEU D 273 39.13 36.25 23.47
CA LEU D 273 40.03 36.77 24.50
C LEU D 273 41.01 37.80 23.95
N GLY D 274 40.94 38.06 22.65
CA GLY D 274 41.85 38.98 21.99
C GLY D 274 43.23 38.36 21.84
N LEU D 275 44.22 39.18 21.52
CA LEU D 275 45.59 38.70 21.52
C LEU D 275 46.06 38.81 22.96
N ILE D 276 46.03 37.69 23.68
CA ILE D 276 46.42 37.71 25.08
C ILE D 276 47.89 38.18 25.11
N PRO D 277 48.18 39.18 25.95
CA PRO D 277 49.54 39.70 26.09
C PRO D 277 50.54 38.63 26.52
N SER D 278 51.76 38.72 26.00
CA SER D 278 52.87 37.88 26.45
C SER D 278 52.56 36.38 26.37
N VAL D 279 52.08 35.95 25.20
CA VAL D 279 51.73 34.55 24.96
C VAL D 279 52.19 34.14 23.56
N THR D 280 52.92 33.03 23.47
CA THR D 280 53.27 32.42 22.19
C THR D 280 52.27 31.31 21.83
N GLU D 281 52.03 30.41 22.78
CA GLU D 281 51.15 29.28 22.57
C GLU D 281 50.43 28.95 23.86
N VAL D 282 49.17 28.57 23.75
CA VAL D 282 48.42 28.00 24.87
C VAL D 282 48.40 26.47 24.65
N HIS D 283 48.68 25.71 25.69
CA HIS D 283 49.07 24.29 25.55
C HIS D 283 48.74 23.54 26.84
N SER D 284 48.06 22.40 26.71
CA SER D 284 47.66 21.55 27.83
C SER D 284 46.44 22.06 28.60
N PHE D 285 45.75 21.13 29.24
CA PHE D 285 44.45 21.38 29.86
C PHE D 285 44.40 20.54 31.13
N ALA D 286 44.03 21.17 32.23
CA ALA D 286 43.86 20.49 33.51
C ALA D 286 42.52 20.90 34.13
N THR D 287 41.59 19.96 34.15
CA THR D 287 40.30 20.16 34.80
C THR D 287 40.57 20.32 36.29
N ILE D 288 40.04 21.39 36.88
CA ILE D 288 40.24 21.64 38.30
C ILE D 288 39.07 21.09 39.10
N ASP D 289 37.85 21.51 38.75
CA ASP D 289 36.68 21.05 39.47
C ASP D 289 35.47 21.16 38.56
N ASN D 290 34.31 21.25 39.18
CA ASN D 290 33.03 21.35 38.48
C ASN D 290 32.84 22.68 37.79
N ASN D 291 33.66 23.68 38.11
CA ASN D 291 33.44 25.04 37.61
C ASN D 291 34.47 25.55 36.60
N GLY D 292 35.64 24.92 36.56
CA GLY D 292 36.75 25.53 35.83
C GLY D 292 37.99 24.67 35.69
N PHE D 293 39.02 25.25 35.07
CA PHE D 293 40.15 24.48 34.59
C PHE D 293 41.32 25.42 34.37
N ALA D 294 42.46 24.83 34.10
CA ALA D 294 43.65 25.60 33.76
C ALA D 294 44.17 25.17 32.40
N MET D 295 44.86 26.09 31.74
CA MET D 295 45.51 25.83 30.48
C MET D 295 46.93 26.34 30.59
N GLY D 296 47.89 25.55 30.11
CA GLY D 296 49.29 25.96 30.15
C GLY D 296 49.61 26.96 29.05
N TYR D 297 50.72 27.68 29.20
CA TYR D 297 51.15 28.60 28.16
C TYR D 297 52.63 28.88 28.30
N HIS D 298 53.22 29.43 27.24
CA HIS D 298 54.55 30.02 27.33
C HIS D 298 54.65 31.16 26.34
N GLN D 299 55.58 32.07 26.62
CA GLN D 299 55.91 33.14 25.71
C GLN D 299 57.39 32.89 25.39
N GLY D 300 57.73 32.75 24.11
CA GLY D 300 59.09 32.43 23.73
C GLY D 300 59.66 33.17 22.54
N ASP D 301 58.99 34.23 22.11
CA ASP D 301 59.40 35.01 20.94
C ASP D 301 60.42 36.05 21.33
N VAL D 302 60.26 36.61 22.53
CA VAL D 302 61.17 37.64 23.04
C VAL D 302 61.52 37.41 24.50
N ALA D 303 62.70 37.85 24.89
CA ALA D 303 63.16 37.75 26.28
C ALA D 303 62.48 38.80 27.16
N PRO D 304 62.20 38.48 28.43
CA PRO D 304 62.36 37.13 28.98
C PRO D 304 61.16 36.21 28.68
N ARG D 305 61.46 34.91 28.61
CA ARG D 305 60.43 33.89 28.45
C ARG D 305 59.55 33.86 29.67
N GLU D 306 58.30 33.46 29.46
CA GLU D 306 57.34 33.16 30.51
C GLU D 306 56.88 31.73 30.30
N VAL D 307 56.67 31.00 31.40
CA VAL D 307 56.04 29.69 31.36
C VAL D 307 55.11 29.60 32.56
N GLY D 308 53.88 29.17 32.34
CA GLY D 308 52.92 29.12 33.41
C GLY D 308 51.60 28.55 32.93
N LEU D 309 50.51 29.04 33.51
CA LEU D 309 49.18 28.56 33.20
C LEU D 309 48.21 29.74 33.31
N PHE D 310 47.05 29.59 32.67
CA PHE D 310 45.90 30.44 32.88
C PHE D 310 44.83 29.64 33.58
N TYR D 311 44.37 30.16 34.71
CA TYR D 311 43.33 29.51 35.50
C TYR D 311 42.00 30.22 35.26
N PHE D 312 41.00 29.45 34.77
CA PHE D 312 39.66 29.92 34.55
C PHE D 312 38.82 29.34 35.69
N PRO D 313 38.61 30.10 36.76
CA PRO D 313 37.91 29.56 37.95
C PRO D 313 36.43 29.22 37.72
N ASP D 314 35.76 29.97 36.86
CA ASP D 314 34.36 29.70 36.52
C ASP D 314 34.13 29.85 35.02
N ALA D 315 34.52 28.82 34.27
CA ALA D 315 34.46 28.89 32.81
C ALA D 315 33.01 28.88 32.29
N PHE D 316 32.08 28.43 33.13
CA PHE D 316 30.67 28.34 32.73
C PHE D 316 29.98 29.68 32.78
N ASN D 317 30.05 30.36 33.92
CA ASN D 317 29.43 31.68 34.07
C ASN D 317 30.30 32.81 33.50
N SER D 318 31.62 32.67 33.59
CA SER D 318 32.54 33.77 33.29
C SER D 318 33.76 33.32 32.49
N PRO D 319 33.55 32.87 31.25
CA PRO D 319 34.66 32.35 30.42
C PRO D 319 35.73 33.39 30.02
N SER D 320 35.45 34.68 30.13
CA SER D 320 36.49 35.67 29.80
C SER D 320 37.38 36.00 31.00
N ASN D 321 37.05 35.43 32.17
CA ASN D 321 37.83 35.68 33.39
C ASN D 321 38.86 34.60 33.67
N TYR D 322 40.12 34.99 33.68
CA TYR D 322 41.21 34.05 33.94
C TYR D 322 42.32 34.75 34.73
N VAL D 323 43.18 33.94 35.35
CA VAL D 323 44.33 34.49 36.06
C VAL D 323 45.62 33.82 35.60
N ARG D 324 46.63 34.63 35.36
CA ARG D 324 47.91 34.18 34.87
C ARG D 324 48.82 33.83 36.04
N ARG D 325 49.47 32.66 35.95
CA ARG D 325 50.35 32.21 37.01
C ARG D 325 51.62 31.65 36.37
N GLN D 326 52.77 32.22 36.71
CA GLN D 326 54.04 31.74 36.15
C GLN D 326 54.80 30.80 37.09
N ILE D 327 55.60 29.90 36.51
CA ILE D 327 56.50 29.08 37.32
C ILE D 327 57.65 29.96 37.83
N PRO D 328 58.48 29.46 38.75
CA PRO D 328 59.63 30.25 39.24
C PRO D 328 60.55 30.67 38.11
N SER D 329 61.02 31.91 38.17
CA SER D 329 61.72 32.52 37.05
C SER D 329 63.01 31.79 36.65
N GLU D 330 63.65 31.10 37.60
CA GLU D 330 64.86 30.32 37.29
C GLU D 330 64.60 29.14 36.34
N TYR D 331 63.35 28.73 36.23
CA TYR D 331 62.99 27.60 35.38
C TYR D 331 62.36 27.98 34.04
N GLU D 332 62.20 29.27 33.80
CA GLU D 332 61.58 29.76 32.57
C GLU D 332 62.50 29.85 31.34
N PRO D 333 63.79 30.16 31.50
CA PRO D 333 64.69 30.26 30.34
C PRO D 333 64.72 28.95 29.58
N ASP D 334 64.75 29.00 28.25
CA ASP D 334 64.86 27.77 27.43
C ASP D 334 63.78 26.75 27.74
N ALA D 335 62.59 27.25 28.06
CA ALA D 335 61.48 26.36 28.43
C ALA D 335 60.20 26.76 27.71
N SER D 336 59.33 25.79 27.48
CA SER D 336 58.13 26.03 26.70
C SER D 336 57.09 24.94 26.95
N GLU D 337 55.91 25.14 26.36
CA GLU D 337 54.87 24.08 26.24
C GLU D 337 54.73 23.20 27.49
N PRO D 338 54.27 23.80 28.58
CA PRO D 338 54.07 23.04 29.82
C PRO D 338 52.89 22.06 29.72
N CYS D 339 53.06 20.84 30.22
CA CYS D 339 51.94 19.93 30.42
C CYS D 339 51.47 20.09 31.86
N ILE D 340 50.16 20.22 32.06
CA ILE D 340 49.59 20.42 33.39
C ILE D 340 48.45 19.44 33.68
N LYS D 341 48.42 18.93 34.91
CA LYS D 341 47.32 18.09 35.37
C LYS D 341 47.09 18.34 36.86
N TYR D 342 45.85 18.09 37.32
CA TYR D 342 45.46 18.38 38.69
C TYR D 342 44.98 17.09 39.36
N TYR D 343 45.59 16.77 40.49
CA TYR D 343 45.25 15.55 41.22
C TYR D 343 45.24 15.82 42.72
N ASP D 344 44.14 15.46 43.36
CA ASP D 344 43.95 15.58 44.82
C ASP D 344 44.53 16.87 45.38
N GLY D 345 44.08 17.99 44.83
CA GLY D 345 44.45 19.32 45.30
C GLY D 345 45.83 19.79 44.90
N VAL D 346 46.55 19.03 44.07
CA VAL D 346 47.91 19.42 43.62
C VAL D 346 47.97 19.60 42.11
N LEU D 347 48.44 20.76 41.66
CA LEU D 347 48.64 21.00 40.24
C LEU D 347 50.09 20.68 39.90
N TYR D 348 50.31 19.78 38.94
CA TYR D 348 51.64 19.38 38.50
C TYR D 348 51.89 19.99 37.13
N LEU D 349 53.13 20.42 36.88
CA LEU D 349 53.47 21.05 35.62
C LEU D 349 54.88 20.58 35.22
N ILE D 350 55.02 20.13 33.97
CA ILE D 350 56.32 19.72 33.42
C ILE D 350 56.60 20.50 32.14
N THR D 351 57.77 21.15 32.05
CA THR D 351 58.15 21.96 30.88
C THR D 351 58.87 21.15 29.79
N ARG D 352 58.86 21.69 28.58
CA ARG D 352 59.71 21.22 27.49
C ARG D 352 60.97 22.09 27.54
N GLY D 353 62.14 21.48 27.46
CA GLY D 353 63.38 22.22 27.28
C GLY D 353 63.65 22.49 25.79
N THR D 354 64.22 23.65 25.47
CA THR D 354 64.39 23.99 24.06
C THR D 354 65.77 23.77 23.47
N ARG D 355 66.75 23.48 24.33
CA ARG D 355 68.11 23.17 23.86
C ARG D 355 68.82 22.14 24.72
N GLY D 356 69.53 21.24 24.04
CA GLY D 356 70.29 20.20 24.72
C GLY D 356 71.52 20.68 25.46
N ASP D 357 71.94 21.92 25.19
CA ASP D 357 73.11 22.48 25.85
C ASP D 357 72.77 23.45 26.98
N ARG D 358 71.50 23.52 27.36
CA ARG D 358 71.12 24.33 28.53
C ARG D 358 70.18 23.52 29.42
N LEU D 359 70.06 23.93 30.69
CA LEU D 359 69.14 23.24 31.60
C LEU D 359 67.78 23.06 30.94
N GLY D 360 67.24 21.85 31.06
CA GLY D 360 66.08 21.44 30.28
C GLY D 360 64.80 21.31 31.09
N SER D 361 64.00 20.29 30.75
CA SER D 361 62.70 20.07 31.40
C SER D 361 62.77 20.16 32.92
N SER D 362 61.76 20.79 33.51
CA SER D 362 61.61 20.83 34.96
C SER D 362 60.17 20.44 35.36
N LEU D 363 60.01 19.98 36.59
CA LEU D 363 58.73 19.54 37.15
C LEU D 363 58.40 20.41 38.35
N HIS D 364 57.14 20.80 38.45
CA HIS D 364 56.68 21.71 39.49
C HIS D 364 55.37 21.23 40.04
N ARG D 365 55.14 21.49 41.32
CA ARG D 365 53.87 21.13 41.95
C ARG D 365 53.40 22.34 42.75
N SER D 366 52.09 22.56 42.78
CA SER D 366 51.49 23.67 43.55
C SER D 366 50.23 23.19 44.25
N ARG D 367 50.03 23.66 45.48
CA ARG D 367 48.78 23.39 46.22
C ARG D 367 47.81 24.60 46.17
N ASP D 368 48.14 25.59 45.35
CA ASP D 368 47.30 26.79 45.26
C ASP D 368 47.17 27.23 43.80
N ILE D 369 47.08 26.22 42.92
CA ILE D 369 46.86 26.42 41.48
C ILE D 369 47.82 27.49 40.92
N GLY D 370 49.09 27.33 41.26
CA GLY D 370 50.15 28.03 40.57
C GLY D 370 50.64 29.31 41.18
N GLN D 371 50.16 29.65 42.39
CA GLN D 371 50.64 30.85 43.08
C GLN D 371 52.04 30.63 43.67
N THR D 372 52.25 29.45 44.25
CA THR D 372 53.57 29.08 44.76
C THR D 372 53.89 27.69 44.25
N TRP D 373 55.18 27.38 44.15
CA TRP D 373 55.61 26.11 43.56
C TRP D 373 56.73 25.45 44.35
N GLU D 374 56.80 24.13 44.26
CA GLU D 374 58.03 23.39 44.59
C GLU D 374 58.51 22.81 43.28
N SER D 375 59.82 22.77 43.07
CA SER D 375 60.33 22.55 41.73
C SER D 375 61.51 21.60 41.71
N LEU D 376 61.70 20.91 40.59
CA LEU D 376 62.90 20.12 40.38
C LEU D 376 63.31 20.08 38.91
N ARG D 377 64.61 19.97 38.67
CA ARG D 377 65.12 19.87 37.30
C ARG D 377 65.36 18.42 36.98
N PHE D 378 64.93 17.97 35.81
CA PHE D 378 65.33 16.67 35.33
C PHE D 378 66.80 16.75 35.01
N PRO D 379 67.58 15.72 35.34
CA PRO D 379 69.00 15.72 35.01
C PRO D 379 69.21 15.69 33.49
N HIS D 380 70.36 16.19 33.04
CA HIS D 380 70.79 16.06 31.64
C HIS D 380 69.97 16.73 30.54
N ASN D 381 69.42 17.90 30.84
CA ASN D 381 68.97 18.85 29.81
C ASN D 381 67.97 18.19 28.85
N VAL D 382 66.94 17.56 29.41
CA VAL D 382 65.88 16.98 28.59
C VAL D 382 65.24 18.09 27.75
N HIS D 383 65.17 17.87 26.45
CA HIS D 383 64.82 18.92 25.50
C HIS D 383 64.09 18.37 24.27
N HIS D 384 63.45 19.29 23.55
CA HIS D 384 62.78 19.04 22.27
C HIS D 384 61.52 18.21 22.35
N THR D 385 61.19 17.72 23.54
CA THR D 385 59.97 16.96 23.72
C THR D 385 59.08 17.55 24.80
N THR D 386 57.76 17.46 24.64
CA THR D 386 56.91 17.73 25.79
C THR D 386 56.91 16.44 26.60
N LEU D 387 56.47 16.53 27.84
CA LEU D 387 56.45 15.38 28.73
C LEU D 387 55.05 15.20 29.31
N PRO D 388 54.10 14.78 28.47
CA PRO D 388 52.73 14.57 28.97
C PRO D 388 52.72 13.42 29.96
N PHE D 389 51.79 13.47 30.90
CA PHE D 389 51.85 12.56 32.04
C PHE D 389 50.50 12.40 32.70
N ALA D 390 50.42 11.42 33.59
CA ALA D 390 49.26 11.22 34.43
C ALA D 390 49.82 10.74 35.77
N LYS D 391 49.01 10.84 36.81
CA LYS D 391 49.38 10.32 38.12
C LYS D 391 48.64 9.02 38.36
N VAL D 392 49.39 7.97 38.70
CA VAL D 392 48.84 6.65 39.02
C VAL D 392 49.40 6.24 40.37
N GLY D 393 48.52 6.06 41.34
CA GLY D 393 48.97 5.85 42.72
C GLY D 393 49.85 7.00 43.12
N ASP D 394 51.04 6.69 43.65
CA ASP D 394 51.97 7.72 44.14
C ASP D 394 52.91 8.25 43.05
N ASP D 395 52.77 7.79 41.81
CA ASP D 395 53.76 8.11 40.77
C ASP D 395 53.16 8.97 39.65
N LEU D 396 53.96 9.90 39.16
CA LEU D 396 53.71 10.50 37.85
C LEU D 396 54.35 9.58 36.82
N ILE D 397 53.58 9.26 35.78
CA ILE D 397 54.07 8.45 34.67
C ILE D 397 54.07 9.37 33.44
N MET D 398 55.27 9.66 32.93
CA MET D 398 55.46 10.61 31.85
C MET D 398 56.11 9.94 30.65
N PHE D 399 55.82 10.47 29.47
CA PHE D 399 56.33 9.94 28.22
C PHE D 399 56.94 11.08 27.43
N GLY D 400 58.02 10.78 26.72
CA GLY D 400 58.63 11.73 25.81
C GLY D 400 59.22 11.00 24.63
N SER D 401 59.51 11.74 23.56
CA SER D 401 60.13 11.18 22.36
C SER D 401 61.14 12.18 21.82
N GLU D 402 62.35 11.71 21.52
CA GLU D 402 63.29 12.54 20.78
C GLU D 402 62.72 12.65 19.36
N ARG D 403 63.06 13.72 18.66
CA ARG D 403 62.42 14.02 17.38
C ARG D 403 63.15 13.34 16.20
N ALA D 404 64.41 13.02 16.42
CA ALA D 404 65.20 12.24 15.48
C ALA D 404 66.18 11.45 16.33
N GLU D 405 66.75 10.41 15.76
CA GLU D 405 67.58 9.53 16.55
C GLU D 405 68.79 10.20 17.17
N ASN D 406 69.03 9.87 18.44
CA ASN D 406 70.22 10.29 19.18
C ASN D 406 70.29 11.79 19.51
N GLU D 407 69.12 12.40 19.66
CA GLU D 407 68.99 13.79 20.15
C GLU D 407 68.66 13.93 21.64
N TRP D 408 68.21 12.84 22.28
CA TRP D 408 67.75 12.89 23.68
C TRP D 408 68.76 13.46 24.66
N GLU D 409 69.99 12.98 24.57
CA GLU D 409 71.00 13.25 25.60
C GLU D 409 71.46 14.69 25.65
N ALA D 410 71.86 15.14 26.84
CA ALA D 410 72.52 16.43 27.01
C ALA D 410 73.71 16.52 26.09
N GLY D 411 73.82 17.65 25.39
CA GLY D 411 74.93 17.90 24.51
C GLY D 411 74.85 17.26 23.14
N ALA D 412 73.88 16.36 22.92
CA ALA D 412 73.67 15.77 21.58
C ALA D 412 73.16 16.79 20.58
N PRO D 413 73.85 16.94 19.45
CA PRO D 413 73.43 17.87 18.42
C PRO D 413 72.16 17.40 17.71
N ASP D 414 71.37 18.36 17.23
CA ASP D 414 70.28 18.04 16.32
C ASP D 414 70.87 17.26 15.13
N ASP D 415 70.18 16.22 14.69
CA ASP D 415 70.66 15.38 13.59
C ASP D 415 69.54 15.18 12.59
N ARG D 416 69.33 16.18 11.76
CA ARG D 416 68.17 16.20 10.87
C ARG D 416 68.65 15.95 9.46
N TYR D 417 67.71 15.90 8.52
CA TYR D 417 68.07 15.77 7.09
C TYR D 417 68.59 14.39 6.72
N LYS D 418 68.37 13.42 7.60
CA LYS D 418 68.75 12.03 7.34
C LYS D 418 67.77 11.13 8.06
N ALA D 419 67.30 10.08 7.37
CA ALA D 419 66.37 9.13 7.97
C ALA D 419 66.97 8.51 9.23
N SER D 420 66.16 8.35 10.28
CA SER D 420 66.62 7.68 11.48
C SER D 420 65.45 7.10 12.30
N TYR D 421 65.77 6.51 13.44
CA TYR D 421 64.81 5.77 14.27
C TYR D 421 64.80 6.36 15.70
N PRO D 422 64.09 7.47 15.90
CA PRO D 422 64.06 8.12 17.21
C PRO D 422 63.43 7.25 18.28
N ARG D 423 64.02 7.36 19.47
CA ARG D 423 63.59 6.62 20.64
C ARG D 423 62.47 7.33 21.37
N THR D 424 61.48 6.56 21.80
CA THR D 424 60.44 7.03 22.70
C THR D 424 60.66 6.40 24.09
N PHE D 425 60.52 7.20 25.14
CA PHE D 425 60.85 6.79 26.50
C PHE D 425 59.65 7.02 27.40
N TYR D 426 59.58 6.30 28.51
CA TYR D 426 58.74 6.73 29.61
C TYR D 426 59.53 6.63 30.92
N ALA D 427 59.02 7.30 31.95
CA ALA D 427 59.64 7.30 33.26
C ALA D 427 58.58 7.44 34.33
N ARG D 428 58.84 6.87 35.51
CA ARG D 428 57.99 7.09 36.68
C ARG D 428 58.76 7.86 37.71
N LEU D 429 58.12 8.84 38.33
CA LEU D 429 58.69 9.56 39.46
C LEU D 429 57.67 9.56 40.60
N ASN D 430 58.15 9.19 41.78
CA ASN D 430 57.30 9.14 42.95
C ASN D 430 57.14 10.53 43.55
N VAL D 431 55.91 10.96 43.84
CA VAL D 431 55.69 12.32 44.33
C VAL D 431 56.13 12.60 45.77
N ASN D 432 56.28 11.55 46.58
CA ASN D 432 56.82 11.73 47.92
C ASN D 432 58.34 11.89 47.89
N ASN D 433 59.02 11.06 47.09
CA ASN D 433 60.47 11.17 46.91
C ASN D 433 60.86 12.53 46.32
N TRP D 434 60.06 13.00 45.36
CA TRP D 434 60.24 14.33 44.75
C TRP D 434 61.71 14.61 44.47
N ASN D 435 62.29 13.79 43.62
CA ASN D 435 63.69 13.88 43.28
C ASN D 435 63.87 13.15 41.97
N ALA D 436 64.33 13.88 40.95
CA ALA D 436 64.53 13.27 39.62
C ALA D 436 65.97 12.91 39.32
N ASP D 437 66.89 13.08 40.29
CA ASP D 437 68.31 12.82 40.03
C ASP D 437 68.53 11.41 39.48
N ASP D 438 67.81 10.44 40.00
CA ASP D 438 68.00 9.05 39.58
C ASP D 438 66.88 8.53 38.66
N ILE D 439 66.22 9.45 37.95
CA ILE D 439 65.17 9.04 37.02
C ILE D 439 65.68 7.98 36.03
N GLU D 440 64.83 7.00 35.74
CA GLU D 440 65.14 6.01 34.74
C GLU D 440 64.20 6.18 33.55
N TRP D 441 64.73 6.74 32.46
CA TRP D 441 64.01 6.83 31.18
C TRP D 441 64.13 5.48 30.47
N VAL D 442 62.98 4.88 30.17
CA VAL D 442 62.94 3.55 29.62
C VAL D 442 62.47 3.64 28.15
N ASN D 443 63.34 3.28 27.22
CA ASN D 443 63.02 3.25 25.78
C ASN D 443 62.13 2.04 25.53
N ILE D 444 60.88 2.30 25.19
CA ILE D 444 59.86 1.25 25.03
C ILE D 444 59.44 1.01 23.58
N THR D 445 59.72 1.98 22.71
CA THR D 445 59.43 1.87 21.29
C THR D 445 60.27 2.85 20.48
N ASP D 446 60.55 2.51 19.22
CA ASP D 446 61.26 3.40 18.30
C ASP D 446 60.38 3.76 17.13
N GLN D 447 60.45 5.03 16.73
CA GLN D 447 59.68 5.58 15.62
C GLN D 447 60.62 5.84 14.45
N ILE D 448 60.07 6.35 13.36
CA ILE D 448 60.87 6.76 12.20
C ILE D 448 60.78 8.27 12.05
N TYR D 449 61.93 8.91 11.81
CA TYR D 449 61.99 10.29 11.34
C TYR D 449 62.46 10.23 9.86
N GLN D 450 61.66 10.76 8.95
CA GLN D 450 61.89 10.56 7.51
C GLN D 450 63.16 11.26 6.98
N GLY D 451 63.35 12.52 7.38
CA GLY D 451 64.59 13.21 7.03
C GLY D 451 64.58 14.05 5.75
N GLY D 452 63.46 14.06 5.03
CA GLY D 452 63.36 14.81 3.79
C GLY D 452 63.19 16.31 3.99
N ILE D 453 62.84 16.71 5.21
CA ILE D 453 62.80 18.10 5.67
C ILE D 453 63.31 18.16 7.11
N VAL D 454 63.65 19.35 7.58
CA VAL D 454 64.30 19.50 8.89
C VAL D 454 63.31 19.18 10.03
N ASN D 455 62.04 19.46 9.80
CA ASN D 455 61.06 19.31 10.85
C ASN D 455 60.73 17.86 11.04
N SER D 456 60.32 17.55 12.26
CA SER D 456 59.88 16.21 12.60
C SER D 456 58.49 16.27 13.21
N GLY D 457 57.64 15.31 12.80
CA GLY D 457 56.33 15.13 13.39
C GLY D 457 56.37 14.16 14.57
N VAL D 458 57.51 13.55 14.86
CA VAL D 458 57.49 12.53 15.92
C VAL D 458 57.30 13.12 17.33
N GLY D 459 56.54 12.42 18.15
CA GLY D 459 56.38 12.80 19.55
C GLY D 459 55.36 13.92 19.75
N VAL D 460 55.73 14.90 20.58
CA VAL D 460 54.87 16.01 21.02
C VAL D 460 53.44 15.53 21.23
N GLY D 461 53.30 14.66 22.23
CA GLY D 461 52.12 13.84 22.36
C GLY D 461 51.20 14.27 23.47
N SER D 462 50.34 13.34 23.87
CA SER D 462 49.39 13.56 24.94
C SER D 462 49.11 12.23 25.63
N VAL D 463 48.76 12.28 26.92
CA VAL D 463 48.61 11.09 27.76
C VAL D 463 47.25 11.06 28.47
N VAL D 464 46.58 9.91 28.45
CA VAL D 464 45.36 9.68 29.23
C VAL D 464 45.36 8.34 29.92
N VAL D 465 44.63 8.23 31.03
CA VAL D 465 44.44 6.93 31.68
C VAL D 465 42.99 6.53 31.47
N LYS D 466 42.75 5.29 31.04
CA LYS D 466 41.41 4.74 31.07
C LYS D 466 41.46 3.40 31.79
N ASP D 467 40.66 3.28 32.87
CA ASP D 467 40.69 2.09 33.70
C ASP D 467 42.16 1.78 34.06
N ASN D 468 42.61 0.56 33.76
CA ASN D 468 43.95 0.12 34.18
C ASN D 468 45.06 0.28 33.13
N TYR D 469 44.83 1.12 32.13
CA TYR D 469 45.79 1.37 31.06
C TYR D 469 46.08 2.86 30.92
N ILE D 470 47.33 3.15 30.60
CA ILE D 470 47.72 4.50 30.24
C ILE D 470 48.04 4.54 28.73
N TYR D 471 47.65 5.64 28.10
CA TYR D 471 47.75 5.80 26.64
C TYR D 471 48.60 7.04 26.31
N TYR D 472 49.63 6.84 25.53
CA TYR D 472 50.43 7.95 25.02
C TYR D 472 50.19 8.10 23.52
N MET D 473 49.56 9.20 23.13
CA MET D 473 49.24 9.48 21.72
C MET D 473 50.24 10.46 21.19
N PHE D 474 50.90 10.09 20.09
CA PHE D 474 52.06 10.85 19.63
C PHE D 474 52.32 10.64 18.15
N GLY D 475 53.12 11.52 17.56
CA GLY D 475 53.41 11.45 16.13
C GLY D 475 54.53 10.47 15.81
N GLY D 476 54.54 9.98 14.58
CA GLY D 476 55.61 9.13 14.08
C GLY D 476 55.60 9.29 12.57
N GLU D 477 56.75 9.21 11.93
CA GLU D 477 56.77 9.28 10.49
C GLU D 477 57.02 7.88 9.87
N ASP D 478 57.29 7.84 8.58
CA ASP D 478 57.69 6.64 7.86
C ASP D 478 58.73 7.09 6.85
N HIS D 479 59.20 6.20 5.97
CA HIS D 479 60.30 6.54 5.06
C HIS D 479 59.81 7.16 3.74
N PHE D 480 58.52 7.48 3.65
CA PHE D 480 57.99 8.10 2.43
C PHE D 480 58.22 9.63 2.43
N ASN D 481 59.12 10.09 1.56
CA ASN D 481 59.43 11.52 1.41
C ASN D 481 58.20 12.33 1.00
N PRO D 482 57.92 13.49 1.64
CA PRO D 482 56.83 14.35 1.17
C PRO D 482 57.17 15.09 -0.14
N TRP D 483 58.42 15.00 -0.60
CA TRP D 483 58.89 15.71 -1.81
C TRP D 483 58.75 17.26 -1.79
N THR D 484 58.84 17.84 -0.60
CA THR D 484 59.02 19.30 -0.47
C THR D 484 60.22 19.75 -1.30
N TYR D 485 61.31 19.02 -1.17
CA TYR D 485 62.46 19.19 -2.04
C TYR D 485 62.32 18.08 -3.09
N GLY D 486 61.67 18.48 -4.17
CA GLY D 486 61.18 17.56 -5.18
C GLY D 486 60.03 18.24 -5.91
N ASP D 487 59.08 17.44 -6.38
CA ASP D 487 57.99 17.91 -7.22
C ASP D 487 56.76 18.38 -6.43
N ASN D 488 56.88 18.47 -5.12
CA ASN D 488 55.76 18.88 -4.28
C ASN D 488 56.15 19.96 -3.27
N SER D 489 56.83 21.01 -3.74
CA SER D 489 57.17 22.12 -2.83
C SER D 489 55.92 22.84 -2.33
N ALA D 490 54.81 22.71 -3.06
CA ALA D 490 53.50 23.19 -2.62
C ALA D 490 52.92 22.42 -1.42
N LYS D 491 53.48 21.24 -1.13
CA LYS D 491 53.08 20.37 -0.01
C LYS D 491 51.64 19.84 -0.12
N ASP D 492 51.16 19.66 -1.34
CA ASP D 492 49.80 19.17 -1.59
C ASP D 492 49.69 17.74 -1.00
N PRO D 493 48.86 17.52 0.03
CA PRO D 493 48.80 16.19 0.65
C PRO D 493 48.39 15.11 -0.32
N PHE D 494 47.70 15.49 -1.40
CA PHE D 494 47.11 14.45 -2.25
C PHE D 494 47.92 13.98 -3.42
N LYS D 495 49.13 14.52 -3.53
CA LYS D 495 50.11 14.00 -4.49
C LYS D 495 50.98 12.94 -3.84
N SER D 496 51.27 11.88 -4.59
CA SER D 496 52.21 10.83 -4.16
C SER D 496 51.76 10.28 -2.81
N ASP D 497 52.67 10.18 -1.85
CA ASP D 497 52.32 9.63 -0.53
C ASP D 497 51.91 10.69 0.49
N GLY D 498 51.74 11.93 0.01
CA GLY D 498 51.44 13.01 0.92
C GLY D 498 52.50 13.10 2.01
N HIS D 499 52.05 13.40 3.23
CA HIS D 499 52.96 13.63 4.36
C HIS D 499 53.10 12.43 5.28
N PRO D 500 54.33 12.04 5.61
CA PRO D 500 54.58 10.84 6.41
C PRO D 500 54.13 10.89 7.87
N SER D 501 53.89 12.05 8.45
CA SER D 501 53.56 12.09 9.88
C SER D 501 52.15 11.54 10.09
N ASP D 502 52.02 10.58 11.01
CA ASP D 502 50.73 10.04 11.42
C ASP D 502 50.81 9.76 12.92
N LEU D 503 49.67 9.47 13.53
CA LEU D 503 49.61 9.27 14.98
C LEU D 503 49.69 7.82 15.34
N TYR D 504 50.29 7.60 16.51
CA TYR D 504 50.47 6.29 17.11
C TYR D 504 49.99 6.41 18.53
N CYS D 505 49.74 5.28 19.18
CA CYS D 505 49.32 5.28 20.57
C CYS D 505 49.97 4.09 21.25
N TYR D 506 50.77 4.38 22.28
CA TYR D 506 51.33 3.32 23.11
C TYR D 506 50.38 3.04 24.24
N LYS D 507 49.92 1.79 24.33
CA LYS D 507 48.98 1.40 25.39
C LYS D 507 49.75 0.56 26.40
N MET D 508 49.84 1.03 27.65
CA MET D 508 50.64 0.36 28.68
C MET D 508 49.75 0.06 29.87
N LYS D 509 49.79 -1.19 30.31
CA LYS D 509 49.07 -1.65 31.50
C LYS D 509 49.68 -1.07 32.78
N ILE D 510 48.80 -0.56 33.64
CA ILE D 510 49.20 0.23 34.78
C ILE D 510 48.62 -0.33 36.08
N GLY D 511 47.78 -1.36 35.94
CA GLY D 511 47.12 -2.00 37.06
C GLY D 511 46.49 -3.32 36.64
N PRO D 512 45.99 -4.11 37.59
CA PRO D 512 45.46 -5.44 37.28
C PRO D 512 44.25 -5.46 36.34
N ASP D 513 44.20 -6.47 35.48
CA ASP D 513 43.09 -6.67 34.54
C ASP D 513 42.36 -7.89 35.04
N ASN D 514 41.21 -7.70 35.69
CA ASN D 514 40.48 -8.85 36.28
C ASN D 514 39.43 -9.45 35.35
N ARG D 515 39.59 -9.20 34.05
CA ARG D 515 38.75 -9.78 33.01
C ARG D 515 39.59 -10.59 32.04
N VAL D 516 38.92 -11.53 31.36
CA VAL D 516 39.49 -12.26 30.26
C VAL D 516 39.75 -11.28 29.11
N SER D 517 40.65 -11.63 28.21
CA SER D 517 41.06 -10.73 27.11
C SER D 517 39.91 -10.23 26.25
N ARG D 518 39.97 -8.93 25.93
CA ARG D 518 39.07 -8.36 24.92
C ARG D 518 39.74 -8.26 23.54
N ASP D 519 41.02 -8.61 23.46
CA ASP D 519 41.82 -8.40 22.27
C ASP D 519 41.26 -9.19 21.09
N PHE D 520 41.25 -8.55 19.93
CA PHE D 520 40.93 -9.26 18.69
C PHE D 520 41.90 -8.84 17.59
N ARG D 521 41.99 -9.71 16.58
CA ARG D 521 42.68 -9.37 15.34
C ARG D 521 41.64 -8.81 14.39
N TYR D 522 41.99 -7.70 13.77
CA TYR D 522 41.06 -7.02 12.85
C TYR D 522 41.15 -7.72 11.48
N GLY D 523 40.05 -8.38 11.09
CA GLY D 523 39.95 -9.08 9.84
C GLY D 523 38.84 -8.60 8.93
N ALA D 524 38.14 -7.53 9.31
CA ALA D 524 37.06 -6.99 8.50
C ALA D 524 37.56 -6.08 7.40
N VAL D 525 36.68 -5.83 6.44
CA VAL D 525 36.86 -4.70 5.54
C VAL D 525 36.46 -3.45 6.30
N PRO D 526 37.36 -2.46 6.40
CA PRO D 526 37.04 -1.18 7.04
C PRO D 526 35.91 -0.58 6.23
N ASN D 527 34.75 -0.35 6.84
CA ASN D 527 33.55 -0.01 6.05
C ASN D 527 32.76 1.15 6.64
N ARG D 528 33.45 2.05 7.33
CA ARG D 528 32.88 3.25 7.94
C ARG D 528 33.12 4.51 7.12
N ALA D 529 34.33 4.64 6.57
CA ALA D 529 34.69 5.88 5.87
C ALA D 529 33.98 5.93 4.51
N VAL D 530 34.07 4.86 3.74
CA VAL D 530 33.29 4.77 2.51
C VAL D 530 32.50 3.46 2.57
N PRO D 531 31.31 3.46 3.16
CA PRO D 531 30.61 2.19 3.39
C PRO D 531 30.19 1.57 2.06
N VAL D 532 30.78 0.42 1.72
CA VAL D 532 30.42 -0.30 0.50
C VAL D 532 29.73 -1.63 0.80
N PHE D 533 28.70 -1.93 0.01
CA PHE D 533 27.95 -3.18 0.08
C PHE D 533 27.74 -3.66 -1.35
N PHE D 534 27.96 -4.96 -1.59
CA PHE D 534 27.66 -5.49 -2.90
C PHE D 534 26.16 -5.65 -2.94
N ASP D 535 25.50 -4.97 -3.89
CA ASP D 535 24.05 -5.04 -3.99
C ASP D 535 23.59 -6.40 -4.55
N THR D 536 22.28 -6.59 -4.67
CA THR D 536 21.77 -7.91 -5.09
C THR D 536 22.08 -8.16 -6.56
N ASN D 537 22.44 -7.10 -7.28
CA ASN D 537 22.92 -7.19 -8.65
C ASN D 537 24.46 -7.32 -8.77
N GLY D 538 25.13 -7.45 -7.63
CA GLY D 538 26.58 -7.65 -7.61
C GLY D 538 27.43 -6.42 -7.79
N VAL D 539 26.83 -5.23 -7.62
CA VAL D 539 27.55 -3.97 -7.81
C VAL D 539 27.81 -3.27 -6.48
N ARG D 540 29.06 -2.82 -6.27
CA ARG D 540 29.44 -2.04 -5.10
C ARG D 540 28.56 -0.80 -4.95
N THR D 541 27.94 -0.64 -3.78
CA THR D 541 26.95 0.41 -3.54
C THR D 541 27.31 1.16 -2.29
N VAL D 542 27.41 2.50 -2.39
CA VAL D 542 27.67 3.36 -1.24
C VAL D 542 26.39 4.13 -0.88
N PRO D 543 25.76 3.80 0.23
CA PRO D 543 24.51 4.47 0.63
C PRO D 543 24.69 5.77 1.42
N ALA D 544 25.89 6.06 1.92
CA ALA D 544 26.14 7.28 2.69
C ALA D 544 26.21 8.53 1.81
N PRO D 545 25.72 9.65 2.32
CA PRO D 545 25.92 10.93 1.63
C PRO D 545 27.39 11.27 1.67
N MET D 546 27.91 11.82 0.58
CA MET D 546 29.33 12.11 0.51
C MET D 546 29.60 13.40 -0.26
N GLU D 547 30.70 14.05 0.11
CA GLU D 547 31.18 15.22 -0.62
C GLU D 547 32.52 14.91 -1.26
N PHE D 548 32.65 15.15 -2.56
CA PHE D 548 33.94 15.04 -3.21
C PHE D 548 34.34 16.45 -3.58
N THR D 549 35.36 16.99 -2.94
CA THR D 549 35.69 18.39 -3.24
C THR D 549 36.85 18.51 -4.23
N GLY D 550 37.58 17.42 -4.44
CA GLY D 550 38.68 17.43 -5.40
C GLY D 550 38.10 17.27 -6.80
N ASP D 551 38.86 17.67 -7.83
CA ASP D 551 38.43 17.47 -9.23
C ASP D 551 38.18 16.00 -9.51
N LEU D 552 37.02 15.74 -10.13
CA LEU D 552 36.59 14.39 -10.46
C LEU D 552 36.52 14.19 -11.96
N GLY D 553 37.06 13.06 -12.44
CA GLY D 553 36.84 12.64 -13.81
C GLY D 553 35.96 11.40 -13.72
N LEU D 554 34.85 11.39 -14.45
CA LEU D 554 33.92 10.25 -14.44
C LEU D 554 33.89 9.56 -15.81
N GLY D 555 33.51 8.27 -15.85
CA GLY D 555 33.25 7.58 -17.11
C GLY D 555 31.76 7.67 -17.49
N HIS D 556 31.14 6.57 -17.90
CA HIS D 556 29.70 6.63 -18.17
C HIS D 556 28.93 6.90 -16.86
N VAL D 557 28.01 7.85 -16.88
CA VAL D 557 27.25 8.22 -15.69
C VAL D 557 25.77 8.04 -15.93
N THR D 558 25.09 7.41 -14.99
CA THR D 558 23.65 7.31 -15.00
C THR D 558 23.17 8.00 -13.72
N ILE D 559 22.22 8.92 -13.85
CA ILE D 559 21.64 9.55 -12.67
C ILE D 559 20.33 8.83 -12.40
N ARG D 560 20.26 8.16 -11.25
CA ARG D 560 19.08 7.37 -10.93
C ARG D 560 17.95 8.20 -10.33
N ALA D 561 16.75 7.65 -10.38
CA ALA D 561 15.60 8.25 -9.74
C ALA D 561 15.91 8.37 -8.25
N SER D 562 15.67 9.56 -7.71
CA SER D 562 16.06 9.86 -6.34
C SER D 562 15.13 10.78 -5.58
N THR D 563 14.28 11.51 -6.31
CA THR D 563 13.69 12.72 -5.74
C THR D 563 12.18 12.77 -5.98
N SER D 564 11.48 13.22 -4.93
CA SER D 564 10.04 13.45 -4.94
C SER D 564 9.27 12.15 -5.20
N SER D 565 9.25 11.28 -4.19
CA SER D 565 8.72 9.92 -4.30
C SER D 565 9.43 9.14 -5.42
N ASN D 566 10.72 9.45 -5.60
CA ASN D 566 11.57 8.88 -6.66
C ASN D 566 10.99 9.02 -8.08
N ILE D 567 10.19 10.06 -8.31
CA ILE D 567 9.65 10.31 -9.64
C ILE D 567 10.71 10.79 -10.64
N ARG D 568 11.74 11.49 -10.14
CA ARG D 568 12.74 12.09 -11.02
C ARG D 568 14.18 11.89 -10.57
N SER D 569 15.09 11.89 -11.54
CA SER D 569 16.51 12.03 -11.30
C SER D 569 16.78 13.54 -11.30
N GLU D 570 17.79 13.98 -10.55
CA GLU D 570 18.00 15.41 -10.37
C GLU D 570 19.48 15.72 -10.22
N VAL D 571 19.90 16.75 -10.96
CA VAL D 571 21.18 17.38 -10.78
C VAL D 571 20.88 18.84 -10.49
N LEU D 572 21.45 19.35 -9.39
CA LEU D 572 21.31 20.76 -9.02
C LEU D 572 22.67 21.45 -9.13
N MET D 573 22.69 22.61 -9.75
CA MET D 573 23.97 23.30 -9.95
C MET D 573 24.05 24.52 -9.05
N GLU D 574 25.12 24.62 -8.26
CA GLU D 574 25.25 25.73 -7.33
C GLU D 574 26.09 26.89 -7.90
N GLY D 575 26.51 27.83 -7.07
CA GLY D 575 27.29 28.98 -7.50
C GLY D 575 26.37 30.07 -8.04
N GLU D 576 26.94 31.19 -8.51
CA GLU D 576 26.13 32.20 -9.20
C GLU D 576 25.48 31.62 -10.48
N TYR D 577 26.26 30.85 -11.22
CA TYR D 577 25.78 30.22 -12.45
C TYR D 577 26.38 28.85 -12.63
N GLY D 578 25.72 28.01 -13.42
CA GLY D 578 26.27 26.73 -13.78
C GLY D 578 26.70 26.76 -15.24
N PHE D 579 27.66 25.89 -15.55
CA PHE D 579 28.17 25.78 -16.90
C PHE D 579 28.31 24.31 -17.24
N ILE D 580 27.68 23.91 -18.34
CA ILE D 580 27.82 22.58 -18.89
C ILE D 580 28.32 22.77 -20.32
N GLY D 581 29.53 22.29 -20.58
CA GLY D 581 30.18 22.54 -21.85
C GLY D 581 30.98 21.37 -22.36
N LYS D 582 31.68 21.61 -23.46
CA LYS D 582 32.29 20.54 -24.26
C LYS D 582 33.75 20.84 -24.52
N SER D 583 34.63 19.95 -24.07
CA SER D 583 36.05 20.11 -24.35
C SER D 583 36.32 20.02 -25.85
N ILE D 584 37.44 20.59 -26.28
CA ILE D 584 37.91 20.40 -27.63
C ILE D 584 38.34 18.93 -27.78
N PRO D 585 37.72 18.18 -28.71
CA PRO D 585 38.10 16.78 -28.92
C PRO D 585 39.55 16.63 -29.38
N THR D 586 40.20 15.57 -28.90
CA THR D 586 41.58 15.25 -29.26
C THR D 586 41.70 14.80 -30.71
N ASP D 587 40.88 13.82 -31.10
CA ASP D 587 41.02 13.18 -32.41
C ASP D 587 40.26 13.87 -33.53
N ASN D 588 39.02 14.25 -33.24
CA ASN D 588 38.18 14.84 -34.26
C ASN D 588 37.52 16.11 -33.73
N PRO D 589 38.30 17.19 -33.63
CA PRO D 589 37.79 18.50 -33.20
C PRO D 589 36.66 19.01 -34.10
N ALA D 590 36.68 18.62 -35.38
CA ALA D 590 35.65 19.03 -36.34
C ALA D 590 34.24 18.51 -36.00
N GLY D 591 34.19 17.58 -35.06
CA GLY D 591 32.95 16.97 -34.58
C GLY D 591 32.41 17.52 -33.27
N GLN D 592 33.15 18.47 -32.67
CA GLN D 592 32.79 19.06 -31.36
C GLN D 592 31.32 19.50 -31.23
N ARG D 593 30.60 18.88 -30.28
CA ARG D 593 29.21 19.23 -30.00
C ARG D 593 28.68 18.53 -28.75
N ILE D 594 27.57 19.02 -28.18
CA ILE D 594 26.79 18.23 -27.20
C ILE D 594 25.38 18.04 -27.71
N ILE D 595 24.88 16.81 -27.61
CA ILE D 595 23.49 16.49 -27.93
C ILE D 595 22.72 16.38 -26.62
N PHE D 596 21.70 17.21 -26.45
CA PHE D 596 20.75 17.07 -25.35
C PHE D 596 19.50 16.36 -25.87
N CYS D 597 19.03 15.33 -25.16
CA CYS D 597 17.98 14.46 -25.67
C CYS D 597 16.94 14.10 -24.59
N GLY D 598 15.67 14.19 -24.95
CA GLY D 598 14.60 13.73 -24.08
C GLY D 598 14.36 12.22 -24.12
N GLY D 599 15.16 11.50 -24.91
CA GLY D 599 15.10 10.05 -25.01
C GLY D 599 16.45 9.37 -24.80
N GLU D 600 16.48 8.06 -25.04
CA GLU D 600 17.57 7.18 -24.57
C GLU D 600 18.82 7.13 -25.42
N GLY D 601 18.73 7.55 -26.68
CA GLY D 601 19.82 7.35 -27.63
C GLY D 601 20.16 8.56 -28.47
N THR D 602 21.29 8.49 -29.17
CA THR D 602 21.77 9.60 -29.98
C THR D 602 20.86 9.83 -31.17
N SER D 603 20.15 8.79 -31.61
CA SER D 603 19.19 8.94 -32.69
C SER D 603 18.01 9.81 -32.23
N SER D 604 17.65 10.80 -33.06
CA SER D 604 16.54 11.70 -32.77
C SER D 604 15.23 10.95 -32.81
N THR D 605 15.31 9.71 -33.28
CA THR D 605 14.20 8.78 -33.26
C THR D 605 13.70 8.55 -31.82
N THR D 606 14.62 8.62 -30.86
CA THR D 606 14.30 8.30 -29.45
C THR D 606 13.73 9.46 -28.63
N GLY D 607 13.88 10.69 -29.11
CA GLY D 607 13.39 11.83 -28.34
C GLY D 607 13.74 13.14 -28.98
N ALA D 608 13.13 14.22 -28.50
CA ALA D 608 13.45 15.54 -28.97
C ALA D 608 14.88 15.86 -28.56
N GLN D 609 15.56 16.60 -29.43
CA GLN D 609 16.97 16.89 -29.24
C GLN D 609 17.25 18.35 -29.52
N ILE D 610 18.21 18.90 -28.79
CA ILE D 610 18.89 20.14 -29.19
C ILE D 610 20.38 19.85 -29.19
N THR D 611 21.05 20.21 -30.29
CA THR D 611 22.47 19.97 -30.44
C THR D 611 23.19 21.30 -30.57
N LEU D 612 24.15 21.53 -29.68
CA LEU D 612 24.97 22.73 -29.70
C LEU D 612 26.32 22.37 -30.26
N TYR D 613 26.66 22.98 -31.39
CA TYR D 613 27.90 22.70 -32.07
C TYR D 613 29.00 23.63 -31.57
N GLY D 614 30.20 23.07 -31.41
CA GLY D 614 31.32 23.87 -30.93
C GLY D 614 31.83 24.81 -32.00
N ALA D 615 32.63 25.81 -31.62
CA ALA D 615 33.27 26.68 -32.60
C ALA D 615 34.20 25.89 -33.50
N ASN D 616 34.73 24.78 -32.97
CA ASN D 616 35.67 23.95 -33.73
C ASN D 616 34.98 23.03 -34.73
N ASN D 617 33.68 22.90 -34.59
CA ASN D 617 32.89 22.04 -35.48
C ASN D 617 32.89 22.57 -36.89
N THR D 618 32.85 21.66 -37.86
CA THR D 618 32.65 21.95 -39.29
C THR D 618 31.53 22.98 -39.47
N ASP D 619 30.45 22.76 -38.71
CA ASP D 619 29.33 23.69 -38.66
C ASP D 619 29.51 24.51 -37.41
N SER D 620 30.36 25.53 -37.50
CA SER D 620 30.84 26.27 -36.33
C SER D 620 29.71 27.02 -35.64
N ARG D 621 29.45 26.68 -34.37
CA ARG D 621 28.43 27.34 -33.53
C ARG D 621 26.98 27.14 -34.02
N ARG D 622 26.75 26.07 -34.77
CA ARG D 622 25.39 25.77 -35.23
C ARG D 622 24.55 25.29 -34.04
N ILE D 623 23.25 25.57 -34.07
CA ILE D 623 22.32 24.91 -33.16
C ILE D 623 21.25 24.28 -34.02
N VAL D 624 21.01 22.99 -33.79
CA VAL D 624 19.88 22.32 -34.44
C VAL D 624 18.89 21.94 -33.34
N TYR D 625 17.66 22.43 -33.49
CA TYR D 625 16.58 22.06 -32.60
C TYR D 625 15.72 21.04 -33.34
N ASN D 626 15.55 19.84 -32.79
CA ASN D 626 14.87 18.76 -33.50
C ASN D 626 13.79 18.09 -32.64
N GLY D 627 12.54 18.43 -32.94
CA GLY D 627 11.41 17.84 -32.26
C GLY D 627 10.25 17.69 -33.21
N ASP D 628 9.21 17.00 -32.79
CA ASP D 628 7.99 16.89 -33.59
C ASP D 628 7.03 18.06 -33.30
N GLU D 629 7.36 18.87 -32.30
CA GLU D 629 6.72 20.16 -32.07
C GLU D 629 7.76 21.08 -31.45
N HIS D 630 7.70 22.36 -31.82
CA HIS D 630 8.56 23.39 -31.21
C HIS D 630 7.60 24.43 -30.67
N LEU D 631 7.40 24.48 -29.36
CA LEU D 631 6.34 25.34 -28.81
C LEU D 631 6.95 26.38 -27.90
N PHE D 632 6.83 27.65 -28.30
CA PHE D 632 7.43 28.72 -27.51
C PHE D 632 6.40 29.29 -26.56
N GLN D 633 6.58 28.96 -25.27
CA GLN D 633 5.59 29.35 -24.24
C GLN D 633 6.01 30.62 -23.49
N SER D 634 5.02 31.42 -23.12
CA SER D 634 5.13 32.53 -22.14
C SER D 634 5.77 33.82 -22.64
N ALA D 635 6.30 33.81 -23.87
CA ALA D 635 6.93 35.00 -24.43
C ALA D 635 7.01 35.02 -25.95
N ASP D 636 7.10 36.23 -26.50
CA ASP D 636 7.35 36.45 -27.91
C ASP D 636 8.67 35.79 -28.33
N VAL D 637 8.72 35.32 -29.58
CA VAL D 637 9.94 34.82 -30.20
C VAL D 637 10.59 36.03 -30.91
N LYS D 638 11.70 36.50 -30.36
CA LYS D 638 12.36 37.70 -30.86
C LYS D 638 13.84 37.53 -31.18
N PRO D 639 14.36 38.37 -32.09
CA PRO D 639 15.80 38.42 -32.33
C PRO D 639 16.41 39.21 -31.16
N TYR D 640 17.65 38.91 -30.81
CA TYR D 640 18.34 39.60 -29.72
C TYR D 640 18.54 41.08 -30.06
N ASN D 641 18.89 41.35 -31.31
CA ASN D 641 19.11 42.72 -31.79
C ASN D 641 18.03 43.19 -32.75
N ASP D 642 17.98 44.50 -32.97
CA ASP D 642 16.95 45.11 -33.80
C ASP D 642 17.32 45.18 -35.28
N ASN D 643 16.50 44.56 -36.13
CA ASN D 643 16.62 44.72 -37.59
C ASN D 643 18.01 44.30 -38.15
N VAL D 644 18.51 43.17 -37.65
CA VAL D 644 19.81 42.63 -38.04
C VAL D 644 19.71 41.14 -38.49
N THR D 645 18.83 40.39 -37.85
CA THR D 645 18.61 38.99 -38.27
C THR D 645 17.19 38.76 -38.81
N ALA D 646 17.07 37.72 -39.64
CA ALA D 646 15.83 37.40 -40.30
C ALA D 646 15.13 36.15 -39.78
N LEU D 647 13.92 35.96 -40.28
CA LEU D 647 13.16 34.74 -40.14
C LEU D 647 13.31 33.98 -41.47
N GLY D 648 13.96 32.82 -41.44
CA GLY D 648 14.25 32.07 -42.66
C GLY D 648 15.38 32.65 -43.50
N GLY D 649 15.60 32.04 -44.67
CA GLY D 649 16.53 32.54 -45.67
C GLY D 649 16.11 32.03 -47.05
N PRO D 650 16.82 32.43 -48.11
CA PRO D 650 16.41 32.05 -49.48
C PRO D 650 16.41 30.53 -49.72
N SER D 651 17.26 29.81 -48.99
CA SER D 651 17.34 28.35 -49.07
C SER D 651 16.70 27.65 -47.87
N ASN D 652 16.15 28.43 -46.94
CA ASN D 652 15.45 27.92 -45.76
C ASN D 652 14.19 28.76 -45.52
N ARG D 653 13.21 28.60 -46.39
CA ARG D 653 11.96 29.35 -46.31
C ARG D 653 10.97 28.61 -45.42
N PHE D 654 10.29 29.35 -44.54
CA PHE D 654 9.12 28.81 -43.89
C PHE D 654 8.02 28.74 -44.93
N THR D 655 7.14 27.74 -44.82
CA THR D 655 6.09 27.61 -45.82
C THR D 655 5.15 28.83 -45.82
N THR D 656 4.83 29.30 -44.62
CA THR D 656 3.98 30.46 -44.44
C THR D 656 4.12 30.88 -42.97
N ALA D 657 3.41 31.94 -42.59
CA ALA D 657 3.30 32.33 -41.19
C ALA D 657 1.81 32.47 -40.87
N TYR D 658 1.37 31.84 -39.79
CA TYR D 658 -0.02 31.97 -39.34
C TYR D 658 -0.10 33.09 -38.28
N LEU D 659 -0.76 34.17 -38.65
CA LEU D 659 -0.79 35.36 -37.82
C LEU D 659 -2.22 35.75 -37.52
N GLY D 660 -2.41 36.44 -36.40
CA GLY D 660 -3.70 37.00 -36.04
C GLY D 660 -3.89 38.37 -36.66
N SER D 661 -2.83 38.90 -37.26
CA SER D 661 -2.88 40.20 -37.93
C SER D 661 -1.74 40.34 -38.93
N ASN D 662 -1.90 41.25 -39.88
CA ASN D 662 -0.85 41.50 -40.87
C ASN D 662 0.45 41.91 -40.16
N PRO D 663 1.60 41.55 -40.74
CA PRO D 663 2.88 42.00 -40.19
C PRO D 663 2.90 43.49 -39.95
N ILE D 664 3.60 43.93 -38.92
CA ILE D 664 3.87 45.35 -38.68
C ILE D 664 5.25 45.66 -39.20
N VAL D 665 5.31 46.37 -40.32
CA VAL D 665 6.59 46.66 -40.99
C VAL D 665 6.93 48.14 -40.96
N THR D 666 8.16 48.43 -40.53
CA THR D 666 8.52 49.74 -40.02
C THR D 666 10.00 49.89 -40.33
N SER E 1 52.01 -22.97 48.29
CA SER E 1 51.78 -22.92 46.81
C SER E 1 50.41 -23.49 46.39
N ALA E 2 49.94 -23.03 45.23
CA ALA E 2 48.60 -23.33 44.72
C ALA E 2 48.38 -24.81 44.49
N LYS E 3 47.19 -25.28 44.83
CA LYS E 3 46.83 -26.69 44.68
C LYS E 3 46.44 -26.98 43.24
N GLY E 4 45.80 -26.01 42.59
CA GLY E 4 45.38 -26.14 41.21
C GLY E 4 44.58 -27.40 40.96
N ASP E 5 43.55 -27.62 41.78
CA ASP E 5 42.69 -28.79 41.64
C ASP E 5 41.24 -28.40 41.33
N GLY E 6 41.02 -27.11 41.13
CA GLY E 6 39.71 -26.60 40.75
C GLY E 6 38.64 -26.55 41.83
N VAL E 7 39.03 -26.81 43.07
CA VAL E 7 38.07 -26.85 44.17
C VAL E 7 38.64 -26.10 45.37
N THR E 8 39.91 -26.36 45.65
CA THR E 8 40.62 -25.75 46.78
C THR E 8 40.93 -24.28 46.50
N ASP E 9 40.70 -23.43 47.51
CA ASP E 9 40.92 -21.99 47.35
C ASP E 9 42.40 -21.61 47.25
N ASP E 10 42.78 -21.06 46.10
CA ASP E 10 44.17 -20.71 45.81
C ASP E 10 44.41 -19.21 45.76
N THR E 11 43.39 -18.42 46.11
CA THR E 11 43.46 -16.97 46.01
C THR E 11 44.75 -16.43 46.66
N ALA E 12 44.98 -16.81 47.91
CA ALA E 12 46.14 -16.32 48.66
C ALA E 12 47.47 -16.69 47.98
N ALA E 13 47.60 -17.95 47.58
CA ALA E 13 48.82 -18.44 46.94
C ALA E 13 49.08 -17.70 45.63
N LEU E 14 48.03 -17.50 44.84
CA LEU E 14 48.18 -16.77 43.58
C LEU E 14 48.59 -15.33 43.84
N THR E 15 48.01 -14.73 44.89
CA THR E 15 48.34 -13.35 45.24
C THR E 15 49.80 -13.23 45.62
N SER E 16 50.30 -14.19 46.39
CA SER E 16 51.70 -14.12 46.81
C SER E 16 52.62 -14.31 45.60
N ALA E 17 52.31 -15.31 44.76
CA ALA E 17 53.03 -15.51 43.49
C ALA E 17 53.09 -14.26 42.58
N LEU E 18 51.96 -13.59 42.38
CA LEU E 18 51.92 -12.37 41.61
C LEU E 18 52.77 -11.26 42.22
N ASN E 19 52.72 -11.12 43.54
CA ASN E 19 53.48 -10.06 44.24
C ASN E 19 55.00 -10.33 44.21
N ASP E 20 55.38 -11.60 44.17
CA ASP E 20 56.77 -12.01 44.19
C ASP E 20 57.43 -12.07 42.79
N THR E 21 56.63 -11.94 41.73
CA THR E 21 57.19 -12.05 40.37
C THR E 21 57.13 -10.74 39.57
N PRO E 22 58.11 -10.54 38.67
CA PRO E 22 58.11 -9.36 37.79
C PRO E 22 56.84 -9.29 36.93
N VAL E 23 56.32 -8.09 36.64
CA VAL E 23 55.04 -7.98 35.91
C VAL E 23 55.09 -8.51 34.47
N GLY E 24 56.29 -8.64 33.93
CA GLY E 24 56.44 -9.08 32.55
C GLY E 24 56.56 -10.58 32.41
N GLN E 25 56.81 -11.26 33.53
CA GLN E 25 56.85 -12.72 33.52
C GLN E 25 55.45 -13.28 33.21
N LYS E 26 55.40 -14.27 32.32
CA LYS E 26 54.14 -14.97 32.05
C LYS E 26 54.08 -16.16 33.00
N ILE E 27 53.11 -16.14 33.91
CA ILE E 27 52.99 -17.19 34.90
C ILE E 27 52.24 -18.38 34.30
N ASN E 28 52.93 -19.51 34.17
CA ASN E 28 52.37 -20.67 33.51
C ASN E 28 51.58 -21.51 34.50
N GLY E 29 50.27 -21.62 34.28
CA GLY E 29 49.39 -22.39 35.14
C GLY E 29 49.47 -23.90 34.91
N ASN E 30 50.31 -24.31 33.96
CA ASN E 30 50.45 -25.73 33.60
C ASN E 30 49.14 -26.46 33.25
N GLY E 31 48.19 -25.73 32.69
CA GLY E 31 46.93 -26.28 32.23
C GLY E 31 45.93 -26.60 33.33
N LYS E 32 46.25 -26.18 34.54
CA LYS E 32 45.47 -26.52 35.72
C LYS E 32 44.37 -25.50 35.96
N THR E 33 43.38 -25.88 36.75
CA THR E 33 42.31 -24.98 37.16
C THR E 33 42.47 -24.57 38.63
N TYR E 34 42.40 -23.26 38.86
CA TYR E 34 42.67 -22.66 40.17
C TYR E 34 41.40 -21.99 40.68
N LYS E 35 40.84 -22.53 41.77
CA LYS E 35 39.69 -21.93 42.41
C LYS E 35 40.11 -20.66 43.12
N VAL E 36 39.34 -19.59 42.91
CA VAL E 36 39.63 -18.29 43.52
C VAL E 36 38.36 -17.61 44.02
N THR E 37 38.49 -16.71 44.99
CA THR E 37 37.34 -15.97 45.51
C THR E 37 37.21 -14.58 44.90
N SER E 38 38.23 -14.17 44.14
CA SER E 38 38.11 -13.03 43.25
C SER E 38 39.14 -13.23 42.15
N LEU E 39 38.80 -12.82 40.95
CA LEU E 39 39.71 -13.05 39.82
C LEU E 39 40.96 -12.20 39.98
N PRO E 40 42.11 -12.83 39.79
CA PRO E 40 43.38 -12.10 39.88
C PRO E 40 43.67 -11.37 38.57
N ASP E 41 44.89 -10.88 38.43
CA ASP E 41 45.32 -10.24 37.19
C ASP E 41 45.50 -11.31 36.10
N ILE E 42 44.45 -11.56 35.34
CA ILE E 42 44.44 -12.66 34.40
C ILE E 42 45.49 -12.48 33.30
N SER E 43 45.77 -11.23 32.96
CA SER E 43 46.70 -10.91 31.88
C SER E 43 48.12 -11.39 32.18
N ARG E 44 48.40 -11.69 33.45
CA ARG E 44 49.75 -12.11 33.83
C ARG E 44 49.96 -13.62 33.76
N PHE E 45 48.90 -14.34 33.40
CA PHE E 45 48.99 -15.79 33.32
C PHE E 45 48.94 -16.29 31.88
N ILE E 46 49.60 -17.42 31.64
CA ILE E 46 49.36 -18.19 30.43
C ILE E 46 48.96 -19.61 30.85
N ASN E 47 48.26 -20.32 29.97
CA ASN E 47 47.97 -21.75 30.15
C ASN E 47 47.33 -22.01 31.52
N THR E 48 46.35 -21.17 31.88
CA THR E 48 45.72 -21.18 33.20
C THR E 48 44.22 -21.03 33.05
N ARG E 49 43.49 -21.76 33.87
CA ARG E 49 42.06 -21.59 33.99
C ARG E 49 41.71 -21.31 35.45
N PHE E 50 40.80 -20.35 35.67
CA PHE E 50 40.29 -20.08 37.01
C PHE E 50 38.84 -20.54 37.15
N VAL E 51 38.46 -21.03 38.33
CA VAL E 51 37.04 -21.15 38.69
C VAL E 51 36.67 -20.12 39.73
N TYR E 52 35.53 -19.49 39.53
CA TYR E 52 35.15 -18.36 40.35
C TYR E 52 33.64 -18.28 40.47
N GLU E 53 33.16 -18.13 41.70
CA GLU E 53 31.74 -17.92 41.96
C GLU E 53 31.46 -16.44 42.22
N ARG E 54 31.27 -15.71 41.13
CA ARG E 54 30.80 -14.34 41.22
C ARG E 54 29.47 -14.29 42.00
N ILE E 55 28.56 -15.20 41.65
CA ILE E 55 27.37 -15.47 42.46
C ILE E 55 27.60 -16.79 43.17
N PRO E 56 27.56 -16.81 44.51
CA PRO E 56 27.75 -18.06 45.26
C PRO E 56 26.81 -19.16 44.78
N GLY E 57 27.38 -20.36 44.60
CA GLY E 57 26.63 -21.49 44.08
C GLY E 57 26.69 -21.65 42.57
N GLN E 58 27.30 -20.67 41.88
CA GLN E 58 27.32 -20.71 40.43
C GLN E 58 28.73 -20.52 39.86
N PRO E 59 29.56 -21.57 39.97
CA PRO E 59 30.93 -21.47 39.49
C PRO E 59 30.98 -21.33 37.96
N LEU E 60 31.75 -20.37 37.49
CA LEU E 60 32.06 -20.28 36.07
C LEU E 60 33.58 -20.27 35.90
N TYR E 61 34.02 -20.59 34.70
CA TYR E 61 35.45 -20.74 34.44
C TYR E 61 35.96 -19.64 33.51
N TYR E 62 37.24 -19.30 33.65
CA TYR E 62 37.81 -18.13 33.03
C TYR E 62 39.18 -18.50 32.51
N ALA E 63 39.38 -18.34 31.21
CA ALA E 63 40.62 -18.77 30.58
C ALA E 63 41.63 -17.63 30.43
N SER E 64 42.87 -17.89 30.86
CA SER E 64 43.98 -17.01 30.57
C SER E 64 44.32 -17.16 29.09
N GLU E 65 45.18 -16.26 28.60
CA GLU E 65 45.71 -16.45 27.26
C GLU E 65 46.44 -17.78 27.18
N GLU E 66 46.31 -18.44 26.03
CA GLU E 66 46.97 -19.71 25.75
C GLU E 66 46.44 -20.94 26.49
N PHE E 67 45.37 -20.81 27.28
CA PHE E 67 44.76 -22.01 27.86
C PHE E 67 44.04 -22.83 26.79
N VAL E 68 43.28 -22.15 25.93
CA VAL E 68 42.74 -22.71 24.70
C VAL E 68 43.60 -22.20 23.54
N GLN E 69 43.75 -23.00 22.48
CA GLN E 69 44.36 -22.48 21.24
C GLN E 69 43.26 -21.79 20.44
N GLY E 70 43.17 -20.48 20.59
CA GLY E 70 42.02 -19.74 20.10
C GLY E 70 42.36 -18.29 19.93
N GLU E 71 41.59 -17.61 19.07
CA GLU E 71 41.78 -16.20 18.76
C GLU E 71 40.45 -15.59 18.32
N LEU E 72 40.23 -14.34 18.76
CA LEU E 72 39.08 -13.56 18.36
C LEU E 72 39.42 -12.66 17.18
N PHE E 73 38.50 -12.59 16.23
CA PHE E 73 38.62 -11.71 15.07
C PHE E 73 37.42 -10.76 15.04
N LYS E 74 37.64 -9.50 14.64
CA LYS E 74 36.51 -8.67 14.22
C LYS E 74 36.32 -8.87 12.72
N ILE E 75 35.08 -9.10 12.29
CA ILE E 75 34.84 -9.53 10.90
C ILE E 75 33.92 -8.62 10.07
N THR E 76 33.12 -7.77 10.71
CA THR E 76 32.49 -6.64 9.98
C THR E 76 32.83 -5.35 10.68
N ASP E 77 32.70 -4.25 9.95
CA ASP E 77 32.92 -2.93 10.52
C ASP E 77 32.19 -1.95 9.63
N THR E 78 30.88 -1.95 9.81
CA THR E 78 29.92 -1.22 8.99
C THR E 78 29.04 -0.36 9.91
N PRO E 79 28.53 0.77 9.41
CA PRO E 79 27.65 1.67 10.18
C PRO E 79 26.29 1.08 10.48
N TYR E 80 25.86 0.04 9.77
CA TYR E 80 24.57 -0.58 10.08
C TYR E 80 24.61 -1.25 11.45
N TYR E 81 23.43 -1.52 12.00
CA TYR E 81 23.27 -2.36 13.18
C TYR E 81 23.47 -3.80 12.67
N ASN E 82 24.69 -4.31 12.81
CA ASN E 82 25.09 -5.61 12.31
C ASN E 82 25.04 -6.65 13.42
N ALA E 83 24.10 -7.59 13.30
CA ALA E 83 23.92 -8.57 14.37
C ALA E 83 23.18 -9.76 13.84
N TRP E 84 22.81 -10.65 14.74
CA TRP E 84 22.06 -11.86 14.38
C TRP E 84 22.70 -12.77 13.30
N PRO E 85 23.92 -13.28 13.53
CA PRO E 85 24.36 -14.44 12.75
C PRO E 85 23.43 -15.64 12.99
N GLN E 86 22.79 -15.69 14.16
CA GLN E 86 21.82 -16.77 14.49
C GLN E 86 20.79 -17.04 13.39
N ASP E 87 20.59 -18.31 13.01
CA ASP E 87 21.61 -19.35 13.13
C ASP E 87 21.84 -19.84 11.71
N LYS E 88 22.74 -19.14 11.00
CA LYS E 88 22.79 -19.19 9.55
C LYS E 88 24.12 -19.56 8.96
N ALA E 89 25.18 -19.66 9.78
CA ALA E 89 26.52 -19.85 9.23
C ALA E 89 26.64 -21.22 8.59
N PHE E 90 27.46 -21.32 7.54
CA PHE E 90 27.79 -22.62 6.95
C PHE E 90 29.12 -22.54 6.26
N VAL E 91 29.74 -23.69 6.01
CA VAL E 91 30.88 -23.72 5.12
C VAL E 91 30.60 -24.50 3.83
N TYR E 92 31.01 -23.90 2.71
CA TYR E 92 30.78 -24.52 1.41
C TYR E 92 31.99 -24.35 0.49
N GLU E 93 32.50 -25.50 0.01
CA GLU E 93 33.68 -25.55 -0.86
C GLU E 93 34.80 -24.62 -0.39
N ASN E 94 35.17 -24.80 0.88
CA ASN E 94 36.33 -24.19 1.54
C ASN E 94 36.17 -22.75 1.97
N VAL E 95 35.01 -22.18 1.67
CA VAL E 95 34.72 -20.79 2.04
C VAL E 95 33.76 -20.80 3.24
N ILE E 96 34.07 -19.98 4.24
CA ILE E 96 33.23 -19.88 5.43
C ILE E 96 32.26 -18.73 5.24
N TYR E 97 30.97 -19.00 5.38
CA TYR E 97 29.95 -17.96 5.20
C TYR E 97 29.38 -17.55 6.54
N ALA E 98 29.38 -16.25 6.80
CA ALA E 98 28.74 -15.70 8.00
C ALA E 98 27.59 -14.79 7.64
N PRO E 99 26.39 -15.33 7.39
CA PRO E 99 25.23 -14.48 7.12
C PRO E 99 24.74 -13.77 8.39
N TYR E 100 24.07 -12.65 8.20
CA TYR E 100 23.57 -11.87 9.33
C TYR E 100 22.51 -10.91 8.84
N MET E 101 22.07 -10.03 9.73
CA MET E 101 21.15 -8.97 9.31
C MET E 101 21.76 -7.63 9.66
N GLY E 102 21.88 -6.76 8.66
CA GLY E 102 22.30 -5.38 8.88
C GLY E 102 21.06 -4.48 8.85
N SER E 103 20.72 -3.87 9.97
CA SER E 103 19.54 -3.00 10.03
C SER E 103 19.86 -1.70 10.71
N ASP E 104 18.85 -1.05 11.25
CA ASP E 104 19.12 0.12 12.08
C ASP E 104 18.68 -0.07 13.54
N ARG E 105 18.15 -1.25 13.86
CA ARG E 105 17.60 -1.55 15.18
C ARG E 105 17.19 -3.02 15.31
N HIS E 106 16.72 -3.39 16.50
CA HIS E 106 16.04 -4.66 16.71
C HIS E 106 14.68 -4.61 16.03
N GLY E 107 14.70 -4.81 14.72
CA GLY E 107 13.50 -4.74 13.91
C GLY E 107 13.94 -4.83 12.47
N VAL E 108 13.00 -4.72 11.54
CA VAL E 108 13.32 -4.86 10.11
C VAL E 108 13.52 -3.56 9.35
N SER E 109 13.52 -2.41 10.05
CA SER E 109 13.78 -1.13 9.38
C SER E 109 15.17 -1.16 8.77
N ARG E 110 15.27 -0.69 7.52
CA ARG E 110 16.53 -0.55 6.79
C ARG E 110 17.31 -1.86 6.65
N LEU E 111 16.63 -2.99 6.82
CA LEU E 111 17.34 -4.26 6.97
C LEU E 111 17.59 -4.93 5.63
N HIS E 112 18.83 -5.42 5.47
CA HIS E 112 19.20 -6.35 4.40
C HIS E 112 19.73 -7.64 5.01
N VAL E 113 19.28 -8.78 4.52
CA VAL E 113 19.90 -10.03 4.91
C VAL E 113 21.24 -9.99 4.17
N SER E 114 22.32 -10.17 4.93
CA SER E 114 23.67 -9.94 4.42
C SER E 114 24.58 -11.12 4.72
N TRP E 115 25.76 -11.14 4.10
CA TRP E 115 26.83 -11.99 4.59
C TRP E 115 28.20 -11.40 4.31
N VAL E 116 29.15 -11.81 5.15
CA VAL E 116 30.56 -11.73 4.81
C VAL E 116 31.11 -13.15 4.80
N LYS E 117 32.22 -13.33 4.08
CA LYS E 117 32.78 -14.66 3.85
C LYS E 117 34.26 -14.60 4.09
N SER E 118 34.84 -15.73 4.44
CA SER E 118 36.29 -15.79 4.52
C SER E 118 36.85 -16.83 3.58
N GLY E 119 37.86 -16.46 2.80
CA GLY E 119 38.55 -17.42 1.93
C GLY E 119 39.93 -17.86 2.44
N ASP E 120 40.29 -17.46 3.66
CA ASP E 120 41.56 -17.89 4.25
C ASP E 120 41.42 -18.43 5.68
N ASP E 121 40.37 -19.22 5.90
CA ASP E 121 40.15 -19.87 7.19
C ASP E 121 40.01 -18.86 8.31
N GLY E 122 39.38 -17.73 8.01
CA GLY E 122 38.95 -16.83 9.05
C GLY E 122 39.88 -15.68 9.36
N GLN E 123 41.03 -15.59 8.68
CA GLN E 123 42.00 -14.50 8.93
C GLN E 123 41.47 -13.15 8.42
N THR E 124 40.71 -13.20 7.33
CA THR E 124 40.35 -12.03 6.59
C THR E 124 38.94 -12.27 6.03
N TRP E 125 38.12 -11.22 5.98
CA TRP E 125 36.71 -11.33 5.59
C TRP E 125 36.36 -10.38 4.45
N SER E 126 35.31 -10.71 3.69
CA SER E 126 34.95 -9.99 2.47
C SER E 126 34.10 -8.75 2.76
N THR E 127 33.95 -7.90 1.74
CA THR E 127 33.01 -6.80 1.73
C THR E 127 31.60 -7.37 1.87
N PRO E 128 30.76 -6.80 2.74
CA PRO E 128 29.38 -7.27 2.91
C PRO E 128 28.57 -7.32 1.61
N GLU E 129 27.80 -8.39 1.46
CA GLU E 129 26.93 -8.58 0.32
C GLU E 129 25.48 -8.66 0.79
N TRP E 130 24.61 -7.90 0.14
CA TRP E 130 23.19 -7.93 0.42
C TRP E 130 22.58 -9.11 -0.34
N LEU E 131 21.88 -9.97 0.38
CA LEU E 131 21.21 -11.12 -0.22
C LEU E 131 19.75 -10.82 -0.52
N THR E 132 19.18 -9.88 0.22
CA THR E 132 17.82 -9.41 -0.04
C THR E 132 17.83 -7.93 -0.33
N ASP E 133 16.85 -7.50 -1.10
CA ASP E 133 16.53 -6.11 -1.25
C ASP E 133 15.48 -5.76 -0.20
N LEU E 134 15.24 -4.47 0.00
CA LEU E 134 14.08 -4.07 0.76
C LEU E 134 12.82 -4.61 0.09
N HIS E 135 11.89 -5.08 0.92
CA HIS E 135 10.61 -5.62 0.44
C HIS E 135 9.89 -4.62 -0.47
N PRO E 136 9.21 -5.13 -1.50
CA PRO E 136 8.46 -4.25 -2.42
C PRO E 136 7.49 -3.32 -1.69
N ASP E 137 6.97 -3.78 -0.55
CA ASP E 137 6.00 -3.03 0.24
C ASP E 137 6.61 -2.26 1.44
N TYR E 138 7.94 -2.12 1.44
CA TYR E 138 8.62 -1.21 2.36
C TYR E 138 8.06 0.22 2.20
N PRO E 139 7.84 0.99 3.29
CA PRO E 139 8.20 0.65 4.67
C PRO E 139 7.14 -0.03 5.55
N THR E 140 6.12 -0.66 4.96
CA THR E 140 5.14 -1.37 5.79
C THR E 140 5.73 -2.66 6.37
N VAL E 141 6.43 -3.38 5.49
CA VAL E 141 7.01 -4.68 5.83
C VAL E 141 8.40 -4.76 5.26
N ASN E 142 9.20 -5.68 5.78
CA ASN E 142 10.50 -5.96 5.24
C ASN E 142 10.90 -7.38 5.60
N TYR E 143 11.99 -7.84 5.01
CA TYR E 143 12.47 -9.20 5.21
C TYR E 143 13.24 -9.42 6.50
N HIS E 144 13.49 -10.70 6.78
CA HIS E 144 14.08 -11.18 8.02
C HIS E 144 14.43 -12.64 7.81
N CYS E 145 15.56 -13.08 8.37
CA CYS E 145 16.00 -14.47 8.18
C CYS E 145 16.88 -14.91 9.32
N MET E 146 16.51 -16.04 9.96
CA MET E 146 17.38 -16.65 10.95
C MET E 146 17.65 -18.13 10.66
N SER E 147 17.27 -18.59 9.47
CA SER E 147 17.50 -19.98 9.06
C SER E 147 18.03 -20.00 7.64
N MET E 148 19.21 -20.58 7.46
CA MET E 148 19.83 -20.63 6.16
C MET E 148 20.89 -21.72 6.22
N GLY E 149 21.13 -22.37 5.09
CA GLY E 149 22.12 -23.44 4.99
C GLY E 149 22.12 -24.05 3.60
N VAL E 150 22.88 -25.13 3.42
CA VAL E 150 23.08 -25.74 2.11
C VAL E 150 22.63 -27.19 2.11
N CYS E 151 21.82 -27.54 1.11
CA CYS E 151 21.41 -28.92 0.92
C CYS E 151 21.60 -29.22 -0.57
N ARG E 152 22.38 -30.26 -0.86
CA ARG E 152 22.67 -30.69 -2.23
C ARG E 152 23.01 -29.52 -3.17
N ASN E 153 24.01 -28.73 -2.76
CA ASN E 153 24.59 -27.67 -3.60
C ASN E 153 23.66 -26.48 -3.88
N ARG E 154 22.60 -26.38 -3.10
CA ARG E 154 21.69 -25.25 -3.14
C ARG E 154 21.65 -24.55 -1.78
N LEU E 155 21.68 -23.23 -1.79
CA LEU E 155 21.39 -22.44 -0.61
C LEU E 155 19.87 -22.40 -0.41
N PHE E 156 19.42 -22.71 0.81
CA PHE E 156 18.03 -22.62 1.21
C PHE E 156 17.91 -21.62 2.35
N ALA E 157 16.88 -20.77 2.31
CA ALA E 157 16.67 -19.82 3.40
C ALA E 157 15.19 -19.64 3.68
N MET E 158 14.83 -19.54 4.97
CA MET E 158 13.46 -19.13 5.32
C MET E 158 13.42 -17.63 5.39
N ILE E 159 12.90 -17.01 4.33
CA ILE E 159 12.85 -15.56 4.25
C ILE E 159 11.48 -15.15 4.78
N GLU E 160 11.47 -14.50 5.94
CA GLU E 160 10.23 -14.06 6.56
C GLU E 160 9.94 -12.61 6.19
N THR E 161 8.66 -12.24 6.22
CA THR E 161 8.26 -10.86 6.03
C THR E 161 7.69 -10.44 7.38
N ARG E 162 8.13 -9.28 7.87
CA ARG E 162 7.71 -8.79 9.18
C ARG E 162 7.31 -7.30 9.11
N THR E 163 6.40 -6.86 9.97
CA THR E 163 6.03 -5.44 9.99
C THR E 163 7.11 -4.59 10.64
N LEU E 164 7.34 -3.40 10.10
CA LEU E 164 8.25 -2.44 10.73
C LEU E 164 7.68 -1.98 12.06
N ALA E 165 6.35 -1.83 12.12
CA ALA E 165 5.67 -1.31 13.30
C ALA E 165 5.88 -2.18 14.54
N LYS E 166 5.71 -3.49 14.38
CA LYS E 166 5.70 -4.39 15.53
C LYS E 166 6.62 -5.62 15.42
N ASN E 167 7.34 -5.73 14.30
CA ASN E 167 8.18 -6.92 14.03
C ASN E 167 7.33 -8.19 14.00
N ALA E 168 6.05 -8.04 13.66
CA ALA E 168 5.11 -9.17 13.60
C ALA E 168 5.27 -9.93 12.29
N LEU E 169 5.30 -11.26 12.38
CA LEU E 169 5.47 -12.10 11.20
C LEU E 169 4.20 -12.11 10.36
N THR E 170 4.35 -11.86 9.06
CA THR E 170 3.21 -11.81 8.14
C THR E 170 3.24 -12.88 7.04
N ASN E 171 4.42 -13.46 6.82
CA ASN E 171 4.63 -14.41 5.74
C ASN E 171 5.93 -15.17 5.89
N CYS E 172 5.91 -16.43 5.49
CA CYS E 172 7.14 -17.23 5.37
C CYS E 172 7.27 -17.78 3.96
N ALA E 173 8.47 -17.71 3.42
CA ALA E 173 8.78 -18.28 2.12
C ALA E 173 10.13 -18.96 2.17
N LEU E 174 10.21 -20.10 1.51
CA LEU E 174 11.45 -20.80 1.35
C LEU E 174 12.08 -20.29 0.08
N TRP E 175 13.26 -19.71 0.20
CA TRP E 175 13.99 -19.26 -0.97
C TRP E 175 15.17 -20.18 -1.20
N ASP E 176 15.42 -20.53 -2.45
CA ASP E 176 16.62 -21.27 -2.77
C ASP E 176 17.28 -20.93 -4.10
N ARG E 177 18.59 -21.15 -4.16
CA ARG E 177 19.44 -20.81 -5.28
C ARG E 177 20.59 -21.82 -5.35
N PRO E 178 21.09 -22.15 -6.54
CA PRO E 178 22.25 -23.05 -6.63
C PRO E 178 23.47 -22.28 -6.14
N MET E 179 24.41 -22.98 -5.51
CA MET E 179 25.67 -22.36 -5.13
C MET E 179 26.61 -22.36 -6.34
N SER E 180 27.43 -21.33 -6.45
CA SER E 180 28.47 -21.27 -7.48
C SER E 180 29.54 -22.31 -7.20
N ARG E 181 29.91 -23.05 -8.24
CA ARG E 181 30.97 -24.05 -8.18
C ARG E 181 31.64 -24.09 -9.54
N SER E 182 32.90 -24.51 -9.56
CA SER E 182 33.57 -24.94 -10.77
C SER E 182 33.76 -26.43 -10.60
N LEU E 183 33.42 -27.18 -11.64
CA LEU E 183 33.56 -28.62 -11.61
C LEU E 183 34.49 -29.04 -12.73
N HIS E 184 35.42 -29.91 -12.39
CA HIS E 184 36.40 -30.40 -13.34
C HIS E 184 36.14 -31.88 -13.56
N LEU E 185 35.51 -32.18 -14.68
CA LEU E 185 34.91 -33.49 -14.88
C LEU E 185 35.53 -34.21 -16.08
N THR E 186 35.35 -35.53 -16.14
CA THR E 186 35.83 -36.34 -17.27
C THR E 186 34.64 -37.10 -17.83
N GLY E 187 34.37 -36.92 -19.12
CA GLY E 187 33.23 -37.54 -19.79
C GLY E 187 31.89 -37.04 -19.29
N GLY E 188 30.81 -37.74 -19.68
CA GLY E 188 29.49 -37.43 -19.17
C GLY E 188 28.59 -36.52 -20.00
N ILE E 189 29.10 -36.05 -21.13
CA ILE E 189 28.29 -35.29 -22.09
C ILE E 189 27.98 -36.14 -23.32
N THR E 190 26.69 -36.28 -23.62
CA THR E 190 26.27 -36.98 -24.82
C THR E 190 25.31 -36.11 -25.61
N LYS E 191 25.32 -36.30 -26.92
CA LYS E 191 24.43 -35.55 -27.82
C LYS E 191 23.99 -36.49 -28.93
N ALA E 192 22.72 -36.88 -28.92
CA ALA E 192 22.23 -37.82 -29.93
C ALA E 192 22.16 -37.12 -31.28
N ALA E 193 22.42 -37.89 -32.34
CA ALA E 193 22.43 -37.37 -33.70
C ALA E 193 21.09 -36.79 -34.10
N ASN E 194 21.16 -35.70 -34.85
CA ASN E 194 20.02 -35.10 -35.55
C ASN E 194 19.03 -34.40 -34.64
N GLN E 195 19.54 -33.95 -33.49
CA GLN E 195 18.79 -33.12 -32.57
C GLN E 195 19.77 -32.23 -31.79
N ARG E 196 19.24 -31.25 -31.06
CA ARG E 196 20.03 -30.11 -30.60
C ARG E 196 20.30 -30.13 -29.10
N TYR E 197 19.72 -31.09 -28.39
CA TYR E 197 19.91 -31.18 -26.95
C TYR E 197 21.10 -32.04 -26.60
N ALA E 198 21.77 -31.68 -25.51
CA ALA E 198 22.84 -32.50 -24.97
C ALA E 198 22.49 -32.83 -23.52
N THR E 199 22.78 -34.05 -23.08
CA THR E 199 22.61 -34.37 -21.66
C THR E 199 23.93 -34.43 -20.92
N ILE E 200 23.92 -33.85 -19.72
CA ILE E 200 25.12 -33.67 -18.93
C ILE E 200 24.96 -34.46 -17.64
N HIS E 201 25.90 -35.35 -17.39
CA HIS E 201 25.90 -36.12 -16.16
C HIS E 201 26.74 -35.37 -15.12
N VAL E 202 26.06 -34.86 -14.09
CA VAL E 202 26.70 -34.20 -12.96
C VAL E 202 25.97 -34.67 -11.70
N PRO E 203 26.61 -35.56 -10.94
CA PRO E 203 25.99 -36.15 -9.73
C PRO E 203 25.48 -35.09 -8.77
N ASP E 204 24.24 -35.26 -8.30
CA ASP E 204 23.61 -34.37 -7.33
C ASP E 204 23.86 -32.93 -7.70
N HIS E 205 23.56 -32.57 -8.95
CA HIS E 205 23.87 -31.24 -9.48
C HIS E 205 23.11 -30.14 -8.75
N GLY E 206 21.90 -30.45 -8.28
CA GLY E 206 21.08 -29.49 -7.56
C GLY E 206 20.59 -28.30 -8.37
N LEU E 207 20.53 -28.46 -9.69
CA LEU E 207 20.14 -27.37 -10.59
C LEU E 207 18.70 -27.53 -11.00
N PHE E 208 18.03 -26.40 -11.26
CA PHE E 208 16.68 -26.45 -11.82
C PHE E 208 16.65 -25.88 -13.23
N VAL E 209 15.55 -26.12 -13.93
CA VAL E 209 15.35 -25.50 -15.24
C VAL E 209 15.58 -23.99 -15.15
N GLY E 210 16.35 -23.46 -16.09
CA GLY E 210 16.62 -22.03 -16.15
C GLY E 210 17.83 -21.57 -15.36
N ASP E 211 18.44 -22.47 -14.59
CA ASP E 211 19.66 -22.12 -13.84
C ASP E 211 20.87 -22.03 -14.74
N PHE E 212 21.80 -21.16 -14.37
CA PHE E 212 23.01 -20.91 -15.14
C PHE E 212 23.99 -22.06 -15.13
N VAL E 213 24.47 -22.40 -16.33
CA VAL E 213 25.56 -23.35 -16.52
C VAL E 213 26.53 -22.84 -17.58
N ASN E 214 27.83 -22.92 -17.29
CA ASN E 214 28.87 -22.51 -18.25
C ASN E 214 29.79 -23.69 -18.57
N PHE E 215 30.12 -23.88 -19.84
CA PHE E 215 30.91 -25.02 -20.29
C PHE E 215 32.24 -24.62 -20.92
N SER E 216 33.27 -25.43 -20.69
CA SER E 216 34.58 -25.22 -21.31
C SER E 216 35.21 -26.53 -21.67
N ASN E 217 35.81 -26.58 -22.86
CA ASN E 217 36.57 -27.75 -23.30
C ASN E 217 35.74 -29.05 -23.39
N SER E 218 34.43 -28.90 -23.59
CA SER E 218 33.51 -30.05 -23.60
C SER E 218 33.80 -31.10 -24.68
N ALA E 219 34.39 -30.67 -25.78
CA ALA E 219 34.59 -31.49 -26.99
C ALA E 219 33.27 -32.00 -27.59
N VAL E 220 32.18 -31.28 -27.30
CA VAL E 220 30.85 -31.62 -27.82
C VAL E 220 30.25 -30.36 -28.45
N THR E 221 30.06 -30.41 -29.76
CA THR E 221 29.58 -29.28 -30.55
C THR E 221 28.32 -28.66 -29.98
N GLY E 222 28.39 -27.35 -29.75
CA GLY E 222 27.27 -26.56 -29.27
C GLY E 222 27.19 -26.45 -27.76
N VAL E 223 27.93 -27.30 -27.05
CA VAL E 223 27.97 -27.29 -25.59
C VAL E 223 29.18 -26.47 -25.21
N SER E 224 28.94 -25.18 -25.02
CA SER E 224 30.04 -24.22 -24.91
C SER E 224 29.54 -22.85 -24.42
N GLY E 225 30.29 -22.26 -23.50
CA GLY E 225 30.00 -20.94 -22.97
C GLY E 225 28.81 -20.90 -22.03
N ASP E 226 28.21 -19.71 -21.88
CA ASP E 226 27.10 -19.52 -20.97
C ASP E 226 25.84 -20.17 -21.55
N MET E 227 25.20 -21.02 -20.75
CA MET E 227 23.97 -21.69 -21.15
C MET E 227 23.05 -21.71 -19.94
N THR E 228 21.86 -22.30 -20.13
CA THR E 228 20.97 -22.58 -19.02
C THR E 228 20.48 -24.02 -19.11
N VAL E 229 20.07 -24.57 -17.97
CA VAL E 229 19.51 -25.91 -17.90
C VAL E 229 18.17 -25.91 -18.64
N ALA E 230 18.02 -26.84 -19.58
CA ALA E 230 16.78 -26.94 -20.36
C ALA E 230 15.73 -27.82 -19.70
N THR E 231 16.15 -28.99 -19.22
CA THR E 231 15.27 -29.89 -18.45
C THR E 231 16.14 -30.67 -17.47
N VAL E 232 15.56 -31.02 -16.32
CA VAL E 232 16.25 -31.89 -15.38
C VAL E 232 15.69 -33.31 -15.54
N ILE E 233 16.58 -34.24 -15.88
CA ILE E 233 16.19 -35.62 -16.15
C ILE E 233 15.99 -36.32 -14.82
N ASP E 234 16.96 -36.14 -13.93
CA ASP E 234 16.91 -36.64 -12.55
C ASP E 234 17.95 -35.90 -11.71
N LYS E 235 18.25 -36.41 -10.52
CA LYS E 235 19.17 -35.69 -9.61
C LYS E 235 20.61 -35.64 -10.17
N ASP E 236 20.93 -36.54 -11.09
CA ASP E 236 22.30 -36.67 -11.62
C ASP E 236 22.48 -36.27 -13.08
N ASN E 237 21.39 -35.84 -13.72
CA ASN E 237 21.39 -35.60 -15.15
C ASN E 237 20.47 -34.45 -15.52
N PHE E 238 20.92 -33.61 -16.44
CA PHE E 238 20.11 -32.54 -16.99
C PHE E 238 20.49 -32.28 -18.44
N THR E 239 19.65 -31.56 -19.17
CA THR E 239 19.95 -31.26 -20.57
C THR E 239 20.14 -29.77 -20.79
N VAL E 240 20.88 -29.43 -21.84
CA VAL E 240 20.97 -28.04 -22.33
C VAL E 240 20.57 -28.03 -23.80
N LEU E 241 20.01 -26.93 -24.26
CA LEU E 241 19.71 -26.75 -25.68
C LEU E 241 20.90 -26.08 -26.39
N THR E 242 21.51 -26.79 -27.33
CA THR E 242 22.60 -26.18 -28.12
C THR E 242 22.03 -25.51 -29.37
N PRO E 243 22.83 -24.67 -30.03
CA PRO E 243 22.38 -23.96 -31.24
C PRO E 243 22.39 -24.80 -32.51
N ASN E 244 22.86 -26.05 -32.45
CA ASN E 244 23.09 -26.83 -33.67
C ASN E 244 22.90 -28.34 -33.50
N GLN E 245 22.90 -29.06 -34.63
CA GLN E 245 22.85 -30.52 -34.65
C GLN E 245 23.80 -31.13 -35.66
N GLN E 246 24.19 -32.37 -35.39
CA GLN E 246 25.12 -33.13 -36.22
C GLN E 246 24.47 -34.45 -36.58
N THR E 247 25.02 -35.10 -37.61
CA THR E 247 24.43 -36.33 -38.15
C THR E 247 24.93 -37.59 -37.46
N SER E 248 25.86 -37.45 -36.52
CA SER E 248 26.33 -38.57 -35.72
C SER E 248 26.24 -38.27 -34.21
N ASP E 249 26.10 -39.31 -33.40
CA ASP E 249 26.04 -39.16 -31.94
C ASP E 249 27.40 -38.67 -31.43
N LEU E 250 27.38 -37.83 -30.41
CA LEU E 250 28.59 -37.39 -29.72
C LEU E 250 28.63 -37.92 -28.27
N ASN E 251 29.84 -38.24 -27.81
CA ASN E 251 30.06 -38.71 -26.43
C ASN E 251 31.49 -38.36 -26.05
N ASN E 252 31.65 -37.49 -25.05
CA ASN E 252 32.98 -37.01 -24.66
C ASN E 252 33.72 -37.85 -23.58
N ALA E 253 33.36 -39.13 -23.49
CA ALA E 253 34.04 -40.06 -22.58
C ALA E 253 35.55 -39.92 -22.71
N GLY E 254 36.22 -39.74 -21.58
CA GLY E 254 37.66 -39.61 -21.57
C GLY E 254 38.16 -38.18 -21.65
N LYS E 255 37.30 -37.27 -22.05
CA LYS E 255 37.74 -35.88 -22.15
C LYS E 255 37.51 -35.10 -20.86
N ASN E 256 38.55 -34.38 -20.47
CA ASN E 256 38.55 -33.53 -19.29
C ASN E 256 37.96 -32.20 -19.70
N TRP E 257 36.90 -31.78 -19.00
CA TRP E 257 36.21 -30.53 -19.30
C TRP E 257 35.81 -29.85 -18.00
N HIS E 258 35.17 -28.69 -18.09
CA HIS E 258 34.83 -27.89 -16.91
C HIS E 258 33.44 -27.30 -17.00
N MET E 259 32.77 -27.24 -15.84
CA MET E 259 31.47 -26.57 -15.64
C MET E 259 31.60 -25.69 -14.34
N GLY E 260 30.95 -24.54 -14.16
CA GLY E 260 29.78 -24.11 -14.83
C GLY E 260 28.68 -23.46 -13.99
N THR E 261 28.70 -23.37 -12.65
CA THR E 261 27.46 -22.83 -11.99
C THR E 261 27.49 -21.41 -11.38
N SER E 262 26.31 -20.79 -11.20
CA SER E 262 26.26 -19.42 -10.69
C SER E 262 25.05 -19.10 -9.82
N PHE E 263 25.35 -18.76 -8.57
CA PHE E 263 24.36 -18.24 -7.63
C PHE E 263 23.75 -16.94 -8.18
N HIS E 264 24.61 -16.02 -8.61
CA HIS E 264 24.14 -14.68 -9.00
C HIS E 264 23.43 -14.63 -10.36
N LYS E 265 23.77 -15.52 -11.28
CA LYS E 265 23.09 -15.59 -12.58
C LYS E 265 21.90 -16.56 -12.64
N SER E 266 21.55 -17.16 -11.50
CA SER E 266 20.39 -18.05 -11.42
C SER E 266 19.34 -17.40 -10.54
N PRO E 267 18.08 -17.53 -10.92
CA PRO E 267 16.99 -16.95 -10.11
C PRO E 267 16.77 -17.74 -8.79
N TRP E 268 16.27 -17.05 -7.77
CA TRP E 268 15.76 -17.72 -6.59
C TRP E 268 14.53 -18.53 -6.98
N ARG E 269 14.42 -19.73 -6.44
CA ARG E 269 13.13 -20.37 -6.40
C ARG E 269 12.48 -19.93 -5.10
N LYS E 270 11.28 -19.37 -5.20
CA LYS E 270 10.58 -18.86 -4.03
C LYS E 270 9.31 -19.63 -3.84
N THR E 271 9.19 -20.27 -2.70
CA THR E 271 8.04 -21.10 -2.41
C THR E 271 7.30 -20.45 -1.25
N ASP E 272 6.13 -19.90 -1.56
CA ASP E 272 5.34 -19.18 -0.58
C ASP E 272 4.69 -20.18 0.37
N LEU E 273 4.99 -20.05 1.65
CA LEU E 273 4.44 -20.97 2.65
C LEU E 273 3.31 -20.30 3.41
N GLY E 274 3.02 -19.04 3.06
CA GLY E 274 2.02 -18.22 3.71
C GLY E 274 2.38 -17.90 5.15
N LEU E 275 1.39 -17.53 5.95
CA LEU E 275 1.62 -17.32 7.37
C LEU E 275 1.49 -18.66 8.07
N ILE E 276 2.63 -19.30 8.33
CA ILE E 276 2.60 -20.60 9.01
C ILE E 276 2.05 -20.38 10.41
N PRO E 277 0.97 -21.09 10.75
CA PRO E 277 0.31 -20.91 12.04
C PRO E 277 1.21 -21.26 13.23
N SER E 278 0.98 -20.56 14.34
CA SER E 278 1.65 -20.83 15.60
C SER E 278 3.17 -20.80 15.44
N VAL E 279 3.66 -19.75 14.78
CA VAL E 279 5.11 -19.54 14.63
C VAL E 279 5.43 -18.09 14.92
N THR E 280 6.48 -17.87 15.72
CA THR E 280 7.00 -16.53 15.97
C THR E 280 8.22 -16.28 15.10
N GLU E 281 9.14 -17.25 15.07
CA GLU E 281 10.39 -17.13 14.32
C GLU E 281 10.79 -18.49 13.81
N VAL E 282 11.36 -18.53 12.61
CA VAL E 282 12.03 -19.74 12.13
C VAL E 282 13.53 -19.51 12.33
N HIS E 283 14.21 -20.48 12.94
CA HIS E 283 15.59 -20.25 13.37
C HIS E 283 16.39 -21.53 13.30
N SER E 284 17.62 -21.44 12.77
CA SER E 284 18.55 -22.59 12.64
C SER E 284 18.21 -23.56 11.49
N PHE E 285 19.20 -24.35 11.09
CA PHE E 285 19.09 -25.18 9.90
C PHE E 285 19.94 -26.43 10.10
N ALA E 286 19.36 -27.60 9.83
CA ALA E 286 20.10 -28.86 9.89
C ALA E 286 19.87 -29.63 8.60
N THR E 287 20.93 -29.80 7.83
CA THR E 287 20.84 -30.63 6.64
C THR E 287 20.71 -32.07 7.11
N ILE E 288 19.73 -32.77 6.55
CA ILE E 288 19.40 -34.13 6.97
C ILE E 288 20.02 -35.16 6.02
N ASP E 289 19.82 -34.93 4.72
CA ASP E 289 20.37 -35.86 3.74
C ASP E 289 20.37 -35.20 2.40
N ASN E 290 20.40 -36.01 1.36
CA ASN E 290 20.52 -35.49 0.02
C ASN E 290 19.25 -34.81 -0.46
N ASN E 291 18.14 -35.03 0.25
CA ASN E 291 16.86 -34.56 -0.25
C ASN E 291 16.23 -33.44 0.53
N GLY E 292 16.65 -33.27 1.78
CA GLY E 292 16.00 -32.30 2.67
C GLY E 292 16.75 -31.94 3.92
N PHE E 293 16.03 -31.25 4.81
CA PHE E 293 16.62 -30.54 5.94
C PHE E 293 15.52 -30.16 6.93
N ALA E 294 15.96 -29.79 8.12
CA ALA E 294 15.08 -29.29 9.18
C ALA E 294 15.47 -27.85 9.51
N MET E 295 14.47 -27.09 9.97
CA MET E 295 14.64 -25.71 10.39
C MET E 295 13.94 -25.57 11.73
N GLY E 296 14.59 -24.94 12.70
CA GLY E 296 14.00 -24.81 14.03
C GLY E 296 12.93 -23.72 14.04
N TYR E 297 12.07 -23.73 15.05
CA TYR E 297 11.13 -22.62 15.24
C TYR E 297 10.71 -22.53 16.68
N HIS E 298 10.14 -21.39 17.04
CA HIS E 298 9.40 -21.29 18.27
C HIS E 298 8.19 -20.41 18.08
N GLN E 299 7.25 -20.55 19.01
CA GLN E 299 6.07 -19.71 19.08
C GLN E 299 5.99 -19.25 20.52
N GLY E 300 6.25 -17.98 20.78
CA GLY E 300 6.29 -17.49 22.15
C GLY E 300 5.34 -16.36 22.45
N ASP E 301 4.41 -16.09 21.53
CA ASP E 301 3.47 -14.98 21.65
C ASP E 301 2.26 -15.29 22.55
N VAL E 302 1.72 -16.50 22.43
CA VAL E 302 0.49 -16.86 23.13
C VAL E 302 0.55 -18.28 23.64
N ALA E 303 -0.10 -18.53 24.78
CA ALA E 303 -0.17 -19.88 25.33
C ALA E 303 -0.92 -20.82 24.39
N PRO E 304 -0.45 -22.08 24.24
CA PRO E 304 0.81 -22.55 24.85
C PRO E 304 2.04 -22.27 24.00
N ARG E 305 3.16 -21.95 24.65
CA ARG E 305 4.44 -21.74 24.00
C ARG E 305 4.88 -23.04 23.27
N GLU E 306 5.45 -22.88 22.07
CA GLU E 306 5.96 -24.02 21.30
C GLU E 306 7.43 -23.84 20.98
N VAL E 307 8.18 -24.94 21.00
CA VAL E 307 9.56 -24.97 20.49
C VAL E 307 9.72 -26.30 19.74
N GLY E 308 10.23 -26.24 18.51
CA GLY E 308 10.40 -27.45 17.75
C GLY E 308 11.15 -27.26 16.45
N LEU E 309 10.83 -28.11 15.47
CA LEU E 309 11.40 -27.97 14.13
C LEU E 309 10.37 -28.29 13.05
N PHE E 310 10.65 -27.78 11.85
CA PHE E 310 9.90 -28.14 10.65
C PHE E 310 10.84 -28.97 9.81
N TYR E 311 10.40 -30.18 9.49
CA TYR E 311 11.20 -31.07 8.67
C TYR E 311 10.68 -31.05 7.23
N PHE E 312 11.57 -30.74 6.29
CA PHE E 312 11.27 -30.79 4.86
C PHE E 312 11.94 -32.01 4.27
N PRO E 313 11.21 -33.13 4.15
CA PRO E 313 11.83 -34.40 3.74
C PRO E 313 12.34 -34.37 2.29
N ASP E 314 11.67 -33.63 1.42
CA ASP E 314 12.10 -33.53 0.03
C ASP E 314 11.93 -32.11 -0.45
N ALA E 315 12.92 -31.29 -0.14
CA ALA E 315 12.88 -29.87 -0.45
C ALA E 315 13.05 -29.56 -1.94
N PHE E 316 13.47 -30.57 -2.71
CA PHE E 316 13.77 -30.36 -4.12
C PHE E 316 12.52 -30.53 -4.97
N ASN E 317 11.82 -31.65 -4.79
CA ASN E 317 10.58 -31.91 -5.50
C ASN E 317 9.36 -31.26 -4.85
N SER E 318 9.39 -31.15 -3.51
CA SER E 318 8.24 -30.66 -2.73
C SER E 318 8.63 -29.65 -1.65
N PRO E 319 9.04 -28.44 -2.04
CA PRO E 319 9.47 -27.43 -1.08
C PRO E 319 8.32 -26.93 -0.20
N SER E 320 7.08 -27.19 -0.59
CA SER E 320 5.91 -26.74 0.17
C SER E 320 5.50 -27.74 1.24
N ASN E 321 6.15 -28.91 1.26
CA ASN E 321 5.78 -29.98 2.16
C ASN E 321 6.72 -30.07 3.36
N TYR E 322 6.16 -29.90 4.55
CA TYR E 322 6.94 -29.95 5.79
C TYR E 322 6.12 -30.53 6.93
N VAL E 323 6.81 -30.95 7.97
CA VAL E 323 6.15 -31.57 9.12
C VAL E 323 6.62 -30.91 10.41
N ARG E 324 5.67 -30.59 11.28
CA ARG E 324 5.98 -29.92 12.54
C ARG E 324 6.26 -30.94 13.65
N ARG E 325 7.43 -30.78 14.27
CA ARG E 325 7.88 -31.66 15.33
C ARG E 325 8.30 -30.80 16.51
N GLN E 326 7.73 -31.09 17.68
CA GLN E 326 7.95 -30.30 18.88
C GLN E 326 8.82 -31.05 19.88
N ILE E 327 9.57 -30.32 20.70
CA ILE E 327 10.26 -30.94 21.85
C ILE E 327 9.23 -31.29 22.94
N PRO E 328 9.63 -32.04 23.98
CA PRO E 328 8.70 -32.39 25.05
C PRO E 328 8.17 -31.17 25.79
N SER E 329 6.88 -31.23 26.10
CA SER E 329 6.12 -30.09 26.58
C SER E 329 6.70 -29.43 27.84
N GLU E 330 7.36 -30.20 28.69
CA GLU E 330 7.96 -29.62 29.89
C GLU E 330 9.11 -28.64 29.59
N TYR E 331 9.67 -28.73 28.38
CA TYR E 331 10.84 -27.95 28.00
C TYR E 331 10.51 -26.75 27.14
N GLU E 332 9.22 -26.59 26.85
CA GLU E 332 8.75 -25.52 25.96
C GLU E 332 8.56 -24.16 26.66
N PRO E 333 8.08 -24.13 27.92
CA PRO E 333 7.90 -22.84 28.62
C PRO E 333 9.21 -22.06 28.71
N ASP E 334 9.15 -20.76 28.48
CA ASP E 334 10.29 -19.86 28.60
C ASP E 334 11.49 -20.27 27.75
N ALA E 335 11.19 -20.82 26.58
CA ALA E 335 12.26 -21.20 25.66
C ALA E 335 11.96 -20.61 24.29
N SER E 336 13.00 -20.47 23.46
CA SER E 336 12.85 -19.94 22.11
C SER E 336 14.04 -20.34 21.25
N GLU E 337 14.02 -19.90 19.99
CA GLU E 337 15.19 -19.95 19.07
C GLU E 337 16.11 -21.20 19.20
N PRO E 338 15.57 -22.37 18.87
CA PRO E 338 16.33 -23.61 18.97
C PRO E 338 17.45 -23.67 17.93
N CYS E 339 18.64 -24.07 18.36
CA CYS E 339 19.69 -24.46 17.40
C CYS E 339 19.61 -25.95 17.15
N ILE E 340 19.62 -26.34 15.87
CA ILE E 340 19.56 -27.77 15.53
C ILE E 340 20.67 -28.21 14.61
N LYS E 341 21.24 -29.38 14.87
CA LYS E 341 22.18 -30.01 13.95
C LYS E 341 22.00 -31.51 13.92
N TYR E 342 22.39 -32.11 12.79
CA TYR E 342 22.19 -33.55 12.57
C TYR E 342 23.54 -34.22 12.34
N TYR E 343 23.84 -35.23 13.15
CA TYR E 343 25.11 -35.95 13.06
C TYR E 343 24.86 -37.45 13.25
N ASP E 344 25.33 -38.27 12.31
CA ASP E 344 25.25 -39.73 12.40
C ASP E 344 23.87 -40.25 12.82
N GLY E 345 22.84 -39.66 12.23
CA GLY E 345 21.48 -40.12 12.43
C GLY E 345 20.83 -39.61 13.71
N VAL E 346 21.48 -38.65 14.38
CA VAL E 346 20.95 -38.06 15.60
C VAL E 346 20.78 -36.57 15.40
N LEU E 347 19.56 -36.11 15.63
CA LEU E 347 19.22 -34.69 15.56
C LEU E 347 19.34 -34.08 16.95
N TYR E 348 20.18 -33.05 17.05
CA TYR E 348 20.42 -32.39 18.32
C TYR E 348 19.75 -31.03 18.30
N LEU E 349 19.18 -30.65 19.43
CA LEU E 349 18.44 -29.39 19.57
C LEU E 349 18.78 -28.76 20.92
N ILE E 350 19.23 -27.50 20.91
CA ILE E 350 19.45 -26.73 22.14
C ILE E 350 18.60 -25.44 22.13
N THR E 351 17.87 -25.20 23.20
CA THR E 351 16.99 -24.02 23.27
C THR E 351 17.66 -22.82 23.89
N ARG E 352 17.09 -21.65 23.66
CA ARG E 352 17.40 -20.44 24.41
C ARG E 352 16.36 -20.27 25.51
N GLY E 353 16.82 -19.95 26.72
CA GLY E 353 15.92 -19.64 27.84
C GLY E 353 15.60 -18.16 27.77
N THR E 354 14.35 -17.81 28.09
CA THR E 354 13.92 -16.42 28.00
C THR E 354 13.95 -15.67 29.34
N ARG E 355 14.20 -16.38 30.45
CA ARG E 355 14.16 -15.73 31.77
C ARG E 355 15.21 -16.30 32.70
N GLY E 356 15.95 -15.42 33.39
CA GLY E 356 16.93 -15.85 34.36
C GLY E 356 16.35 -16.48 35.62
N ASP E 357 15.06 -16.28 35.85
CA ASP E 357 14.41 -16.80 37.04
C ASP E 357 13.46 -17.97 36.77
N ARG E 358 13.57 -18.56 35.57
CA ARG E 358 12.85 -19.81 35.25
C ARG E 358 13.85 -20.78 34.64
N LEU E 359 13.49 -22.07 34.64
CA LEU E 359 14.27 -23.11 34.00
C LEU E 359 14.61 -22.69 32.58
N GLY E 360 15.88 -22.86 32.20
CA GLY E 360 16.40 -22.29 30.97
C GLY E 360 16.77 -23.29 29.88
N SER E 361 17.81 -22.94 29.11
CA SER E 361 18.31 -23.79 28.02
C SER E 361 18.31 -25.27 28.37
N SER E 362 17.86 -26.07 27.41
CA SER E 362 17.85 -27.52 27.53
C SER E 362 18.33 -28.15 26.22
N LEU E 363 18.87 -29.35 26.32
CA LEU E 363 19.47 -30.04 25.19
C LEU E 363 18.59 -31.27 24.89
N HIS E 364 18.40 -31.57 23.61
CA HIS E 364 17.54 -32.67 23.20
C HIS E 364 18.18 -33.43 22.06
N ARG E 365 17.98 -34.74 22.04
CA ARG E 365 18.47 -35.58 20.94
C ARG E 365 17.41 -36.60 20.52
N SER E 366 17.39 -36.90 19.23
CA SER E 366 16.32 -37.68 18.61
C SER E 366 16.90 -38.54 17.51
N ARG E 367 16.39 -39.76 17.41
CA ARG E 367 16.83 -40.66 16.35
C ARG E 367 15.76 -40.83 15.27
N ASP E 368 14.70 -40.02 15.36
CA ASP E 368 13.61 -40.11 14.39
C ASP E 368 13.19 -38.73 13.90
N ILE E 369 14.16 -37.83 13.82
CA ILE E 369 13.96 -36.45 13.36
C ILE E 369 12.84 -35.74 14.14
N GLY E 370 12.93 -35.84 15.45
CA GLY E 370 12.10 -35.06 16.35
C GLY E 370 10.78 -35.66 16.75
N GLN E 371 10.56 -36.95 16.48
CA GLN E 371 9.32 -37.59 16.95
C GLN E 371 9.44 -37.97 18.43
N THR E 372 10.56 -38.59 18.80
CA THR E 372 10.85 -38.87 20.20
C THR E 372 12.17 -38.21 20.57
N TRP E 373 12.34 -37.88 21.84
CA TRP E 373 13.54 -37.19 22.32
C TRP E 373 14.03 -37.71 23.66
N GLU E 374 15.34 -37.56 23.88
CA GLU E 374 15.87 -37.65 25.24
C GLU E 374 16.35 -36.24 25.60
N SER E 375 16.11 -35.83 26.84
CA SER E 375 16.24 -34.41 27.19
C SER E 375 17.11 -34.18 28.39
N LEU E 376 17.65 -32.98 28.47
CA LEU E 376 18.59 -32.61 29.51
C LEU E 376 18.44 -31.11 29.74
N ARG E 377 18.36 -30.70 31.00
CA ARG E 377 18.30 -29.27 31.33
C ARG E 377 19.67 -28.78 31.80
N PHE E 378 20.23 -27.74 31.17
CA PHE E 378 21.46 -27.16 31.72
C PHE E 378 21.13 -26.53 33.08
N PRO E 379 22.02 -26.69 34.04
CA PRO E 379 21.87 -26.05 35.35
C PRO E 379 21.82 -24.52 35.31
N HIS E 380 21.13 -23.92 36.26
CA HIS E 380 21.24 -22.48 36.54
C HIS E 380 20.61 -21.56 35.50
N ASN E 381 19.52 -22.01 34.86
CA ASN E 381 18.66 -21.14 34.08
C ASN E 381 19.44 -20.35 33.01
N VAL E 382 20.17 -21.05 32.15
CA VAL E 382 20.88 -20.40 31.05
C VAL E 382 19.85 -19.67 30.19
N HIS E 383 20.07 -18.38 29.96
CA HIS E 383 19.05 -17.55 29.35
C HIS E 383 19.65 -16.42 28.52
N HIS E 384 18.81 -15.89 27.62
CA HIS E 384 19.07 -14.72 26.79
C HIS E 384 20.02 -14.97 25.63
N THR E 385 20.61 -16.15 25.61
CA THR E 385 21.55 -16.52 24.57
C THR E 385 21.09 -17.76 23.82
N THR E 386 21.32 -17.80 22.50
CA THR E 386 21.21 -19.08 21.81
C THR E 386 22.51 -19.81 22.08
N LEU E 387 22.50 -21.11 21.83
CA LEU E 387 23.66 -21.93 22.08
C LEU E 387 24.00 -22.75 20.84
N PRO E 388 24.44 -22.08 19.77
CA PRO E 388 24.86 -22.77 18.56
C PRO E 388 26.06 -23.64 18.90
N PHE E 389 26.23 -24.70 18.15
CA PHE E 389 27.12 -25.76 18.59
C PHE E 389 27.48 -26.62 17.40
N ALA E 390 28.54 -27.42 17.54
CA ALA E 390 28.87 -28.42 16.55
C ALA E 390 29.30 -29.66 17.33
N LYS E 391 29.26 -30.83 16.69
CA LYS E 391 29.75 -32.06 17.32
C LYS E 391 31.15 -32.37 16.79
N VAL E 392 32.11 -32.47 17.70
CA VAL E 392 33.47 -32.89 17.35
C VAL E 392 33.83 -34.11 18.20
N GLY E 393 33.99 -35.27 17.56
CA GLY E 393 34.24 -36.51 18.30
C GLY E 393 33.00 -36.82 19.13
N ASP E 394 33.19 -37.06 20.43
CA ASP E 394 32.07 -37.40 21.33
C ASP E 394 31.45 -36.17 21.98
N ASP E 395 31.97 -34.98 21.66
CA ASP E 395 31.56 -33.76 22.35
C ASP E 395 30.71 -32.87 21.47
N LEU E 396 29.67 -32.31 22.06
CA LEU E 396 29.03 -31.14 21.52
C LEU E 396 29.80 -29.95 22.08
N ILE E 397 30.20 -29.05 21.19
CA ILE E 397 30.91 -27.84 21.63
C ILE E 397 29.99 -26.69 21.33
N MET E 398 29.51 -26.06 22.40
CA MET E 398 28.53 -25.00 22.26
C MET E 398 29.09 -23.67 22.74
N PHE E 399 28.57 -22.58 22.16
CA PHE E 399 29.03 -21.25 22.50
C PHE E 399 27.84 -20.38 22.87
N GLY E 400 28.04 -19.48 23.83
CA GLY E 400 26.98 -18.54 24.20
C GLY E 400 27.59 -17.24 24.70
N SER E 401 26.80 -16.17 24.71
CA SER E 401 27.29 -14.88 25.14
C SER E 401 26.18 -14.21 25.95
N GLU E 402 26.49 -13.76 27.16
CA GLU E 402 25.53 -12.88 27.85
C GLU E 402 25.44 -11.56 27.04
N ARG E 403 24.30 -10.89 27.10
CA ARG E 403 24.04 -9.74 26.24
C ARG E 403 24.58 -8.45 26.85
N ALA E 404 24.71 -8.45 28.18
CA ALA E 404 25.35 -7.38 28.96
C ALA E 404 26.02 -8.03 30.14
N GLU E 405 27.01 -7.37 30.72
CA GLU E 405 27.86 -7.98 31.74
C GLU E 405 27.05 -8.42 32.96
N ASN E 406 27.39 -9.60 33.50
CA ASN E 406 26.80 -10.11 34.73
C ASN E 406 25.31 -10.48 34.62
N GLU E 407 24.88 -10.91 33.44
CA GLU E 407 23.51 -11.42 33.22
C GLU E 407 23.43 -12.95 33.11
N TRP E 408 24.57 -13.60 32.97
CA TRP E 408 24.59 -15.05 32.66
C TRP E 408 23.99 -15.91 33.74
N GLU E 409 24.26 -15.57 35.00
CA GLU E 409 23.90 -16.43 36.13
C GLU E 409 22.39 -16.46 36.39
N ALA E 410 21.92 -17.58 36.96
CA ALA E 410 20.53 -17.68 37.45
C ALA E 410 20.25 -16.59 38.45
N GLY E 411 19.08 -15.99 38.35
CA GLY E 411 18.69 -14.93 39.26
C GLY E 411 19.34 -13.57 39.00
N ALA E 412 20.24 -13.48 38.04
CA ALA E 412 20.87 -12.21 37.73
C ALA E 412 19.90 -11.32 36.97
N PRO E 413 19.65 -10.11 37.47
CA PRO E 413 18.68 -9.21 36.82
C PRO E 413 19.29 -8.64 35.56
N ASP E 414 18.48 -8.29 34.55
CA ASP E 414 19.02 -7.57 33.40
C ASP E 414 19.67 -6.30 33.90
N ASP E 415 20.77 -5.94 33.25
CA ASP E 415 21.57 -4.80 33.65
C ASP E 415 21.89 -3.99 32.40
N ARG E 416 20.94 -3.17 31.95
CA ARG E 416 21.07 -2.42 30.71
C ARG E 416 21.22 -0.92 30.98
N TYR E 417 21.32 -0.13 29.91
CA TYR E 417 21.42 1.33 30.01
C TYR E 417 22.72 1.80 30.68
N LYS E 418 23.73 0.94 30.69
CA LYS E 418 25.10 1.33 31.05
C LYS E 418 26.12 0.45 30.34
N ALA E 419 27.22 1.06 29.92
CA ALA E 419 28.30 0.35 29.25
C ALA E 419 28.78 -0.76 30.15
N SER E 420 29.04 -1.93 29.56
CA SER E 420 29.63 -3.04 30.30
C SER E 420 30.38 -3.98 29.37
N TYR E 421 31.01 -5.00 29.96
CA TYR E 421 31.81 -6.01 29.23
C TYR E 421 31.23 -7.44 29.36
N PRO E 422 30.20 -7.76 28.58
CA PRO E 422 29.61 -9.11 28.62
C PRO E 422 30.63 -10.21 28.30
N ARG E 423 30.54 -11.30 29.07
CA ARG E 423 31.37 -12.47 28.89
C ARG E 423 30.78 -13.41 27.84
N THR E 424 31.67 -13.96 27.02
CA THR E 424 31.31 -15.02 26.08
C THR E 424 31.91 -16.31 26.59
N PHE E 425 31.12 -17.41 26.54
CA PHE E 425 31.53 -18.69 27.06
C PHE E 425 31.46 -19.77 26.00
N TYR E 426 32.23 -20.83 26.18
CA TYR E 426 31.93 -22.09 25.49
C TYR E 426 31.92 -23.24 26.49
N ALA E 427 31.39 -24.37 26.07
CA ALA E 427 31.46 -25.57 26.88
C ALA E 427 31.43 -26.82 26.00
N ARG E 428 31.89 -27.92 26.58
CA ARG E 428 31.84 -29.21 25.92
C ARG E 428 30.87 -30.08 26.70
N LEU E 429 30.11 -30.90 25.98
CA LEU E 429 29.24 -31.87 26.61
C LEU E 429 29.43 -33.20 25.92
N ASN E 430 29.86 -34.21 26.67
CA ASN E 430 30.03 -35.56 26.13
C ASN E 430 28.66 -36.23 25.92
N VAL E 431 28.37 -36.59 24.67
CA VAL E 431 27.07 -37.17 24.30
C VAL E 431 26.83 -38.57 24.90
N ASN E 432 27.90 -39.35 25.05
CA ASN E 432 27.78 -40.66 25.70
C ASN E 432 27.38 -40.52 27.16
N ASN E 433 28.00 -39.58 27.87
CA ASN E 433 27.69 -39.36 29.28
C ASN E 433 26.31 -38.74 29.46
N TRP E 434 25.89 -37.96 28.47
CA TRP E 434 24.57 -37.33 28.45
C TRP E 434 24.12 -36.83 29.83
N ASN E 435 24.89 -35.89 30.37
CA ASN E 435 24.55 -35.25 31.65
C ASN E 435 25.21 -33.88 31.77
N ALA E 436 24.41 -32.83 31.92
CA ALA E 436 24.96 -31.47 32.01
C ALA E 436 25.11 -30.94 33.43
N ASP E 437 24.96 -31.80 34.43
CA ASP E 437 24.98 -31.35 35.80
C ASP E 437 26.30 -30.70 36.19
N ASP E 438 27.40 -31.20 35.62
CA ASP E 438 28.73 -30.66 35.87
C ASP E 438 29.34 -29.93 34.66
N ILE E 439 28.50 -29.37 33.78
CA ILE E 439 28.97 -28.60 32.61
C ILE E 439 29.84 -27.42 33.07
N GLU E 440 30.94 -27.18 32.37
CA GLU E 440 31.89 -26.12 32.72
C GLU E 440 31.89 -25.05 31.64
N TRP E 441 31.22 -23.94 31.93
CA TRP E 441 31.17 -22.81 31.01
C TRP E 441 32.48 -22.03 31.13
N VAL E 442 33.19 -21.90 30.01
CA VAL E 442 34.52 -21.28 30.04
C VAL E 442 34.51 -19.92 29.31
N ASN E 443 34.73 -18.86 30.07
CA ASN E 443 34.75 -17.50 29.53
C ASN E 443 36.07 -17.30 28.78
N ILE E 444 35.97 -17.13 27.46
CA ILE E 444 37.14 -17.12 26.56
C ILE E 444 37.42 -15.77 25.92
N THR E 445 36.42 -14.90 25.95
CA THR E 445 36.58 -13.55 25.42
C THR E 445 35.49 -12.69 26.04
N ASP E 446 35.77 -11.39 26.19
CA ASP E 446 34.76 -10.43 26.62
C ASP E 446 34.49 -9.43 25.50
N GLN E 447 33.24 -9.05 25.36
CA GLN E 447 32.76 -8.13 24.33
C GLN E 447 32.35 -6.84 25.03
N ILE E 448 31.88 -5.87 24.25
CA ILE E 448 31.37 -4.63 24.82
C ILE E 448 29.86 -4.52 24.53
N TYR E 449 29.10 -4.11 25.54
CA TYR E 449 27.70 -3.73 25.39
C TYR E 449 27.69 -2.21 25.58
N GLN E 450 27.26 -1.49 24.55
CA GLN E 450 27.38 -0.02 24.54
C GLN E 450 26.58 0.68 25.65
N GLY E 451 25.31 0.31 25.81
CA GLY E 451 24.48 0.87 26.87
C GLY E 451 23.63 2.07 26.53
N GLY E 452 23.75 2.57 25.30
CA GLY E 452 23.01 3.74 24.90
C GLY E 452 21.53 3.46 24.72
N ILE E 453 21.19 2.21 24.45
CA ILE E 453 19.80 1.75 24.34
C ILE E 453 19.66 0.41 25.09
N VAL E 454 18.43 0.05 25.45
CA VAL E 454 18.24 -1.22 26.17
C VAL E 454 18.72 -2.46 25.39
N ASN E 455 18.49 -2.49 24.09
CA ASN E 455 18.82 -3.66 23.26
C ASN E 455 20.31 -3.88 23.13
N SER E 456 20.67 -5.13 22.91
CA SER E 456 22.06 -5.52 22.74
C SER E 456 22.25 -6.37 21.50
N GLY E 457 23.27 -6.01 20.73
CA GLY E 457 23.63 -6.80 19.57
C GLY E 457 24.65 -7.87 19.91
N VAL E 458 25.06 -7.96 21.17
CA VAL E 458 26.09 -8.96 21.46
C VAL E 458 25.57 -10.41 21.39
N GLY E 459 26.40 -11.30 20.86
CA GLY E 459 26.14 -12.73 20.84
C GLY E 459 25.16 -13.18 19.75
N VAL E 460 24.14 -13.93 20.18
CA VAL E 460 23.15 -14.55 19.29
C VAL E 460 23.78 -14.97 17.96
N GLY E 461 24.70 -15.92 18.08
CA GLY E 461 25.56 -16.25 16.96
C GLY E 461 25.28 -17.58 16.29
N SER E 462 26.32 -18.10 15.65
CA SER E 462 26.24 -19.29 14.80
C SER E 462 27.61 -19.94 14.80
N VAL E 463 27.65 -21.27 14.65
CA VAL E 463 28.88 -22.04 14.79
C VAL E 463 29.11 -22.93 13.58
N VAL E 464 30.35 -23.00 13.10
CA VAL E 464 30.69 -23.97 12.05
C VAL E 464 32.04 -24.58 12.32
N VAL E 465 32.28 -25.77 11.78
CA VAL E 465 33.58 -26.39 11.87
C VAL E 465 34.13 -26.44 10.44
N LYS E 466 35.41 -26.13 10.28
CA LYS E 466 36.09 -26.33 9.01
C LYS E 466 37.45 -26.93 9.35
N ASP E 467 37.70 -28.13 8.85
CA ASP E 467 38.91 -28.89 9.15
C ASP E 467 39.09 -29.01 10.68
N ASN E 468 40.22 -28.53 11.20
CA ASN E 468 40.51 -28.73 12.62
C ASN E 468 40.25 -27.49 13.48
N TYR E 469 39.34 -26.61 13.02
CA TYR E 469 38.98 -25.39 13.75
C TYR E 469 37.50 -25.24 13.84
N ILE E 470 37.04 -24.73 14.99
CA ILE E 470 35.64 -24.39 15.17
C ILE E 470 35.50 -22.86 15.22
N TYR E 471 34.43 -22.35 14.60
CA TYR E 471 34.22 -20.91 14.43
C TYR E 471 32.90 -20.48 15.07
N TYR E 472 32.97 -19.52 16.00
CA TYR E 472 31.78 -18.94 16.61
C TYR E 472 31.66 -17.52 16.10
N MET E 473 30.64 -17.28 15.26
CA MET E 473 30.37 -15.96 14.68
C MET E 473 29.21 -15.34 15.46
N PHE E 474 29.41 -14.11 15.92
CA PHE E 474 28.52 -13.50 16.91
C PHE E 474 28.75 -11.99 16.96
N GLY E 475 27.76 -11.27 17.47
CA GLY E 475 27.80 -9.82 17.50
C GLY E 475 28.55 -9.28 18.70
N GLY E 476 29.08 -8.06 18.56
CA GLY E 476 29.66 -7.33 19.68
C GLY E 476 29.53 -5.85 19.41
N GLU E 477 29.50 -5.06 20.47
CA GLU E 477 29.38 -3.61 20.30
C GLU E 477 30.71 -2.94 20.61
N ASP E 478 30.69 -1.61 20.65
CA ASP E 478 31.85 -0.81 21.03
C ASP E 478 31.27 0.35 21.85
N HIS E 479 32.10 1.27 22.31
CA HIS E 479 31.58 2.32 23.18
C HIS E 479 30.92 3.49 22.45
N PHE E 480 30.81 3.44 21.12
CA PHE E 480 30.23 4.55 20.35
C PHE E 480 28.70 4.50 20.39
N ASN E 481 28.12 5.50 21.06
CA ASN E 481 26.67 5.66 21.17
C ASN E 481 26.03 5.90 19.80
N PRO E 482 24.96 5.17 19.48
CA PRO E 482 24.19 5.39 18.25
C PRO E 482 23.37 6.68 18.25
N TRP E 483 23.26 7.32 19.42
CA TRP E 483 22.54 8.59 19.62
C TRP E 483 21.04 8.51 19.32
N THR E 484 20.47 7.33 19.60
CA THR E 484 19.01 7.17 19.60
C THR E 484 18.38 8.13 20.61
N TYR E 485 18.99 8.20 21.79
CA TYR E 485 18.63 9.24 22.75
C TYR E 485 19.69 10.32 22.58
N GLY E 486 19.40 11.25 21.68
CA GLY E 486 20.37 12.20 21.20
C GLY E 486 19.86 12.67 19.85
N ASP E 487 20.78 13.03 18.96
CA ASP E 487 20.41 13.69 17.71
C ASP E 487 20.07 12.73 16.55
N ASN E 488 20.03 11.43 16.83
CA ASN E 488 19.74 10.42 15.81
C ASN E 488 18.65 9.44 16.22
N SER E 489 17.55 9.96 16.78
CA SER E 489 16.38 9.15 17.08
C SER E 489 15.85 8.39 15.84
N ALA E 490 16.12 8.93 14.66
CA ALA E 490 15.73 8.31 13.38
C ALA E 490 16.60 7.08 13.05
N LYS E 491 17.73 6.94 13.74
CA LYS E 491 18.60 5.76 13.64
C LYS E 491 19.25 5.61 12.28
N ASP E 492 19.44 6.74 11.59
CA ASP E 492 20.15 6.78 10.32
C ASP E 492 21.59 6.26 10.53
N PRO E 493 21.95 5.16 9.88
CA PRO E 493 23.31 4.59 10.07
C PRO E 493 24.44 5.53 9.63
N PHE E 494 24.14 6.47 8.73
CA PHE E 494 25.23 7.22 8.12
C PHE E 494 25.59 8.55 8.83
N LYS E 495 24.90 8.81 9.94
CA LYS E 495 25.25 9.91 10.82
C LYS E 495 26.24 9.43 11.89
N SER E 496 27.25 10.26 12.17
CA SER E 496 28.18 10.02 13.26
C SER E 496 28.81 8.64 13.07
N ASP E 497 28.83 7.83 14.13
CA ASP E 497 29.46 6.53 14.09
C ASP E 497 28.46 5.42 13.76
N GLY E 498 27.24 5.80 13.38
CA GLY E 498 26.21 4.80 13.13
C GLY E 498 25.95 3.90 14.33
N HIS E 499 25.72 2.61 14.05
CA HIS E 499 25.33 1.65 15.07
C HIS E 499 26.52 0.80 15.48
N PRO E 500 26.74 0.63 16.79
CA PRO E 500 27.98 0.02 17.29
C PRO E 500 28.05 -1.49 17.13
N SER E 501 26.94 -2.16 16.87
CA SER E 501 27.00 -3.62 16.70
C SER E 501 27.73 -4.01 15.42
N ASP E 502 28.67 -4.95 15.56
CA ASP E 502 29.36 -5.53 14.42
C ASP E 502 29.63 -7.02 14.73
N LEU E 503 30.05 -7.79 13.73
CA LEU E 503 30.31 -9.21 13.96
C LEU E 503 31.77 -9.51 14.28
N TYR E 504 31.94 -10.53 15.11
CA TYR E 504 33.24 -11.03 15.53
C TYR E 504 33.21 -12.53 15.26
N CYS E 505 34.38 -13.15 15.25
CA CYS E 505 34.46 -14.58 15.06
C CYS E 505 35.57 -15.15 15.94
N TYR E 506 35.19 -16.07 16.82
CA TYR E 506 36.16 -16.77 17.64
C TYR E 506 36.56 -18.07 16.97
N LYS E 507 37.84 -18.17 16.63
CA LYS E 507 38.38 -19.34 15.97
C LYS E 507 39.16 -20.18 16.98
N MET E 508 38.71 -21.42 17.19
CA MET E 508 39.30 -22.28 18.21
C MET E 508 39.79 -23.59 17.60
N LYS E 509 41.04 -23.95 17.89
CA LYS E 509 41.60 -25.19 17.40
C LYS E 509 40.96 -26.40 18.10
N ILE E 510 40.50 -27.35 17.28
CA ILE E 510 39.74 -28.50 17.75
C ILE E 510 40.38 -29.86 17.41
N GLY E 511 41.52 -29.82 16.74
CA GLY E 511 42.21 -31.03 16.32
C GLY E 511 43.62 -30.65 15.87
N PRO E 512 44.51 -31.63 15.72
CA PRO E 512 45.91 -31.36 15.39
C PRO E 512 46.07 -30.62 14.07
N ASP E 513 47.07 -29.73 14.02
CA ASP E 513 47.44 -29.07 12.78
C ASP E 513 48.81 -29.56 12.32
N ASN E 514 48.82 -30.40 11.28
CA ASN E 514 50.05 -31.02 10.80
C ASN E 514 50.68 -30.25 9.64
N ARG E 515 50.39 -28.95 9.59
CA ARG E 515 51.00 -28.02 8.63
C ARG E 515 51.71 -26.88 9.37
N VAL E 516 52.72 -26.31 8.72
CA VAL E 516 53.35 -25.07 9.18
C VAL E 516 52.30 -23.93 9.20
N SER E 517 52.55 -22.88 9.98
CA SER E 517 51.57 -21.79 10.13
C SER E 517 51.15 -21.14 8.79
N ARG E 518 49.86 -20.80 8.66
CA ARG E 518 49.36 -20.03 7.50
C ARG E 518 49.16 -18.54 7.89
N ASP E 519 49.34 -18.23 9.17
CA ASP E 519 49.04 -16.90 9.69
C ASP E 519 49.91 -15.81 9.05
N PHE E 520 49.25 -14.72 8.71
CA PHE E 520 49.92 -13.50 8.28
C PHE E 520 49.41 -12.29 9.07
N ARG E 521 50.25 -11.27 9.13
CA ARG E 521 49.85 -9.95 9.57
C ARG E 521 49.35 -9.23 8.33
N TYR E 522 48.20 -8.57 8.44
CA TYR E 522 47.64 -7.89 7.27
C TYR E 522 48.29 -6.51 7.13
N GLY E 523 49.06 -6.31 6.08
CA GLY E 523 49.74 -5.03 5.90
C GLY E 523 49.37 -4.29 4.62
N ALA E 524 48.41 -4.82 3.87
CA ALA E 524 47.98 -4.24 2.59
C ALA E 524 47.01 -3.07 2.79
N VAL E 525 46.83 -2.25 1.75
CA VAL E 525 45.69 -1.34 1.70
C VAL E 525 44.49 -2.21 1.30
N PRO E 526 43.40 -2.17 2.07
CA PRO E 526 42.21 -2.94 1.66
C PRO E 526 41.69 -2.30 0.38
N ASN E 527 41.59 -3.08 -0.69
CA ASN E 527 41.43 -2.49 -2.00
C ASN E 527 40.43 -3.30 -2.82
N ARG E 528 39.47 -3.91 -2.12
CA ARG E 528 38.37 -4.67 -2.73
C ARG E 528 37.06 -3.84 -2.77
N ALA E 529 36.74 -3.20 -1.67
CA ALA E 529 35.48 -2.47 -1.57
C ALA E 529 35.41 -1.32 -2.57
N VAL E 530 36.43 -0.47 -2.56
CA VAL E 530 36.57 0.65 -3.49
C VAL E 530 37.97 0.53 -4.03
N PRO E 531 38.17 -0.25 -5.10
CA PRO E 531 39.52 -0.48 -5.63
C PRO E 531 40.16 0.77 -6.21
N VAL E 532 41.28 1.22 -5.62
CA VAL E 532 41.97 2.44 -6.06
C VAL E 532 43.38 2.08 -6.53
N PHE E 533 43.79 2.69 -7.65
CA PHE E 533 45.13 2.54 -8.18
C PHE E 533 45.62 3.94 -8.55
N PHE E 534 46.85 4.26 -8.19
CA PHE E 534 47.44 5.49 -8.67
C PHE E 534 47.78 5.27 -10.13
N ASP E 535 47.13 6.05 -10.99
CA ASP E 535 47.38 5.96 -12.43
C ASP E 535 48.75 6.53 -12.79
N THR E 536 49.15 6.38 -14.06
CA THR E 536 50.47 6.81 -14.47
C THR E 536 50.66 8.33 -14.43
N ASN E 537 49.54 9.03 -14.29
CA ASN E 537 49.50 10.48 -14.08
C ASN E 537 49.45 10.85 -12.59
N GLY E 538 49.53 9.85 -11.72
CA GLY E 538 49.54 10.06 -10.27
C GLY E 538 48.19 10.37 -9.64
N VAL E 539 47.10 10.00 -10.30
CA VAL E 539 45.76 10.29 -9.80
C VAL E 539 45.05 8.98 -9.41
N ARG E 540 44.45 8.99 -8.21
CA ARG E 540 43.69 7.85 -7.68
C ARG E 540 42.59 7.46 -8.65
N THR E 541 42.61 6.20 -9.08
CA THR E 541 41.68 5.75 -10.11
C THR E 541 40.90 4.53 -9.66
N VAL E 542 39.58 4.61 -9.80
CA VAL E 542 38.69 3.53 -9.41
C VAL E 542 38.07 2.91 -10.66
N PRO E 543 38.50 1.71 -11.06
CA PRO E 543 38.02 1.09 -12.30
C PRO E 543 36.72 0.28 -12.18
N ALA E 544 36.30 0.01 -10.95
CA ALA E 544 35.12 -0.82 -10.69
C ALA E 544 33.85 -0.01 -10.93
N PRO E 545 32.81 -0.65 -11.44
CA PRO E 545 31.50 0.01 -11.51
C PRO E 545 31.02 0.22 -10.09
N MET E 546 30.39 1.37 -9.84
CA MET E 546 29.90 1.68 -8.51
C MET E 546 28.60 2.45 -8.53
N GLU E 547 27.86 2.31 -7.44
CA GLU E 547 26.59 3.02 -7.24
C GLU E 547 26.70 3.84 -5.98
N PHE E 548 26.42 5.14 -6.09
CA PHE E 548 26.35 6.01 -4.92
C PHE E 548 24.88 6.36 -4.78
N THR E 549 24.21 5.87 -3.73
CA THR E 549 22.78 6.16 -3.58
C THR E 549 22.48 7.29 -2.60
N GLY E 550 23.43 7.65 -1.77
CA GLY E 550 23.21 8.74 -0.84
C GLY E 550 23.42 10.03 -1.60
N ASP E 551 22.93 11.16 -1.07
CA ASP E 551 23.14 12.46 -1.70
C ASP E 551 24.63 12.78 -1.88
N LEU E 552 24.99 13.22 -3.09
CA LEU E 552 26.37 13.54 -3.42
C LEU E 552 26.51 15.02 -3.70
N GLY E 553 27.56 15.63 -3.16
CA GLY E 553 28.01 16.94 -3.57
C GLY E 553 29.33 16.77 -4.29
N LEU E 554 29.43 17.32 -5.50
CA LEU E 554 30.66 17.18 -6.28
C LEU E 554 31.26 18.55 -6.52
N GLY E 555 32.57 18.61 -6.77
CA GLY E 555 33.20 19.85 -7.17
C GLY E 555 33.24 19.96 -8.69
N HIS E 556 34.42 20.24 -9.25
CA HIS E 556 34.54 20.31 -10.70
C HIS E 556 34.39 18.91 -11.27
N VAL E 557 33.60 18.77 -12.32
CA VAL E 557 33.36 17.45 -12.89
C VAL E 557 33.70 17.43 -14.34
N THR E 558 34.46 16.43 -14.75
CA THR E 558 34.68 16.16 -16.16
C THR E 558 34.10 14.78 -16.45
N ILE E 559 33.31 14.68 -17.53
CA ILE E 559 32.74 13.40 -17.99
C ILE E 559 33.59 12.99 -19.17
N ARG E 560 34.39 11.93 -18.98
CA ARG E 560 35.35 11.50 -19.97
C ARG E 560 34.67 10.67 -21.07
N ALA E 561 35.37 10.52 -22.20
CA ALA E 561 34.84 9.69 -23.29
C ALA E 561 34.76 8.28 -22.73
N SER E 562 33.63 7.62 -22.95
CA SER E 562 33.37 6.33 -22.33
C SER E 562 32.59 5.37 -23.20
N THR E 563 31.89 5.89 -24.20
CA THR E 563 30.83 5.12 -24.84
C THR E 563 30.89 5.08 -26.36
N SER E 564 30.62 3.89 -26.89
CA SER E 564 30.58 3.66 -28.34
C SER E 564 31.96 3.82 -28.98
N SER E 565 32.87 2.89 -28.66
CA SER E 565 34.30 2.99 -29.00
C SER E 565 34.90 4.31 -28.48
N ASN E 566 34.43 4.73 -27.31
CA ASN E 566 34.84 5.98 -26.69
C ASN E 566 34.68 7.22 -27.60
N ILE E 567 33.69 7.21 -28.50
CA ILE E 567 33.43 8.39 -29.33
C ILE E 567 32.78 9.50 -28.49
N ARG E 568 31.95 9.12 -27.52
CA ARG E 568 31.23 10.13 -26.78
C ARG E 568 31.35 10.02 -25.27
N SER E 569 31.13 11.13 -24.59
CA SER E 569 30.93 11.08 -23.14
C SER E 569 29.41 11.01 -22.96
N GLU E 570 28.95 10.46 -21.84
CA GLU E 570 27.52 10.17 -21.73
C GLU E 570 27.02 10.27 -20.31
N VAL E 571 25.93 11.02 -20.15
CA VAL E 571 25.15 11.05 -18.93
C VAL E 571 23.74 10.65 -19.33
N LEU E 572 23.20 9.66 -18.64
CA LEU E 572 21.85 9.18 -18.83
C LEU E 572 21.04 9.46 -17.56
N MET E 573 19.82 9.99 -17.72
CA MET E 573 18.97 10.27 -16.56
C MET E 573 17.79 9.31 -16.48
N GLU E 574 17.58 8.71 -15.31
CA GLU E 574 16.49 7.75 -15.14
C GLU E 574 15.28 8.42 -14.50
N GLY E 575 14.33 7.59 -14.04
CA GLY E 575 13.07 8.10 -13.53
C GLY E 575 12.05 8.33 -14.64
N GLU E 576 10.87 8.77 -14.24
CA GLU E 576 9.88 9.28 -15.18
C GLU E 576 10.49 10.45 -15.97
N TYR E 577 11.15 11.36 -15.25
CA TYR E 577 11.77 12.50 -15.88
C TYR E 577 13.06 12.88 -15.19
N GLY E 578 13.91 13.60 -15.90
CA GLY E 578 15.13 14.11 -15.31
C GLY E 578 15.00 15.61 -15.17
N PHE E 579 15.74 16.17 -14.22
CA PHE E 579 15.70 17.60 -13.95
C PHE E 579 17.11 18.07 -13.72
N ILE E 580 17.56 19.05 -14.51
CA ILE E 580 18.83 19.71 -14.29
C ILE E 580 18.49 21.17 -14.03
N GLY E 581 18.77 21.64 -12.83
CA GLY E 581 18.42 22.99 -12.43
C GLY E 581 19.52 23.71 -11.65
N LYS E 582 19.16 24.89 -11.18
CA LYS E 582 20.11 25.89 -10.70
C LYS E 582 19.63 26.40 -9.35
N SER E 583 20.42 26.13 -8.32
CA SER E 583 20.12 26.62 -6.98
C SER E 583 20.09 28.15 -6.98
N ILE E 584 19.44 28.74 -5.97
CA ILE E 584 19.54 30.19 -5.76
C ILE E 584 20.91 30.53 -5.20
N PRO E 585 21.65 31.38 -5.90
CA PRO E 585 23.00 31.78 -5.47
C PRO E 585 22.96 32.50 -4.12
N THR E 586 23.92 32.19 -3.26
CA THR E 586 24.03 32.81 -1.93
C THR E 586 24.44 34.26 -2.02
N ASP E 587 25.40 34.56 -2.89
CA ASP E 587 26.04 35.87 -2.89
C ASP E 587 25.49 36.82 -3.94
N ASN E 588 25.20 36.31 -5.14
CA ASN E 588 24.64 37.15 -6.18
C ASN E 588 23.46 36.46 -6.87
N PRO E 589 22.32 36.39 -6.17
CA PRO E 589 21.12 35.75 -6.75
C PRO E 589 20.70 36.42 -8.07
N ALA E 590 21.03 37.70 -8.24
CA ALA E 590 20.68 38.41 -9.48
C ALA E 590 21.41 37.89 -10.73
N GLY E 591 22.38 36.99 -10.51
CA GLY E 591 23.10 36.34 -11.58
C GLY E 591 22.61 34.92 -11.94
N GLN E 592 21.64 34.42 -11.18
CA GLN E 592 21.16 33.05 -11.30
C GLN E 592 20.86 32.62 -12.76
N ARG E 593 21.59 31.61 -13.23
CA ARG E 593 21.44 31.09 -14.61
C ARG E 593 22.31 29.84 -14.84
N ILE E 594 22.00 29.09 -15.90
CA ILE E 594 22.89 28.03 -16.39
C ILE E 594 23.18 28.29 -17.87
N ILE E 595 24.45 28.19 -18.23
CA ILE E 595 24.91 28.27 -19.61
C ILE E 595 25.22 26.84 -20.10
N PHE E 596 24.55 26.43 -21.17
CA PHE E 596 24.83 25.19 -21.85
C PHE E 596 25.58 25.56 -23.09
N CYS E 597 26.71 24.89 -23.34
CA CYS E 597 27.63 25.30 -24.40
C CYS E 597 28.16 24.09 -25.18
N GLY E 598 28.27 24.22 -26.50
CA GLY E 598 28.82 23.16 -27.34
C GLY E 598 30.33 23.28 -27.49
N GLY E 599 30.91 24.23 -26.77
CA GLY E 599 32.34 24.49 -26.75
C GLY E 599 32.87 24.55 -25.33
N GLU E 600 34.18 24.82 -25.21
CA GLU E 600 34.94 24.58 -23.98
C GLU E 600 34.79 25.62 -22.87
N GLY E 601 34.22 26.79 -23.21
CA GLY E 601 34.30 27.94 -22.30
C GLY E 601 33.01 28.76 -22.19
N THR E 602 32.94 29.62 -21.18
CA THR E 602 31.75 30.45 -20.97
C THR E 602 31.56 31.46 -22.09
N SER E 603 32.65 31.83 -22.76
CA SER E 603 32.55 32.72 -23.92
C SER E 603 31.86 32.04 -25.08
N SER E 604 30.84 32.71 -25.63
CA SER E 604 30.08 32.22 -26.80
C SER E 604 30.99 32.01 -28.01
N THR E 605 32.14 32.67 -27.96
CA THR E 605 33.22 32.47 -28.88
C THR E 605 33.62 30.97 -29.03
N THR E 606 33.54 30.21 -27.94
CA THR E 606 33.93 28.79 -27.97
C THR E 606 32.92 27.82 -28.57
N GLY E 607 31.66 28.23 -28.72
CA GLY E 607 30.63 27.29 -29.15
C GLY E 607 29.25 27.89 -29.06
N ALA E 608 28.28 27.21 -29.67
CA ALA E 608 26.89 27.64 -29.54
C ALA E 608 26.43 27.48 -28.07
N GLN E 609 25.60 28.42 -27.62
CA GLN E 609 25.14 28.44 -26.22
C GLN E 609 23.65 28.70 -26.15
N ILE E 610 23.03 28.14 -25.11
CA ILE E 610 21.71 28.51 -24.69
C ILE E 610 21.84 28.78 -23.19
N THR E 611 21.42 29.96 -22.78
CA THR E 611 21.46 30.34 -21.39
C THR E 611 20.05 30.46 -20.84
N LEU E 612 19.77 29.70 -19.79
CA LEU E 612 18.49 29.79 -19.12
C LEU E 612 18.67 30.60 -17.86
N TYR E 613 17.92 31.69 -17.75
CA TYR E 613 18.03 32.60 -16.62
C TYR E 613 17.00 32.24 -15.52
N GLY E 614 17.43 32.27 -14.26
CA GLY E 614 16.53 31.98 -13.17
C GLY E 614 15.55 33.10 -12.93
N ALA E 615 14.51 32.82 -12.13
CA ALA E 615 13.54 33.85 -11.78
C ALA E 615 14.17 34.96 -10.92
N ASN E 616 15.30 34.64 -10.28
CA ASN E 616 16.00 35.56 -9.40
C ASN E 616 16.93 36.47 -10.17
N ASN E 617 17.18 36.15 -11.44
CA ASN E 617 18.08 36.93 -12.29
C ASN E 617 17.49 38.30 -12.56
N THR E 618 18.36 39.30 -12.70
CA THR E 618 17.96 40.61 -13.18
C THR E 618 17.08 40.52 -14.44
N ASP E 619 17.44 39.63 -15.34
CA ASP E 619 16.60 39.34 -16.49
C ASP E 619 15.83 38.07 -16.20
N SER E 620 14.73 38.26 -15.47
CA SER E 620 14.01 37.14 -14.88
C SER E 620 13.41 36.19 -15.92
N ARG E 621 13.82 34.92 -15.86
CA ARG E 621 13.31 33.88 -16.78
C ARG E 621 13.60 34.17 -18.25
N ARG E 622 14.64 34.96 -18.53
CA ARG E 622 15.10 35.18 -19.90
C ARG E 622 15.71 33.88 -20.49
N ILE E 623 15.56 33.66 -21.81
CA ILE E 623 16.35 32.67 -22.51
C ILE E 623 17.06 33.36 -23.67
N VAL E 624 18.37 33.19 -23.74
CA VAL E 624 19.13 33.64 -24.90
C VAL E 624 19.65 32.41 -25.61
N TYR E 625 19.28 32.27 -26.88
CA TYR E 625 19.85 31.25 -27.76
C TYR E 625 20.91 31.96 -28.60
N ASN E 626 22.14 31.47 -28.53
CA ASN E 626 23.27 32.15 -29.17
C ASN E 626 24.10 31.19 -30.02
N GLY E 627 23.91 31.27 -31.34
CA GLY E 627 24.62 30.40 -32.27
C GLY E 627 24.80 31.12 -33.60
N ASP E 628 25.63 30.58 -34.51
CA ASP E 628 25.83 31.20 -35.82
C ASP E 628 24.83 30.66 -36.85
N GLU E 629 24.05 29.68 -36.43
CA GLU E 629 22.91 29.16 -37.18
C GLU E 629 21.88 28.72 -36.16
N HIS E 630 20.60 28.99 -36.42
CA HIS E 630 19.52 28.48 -35.57
C HIS E 630 18.58 27.72 -36.49
N LEU E 631 18.64 26.41 -36.44
CA LEU E 631 17.90 25.62 -37.43
C LEU E 631 16.87 24.73 -36.77
N PHE E 632 15.61 24.98 -37.10
CA PHE E 632 14.50 24.24 -36.52
C PHE E 632 14.11 23.09 -37.43
N GLN E 633 14.42 21.87 -37.00
CA GLN E 633 14.19 20.68 -37.77
C GLN E 633 12.93 19.93 -37.34
N SER E 634 12.25 19.31 -38.32
CA SER E 634 11.18 18.31 -38.11
C SER E 634 9.81 18.82 -37.71
N ALA E 635 9.69 20.11 -37.42
CA ALA E 635 8.39 20.64 -36.99
C ALA E 635 8.29 22.15 -37.18
N ASP E 636 7.06 22.63 -37.27
CA ASP E 636 6.78 24.06 -37.36
C ASP E 636 7.35 24.77 -36.12
N VAL E 637 7.71 26.04 -36.26
CA VAL E 637 8.07 26.89 -35.13
C VAL E 637 6.79 27.61 -34.70
N LYS E 638 6.26 27.22 -33.55
CA LYS E 638 4.93 27.66 -33.11
C LYS E 638 4.91 28.32 -31.74
N PRO E 639 3.97 29.22 -31.49
CA PRO E 639 3.73 29.68 -30.13
C PRO E 639 2.94 28.59 -29.40
N TYR E 640 3.13 28.50 -28.10
CA TYR E 640 2.41 27.53 -27.26
C TYR E 640 0.91 27.75 -27.27
N ASN E 641 0.54 29.03 -27.16
CA ASN E 641 -0.85 29.45 -27.12
C ASN E 641 -1.24 30.11 -28.42
N ASP E 642 -2.54 30.26 -28.62
CA ASP E 642 -3.09 30.76 -29.87
C ASP E 642 -3.36 32.26 -29.79
N ASN E 643 -2.68 33.03 -30.65
CA ASN E 643 -2.92 34.46 -30.77
C ASN E 643 -2.65 35.20 -29.45
N VAL E 644 -1.54 34.84 -28.80
CA VAL E 644 -1.12 35.43 -27.53
C VAL E 644 0.27 36.08 -27.61
N THR E 645 1.20 35.42 -28.29
CA THR E 645 2.58 35.90 -28.39
C THR E 645 2.95 36.21 -29.84
N ALA E 646 3.99 37.04 -30.02
CA ALA E 646 4.34 37.58 -31.35
C ALA E 646 5.69 37.08 -31.86
N LEU E 647 5.95 37.33 -33.15
CA LEU E 647 7.28 37.24 -33.72
C LEU E 647 7.89 38.63 -33.70
N GLY E 648 9.02 38.78 -33.02
CA GLY E 648 9.62 40.10 -32.85
C GLY E 648 8.85 41.07 -31.97
N GLY E 649 9.30 42.32 -32.03
CA GLY E 649 8.71 43.43 -31.29
C GLY E 649 9.23 44.74 -31.88
N PRO E 650 8.65 45.87 -31.47
CA PRO E 650 9.04 47.17 -32.03
C PRO E 650 10.56 47.47 -31.92
N SER E 651 11.15 47.00 -30.84
CA SER E 651 12.56 47.21 -30.54
C SER E 651 13.42 46.01 -30.94
N ASN E 652 12.76 44.95 -31.38
CA ASN E 652 13.45 43.71 -31.77
C ASN E 652 12.80 43.20 -33.04
N ARG E 653 12.98 43.93 -34.13
CA ARG E 653 12.41 43.51 -35.41
C ARG E 653 13.28 42.51 -36.14
N PHE E 654 12.64 41.54 -36.78
CA PHE E 654 13.32 40.66 -37.71
C PHE E 654 13.42 41.48 -39.00
N THR E 655 14.49 41.28 -39.78
CA THR E 655 14.69 42.10 -40.99
C THR E 655 13.61 41.87 -42.01
N THR E 656 13.26 40.59 -42.18
CA THR E 656 12.19 40.17 -43.06
C THR E 656 11.83 38.73 -42.70
N ALA E 657 10.88 38.15 -43.43
CA ALA E 657 10.56 36.74 -43.34
C ALA E 657 10.59 36.14 -44.72
N TYR E 658 11.36 35.07 -44.86
CA TYR E 658 11.42 34.34 -46.12
C TYR E 658 10.39 33.23 -46.11
N LEU E 659 9.39 33.39 -46.97
CA LEU E 659 8.24 32.49 -47.02
C LEU E 659 7.99 31.91 -48.40
N GLY E 660 7.41 30.70 -48.41
CA GLY E 660 6.95 30.07 -49.64
C GLY E 660 5.59 30.55 -50.13
N SER E 661 4.84 31.26 -49.29
CA SER E 661 3.54 31.82 -49.66
C SER E 661 3.22 32.96 -48.68
N ASN E 662 2.22 33.79 -49.00
CA ASN E 662 1.85 34.88 -48.09
C ASN E 662 1.42 34.36 -46.72
N PRO E 663 1.59 35.18 -45.67
CA PRO E 663 1.07 34.83 -44.35
C PRO E 663 -0.43 34.55 -44.42
N ILE E 664 -0.87 33.57 -43.63
CA ILE E 664 -2.28 33.26 -43.50
C ILE E 664 -2.79 34.03 -42.30
N VAL E 665 -3.50 35.13 -42.57
CA VAL E 665 -3.96 35.97 -41.47
C VAL E 665 -5.46 35.89 -41.26
N THR E 666 -5.83 35.81 -39.99
CA THR E 666 -7.20 35.50 -39.60
C THR E 666 -7.51 36.06 -38.21
N SER F 1 62.14 -39.86 26.27
CA SER F 1 63.03 -38.73 25.85
C SER F 1 63.20 -38.70 24.33
N ALA F 2 62.86 -37.56 23.73
CA ALA F 2 63.16 -37.33 22.31
C ALA F 2 64.61 -36.90 22.19
N LYS F 3 65.33 -37.45 21.21
CA LYS F 3 66.77 -37.17 21.05
C LYS F 3 67.10 -35.80 20.42
N GLY F 4 66.27 -35.35 19.48
CA GLY F 4 66.51 -34.09 18.78
C GLY F 4 67.87 -34.03 18.12
N ASP F 5 68.22 -35.07 17.36
CA ASP F 5 69.52 -35.17 16.69
C ASP F 5 69.38 -35.20 15.16
N GLY F 6 68.15 -35.05 14.67
CA GLY F 6 67.91 -35.00 13.23
C GLY F 6 68.05 -36.34 12.52
N VAL F 7 68.28 -37.41 13.29
CA VAL F 7 68.47 -38.74 12.72
C VAL F 7 67.65 -39.81 13.45
N THR F 8 67.70 -39.82 14.78
CA THR F 8 66.91 -40.79 15.52
C THR F 8 65.44 -40.48 15.32
N ASP F 9 64.65 -41.52 15.05
CA ASP F 9 63.21 -41.37 14.89
C ASP F 9 62.58 -41.02 16.25
N ASP F 10 62.04 -39.80 16.37
CA ASP F 10 61.55 -39.28 17.63
C ASP F 10 60.00 -39.27 17.65
N THR F 11 59.40 -39.90 16.64
CA THR F 11 57.96 -39.88 16.47
C THR F 11 57.20 -40.29 17.73
N ALA F 12 57.53 -41.46 18.27
CA ALA F 12 56.83 -41.99 19.44
C ALA F 12 57.01 -41.09 20.67
N ALA F 13 58.25 -40.70 20.95
CA ALA F 13 58.55 -39.82 22.08
C ALA F 13 57.74 -38.51 21.99
N LEU F 14 57.67 -37.93 20.80
CA LEU F 14 56.89 -36.70 20.60
C LEU F 14 55.40 -36.95 20.81
N THR F 15 54.88 -38.05 20.26
CA THR F 15 53.50 -38.48 20.52
C THR F 15 53.15 -38.58 22.02
N SER F 16 53.98 -39.28 22.79
CA SER F 16 53.70 -39.40 24.22
C SER F 16 53.83 -38.05 24.96
N ALA F 17 54.77 -37.19 24.53
CA ALA F 17 54.89 -35.84 25.09
C ALA F 17 53.64 -35.00 24.84
N LEU F 18 53.09 -35.08 23.63
CA LEU F 18 51.87 -34.35 23.28
C LEU F 18 50.67 -34.87 24.07
N ASN F 19 50.66 -36.18 24.27
CA ASN F 19 49.55 -36.81 24.99
C ASN F 19 49.57 -36.46 26.47
N ASP F 20 50.76 -36.19 27.00
CA ASP F 20 50.94 -35.98 28.44
C ASP F 20 50.98 -34.51 28.88
N THR F 21 51.02 -33.58 27.93
CA THR F 21 51.02 -32.16 28.29
C THR F 21 49.73 -31.44 27.87
N PRO F 22 49.33 -30.43 28.63
CA PRO F 22 48.14 -29.62 28.28
C PRO F 22 48.26 -29.02 26.88
N VAL F 23 47.15 -28.95 26.14
CA VAL F 23 47.20 -28.43 24.76
C VAL F 23 47.70 -26.99 24.66
N GLY F 24 47.49 -26.20 25.71
CA GLY F 24 47.93 -24.81 25.73
C GLY F 24 49.42 -24.60 25.99
N GLN F 25 50.11 -25.63 26.49
CA GLN F 25 51.54 -25.57 26.73
C GLN F 25 52.33 -25.42 25.43
N LYS F 26 53.24 -24.46 25.38
CA LYS F 26 54.16 -24.35 24.25
C LYS F 26 55.37 -25.26 24.49
N ILE F 27 55.45 -26.34 23.72
CA ILE F 27 56.56 -27.29 23.88
C ILE F 27 57.83 -26.74 23.20
N ASN F 28 58.81 -26.38 24.02
CA ASN F 28 60.05 -25.81 23.50
C ASN F 28 61.00 -26.91 23.03
N GLY F 29 61.30 -26.92 21.73
CA GLY F 29 62.24 -27.89 21.14
C GLY F 29 63.71 -27.53 21.25
N ASN F 30 64.00 -26.39 21.87
CA ASN F 30 65.37 -25.98 22.18
C ASN F 30 66.26 -25.81 20.94
N GLY F 31 65.65 -25.43 19.82
CA GLY F 31 66.36 -25.19 18.58
C GLY F 31 66.82 -26.43 17.83
N LYS F 32 66.40 -27.59 18.31
CA LYS F 32 66.83 -28.87 17.74
C LYS F 32 65.95 -29.32 16.57
N THR F 33 66.45 -30.31 15.82
CA THR F 33 65.73 -30.89 14.70
C THR F 33 65.34 -32.31 15.06
N TYR F 34 64.05 -32.62 14.89
CA TYR F 34 63.48 -33.91 15.32
C TYR F 34 63.01 -34.69 14.11
N LYS F 35 63.56 -35.88 13.91
CA LYS F 35 63.15 -36.75 12.81
C LYS F 35 61.85 -37.43 13.19
N VAL F 36 60.87 -37.35 12.29
CA VAL F 36 59.57 -38.00 12.49
C VAL F 36 59.13 -38.71 11.21
N THR F 37 58.26 -39.72 11.36
CA THR F 37 57.69 -40.43 10.19
C THR F 37 56.33 -39.87 9.78
N SER F 38 55.78 -38.98 10.61
CA SER F 38 54.60 -38.19 10.26
C SER F 38 54.73 -36.90 11.03
N LEU F 39 54.26 -35.79 10.47
CA LEU F 39 54.33 -34.51 11.16
C LEU F 39 53.32 -34.49 12.31
N PRO F 40 53.77 -34.13 13.51
CA PRO F 40 52.88 -34.10 14.67
C PRO F 40 52.15 -32.76 14.64
N ASP F 41 51.48 -32.42 15.73
CA ASP F 41 50.74 -31.16 15.78
C ASP F 41 51.71 -29.98 15.92
N ILE F 42 52.14 -29.43 14.78
CA ILE F 42 53.20 -28.42 14.76
C ILE F 42 52.83 -27.17 15.58
N SER F 43 51.53 -26.85 15.61
CA SER F 43 51.05 -25.67 16.34
C SER F 43 51.37 -25.69 17.84
N ARG F 44 51.65 -26.87 18.41
CA ARG F 44 51.90 -26.98 19.85
C ARG F 44 53.37 -26.80 20.24
N PHE F 45 54.24 -26.59 19.24
CA PHE F 45 55.67 -26.46 19.49
C PHE F 45 56.16 -25.06 19.23
N ILE F 46 57.18 -24.66 19.99
CA ILE F 46 57.95 -23.47 19.65
C ILE F 46 59.43 -23.86 19.53
N ASN F 47 60.18 -23.10 18.73
CA ASN F 47 61.64 -23.27 18.63
C ASN F 47 62.02 -24.71 18.29
N THR F 48 61.27 -25.30 17.35
CA THR F 48 61.41 -26.68 16.94
C THR F 48 61.45 -26.78 15.41
N ARG F 49 62.32 -27.63 14.89
CA ARG F 49 62.31 -27.98 13.47
C ARG F 49 62.13 -29.50 13.31
N PHE F 50 61.26 -29.92 12.38
CA PHE F 50 61.07 -31.36 12.11
C PHE F 50 61.72 -31.71 10.77
N VAL F 51 62.35 -32.89 10.69
CA VAL F 51 62.77 -33.47 9.39
C VAL F 51 61.83 -34.58 9.06
N TYR F 52 61.32 -34.57 7.84
CA TYR F 52 60.26 -35.46 7.48
C TYR F 52 60.38 -35.80 6.01
N GLU F 53 60.29 -37.09 5.71
CA GLU F 53 60.38 -37.55 4.33
C GLU F 53 59.00 -37.90 3.82
N ARG F 54 58.30 -36.90 3.31
CA ARG F 54 56.95 -37.15 2.78
C ARG F 54 57.01 -38.16 1.63
N ILE F 55 57.99 -37.97 0.76
CA ILE F 55 58.37 -38.96 -0.24
C ILE F 55 59.70 -39.56 0.23
N PRO F 56 59.73 -40.88 0.43
CA PRO F 56 60.95 -41.59 0.83
C PRO F 56 62.18 -41.11 0.10
N GLY F 57 63.21 -40.77 0.85
CA GLY F 57 64.47 -40.34 0.26
C GLY F 57 64.60 -38.85 0.04
N GLN F 58 63.53 -38.11 0.33
CA GLN F 58 63.56 -36.67 0.11
C GLN F 58 63.20 -35.92 1.38
N PRO F 59 64.14 -35.79 2.30
CA PRO F 59 63.87 -35.07 3.54
C PRO F 59 63.64 -33.59 3.28
N LEU F 60 62.61 -33.06 3.90
CA LEU F 60 62.36 -31.63 3.94
C LEU F 60 62.20 -31.24 5.40
N TYR F 61 62.37 -29.97 5.70
CA TYR F 61 62.40 -29.49 7.09
C TYR F 61 61.20 -28.58 7.32
N TYR F 62 60.63 -28.66 8.53
CA TYR F 62 59.41 -27.94 8.87
C TYR F 62 59.60 -27.16 10.17
N ALA F 63 59.42 -25.85 10.08
CA ALA F 63 59.66 -24.98 11.23
C ALA F 63 58.39 -24.70 12.02
N SER F 64 58.47 -24.91 13.33
CA SER F 64 57.44 -24.46 14.24
C SER F 64 57.55 -22.94 14.36
N GLU F 65 56.57 -22.32 15.03
CA GLU F 65 56.67 -20.90 15.34
C GLU F 65 57.91 -20.67 16.19
N GLU F 66 58.57 -19.54 15.95
CA GLU F 66 59.71 -19.10 16.72
C GLU F 66 61.01 -19.88 16.46
N PHE F 67 60.99 -20.82 15.52
CA PHE F 67 62.25 -21.47 15.16
C PHE F 67 63.08 -20.49 14.34
N VAL F 68 62.44 -19.82 13.39
CA VAL F 68 63.07 -18.70 12.69
C VAL F 68 62.43 -17.41 13.17
N GLN F 69 63.24 -16.35 13.32
CA GLN F 69 62.70 -15.02 13.62
C GLN F 69 62.19 -14.47 12.32
N GLY F 70 60.89 -14.66 12.09
CA GLY F 70 60.30 -14.35 10.81
C GLY F 70 58.81 -14.21 10.95
N GLU F 71 58.19 -13.59 9.94
CA GLU F 71 56.78 -13.27 9.96
C GLU F 71 56.29 -13.07 8.53
N LEU F 72 55.08 -13.55 8.23
CA LEU F 72 54.46 -13.38 6.92
C LEU F 72 53.52 -12.20 6.96
N PHE F 73 53.53 -11.38 5.91
CA PHE F 73 52.61 -10.25 5.79
C PHE F 73 51.84 -10.43 4.50
N LYS F 74 50.60 -9.97 4.46
CA LYS F 74 49.85 -9.84 3.20
C LYS F 74 50.01 -8.38 2.77
N ILE F 75 50.38 -8.13 1.52
CA ILE F 75 50.81 -6.79 1.11
C ILE F 75 50.03 -6.19 -0.05
N THR F 76 49.27 -7.02 -0.78
CA THR F 76 48.24 -6.46 -1.65
C THR F 76 46.92 -7.13 -1.34
N ASP F 77 45.84 -6.43 -1.66
CA ASP F 77 44.50 -6.96 -1.52
C ASP F 77 43.60 -6.26 -2.53
N THR F 78 43.66 -6.72 -3.76
CA THR F 78 43.13 -6.06 -4.94
C THR F 78 42.41 -7.11 -5.75
N PRO F 79 41.35 -6.73 -6.49
CA PRO F 79 40.59 -7.71 -7.27
C PRO F 79 41.31 -8.17 -8.55
N TYR F 80 42.41 -7.51 -8.92
CA TYR F 80 43.21 -8.00 -10.04
C TYR F 80 43.90 -9.32 -9.68
N TYR F 81 44.29 -10.05 -10.72
CA TYR F 81 45.19 -11.20 -10.59
C TYR F 81 46.58 -10.60 -10.28
N ASN F 82 46.94 -10.54 -9.00
CA ASN F 82 48.20 -9.92 -8.60
C ASN F 82 49.21 -10.98 -8.31
N ALA F 83 50.27 -11.03 -9.13
CA ALA F 83 51.28 -12.09 -9.06
C ALA F 83 52.59 -11.62 -9.71
N TRP F 84 53.55 -12.54 -9.87
CA TRP F 84 54.81 -12.22 -10.52
C TRP F 84 55.60 -11.00 -9.97
N PRO F 85 55.94 -10.96 -8.68
CA PRO F 85 56.97 -10.03 -8.24
C PRO F 85 58.28 -10.41 -8.95
N GLN F 86 58.36 -11.66 -9.42
CA GLN F 86 59.54 -12.15 -10.15
C GLN F 86 59.96 -11.23 -11.31
N ASP F 87 61.22 -10.85 -11.39
CA ASP F 87 62.14 -10.76 -10.27
C ASP F 87 62.58 -9.31 -10.24
N LYS F 88 61.81 -8.52 -9.50
CA LYS F 88 61.79 -7.07 -9.69
C LYS F 88 62.06 -6.26 -8.43
N ALA F 89 62.00 -6.89 -7.26
CA ALA F 89 62.01 -6.13 -6.02
C ALA F 89 63.36 -5.40 -5.83
N PHE F 90 63.31 -4.25 -5.19
CA PHE F 90 64.54 -3.54 -4.83
C PHE F 90 64.28 -2.67 -3.63
N VAL F 91 65.36 -2.24 -2.99
CA VAL F 91 65.21 -1.18 -2.03
C VAL F 91 65.98 0.05 -2.46
N TYR F 92 65.32 1.20 -2.31
CA TYR F 92 65.96 2.45 -2.72
C TYR F 92 65.70 3.50 -1.64
N GLU F 93 66.79 4.00 -1.05
CA GLU F 93 66.72 5.07 -0.05
C GLU F 93 65.61 4.81 1.01
N ASN F 94 65.77 3.67 1.68
CA ASN F 94 64.95 3.27 2.84
C ASN F 94 63.58 2.75 2.53
N VAL F 95 63.20 2.80 1.26
CA VAL F 95 61.87 2.30 0.86
C VAL F 95 62.00 0.94 0.13
N ILE F 96 61.17 -0.01 0.53
CA ILE F 96 61.17 -1.32 -0.10
C ILE F 96 60.11 -1.30 -1.19
N TYR F 97 60.51 -1.67 -2.40
CA TYR F 97 59.65 -1.67 -3.58
C TYR F 97 59.34 -3.09 -3.98
N ALA F 98 58.06 -3.40 -4.11
CA ALA F 98 57.62 -4.71 -4.60
C ALA F 98 56.80 -4.57 -5.91
N PRO F 99 57.48 -4.48 -7.06
CA PRO F 99 56.79 -4.42 -8.35
C PRO F 99 56.22 -5.79 -8.70
N TYR F 100 55.14 -5.78 -9.46
CA TYR F 100 54.45 -6.99 -9.84
C TYR F 100 53.65 -6.67 -11.10
N MET F 101 52.84 -7.61 -11.54
CA MET F 101 51.87 -7.34 -12.58
C MET F 101 50.48 -7.69 -12.09
N GLY F 102 49.57 -6.76 -12.30
CA GLY F 102 48.18 -6.97 -11.96
C GLY F 102 47.44 -7.16 -13.27
N SER F 103 46.91 -8.35 -13.48
CA SER F 103 46.21 -8.67 -14.72
C SER F 103 44.89 -9.34 -14.40
N ASP F 104 44.36 -10.10 -15.35
CA ASP F 104 43.20 -10.93 -15.09
C ASP F 104 43.50 -12.41 -15.31
N ARG F 105 44.75 -12.73 -15.65
CA ARG F 105 45.11 -14.09 -16.03
C ARG F 105 46.60 -14.27 -16.25
N HIS F 106 47.00 -15.53 -16.46
CA HIS F 106 48.36 -15.82 -16.93
C HIS F 106 48.45 -15.37 -18.38
N GLY F 107 48.78 -14.09 -18.54
CA GLY F 107 48.73 -13.45 -19.85
C GLY F 107 48.68 -11.96 -19.58
N VAL F 108 48.60 -11.17 -20.66
CA VAL F 108 48.71 -9.72 -20.57
C VAL F 108 47.38 -8.97 -20.71
N SER F 109 46.28 -9.70 -20.84
CA SER F 109 44.94 -9.09 -20.81
C SER F 109 44.75 -8.25 -19.52
N ARG F 110 44.27 -7.01 -19.67
CA ARG F 110 44.04 -6.07 -18.54
C ARG F 110 45.27 -5.74 -17.69
N LEU F 111 46.48 -6.05 -18.16
CA LEU F 111 47.63 -6.01 -17.26
C LEU F 111 48.25 -4.60 -17.14
N HIS F 112 48.58 -4.23 -15.90
CA HIS F 112 49.44 -3.08 -15.61
C HIS F 112 50.62 -3.57 -14.82
N VAL F 113 51.83 -3.20 -15.25
CA VAL F 113 53.00 -3.37 -14.40
C VAL F 113 52.75 -2.41 -13.25
N SER F 114 52.87 -2.93 -12.03
CA SER F 114 52.45 -2.20 -10.85
C SER F 114 53.53 -2.33 -9.81
N TRP F 115 53.46 -1.50 -8.77
CA TRP F 115 54.15 -1.82 -7.52
C TRP F 115 53.39 -1.38 -6.27
N VAL F 116 53.67 -2.06 -5.17
CA VAL F 116 53.41 -1.50 -3.85
C VAL F 116 54.75 -1.28 -3.15
N LYS F 117 54.75 -0.41 -2.13
CA LYS F 117 55.99 -0.03 -1.46
C LYS F 117 55.75 -0.01 0.04
N SER F 118 56.82 -0.19 0.80
CA SER F 118 56.71 -0.05 2.24
C SER F 118 57.66 0.99 2.77
N GLY F 119 57.12 1.90 3.57
CA GLY F 119 57.93 2.93 4.21
C GLY F 119 58.22 2.64 5.68
N ASP F 120 57.91 1.44 6.14
CA ASP F 120 58.14 1.12 7.54
C ASP F 120 58.74 -0.28 7.71
N ASP F 121 59.63 -0.63 6.78
CA ASP F 121 60.38 -1.89 6.84
C ASP F 121 59.45 -3.11 6.79
N GLY F 122 58.37 -3.00 6.03
CA GLY F 122 57.58 -4.17 5.73
C GLY F 122 56.28 -4.31 6.51
N GLN F 123 56.05 -3.44 7.50
CA GLN F 123 54.87 -3.55 8.35
C GLN F 123 53.60 -3.15 7.62
N THR F 124 53.72 -2.13 6.79
CA THR F 124 52.56 -1.64 6.09
C THR F 124 52.98 -1.29 4.67
N TRP F 125 52.02 -1.39 3.76
CA TRP F 125 52.29 -1.24 2.33
C TRP F 125 51.37 -0.20 1.66
N SER F 126 51.83 0.36 0.56
CA SER F 126 51.12 1.49 -0.09
C SER F 126 49.97 1.07 -0.99
N THR F 127 49.17 2.03 -1.45
CA THR F 127 48.11 1.79 -2.45
C THR F 127 48.83 1.44 -3.75
N PRO F 128 48.43 0.41 -4.48
CA PRO F 128 49.09 0.07 -5.74
C PRO F 128 49.20 1.25 -6.70
N GLU F 129 50.36 1.34 -7.34
CA GLU F 129 50.63 2.30 -8.39
C GLU F 129 50.85 1.61 -9.75
N TRP F 130 50.15 2.09 -10.78
CA TRP F 130 50.41 1.63 -12.15
C TRP F 130 51.62 2.32 -12.74
N LEU F 131 52.57 1.52 -13.22
CA LEU F 131 53.79 2.02 -13.85
C LEU F 131 53.69 2.07 -15.36
N THR F 132 52.79 1.25 -15.93
CA THR F 132 52.50 1.28 -17.36
C THR F 132 51.02 1.46 -17.56
N ASP F 133 50.69 2.06 -18.70
CA ASP F 133 49.32 2.12 -19.16
C ASP F 133 49.12 0.93 -20.06
N LEU F 134 47.86 0.66 -20.42
CA LEU F 134 47.60 -0.32 -21.46
C LEU F 134 48.33 0.15 -22.74
N HIS F 135 48.94 -0.80 -23.44
CA HIS F 135 49.65 -0.57 -24.70
C HIS F 135 48.72 0.16 -25.71
N PRO F 136 49.25 1.11 -26.48
CA PRO F 136 48.43 1.85 -27.47
C PRO F 136 47.65 0.92 -28.42
N ASP F 137 48.22 -0.25 -28.73
CA ASP F 137 47.58 -1.21 -29.63
C ASP F 137 46.79 -2.32 -28.93
N TYR F 138 46.55 -2.17 -27.62
CA TYR F 138 45.60 -2.99 -26.90
C TYR F 138 44.27 -2.94 -27.65
N PRO F 139 43.54 -4.07 -27.79
CA PRO F 139 43.82 -5.35 -27.12
C PRO F 139 44.57 -6.42 -27.93
N THR F 140 45.36 -6.04 -28.92
CA THR F 140 46.14 -7.04 -29.66
C THR F 140 47.39 -7.46 -28.87
N VAL F 141 48.01 -6.45 -28.27
CA VAL F 141 49.21 -6.63 -27.46
C VAL F 141 49.12 -5.78 -26.22
N ASN F 142 49.97 -6.09 -25.25
CA ASN F 142 50.07 -5.34 -24.00
C ASN F 142 51.44 -5.57 -23.35
N TYR F 143 51.78 -4.74 -22.36
CA TYR F 143 53.07 -4.81 -21.71
C TYR F 143 53.25 -5.98 -20.75
N HIS F 144 54.51 -6.24 -20.40
CA HIS F 144 54.86 -7.32 -19.51
C HIS F 144 56.25 -6.94 -18.97
N CYS F 145 56.54 -7.30 -17.73
CA CYS F 145 57.88 -7.04 -17.20
C CYS F 145 58.21 -8.00 -16.06
N MET F 146 59.40 -8.59 -16.16
CA MET F 146 59.94 -9.45 -15.09
C MET F 146 61.38 -9.06 -14.71
N SER F 147 61.81 -7.89 -15.16
CA SER F 147 63.16 -7.44 -14.90
C SER F 147 63.19 -5.94 -14.69
N MET F 148 63.64 -5.54 -13.51
CA MET F 148 63.55 -4.16 -13.07
C MET F 148 64.49 -4.01 -11.90
N GLY F 149 65.17 -2.87 -11.81
CA GLY F 149 66.04 -2.57 -10.69
C GLY F 149 66.56 -1.16 -10.79
N VAL F 150 67.56 -0.81 -9.99
CA VAL F 150 68.08 0.55 -9.96
C VAL F 150 69.58 0.55 -10.25
N CYS F 151 70.00 1.44 -11.14
CA CYS F 151 71.40 1.67 -11.43
C CYS F 151 71.64 3.17 -11.46
N ARG F 152 72.56 3.64 -10.62
CA ARG F 152 72.95 5.04 -10.50
C ARG F 152 71.73 5.96 -10.41
N ASN F 153 70.86 5.67 -9.45
CA ASN F 153 69.68 6.49 -9.17
C ASN F 153 68.64 6.59 -10.28
N ARG F 154 68.64 5.62 -11.20
CA ARG F 154 67.57 5.55 -12.18
C ARG F 154 66.97 4.17 -12.11
N LEU F 155 65.66 4.09 -12.23
CA LEU F 155 64.98 2.80 -12.40
C LEU F 155 65.12 2.32 -13.85
N PHE F 156 65.52 1.06 -14.03
CA PHE F 156 65.62 0.43 -15.36
C PHE F 156 64.70 -0.77 -15.35
N ALA F 157 64.04 -0.99 -16.48
CA ALA F 157 63.06 -2.08 -16.60
C ALA F 157 63.08 -2.57 -18.03
N MET F 158 63.07 -3.89 -18.20
CA MET F 158 62.85 -4.42 -19.55
C MET F 158 61.34 -4.50 -19.77
N ILE F 159 60.79 -3.59 -20.57
CA ILE F 159 59.34 -3.60 -20.83
C ILE F 159 59.10 -4.39 -22.11
N GLU F 160 58.52 -5.57 -21.95
CA GLU F 160 58.21 -6.44 -23.09
C GLU F 160 56.80 -6.13 -23.60
N THR F 161 56.61 -6.29 -24.92
CA THR F 161 55.30 -6.27 -25.54
C THR F 161 54.93 -7.71 -25.95
N ARG F 162 53.75 -8.17 -25.55
CA ARG F 162 53.33 -9.55 -25.83
C ARG F 162 51.91 -9.57 -26.38
N THR F 163 51.55 -10.60 -27.15
CA THR F 163 50.19 -10.71 -27.68
C THR F 163 49.23 -11.22 -26.60
N LEU F 164 47.99 -10.72 -26.61
CA LEU F 164 46.95 -11.22 -25.71
C LEU F 164 46.53 -12.65 -26.05
N ALA F 165 46.63 -12.99 -27.33
CA ALA F 165 46.18 -14.29 -27.83
C ALA F 165 47.03 -15.47 -27.36
N LYS F 166 48.36 -15.33 -27.41
CA LYS F 166 49.26 -16.45 -27.15
C LYS F 166 50.34 -16.09 -26.13
N ASN F 167 50.32 -14.85 -25.65
CA ASN F 167 51.41 -14.32 -24.81
C ASN F 167 52.76 -14.42 -25.53
N ALA F 168 52.74 -14.34 -26.86
CA ALA F 168 53.97 -14.37 -27.65
C ALA F 168 54.68 -13.02 -27.59
N LEU F 169 56.00 -13.06 -27.45
CA LEU F 169 56.80 -11.84 -27.34
C LEU F 169 56.94 -11.16 -28.71
N THR F 170 56.69 -9.84 -28.73
CA THR F 170 56.66 -9.05 -29.97
C THR F 170 57.76 -7.98 -30.02
N ASN F 171 58.14 -7.47 -28.85
CA ASN F 171 59.09 -6.37 -28.75
C ASN F 171 59.73 -6.34 -27.38
N CYS F 172 61.01 -6.00 -27.33
CA CYS F 172 61.71 -5.68 -26.09
C CYS F 172 62.17 -4.21 -26.10
N ALA F 173 61.95 -3.52 -24.99
CA ALA F 173 62.37 -2.13 -24.83
C ALA F 173 62.96 -1.91 -23.44
N LEU F 174 64.12 -1.26 -23.36
CA LEU F 174 64.63 -0.79 -22.07
C LEU F 174 64.03 0.57 -21.69
N TRP F 175 63.26 0.62 -20.62
CA TRP F 175 62.72 1.89 -20.12
C TRP F 175 63.47 2.28 -18.86
N ASP F 176 63.79 3.56 -18.73
CA ASP F 176 64.40 4.04 -17.51
C ASP F 176 63.98 5.48 -17.17
N ARG F 177 64.08 5.81 -15.88
CA ARG F 177 63.52 7.04 -15.34
C ARG F 177 64.26 7.37 -14.05
N PRO F 178 64.52 8.65 -13.76
CA PRO F 178 65.28 8.99 -12.55
C PRO F 178 64.40 8.69 -11.34
N MET F 179 65.00 8.16 -10.27
CA MET F 179 64.26 7.98 -9.02
C MET F 179 64.09 9.33 -8.29
N SER F 180 62.98 9.50 -7.59
CA SER F 180 62.79 10.73 -6.78
C SER F 180 63.70 10.71 -5.56
N ARG F 181 64.33 11.84 -5.27
CA ARG F 181 65.22 12.00 -4.11
C ARG F 181 65.21 13.43 -3.64
N SER F 182 65.48 13.63 -2.36
CA SER F 182 65.83 14.94 -1.82
C SER F 182 67.29 14.88 -1.48
N LEU F 183 68.03 15.90 -1.88
CA LEU F 183 69.45 15.98 -1.57
C LEU F 183 69.71 17.22 -0.75
N HIS F 184 70.42 17.07 0.37
CA HIS F 184 70.79 18.22 1.18
C HIS F 184 72.28 18.44 1.03
N LEU F 185 72.63 19.49 0.30
CA LEU F 185 74.01 19.66 -0.18
C LEU F 185 74.65 20.96 0.27
N THR F 186 75.97 20.97 0.23
CA THR F 186 76.77 22.15 0.52
C THR F 186 77.65 22.44 -0.69
N GLY F 187 77.47 23.64 -1.26
CA GLY F 187 78.26 24.10 -2.38
C GLY F 187 77.90 23.38 -3.67
N GLY F 188 78.71 23.59 -4.70
CA GLY F 188 78.56 22.85 -5.95
C GLY F 188 77.72 23.48 -7.04
N ILE F 189 77.16 24.66 -6.79
CA ILE F 189 76.49 25.39 -7.86
C ILE F 189 77.34 26.58 -8.24
N THR F 190 77.61 26.70 -9.54
CA THR F 190 78.33 27.84 -10.12
C THR F 190 77.61 28.36 -11.36
N LYS F 191 77.87 29.63 -11.68
CA LYS F 191 77.23 30.28 -12.80
C LYS F 191 78.27 31.26 -13.33
N ALA F 192 78.80 30.98 -14.51
CA ALA F 192 79.80 31.83 -15.12
C ALA F 192 79.18 33.13 -15.67
N ALA F 193 79.98 34.19 -15.64
CA ALA F 193 79.54 35.51 -16.10
C ALA F 193 79.14 35.45 -17.57
N ASN F 194 78.17 36.30 -17.94
CA ASN F 194 77.82 36.58 -19.35
C ASN F 194 77.15 35.43 -20.06
N GLN F 195 76.62 34.51 -19.26
CA GLN F 195 75.79 33.46 -19.79
C GLN F 195 74.79 33.03 -18.70
N ARG F 196 73.82 32.19 -19.08
CA ARG F 196 72.60 32.03 -18.28
C ARG F 196 72.46 30.66 -17.59
N TYR F 197 73.41 29.77 -17.87
CA TYR F 197 73.35 28.39 -17.38
C TYR F 197 74.10 28.28 -16.08
N ALA F 198 73.52 27.54 -15.14
CA ALA F 198 74.25 27.24 -13.91
C ALA F 198 74.63 25.78 -13.95
N THR F 199 75.85 25.48 -13.54
CA THR F 199 76.20 24.07 -13.40
C THR F 199 76.11 23.57 -11.97
N ILE F 200 75.55 22.37 -11.88
CA ILE F 200 75.15 21.79 -10.62
C ILE F 200 75.98 20.54 -10.42
N HIS F 201 76.80 20.55 -9.37
CA HIS F 201 77.61 19.37 -9.05
C HIS F 201 76.83 18.44 -8.13
N VAL F 202 76.41 17.29 -8.69
CA VAL F 202 75.70 16.26 -7.94
C VAL F 202 76.29 14.93 -8.39
N PRO F 203 77.17 14.38 -7.58
CA PRO F 203 77.84 13.13 -7.92
C PRO F 203 76.80 12.07 -8.28
N ASP F 204 77.05 11.36 -9.38
CA ASP F 204 76.22 10.27 -9.85
C ASP F 204 74.77 10.63 -9.90
N HIS F 205 74.47 11.83 -10.41
CA HIS F 205 73.09 12.34 -10.41
C HIS F 205 72.14 11.41 -11.21
N GLY F 206 72.65 10.79 -12.28
CA GLY F 206 71.83 9.94 -13.13
C GLY F 206 70.70 10.64 -13.89
N LEU F 207 70.78 11.95 -14.07
CA LEU F 207 69.75 12.68 -14.79
C LEU F 207 70.09 12.86 -16.27
N PHE F 208 69.06 12.98 -17.09
CA PHE F 208 69.21 13.30 -18.51
C PHE F 208 68.55 14.64 -18.82
N VAL F 209 68.91 15.22 -19.96
CA VAL F 209 68.28 16.42 -20.47
C VAL F 209 66.77 16.27 -20.43
N GLY F 210 66.11 17.30 -19.88
CA GLY F 210 64.67 17.36 -19.72
C GLY F 210 64.14 16.80 -18.41
N ASP F 211 64.99 16.14 -17.63
CA ASP F 211 64.54 15.59 -16.35
C ASP F 211 64.26 16.70 -15.32
N PHE F 212 63.32 16.41 -14.43
CA PHE F 212 62.88 17.38 -13.42
C PHE F 212 63.94 17.58 -12.33
N VAL F 213 64.21 18.84 -11.99
CA VAL F 213 65.01 19.18 -10.80
C VAL F 213 64.40 20.38 -10.11
N ASN F 214 64.33 20.37 -8.77
CA ASN F 214 63.80 21.48 -7.99
C ASN F 214 64.88 22.02 -7.05
N PHE F 215 64.98 23.34 -6.93
CA PHE F 215 66.00 23.96 -6.09
C PHE F 215 65.42 24.79 -4.95
N SER F 216 66.06 24.73 -3.78
CA SER F 216 65.70 25.59 -2.64
C SER F 216 66.95 26.09 -1.97
N ASN F 217 66.94 27.36 -1.58
CA ASN F 217 68.05 27.95 -0.85
C ASN F 217 69.40 27.91 -1.59
N SER F 218 69.36 27.92 -2.93
CA SER F 218 70.58 27.81 -3.74
C SER F 218 71.60 28.90 -3.45
N ALA F 219 71.12 30.12 -3.21
CA ALA F 219 71.98 31.31 -3.06
C ALA F 219 72.68 31.69 -4.38
N VAL F 220 72.09 31.25 -5.49
CA VAL F 220 72.63 31.53 -6.82
C VAL F 220 71.47 32.04 -7.67
N THR F 221 71.56 33.30 -8.07
CA THR F 221 70.49 33.95 -8.83
C THR F 221 70.01 33.14 -10.03
N GLY F 222 68.69 32.92 -10.11
CA GLY F 222 68.08 32.20 -11.22
C GLY F 222 67.89 30.71 -11.00
N VAL F 223 68.54 30.18 -9.97
CA VAL F 223 68.47 28.75 -9.66
C VAL F 223 67.53 28.58 -8.46
N SER F 224 66.27 28.28 -8.76
CA SER F 224 65.19 28.34 -7.77
C SER F 224 63.94 27.66 -8.30
N GLY F 225 63.22 26.96 -7.41
CA GLY F 225 61.98 26.30 -7.76
C GLY F 225 62.14 25.16 -8.77
N ASP F 226 61.05 24.86 -9.47
CA ASP F 226 60.98 23.80 -10.46
C ASP F 226 61.71 24.18 -11.74
N MET F 227 62.66 23.34 -12.14
CA MET F 227 63.41 23.55 -13.39
C MET F 227 63.58 22.20 -14.07
N THR F 228 64.27 22.17 -15.21
CA THR F 228 64.64 20.91 -15.88
C THR F 228 66.12 20.90 -16.27
N VAL F 229 66.69 19.70 -16.38
CA VAL F 229 68.06 19.58 -16.86
C VAL F 229 68.18 20.10 -18.30
N ALA F 230 69.07 21.08 -18.47
CA ALA F 230 69.31 21.72 -19.77
C ALA F 230 70.37 20.98 -20.56
N THR F 231 71.50 20.67 -19.93
CA THR F 231 72.50 19.78 -20.51
C THR F 231 73.09 18.93 -19.39
N VAL F 232 73.67 17.79 -19.77
CA VAL F 232 74.51 17.07 -18.82
C VAL F 232 75.95 17.16 -19.27
N ILE F 233 76.77 17.69 -18.36
CA ILE F 233 78.19 17.90 -18.62
C ILE F 233 78.90 16.56 -18.50
N ASP F 234 78.66 15.85 -17.39
CA ASP F 234 79.23 14.51 -17.21
C ASP F 234 78.46 13.78 -16.12
N LYS F 235 79.02 12.71 -15.57
CA LYS F 235 78.24 11.91 -14.62
C LYS F 235 77.93 12.64 -13.30
N ASP F 236 78.78 13.60 -12.95
CA ASP F 236 78.64 14.33 -11.68
C ASP F 236 78.16 15.78 -11.80
N ASN F 237 77.88 16.25 -13.03
CA ASN F 237 77.55 17.65 -13.26
C ASN F 237 76.52 17.81 -14.38
N PHE F 238 75.57 18.72 -14.16
CA PHE F 238 74.58 19.04 -15.19
C PHE F 238 74.32 20.54 -15.15
N THR F 239 73.62 21.06 -16.15
CA THR F 239 73.27 22.48 -16.15
C THR F 239 71.78 22.70 -16.15
N VAL F 240 71.40 23.88 -15.71
CA VAL F 240 70.03 24.37 -15.82
C VAL F 240 70.11 25.77 -16.42
N LEU F 241 69.08 26.12 -17.18
CA LEU F 241 69.05 27.42 -17.82
C LEU F 241 68.29 28.37 -16.91
N THR F 242 68.96 29.40 -16.40
CA THR F 242 68.29 30.41 -15.58
C THR F 242 67.67 31.53 -16.43
N PRO F 243 66.75 32.29 -15.85
CA PRO F 243 66.19 33.47 -16.54
C PRO F 243 67.14 34.67 -16.67
N ASN F 244 68.36 34.62 -16.11
CA ASN F 244 69.22 35.81 -16.13
C ASN F 244 70.72 35.56 -16.20
N GLN F 245 71.46 36.63 -16.47
CA GLN F 245 72.91 36.61 -16.47
C GLN F 245 73.44 37.92 -15.86
N GLN F 246 74.74 37.92 -15.58
CA GLN F 246 75.39 39.07 -14.97
C GLN F 246 76.88 39.03 -15.31
N THR F 247 77.57 40.16 -15.07
CA THR F 247 78.94 40.37 -15.52
C THR F 247 80.03 39.67 -14.68
N SER F 248 79.64 38.98 -13.61
CA SER F 248 80.58 38.35 -12.66
C SER F 248 80.15 36.93 -12.30
N ASP F 249 81.10 36.08 -11.89
CA ASP F 249 80.82 34.68 -11.54
C ASP F 249 80.05 34.53 -10.23
N LEU F 250 79.18 33.51 -10.17
CA LEU F 250 78.52 33.10 -8.93
C LEU F 250 78.96 31.70 -8.54
N ASN F 251 79.13 31.49 -7.23
CA ASN F 251 79.54 30.19 -6.66
C ASN F 251 79.02 30.11 -5.24
N ASN F 252 78.16 29.13 -4.97
CA ASN F 252 77.58 28.99 -3.63
C ASN F 252 78.39 28.10 -2.67
N ALA F 253 79.71 28.05 -2.86
CA ALA F 253 80.59 27.28 -1.98
C ALA F 253 80.33 27.61 -0.50
N GLY F 254 80.29 26.56 0.32
CA GLY F 254 80.03 26.72 1.75
C GLY F 254 78.57 26.80 2.15
N LYS F 255 77.67 27.05 1.20
CA LYS F 255 76.28 27.26 1.57
C LYS F 255 75.44 26.00 1.45
N ASN F 256 74.43 25.88 2.32
CA ASN F 256 73.59 24.70 2.34
C ASN F 256 72.30 24.95 1.58
N TRP F 257 71.98 24.00 0.70
CA TRP F 257 70.81 24.12 -0.17
C TRP F 257 70.21 22.74 -0.36
N HIS F 258 69.08 22.67 -1.07
CA HIS F 258 68.42 21.39 -1.31
C HIS F 258 67.99 21.23 -2.76
N MET F 259 67.99 19.97 -3.21
CA MET F 259 67.51 19.52 -4.53
C MET F 259 66.68 18.25 -4.20
N GLY F 260 65.67 17.79 -4.94
CA GLY F 260 65.17 18.27 -6.16
C GLY F 260 64.83 17.28 -7.26
N THR F 261 64.77 15.95 -7.10
CA THR F 261 64.41 15.13 -8.30
C THR F 261 63.03 14.47 -8.30
N SER F 262 62.56 14.03 -9.48
CA SER F 262 61.21 13.47 -9.59
C SER F 262 61.04 12.40 -10.66
N PHE F 263 60.62 11.21 -10.23
CA PHE F 263 60.27 10.10 -11.10
C PHE F 263 59.05 10.51 -11.91
N HIS F 264 58.06 11.08 -11.22
CA HIS F 264 56.76 11.34 -11.82
C HIS F 264 56.74 12.50 -12.82
N LYS F 265 57.58 13.50 -12.61
CA LYS F 265 57.62 14.66 -13.49
C LYS F 265 58.70 14.55 -14.56
N SER F 266 59.37 13.40 -14.65
CA SER F 266 60.39 13.19 -15.65
C SER F 266 59.89 12.11 -16.60
N PRO F 267 60.20 12.20 -17.88
CA PRO F 267 59.74 11.18 -18.83
C PRO F 267 60.61 9.92 -18.77
N TRP F 268 60.03 8.79 -19.16
CA TRP F 268 60.82 7.61 -19.43
C TRP F 268 61.72 7.88 -20.61
N ARG F 269 62.97 7.42 -20.52
CA ARG F 269 63.77 7.23 -21.72
C ARG F 269 63.47 5.81 -22.19
N LYS F 270 63.08 5.66 -23.45
CA LYS F 270 62.68 4.35 -23.97
C LYS F 270 63.56 3.98 -25.13
N THR F 271 64.26 2.87 -24.96
CA THR F 271 65.19 2.39 -25.96
C THR F 271 64.64 1.11 -26.55
N ASP F 272 64.24 1.19 -27.83
CA ASP F 272 63.70 0.03 -28.52
C ASP F 272 64.82 -0.92 -28.86
N LEU F 273 64.67 -2.19 -28.47
CA LEU F 273 65.69 -3.19 -28.74
C LEU F 273 65.19 -4.18 -29.79
N GLY F 274 63.95 -3.97 -30.24
CA GLY F 274 63.36 -4.80 -31.28
C GLY F 274 62.92 -6.11 -30.67
N LEU F 275 62.73 -7.11 -31.52
CA LEU F 275 62.43 -8.44 -31.04
C LEU F 275 63.76 -9.17 -30.91
N ILE F 276 64.33 -9.15 -29.71
CA ILE F 276 65.59 -9.83 -29.45
C ILE F 276 65.40 -11.30 -29.85
N PRO F 277 66.25 -11.79 -30.76
CA PRO F 277 66.11 -13.16 -31.25
C PRO F 277 66.38 -14.19 -30.15
N SER F 278 65.70 -15.32 -30.23
CA SER F 278 65.88 -16.41 -29.29
C SER F 278 65.72 -15.93 -27.84
N VAL F 279 64.60 -15.24 -27.58
CA VAL F 279 64.21 -14.85 -26.21
C VAL F 279 62.72 -15.15 -26.00
N THR F 280 62.42 -15.80 -24.88
CA THR F 280 61.05 -16.01 -24.45
C THR F 280 60.64 -14.96 -23.41
N GLU F 281 61.45 -14.81 -22.36
CA GLU F 281 61.20 -13.84 -21.29
C GLU F 281 62.52 -13.26 -20.83
N VAL F 282 62.52 -11.96 -20.52
CA VAL F 282 63.62 -11.34 -19.79
C VAL F 282 63.19 -11.28 -18.31
N HIS F 283 64.10 -11.62 -17.41
CA HIS F 283 63.75 -11.90 -16.01
C HIS F 283 64.95 -11.70 -15.08
N SER F 284 64.74 -10.94 -14.00
CA SER F 284 65.75 -10.68 -12.97
C SER F 284 66.74 -9.60 -13.39
N PHE F 285 67.35 -8.95 -12.40
CA PHE F 285 68.14 -7.74 -12.62
C PHE F 285 69.29 -7.75 -11.63
N ALA F 286 70.50 -7.57 -12.13
CA ALA F 286 71.68 -7.51 -11.27
C ALA F 286 72.46 -6.25 -11.57
N THR F 287 72.43 -5.28 -10.66
CA THR F 287 73.29 -4.10 -10.77
C THR F 287 74.76 -4.50 -10.67
N ILE F 288 75.57 -4.14 -11.67
CA ILE F 288 76.97 -4.55 -11.71
C ILE F 288 77.84 -3.44 -11.10
N ASP F 289 77.56 -2.21 -11.48
CA ASP F 289 78.34 -1.08 -11.04
C ASP F 289 77.55 0.20 -11.28
N ASN F 290 78.24 1.33 -11.27
CA ASN F 290 77.65 2.64 -11.55
C ASN F 290 77.15 2.83 -12.98
N ASN F 291 77.47 1.93 -13.90
CA ASN F 291 77.28 2.18 -15.33
C ASN F 291 76.28 1.28 -16.01
N GLY F 292 76.11 0.07 -15.48
CA GLY F 292 75.31 -0.93 -16.13
C GLY F 292 74.90 -2.05 -15.21
N PHE F 293 74.35 -3.09 -15.83
CA PHE F 293 73.66 -4.14 -15.10
C PHE F 293 73.46 -5.29 -16.04
N ALA F 294 73.00 -6.41 -15.50
CA ALA F 294 72.67 -7.57 -16.30
C ALA F 294 71.21 -7.93 -16.05
N MET F 295 70.57 -8.51 -17.07
CA MET F 295 69.20 -9.00 -16.94
C MET F 295 69.22 -10.44 -17.39
N GLY F 296 68.49 -11.32 -16.70
CA GLY F 296 68.46 -12.71 -17.11
C GLY F 296 67.45 -12.94 -18.23
N TYR F 297 67.60 -14.08 -18.91
CA TYR F 297 66.66 -14.48 -19.96
C TYR F 297 66.66 -15.99 -20.12
N HIS F 298 65.58 -16.53 -20.69
CA HIS F 298 65.63 -17.88 -21.22
C HIS F 298 64.92 -17.90 -22.55
N GLN F 299 65.13 -18.99 -23.27
CA GLN F 299 64.40 -19.24 -24.51
C GLN F 299 63.90 -20.67 -24.40
N GLY F 300 62.59 -20.85 -24.34
CA GLY F 300 62.01 -22.17 -24.12
C GLY F 300 60.89 -22.53 -25.09
N ASP F 301 60.81 -21.78 -26.19
CA ASP F 301 59.76 -21.97 -27.19
C ASP F 301 60.14 -23.02 -28.22
N VAL F 302 61.39 -22.95 -28.72
CA VAL F 302 61.93 -23.90 -29.68
C VAL F 302 63.29 -24.43 -29.23
N ALA F 303 63.72 -25.53 -29.84
CA ALA F 303 65.00 -26.17 -29.52
C ALA F 303 66.17 -25.52 -30.27
N PRO F 304 67.32 -25.37 -29.62
CA PRO F 304 67.51 -25.74 -28.21
C PRO F 304 67.12 -24.62 -27.24
N ARG F 305 66.72 -25.03 -26.05
CA ARG F 305 66.51 -24.12 -24.93
C ARG F 305 67.82 -23.35 -24.65
N GLU F 306 67.69 -22.07 -24.32
CA GLU F 306 68.80 -21.26 -23.87
C GLU F 306 68.45 -20.67 -22.51
N VAL F 307 69.47 -20.49 -21.65
CA VAL F 307 69.33 -19.73 -20.40
C VAL F 307 70.60 -18.89 -20.21
N GLY F 308 70.45 -17.61 -19.91
CA GLY F 308 71.61 -16.78 -19.68
C GLY F 308 71.26 -15.40 -19.15
N LEU F 309 72.09 -14.44 -19.51
CA LEU F 309 71.85 -13.06 -19.13
C LEU F 309 72.25 -12.15 -20.29
N PHE F 310 71.70 -10.94 -20.33
CA PHE F 310 72.20 -9.90 -21.21
C PHE F 310 72.90 -8.88 -20.33
N TYR F 311 74.16 -8.61 -20.63
CA TYR F 311 74.93 -7.62 -19.86
C TYR F 311 74.97 -6.32 -20.65
N PHE F 312 74.50 -5.23 -20.02
CA PHE F 312 74.57 -3.87 -20.59
C PHE F 312 75.69 -3.14 -19.87
N PRO F 313 76.88 -3.06 -20.46
CA PRO F 313 78.04 -2.48 -19.76
C PRO F 313 77.87 -1.00 -19.42
N ASP F 314 77.26 -0.23 -20.33
CA ASP F 314 77.08 1.20 -20.15
C ASP F 314 75.65 1.59 -20.57
N ALA F 315 74.71 1.40 -19.66
CA ALA F 315 73.29 1.62 -19.96
C ALA F 315 72.92 3.10 -20.05
N PHE F 316 73.84 3.94 -19.58
CA PHE F 316 73.64 5.37 -19.60
C PHE F 316 74.04 5.96 -20.94
N ASN F 317 75.23 5.63 -21.42
CA ASN F 317 75.67 6.15 -22.72
C ASN F 317 75.12 5.32 -23.87
N SER F 318 74.99 4.01 -23.67
CA SER F 318 74.61 3.09 -24.75
C SER F 318 73.61 2.03 -24.28
N PRO F 319 72.36 2.45 -24.07
CA PRO F 319 71.33 1.56 -23.56
C PRO F 319 70.97 0.47 -24.56
N SER F 320 71.36 0.64 -25.83
CA SER F 320 71.04 -0.37 -26.84
C SER F 320 72.16 -1.42 -27.01
N ASN F 321 73.28 -1.20 -26.32
CA ASN F 321 74.45 -2.11 -26.36
C ASN F 321 74.44 -3.13 -25.21
N TYR F 322 74.35 -4.41 -25.57
CA TYR F 322 74.35 -5.49 -24.59
C TYR F 322 75.01 -6.72 -25.23
N VAL F 323 75.43 -7.66 -24.39
CA VAL F 323 76.04 -8.90 -24.85
C VAL F 323 75.36 -10.11 -24.18
N ARG F 324 75.07 -11.12 -24.99
CA ARG F 324 74.40 -12.32 -24.55
C ARG F 324 75.41 -13.32 -24.00
N ARG F 325 75.15 -13.83 -22.79
CA ARG F 325 76.02 -14.84 -22.16
C ARG F 325 75.15 -16.01 -21.66
N GLN F 326 75.49 -17.22 -22.07
CA GLN F 326 74.67 -18.36 -21.65
C GLN F 326 75.40 -19.16 -20.57
N ILE F 327 74.61 -19.79 -19.70
CA ILE F 327 75.15 -20.75 -18.76
C ILE F 327 75.62 -22.00 -19.53
N PRO F 328 76.40 -22.87 -18.90
CA PRO F 328 76.92 -24.07 -19.58
C PRO F 328 75.78 -24.91 -20.14
N SER F 329 75.99 -25.45 -21.33
CA SER F 329 74.93 -26.14 -22.07
C SER F 329 74.25 -27.33 -21.35
N GLU F 330 74.97 -28.07 -20.51
CA GLU F 330 74.33 -29.19 -19.78
C GLU F 330 73.24 -28.74 -18.80
N TYR F 331 73.25 -27.46 -18.43
CA TYR F 331 72.31 -26.93 -17.44
C TYR F 331 71.12 -26.19 -18.06
N GLU F 332 71.15 -26.05 -19.39
CA GLU F 332 70.11 -25.31 -20.11
C GLU F 332 68.80 -26.09 -20.33
N PRO F 333 68.85 -27.41 -20.56
CA PRO F 333 67.60 -28.17 -20.77
C PRO F 333 66.70 -28.08 -19.55
N ASP F 334 65.38 -28.03 -19.79
CA ASP F 334 64.38 -27.98 -18.74
C ASP F 334 64.63 -26.83 -17.75
N ALA F 335 65.18 -25.72 -18.25
CA ALA F 335 65.47 -24.59 -17.39
C ALA F 335 64.90 -23.27 -17.93
N SER F 336 64.57 -22.36 -17.02
CA SER F 336 64.00 -21.06 -17.37
C SER F 336 64.20 -20.03 -16.25
N GLU F 337 63.77 -18.79 -16.53
CA GLU F 337 63.63 -17.70 -15.53
C GLU F 337 64.73 -17.67 -14.45
N PRO F 338 65.96 -17.40 -14.90
CA PRO F 338 67.09 -17.35 -13.99
C PRO F 338 67.05 -16.10 -13.11
N CYS F 339 67.34 -16.30 -11.83
CA CYS F 339 67.55 -15.17 -10.92
C CYS F 339 69.04 -14.88 -10.90
N ILE F 340 69.40 -13.60 -11.01
CA ILE F 340 70.82 -13.19 -10.99
C ILE F 340 71.07 -12.03 -10.03
N LYS F 341 72.18 -12.12 -9.30
CA LYS F 341 72.64 -11.06 -8.41
C LYS F 341 74.15 -11.00 -8.49
N TYR F 342 74.70 -9.82 -8.21
CA TYR F 342 76.14 -9.60 -8.30
C TYR F 342 76.68 -9.07 -6.96
N TYR F 343 77.67 -9.75 -6.41
CA TYR F 343 78.27 -9.39 -5.12
C TYR F 343 79.78 -9.57 -5.18
N ASP F 344 80.50 -8.50 -4.85
CA ASP F 344 81.95 -8.56 -4.67
C ASP F 344 82.65 -9.23 -5.85
N GLY F 345 82.33 -8.77 -7.07
CA GLY F 345 82.94 -9.27 -8.29
C GLY F 345 82.47 -10.64 -8.77
N VAL F 346 81.41 -11.16 -8.15
CA VAL F 346 80.89 -12.48 -8.51
C VAL F 346 79.42 -12.41 -8.91
N LEU F 347 79.14 -12.92 -10.10
CA LEU F 347 77.77 -13.01 -10.58
C LEU F 347 77.19 -14.39 -10.27
N TYR F 348 76.07 -14.43 -9.56
CA TYR F 348 75.38 -15.68 -9.18
C TYR F 348 74.12 -15.80 -9.98
N LEU F 349 73.79 -17.03 -10.38
CA LEU F 349 72.65 -17.30 -11.24
C LEU F 349 72.02 -18.61 -10.80
N ILE F 350 70.71 -18.59 -10.55
CA ILE F 350 69.99 -19.79 -10.16
C ILE F 350 68.79 -19.99 -11.10
N THR F 351 68.71 -21.16 -11.75
CA THR F 351 67.63 -21.38 -12.71
C THR F 351 66.38 -21.92 -12.06
N ARG F 352 65.27 -21.81 -12.79
CA ARG F 352 64.03 -22.51 -12.48
C ARG F 352 64.01 -23.78 -13.32
N GLY F 353 63.65 -24.90 -12.70
CA GLY F 353 63.47 -26.16 -13.40
C GLY F 353 62.04 -26.25 -13.93
N THR F 354 61.86 -26.83 -15.11
CA THR F 354 60.53 -26.88 -15.74
C THR F 354 59.76 -28.18 -15.49
N ARG F 355 60.42 -29.22 -15.00
CA ARG F 355 59.69 -30.44 -14.62
C ARG F 355 60.30 -31.26 -13.52
N GLY F 356 59.41 -31.92 -12.77
CA GLY F 356 59.80 -32.67 -11.59
C GLY F 356 60.47 -34.00 -11.91
N ASP F 357 60.44 -34.40 -13.17
CA ASP F 357 60.99 -35.69 -13.56
C ASP F 357 62.29 -35.56 -14.36
N ARG F 358 62.85 -34.36 -14.36
CA ARG F 358 64.15 -34.12 -15.00
C ARG F 358 64.99 -33.23 -14.08
N LEU F 359 66.31 -33.30 -14.22
CA LEU F 359 67.24 -32.44 -13.47
C LEU F 359 66.72 -31.01 -13.49
N GLY F 360 66.67 -30.37 -12.32
CA GLY F 360 65.97 -29.11 -12.14
C GLY F 360 66.91 -27.98 -11.82
N SER F 361 66.48 -27.10 -10.91
CA SER F 361 67.23 -25.89 -10.56
C SER F 361 68.74 -26.14 -10.40
N SER F 362 69.54 -25.27 -10.98
CA SER F 362 70.99 -25.31 -10.80
C SER F 362 71.52 -23.92 -10.46
N LEU F 363 72.69 -23.87 -9.82
CA LEU F 363 73.30 -22.63 -9.35
C LEU F 363 74.61 -22.46 -10.08
N HIS F 364 74.97 -21.21 -10.40
CA HIS F 364 76.20 -20.90 -11.13
C HIS F 364 76.82 -19.61 -10.62
N ARG F 365 78.13 -19.51 -10.72
CA ARG F 365 78.86 -18.31 -10.34
C ARG F 365 79.90 -17.98 -11.41
N SER F 366 80.07 -16.69 -11.67
CA SER F 366 81.06 -16.23 -12.65
C SER F 366 81.84 -15.04 -12.13
N ARG F 367 83.15 -15.00 -12.40
CA ARG F 367 83.97 -13.81 -12.09
C ARG F 367 84.31 -12.95 -13.30
N ASP F 368 83.66 -13.25 -14.43
CA ASP F 368 83.83 -12.45 -15.65
C ASP F 368 82.48 -12.13 -16.31
N ILE F 369 81.47 -11.89 -15.48
CA ILE F 369 80.11 -11.54 -15.91
C ILE F 369 79.49 -12.49 -16.95
N GLY F 370 79.63 -13.79 -16.69
CA GLY F 370 78.93 -14.81 -17.47
C GLY F 370 79.70 -15.45 -18.62
N GLN F 371 80.96 -15.09 -18.77
CA GLN F 371 81.77 -15.67 -19.85
C GLN F 371 82.24 -17.10 -19.52
N THR F 372 82.62 -17.34 -18.27
CA THR F 372 82.90 -18.69 -17.77
C THR F 372 82.17 -18.89 -16.44
N TRP F 373 81.83 -20.14 -16.13
CA TRP F 373 81.08 -20.43 -14.94
C TRP F 373 81.62 -21.63 -14.17
N GLU F 374 81.27 -21.65 -12.88
CA GLU F 374 81.33 -22.84 -12.05
C GLU F 374 79.89 -23.12 -11.64
N SER F 375 79.53 -24.40 -11.60
CA SER F 375 78.11 -24.80 -11.54
C SER F 375 77.88 -25.90 -10.52
N LEU F 376 76.63 -25.96 -10.04
CA LEU F 376 76.18 -27.04 -9.19
C LEU F 376 74.69 -27.29 -9.40
N ARG F 377 74.27 -28.54 -9.22
CA ARG F 377 72.88 -28.94 -9.39
C ARG F 377 72.21 -29.17 -8.03
N PHE F 378 71.07 -28.54 -7.78
CA PHE F 378 70.31 -28.83 -6.57
C PHE F 378 69.81 -30.26 -6.65
N PRO F 379 69.91 -31.03 -5.58
CA PRO F 379 69.40 -32.40 -5.62
C PRO F 379 67.87 -32.43 -5.74
N HIS F 380 67.37 -33.54 -6.28
CA HIS F 380 65.92 -33.79 -6.37
C HIS F 380 65.04 -32.88 -7.27
N ASN F 381 65.56 -32.47 -8.42
CA ASN F 381 64.75 -31.82 -9.47
C ASN F 381 63.84 -30.67 -8.96
N VAL F 382 64.43 -29.69 -8.30
CA VAL F 382 63.63 -28.56 -7.85
C VAL F 382 63.01 -27.91 -9.11
N HIS F 383 61.70 -27.69 -9.09
CA HIS F 383 61.01 -27.26 -10.31
C HIS F 383 59.78 -26.41 -10.05
N HIS F 384 59.34 -25.71 -11.10
CA HIS F 384 58.15 -24.84 -11.11
C HIS F 384 58.28 -23.58 -10.30
N THR F 385 59.40 -23.41 -9.61
CA THR F 385 59.60 -22.21 -8.79
C THR F 385 60.84 -21.47 -9.23
N THR F 386 60.79 -20.14 -9.20
CA THR F 386 62.04 -19.42 -9.27
C THR F 386 62.65 -19.47 -7.88
N LEU F 387 63.96 -19.23 -7.82
CA LEU F 387 64.65 -19.21 -6.53
C LEU F 387 65.38 -17.88 -6.32
N PRO F 388 64.64 -16.78 -6.11
CA PRO F 388 65.28 -15.49 -5.83
C PRO F 388 66.08 -15.60 -4.53
N PHE F 389 67.15 -14.84 -4.44
CA PHE F 389 68.10 -14.99 -3.34
C PHE F 389 68.86 -13.70 -3.09
N ALA F 390 69.46 -13.60 -1.91
CA ALA F 390 70.46 -12.59 -1.61
C ALA F 390 71.67 -13.28 -1.00
N LYS F 391 72.82 -12.61 -1.02
CA LYS F 391 73.98 -13.11 -0.31
C LYS F 391 74.16 -12.35 1.01
N VAL F 392 74.15 -13.09 2.11
CA VAL F 392 74.28 -12.51 3.43
C VAL F 392 75.47 -13.21 4.04
N GLY F 393 76.54 -12.47 4.35
CA GLY F 393 77.80 -13.11 4.73
C GLY F 393 78.31 -13.95 3.57
N ASP F 394 78.63 -15.21 3.83
CA ASP F 394 79.06 -16.11 2.77
C ASP F 394 77.95 -17.06 2.36
N ASP F 395 76.73 -16.84 2.86
CA ASP F 395 75.60 -17.66 2.47
C ASP F 395 74.76 -17.01 1.39
N LEU F 396 74.33 -17.82 0.44
CA LEU F 396 73.24 -17.44 -0.43
C LEU F 396 71.99 -17.85 0.33
N ILE F 397 71.04 -16.94 0.51
CA ILE F 397 69.76 -17.29 1.11
C ILE F 397 68.67 -17.22 0.06
N MET F 398 68.08 -18.37 -0.25
CA MET F 398 67.09 -18.44 -1.32
C MET F 398 65.73 -18.92 -0.84
N PHE F 399 64.70 -18.46 -1.54
CA PHE F 399 63.32 -18.77 -1.23
C PHE F 399 62.64 -19.37 -2.44
N GLY F 400 61.78 -20.34 -2.20
CA GLY F 400 60.97 -20.92 -3.26
C GLY F 400 59.62 -21.35 -2.72
N SER F 401 58.65 -21.52 -3.61
CA SER F 401 57.31 -21.91 -3.23
C SER F 401 56.82 -22.90 -4.27
N GLU F 402 56.34 -24.06 -3.83
CA GLU F 402 55.60 -24.95 -4.74
C GLU F 402 54.31 -24.22 -5.14
N ARG F 403 53.78 -24.55 -6.32
CA ARG F 403 52.66 -23.78 -6.87
C ARG F 403 51.32 -24.32 -6.36
N ALA F 404 51.33 -25.59 -5.97
CA ALA F 404 50.20 -26.27 -5.35
C ALA F 404 50.80 -27.29 -4.41
N GLU F 405 50.01 -27.72 -3.43
CA GLU F 405 50.51 -28.60 -2.38
C GLU F 405 51.09 -29.91 -2.94
N ASN F 406 52.22 -30.33 -2.38
CA ASN F 406 52.84 -31.63 -2.68
C ASN F 406 53.38 -31.78 -4.10
N GLU F 407 53.80 -30.67 -4.69
CA GLU F 407 54.44 -30.69 -5.99
C GLU F 407 55.96 -30.48 -5.93
N TRP F 408 56.48 -30.14 -4.75
CA TRP F 408 57.91 -29.76 -4.62
C TRP F 408 58.87 -30.89 -4.99
N GLU F 409 58.55 -32.09 -4.51
CA GLU F 409 59.49 -33.22 -4.57
C GLU F 409 59.70 -33.72 -6.00
N ALA F 410 60.87 -34.33 -6.23
CA ALA F 410 61.19 -35.03 -7.48
C ALA F 410 60.15 -36.13 -7.72
N GLY F 411 59.69 -36.23 -8.97
CA GLY F 411 58.72 -37.21 -9.36
C GLY F 411 57.28 -36.94 -8.91
N ALA F 412 57.06 -35.87 -8.13
CA ALA F 412 55.71 -35.53 -7.69
C ALA F 412 54.91 -34.97 -8.86
N PRO F 413 53.76 -35.57 -9.16
CA PRO F 413 52.95 -35.09 -10.26
C PRO F 413 52.31 -33.76 -9.91
N ASP F 414 52.10 -32.91 -10.91
CA ASP F 414 51.29 -31.71 -10.73
C ASP F 414 49.93 -32.10 -10.17
N ASP F 415 49.40 -31.29 -9.27
CA ASP F 415 48.12 -31.59 -8.63
C ASP F 415 47.33 -30.30 -8.63
N ARG F 416 46.63 -30.05 -9.74
CA ARG F 416 45.86 -28.83 -9.91
C ARG F 416 44.35 -29.13 -9.88
N TYR F 417 43.53 -28.08 -9.97
CA TYR F 417 42.05 -28.21 -9.97
C TYR F 417 41.44 -28.70 -8.65
N LYS F 418 42.17 -28.58 -7.55
CA LYS F 418 41.61 -28.76 -6.22
C LYS F 418 42.37 -27.87 -5.27
N ALA F 419 41.62 -27.26 -4.34
CA ALA F 419 42.19 -26.35 -3.36
C ALA F 419 43.24 -27.11 -2.53
N SER F 420 44.36 -26.45 -2.25
CA SER F 420 45.39 -27.02 -1.40
C SER F 420 46.24 -25.95 -0.73
N TYR F 421 47.23 -26.38 0.05
CA TYR F 421 48.07 -25.48 0.85
C TYR F 421 49.55 -25.67 0.47
N PRO F 422 49.98 -25.05 -0.64
CA PRO F 422 51.37 -25.17 -1.09
C PRO F 422 52.36 -24.65 -0.03
N ARG F 423 53.46 -25.37 0.13
CA ARG F 423 54.53 -25.00 1.06
C ARG F 423 55.50 -24.00 0.43
N THR F 424 55.94 -23.06 1.26
CA THR F 424 57.02 -22.16 0.87
C THR F 424 58.23 -22.49 1.71
N PHE F 425 59.39 -22.58 1.05
CA PHE F 425 60.63 -22.93 1.67
C PHE F 425 61.69 -21.84 1.53
N TYR F 426 62.69 -21.90 2.40
CA TYR F 426 63.95 -21.22 2.17
C TYR F 426 65.10 -22.17 2.49
N ALA F 427 66.27 -21.87 1.95
CA ALA F 427 67.47 -22.62 2.27
C ALA F 427 68.65 -21.66 2.24
N ARG F 428 69.72 -22.07 2.92
CA ARG F 428 70.99 -21.37 2.85
C ARG F 428 72.03 -22.28 2.28
N LEU F 429 72.92 -21.72 1.47
CA LEU F 429 74.05 -22.48 0.99
C LEU F 429 75.29 -21.61 1.10
N ASN F 430 76.37 -22.18 1.61
CA ASN F 430 77.61 -21.46 1.79
C ASN F 430 78.44 -21.54 0.51
N VAL F 431 78.88 -20.39 0.01
CA VAL F 431 79.52 -20.36 -1.31
C VAL F 431 80.89 -21.05 -1.36
N ASN F 432 81.52 -21.21 -0.20
CA ASN F 432 82.83 -21.87 -0.17
C ASN F 432 82.71 -23.39 -0.24
N ASN F 433 81.71 -23.93 0.44
CA ASN F 433 81.40 -25.36 0.38
C ASN F 433 81.01 -25.76 -1.04
N TRP F 434 80.35 -24.82 -1.74
CA TRP F 434 79.84 -24.99 -3.11
C TRP F 434 79.32 -26.40 -3.37
N ASN F 435 78.36 -26.83 -2.54
CA ASN F 435 77.83 -28.18 -2.63
C ASN F 435 76.45 -28.23 -2.01
N ALA F 436 75.45 -28.53 -2.81
CA ALA F 436 74.06 -28.56 -2.36
C ALA F 436 73.50 -29.95 -2.05
N ASP F 437 74.33 -30.99 -2.01
CA ASP F 437 73.85 -32.34 -1.75
C ASP F 437 73.03 -32.44 -0.47
N ASP F 438 73.46 -31.72 0.57
CA ASP F 438 72.81 -31.73 1.87
C ASP F 438 72.05 -30.44 2.16
N ILE F 439 71.62 -29.75 1.10
CA ILE F 439 70.77 -28.58 1.29
C ILE F 439 69.56 -28.94 2.13
N GLU F 440 69.21 -28.04 3.04
CA GLU F 440 68.06 -28.20 3.91
C GLU F 440 66.98 -27.15 3.58
N TRP F 441 65.95 -27.57 2.85
CA TRP F 441 64.81 -26.72 2.53
C TRP F 441 63.88 -26.70 3.72
N VAL F 442 63.65 -25.50 4.25
CA VAL F 442 62.90 -25.32 5.48
C VAL F 442 61.56 -24.66 5.16
N ASN F 443 60.48 -25.41 5.40
CA ASN F 443 59.11 -24.93 5.17
C ASN F 443 58.74 -23.97 6.29
N ILE F 444 58.54 -22.70 5.94
CA ILE F 444 58.40 -21.62 6.93
C ILE F 444 57.00 -21.02 6.94
N THR F 445 56.30 -21.20 5.84
CA THR F 445 54.92 -20.74 5.74
C THR F 445 54.20 -21.54 4.66
N ASP F 446 52.88 -21.70 4.79
CA ASP F 446 52.06 -22.35 3.77
C ASP F 446 51.07 -21.35 3.21
N GLN F 447 50.89 -21.39 1.91
CA GLN F 447 49.95 -20.53 1.21
C GLN F 447 48.71 -21.33 0.80
N ILE F 448 47.81 -20.69 0.05
CA ILE F 448 46.64 -21.35 -0.51
C ILE F 448 46.70 -21.28 -2.04
N TYR F 449 46.39 -22.41 -2.67
CA TYR F 449 46.14 -22.50 -4.11
C TYR F 449 44.65 -22.78 -4.26
N GLN F 450 43.96 -21.88 -4.99
CA GLN F 450 42.51 -21.89 -5.00
C GLN F 450 41.89 -23.10 -5.71
N GLY F 451 42.44 -23.46 -6.87
CA GLY F 451 42.08 -24.70 -7.55
C GLY F 451 40.98 -24.56 -8.61
N GLY F 452 40.44 -23.35 -8.74
CA GLY F 452 39.38 -23.11 -9.71
C GLY F 452 39.85 -23.06 -11.15
N ILE F 453 41.15 -22.84 -11.37
CA ILE F 453 41.77 -22.96 -12.68
C ILE F 453 43.10 -23.68 -12.49
N VAL F 454 43.67 -24.19 -13.57
CA VAL F 454 44.97 -24.88 -13.52
C VAL F 454 46.13 -23.96 -13.08
N ASN F 455 46.09 -22.67 -13.46
CA ASN F 455 47.18 -21.74 -13.17
C ASN F 455 47.21 -21.40 -11.69
N SER F 456 48.42 -21.09 -11.19
CA SER F 456 48.58 -20.73 -9.80
C SER F 456 49.40 -19.45 -9.72
N GLY F 457 48.93 -18.52 -8.91
CA GLY F 457 49.68 -17.29 -8.66
C GLY F 457 50.64 -17.43 -7.48
N VAL F 458 50.69 -18.60 -6.84
CA VAL F 458 51.59 -18.69 -5.67
C VAL F 458 53.06 -18.70 -6.05
N GLY F 459 53.85 -17.93 -5.29
CA GLY F 459 55.29 -17.97 -5.41
C GLY F 459 55.79 -17.04 -6.49
N VAL F 460 56.66 -17.56 -7.35
CA VAL F 460 57.40 -16.80 -8.38
C VAL F 460 57.70 -15.37 -7.94
N GLY F 461 58.49 -15.30 -6.85
CA GLY F 461 58.68 -14.09 -6.07
C GLY F 461 60.01 -13.40 -6.30
N SER F 462 60.42 -12.60 -5.33
CA SER F 462 61.60 -11.74 -5.48
C SER F 462 62.13 -11.48 -4.08
N VAL F 463 63.44 -11.27 -3.96
CA VAL F 463 64.08 -11.15 -2.65
C VAL F 463 64.94 -9.88 -2.54
N VAL F 464 64.87 -9.19 -1.39
CA VAL F 464 65.76 -8.06 -1.10
C VAL F 464 66.15 -8.08 0.37
N VAL F 465 67.29 -7.47 0.66
CA VAL F 465 67.73 -7.27 2.04
C VAL F 465 67.65 -5.78 2.35
N LYS F 466 67.11 -5.44 3.52
CA LYS F 466 67.23 -4.09 4.03
C LYS F 466 67.65 -4.22 5.49
N ASP F 467 68.77 -3.56 5.81
CA ASP F 467 69.36 -3.63 7.15
C ASP F 467 69.58 -5.10 7.57
N ASN F 468 69.04 -5.51 8.71
CA ASN F 468 69.19 -6.88 9.22
C ASN F 468 68.03 -7.83 8.88
N TYR F 469 67.26 -7.50 7.84
CA TYR F 469 66.14 -8.33 7.41
C TYR F 469 66.23 -8.66 5.94
N ILE F 470 65.84 -9.90 5.62
CA ILE F 470 65.63 -10.31 4.24
C ILE F 470 64.13 -10.45 4.03
N TYR F 471 63.68 -10.12 2.82
CA TYR F 471 62.25 -10.08 2.50
C TYR F 471 62.04 -10.86 1.23
N TYR F 472 61.09 -11.78 1.28
CA TYR F 472 60.69 -12.56 0.12
C TYR F 472 59.25 -12.13 -0.25
N MET F 473 59.07 -11.49 -1.43
CA MET F 473 57.74 -11.02 -1.84
C MET F 473 57.24 -11.97 -2.90
N PHE F 474 56.03 -12.51 -2.73
CA PHE F 474 55.60 -13.63 -3.55
C PHE F 474 54.08 -13.74 -3.54
N GLY F 475 53.54 -14.50 -4.50
CA GLY F 475 52.11 -14.60 -4.61
C GLY F 475 51.51 -15.65 -3.69
N GLY F 476 50.22 -15.48 -3.42
CA GLY F 476 49.47 -16.46 -2.67
C GLY F 476 48.01 -16.23 -3.03
N GLU F 477 47.20 -17.29 -3.03
CA GLU F 477 45.79 -17.15 -3.30
C GLU F 477 44.95 -17.30 -2.03
N ASP F 478 43.64 -17.41 -2.21
CA ASP F 478 42.70 -17.66 -1.12
C ASP F 478 41.62 -18.59 -1.72
N HIS F 479 40.66 -19.01 -0.92
CA HIS F 479 39.64 -19.92 -1.41
C HIS F 479 38.55 -19.33 -2.34
N PHE F 480 38.60 -18.04 -2.64
CA PHE F 480 37.57 -17.40 -3.47
C PHE F 480 37.79 -17.67 -4.95
N ASN F 481 36.89 -18.47 -5.54
CA ASN F 481 36.96 -18.85 -6.94
C ASN F 481 36.80 -17.62 -7.83
N PRO F 482 37.64 -17.50 -8.87
CA PRO F 482 37.50 -16.43 -9.88
C PRO F 482 36.29 -16.64 -10.80
N TRP F 483 35.70 -17.84 -10.79
CA TRP F 483 34.51 -18.14 -11.62
C TRP F 483 34.82 -18.03 -13.11
N THR F 484 36.05 -18.40 -13.47
CA THR F 484 36.42 -18.57 -14.88
C THR F 484 35.54 -19.67 -15.50
N TYR F 485 35.42 -20.79 -14.77
CA TYR F 485 34.44 -21.82 -15.06
C TYR F 485 33.25 -21.51 -14.17
N GLY F 486 32.32 -20.75 -14.75
CA GLY F 486 31.25 -20.15 -13.99
C GLY F 486 30.82 -18.90 -14.73
N ASP F 487 30.30 -17.93 -14.01
CA ASP F 487 29.72 -16.77 -14.66
C ASP F 487 30.70 -15.63 -15.02
N ASN F 488 32.00 -15.89 -14.90
CA ASN F 488 33.00 -14.87 -15.21
C ASN F 488 34.13 -15.41 -16.10
N SER F 489 33.76 -16.10 -17.17
CA SER F 489 34.73 -16.61 -18.13
C SER F 489 35.50 -15.46 -18.77
N ALA F 490 34.91 -14.27 -18.76
CA ALA F 490 35.54 -13.07 -19.28
C ALA F 490 36.64 -12.54 -18.34
N LYS F 491 36.67 -13.05 -17.11
CA LYS F 491 37.70 -12.72 -16.11
C LYS F 491 37.71 -11.26 -15.69
N ASP F 492 36.53 -10.66 -15.65
CA ASP F 492 36.38 -9.27 -15.19
C ASP F 492 36.75 -9.25 -13.68
N PRO F 493 37.81 -8.50 -13.31
CA PRO F 493 38.20 -8.40 -11.90
C PRO F 493 37.11 -7.80 -11.01
N PHE F 494 36.21 -7.00 -11.57
CA PHE F 494 35.31 -6.27 -10.70
C PHE F 494 33.97 -6.96 -10.43
N LYS F 495 33.86 -8.21 -10.87
CA LYS F 495 32.72 -9.04 -10.51
C LYS F 495 33.07 -9.97 -9.37
N SER F 496 32.13 -10.09 -8.44
CA SER F 496 32.23 -11.01 -7.30
C SER F 496 33.55 -10.71 -6.56
N ASP F 497 34.40 -11.71 -6.32
CA ASP F 497 35.62 -11.50 -5.56
C ASP F 497 36.85 -11.26 -6.44
N GLY F 498 36.62 -11.12 -7.75
CA GLY F 498 37.73 -10.96 -8.67
C GLY F 498 38.70 -12.14 -8.56
N HIS F 499 39.99 -11.84 -8.67
CA HIS F 499 41.00 -12.88 -8.75
C HIS F 499 41.70 -13.09 -7.41
N PRO F 500 41.84 -14.35 -6.98
CA PRO F 500 42.31 -14.64 -5.61
C PRO F 500 43.78 -14.36 -5.38
N SER F 501 44.58 -14.25 -6.43
CA SER F 501 46.01 -14.03 -6.26
C SER F 501 46.31 -12.62 -5.73
N ASP F 502 47.12 -12.58 -4.67
CA ASP F 502 47.61 -11.33 -4.13
C ASP F 502 49.02 -11.55 -3.62
N LEU F 503 49.70 -10.46 -3.23
CA LEU F 503 51.10 -10.55 -2.82
C LEU F 503 51.25 -10.69 -1.31
N TYR F 504 52.30 -11.40 -0.91
CA TYR F 504 52.64 -11.57 0.49
C TYR F 504 54.11 -11.24 0.60
N CYS F 505 54.60 -11.11 1.83
CA CYS F 505 56.01 -10.86 2.07
C CYS F 505 56.38 -11.56 3.36
N TYR F 506 57.38 -12.44 3.27
CA TYR F 506 57.93 -13.06 4.47
C TYR F 506 59.16 -12.26 4.87
N LYS F 507 59.15 -11.72 6.10
CA LYS F 507 60.20 -10.88 6.62
C LYS F 507 61.00 -11.71 7.61
N MET F 508 62.28 -11.94 7.31
CA MET F 508 63.09 -12.82 8.14
C MET F 508 64.33 -12.10 8.67
N LYS F 509 64.56 -12.20 9.97
CA LYS F 509 65.73 -11.61 10.62
C LYS F 509 66.99 -12.38 10.26
N ILE F 510 67.99 -11.60 9.86
CA ILE F 510 69.23 -12.07 9.23
C ILE F 510 70.50 -11.58 9.98
N GLY F 511 70.30 -10.70 10.95
CA GLY F 511 71.37 -10.13 11.76
C GLY F 511 70.81 -9.50 13.03
N PRO F 512 71.66 -9.17 14.00
CA PRO F 512 71.17 -8.64 15.27
C PRO F 512 70.46 -7.29 15.12
N ASP F 513 69.47 -7.09 15.98
CA ASP F 513 68.69 -5.86 16.06
C ASP F 513 68.97 -5.20 17.40
N ASN F 514 69.80 -4.16 17.40
CA ASN F 514 70.28 -3.55 18.63
C ASN F 514 69.41 -2.37 19.05
N ARG F 515 68.17 -2.39 18.58
CA ARG F 515 67.20 -1.34 18.85
C ARG F 515 65.96 -1.98 19.46
N VAL F 516 65.27 -1.17 20.24
CA VAL F 516 64.02 -1.56 20.83
C VAL F 516 63.02 -1.78 19.66
N SER F 517 61.92 -2.50 19.90
CA SER F 517 60.99 -2.82 18.82
C SER F 517 60.31 -1.62 18.14
N ARG F 518 60.09 -1.71 16.84
CA ARG F 518 59.35 -0.71 16.07
C ARG F 518 57.95 -1.22 15.75
N ASP F 519 57.66 -2.45 16.12
CA ASP F 519 56.41 -3.11 15.73
C ASP F 519 55.19 -2.39 16.30
N PHE F 520 54.14 -2.33 15.49
CA PHE F 520 52.88 -1.79 15.99
C PHE F 520 51.73 -2.62 15.45
N ARG F 521 50.60 -2.57 16.16
CA ARG F 521 49.36 -3.09 15.62
C ARG F 521 48.64 -1.95 14.89
N TYR F 522 48.17 -2.25 13.69
CA TYR F 522 47.53 -1.27 12.86
C TYR F 522 46.06 -1.10 13.27
N GLY F 523 45.72 0.05 13.85
CA GLY F 523 44.37 0.29 14.37
C GLY F 523 43.66 1.46 13.71
N ALA F 524 44.33 2.08 12.73
CA ALA F 524 43.77 3.23 11.97
C ALA F 524 42.74 2.84 10.93
N VAL F 525 41.89 3.79 10.55
CA VAL F 525 41.11 3.65 9.33
C VAL F 525 42.09 3.90 8.16
N PRO F 526 42.24 2.96 7.23
CA PRO F 526 43.14 3.20 6.09
C PRO F 526 42.58 4.38 5.30
N ASN F 527 43.33 5.47 5.17
CA ASN F 527 42.74 6.70 4.67
C ASN F 527 43.64 7.35 3.60
N ARG F 528 44.41 6.52 2.87
CA ARG F 528 45.27 7.03 1.78
C ARG F 528 44.65 6.89 0.42
N ALA F 529 44.03 5.73 0.19
CA ALA F 529 43.46 5.38 -1.09
C ALA F 529 42.32 6.29 -1.46
N VAL F 530 41.33 6.39 -0.56
CA VAL F 530 40.19 7.29 -0.72
C VAL F 530 40.08 8.08 0.59
N PRO F 531 40.84 9.15 0.71
CA PRO F 531 40.90 9.90 1.97
C PRO F 531 39.58 10.56 2.31
N VAL F 532 39.01 10.19 3.46
CA VAL F 532 37.71 10.65 3.92
C VAL F 532 37.85 11.31 5.27
N PHE F 533 37.26 12.50 5.39
CA PHE F 533 37.21 13.20 6.66
C PHE F 533 35.77 13.58 6.90
N PHE F 534 35.32 13.38 8.13
CA PHE F 534 34.02 13.88 8.51
C PHE F 534 34.15 15.39 8.67
N ASP F 535 33.45 16.14 7.80
CA ASP F 535 33.48 17.61 7.85
C ASP F 535 32.73 18.14 9.08
N THR F 536 32.82 19.45 9.33
CA THR F 536 32.13 20.03 10.48
C THR F 536 30.62 19.91 10.43
N ASN F 537 30.06 19.63 9.25
CA ASN F 537 28.63 19.33 9.14
C ASN F 537 28.34 17.82 9.17
N GLY F 538 29.36 17.02 9.48
CA GLY F 538 29.19 15.58 9.71
C GLY F 538 29.00 14.75 8.45
N VAL F 539 29.43 15.28 7.31
CA VAL F 539 29.32 14.53 6.06
C VAL F 539 30.72 14.06 5.63
N ARG F 540 30.83 12.78 5.26
CA ARG F 540 32.07 12.26 4.69
C ARG F 540 32.51 13.10 3.50
N THR F 541 33.77 13.55 3.54
CA THR F 541 34.32 14.46 2.54
C THR F 541 35.63 13.93 2.01
N VAL F 542 35.74 13.86 0.68
CA VAL F 542 36.95 13.41 0.02
C VAL F 542 37.59 14.59 -0.72
N PRO F 543 38.71 15.08 -0.21
CA PRO F 543 39.40 16.20 -0.87
C PRO F 543 40.34 15.83 -2.02
N ALA F 544 40.73 14.56 -2.16
CA ALA F 544 41.67 14.14 -3.22
C ALA F 544 41.02 14.15 -4.59
N PRO F 545 41.78 14.50 -5.64
CA PRO F 545 41.27 14.32 -7.02
C PRO F 545 41.12 12.83 -7.28
N MET F 546 40.08 12.46 -8.03
CA MET F 546 39.83 11.06 -8.28
C MET F 546 39.27 10.85 -9.68
N GLU F 547 39.56 9.68 -10.23
CA GLU F 547 39.03 9.26 -11.50
C GLU F 547 38.23 7.99 -11.27
N PHE F 548 36.97 8.03 -11.65
CA PHE F 548 36.12 6.83 -11.67
C PHE F 548 35.93 6.43 -13.12
N THR F 549 36.52 5.30 -13.53
CA THR F 549 36.43 4.87 -14.94
C THR F 549 35.38 3.78 -15.19
N GLY F 550 34.93 3.12 -14.14
CA GLY F 550 33.85 2.16 -14.30
C GLY F 550 32.50 2.88 -14.39
N ASP F 551 31.48 2.19 -14.87
CA ASP F 551 30.14 2.75 -14.93
C ASP F 551 29.64 3.18 -13.55
N LEU F 552 29.16 4.42 -13.46
CA LEU F 552 28.67 5.00 -12.21
C LEU F 552 27.16 5.18 -12.25
N GLY F 553 26.50 4.82 -11.15
CA GLY F 553 25.11 5.15 -10.91
C GLY F 553 25.10 6.08 -9.73
N LEU F 554 24.43 7.23 -9.86
CA LEU F 554 24.42 8.26 -8.84
C LEU F 554 22.97 8.53 -8.46
N GLY F 555 22.75 8.91 -7.20
CA GLY F 555 21.45 9.37 -6.74
C GLY F 555 21.25 10.86 -6.98
N HIS F 556 20.79 11.57 -5.96
CA HIS F 556 20.68 13.02 -6.06
C HIS F 556 22.09 13.60 -6.12
N VAL F 557 22.28 14.55 -7.04
CA VAL F 557 23.60 15.14 -7.29
C VAL F 557 23.50 16.64 -7.20
N THR F 558 24.41 17.24 -6.42
CA THR F 558 24.59 18.68 -6.39
C THR F 558 26.00 19.00 -6.89
N ILE F 559 26.10 19.88 -7.88
CA ILE F 559 27.39 20.33 -8.39
C ILE F 559 27.71 21.65 -7.73
N ARG F 560 28.72 21.64 -6.85
CA ARG F 560 29.02 22.82 -6.03
C ARG F 560 29.84 23.83 -6.83
N ALA F 561 29.80 25.09 -6.42
CA ALA F 561 30.66 26.11 -7.03
C ALA F 561 32.12 25.64 -6.88
N SER F 562 32.90 25.70 -7.96
CA SER F 562 34.25 25.15 -7.93
C SER F 562 35.28 25.94 -8.71
N THR F 563 34.81 26.77 -9.63
CA THR F 563 35.63 27.26 -10.73
C THR F 563 35.56 28.77 -10.90
N SER F 564 36.70 29.35 -11.29
CA SER F 564 36.88 30.79 -11.51
C SER F 564 36.51 31.59 -10.26
N SER F 565 37.38 31.50 -9.25
CA SER F 565 37.11 31.99 -7.88
C SER F 565 35.77 31.53 -7.33
N ASN F 566 35.41 30.29 -7.64
CA ASN F 566 34.16 29.66 -7.19
C ASN F 566 32.91 30.42 -7.59
N ILE F 567 32.97 31.15 -8.72
CA ILE F 567 31.79 31.85 -9.22
C ILE F 567 30.76 30.87 -9.78
N ARG F 568 31.25 29.76 -10.32
CA ARG F 568 30.39 28.80 -11.01
C ARG F 568 30.64 27.34 -10.65
N SER F 569 29.59 26.55 -10.84
CA SER F 569 29.70 25.11 -10.87
C SER F 569 29.93 24.77 -12.35
N GLU F 570 30.59 23.65 -12.62
CA GLU F 570 31.02 23.30 -13.96
C GLU F 570 31.06 21.77 -14.19
N VAL F 571 30.49 21.35 -15.31
CA VAL F 571 30.63 19.98 -15.82
C VAL F 571 31.15 20.16 -17.23
N LEU F 572 32.28 19.52 -17.54
CA LEU F 572 32.84 19.51 -18.88
C LEU F 572 32.72 18.10 -19.44
N MET F 573 32.29 18.01 -20.70
CA MET F 573 32.12 16.71 -21.36
C MET F 573 33.23 16.53 -22.40
N GLU F 574 33.87 15.37 -22.39
CA GLU F 574 35.02 15.10 -23.28
C GLU F 574 34.58 14.23 -24.46
N GLY F 575 35.56 13.69 -25.20
CA GLY F 575 35.26 12.93 -26.40
C GLY F 575 34.99 13.84 -27.60
N GLU F 576 34.63 13.23 -28.72
CA GLU F 576 34.21 14.00 -29.89
C GLU F 576 32.94 14.78 -29.54
N TYR F 577 32.03 14.13 -28.82
CA TYR F 577 30.76 14.78 -28.47
C TYR F 577 30.22 14.28 -27.15
N GLY F 578 29.39 15.10 -26.53
CA GLY F 578 28.77 14.75 -25.27
C GLY F 578 27.33 14.42 -25.57
N PHE F 579 26.77 13.50 -24.79
CA PHE F 579 25.36 13.14 -24.88
C PHE F 579 24.74 13.13 -23.49
N ILE F 580 23.72 13.97 -23.33
CA ILE F 580 22.92 13.95 -22.11
C ILE F 580 21.51 13.51 -22.50
N GLY F 581 21.10 12.36 -22.01
CA GLY F 581 19.83 11.80 -22.47
C GLY F 581 18.98 11.18 -21.38
N LYS F 582 17.82 10.66 -21.79
CA LYS F 582 16.81 10.22 -20.82
C LYS F 582 16.42 8.78 -21.08
N SER F 583 16.56 7.94 -20.06
CA SER F 583 16.16 6.54 -20.15
C SER F 583 14.65 6.41 -20.29
N ILE F 584 14.23 5.27 -20.85
CA ILE F 584 12.81 4.93 -20.88
C ILE F 584 12.38 4.59 -19.45
N PRO F 585 11.43 5.35 -18.93
CA PRO F 585 10.92 5.09 -17.57
C PRO F 585 10.33 3.70 -17.46
N THR F 586 10.47 3.10 -16.29
CA THR F 586 9.92 1.78 -16.03
C THR F 586 8.40 1.82 -15.85
N ASP F 587 7.91 2.69 -14.96
CA ASP F 587 6.49 2.67 -14.59
C ASP F 587 5.59 3.52 -15.48
N ASN F 588 6.05 4.71 -15.85
CA ASN F 588 5.28 5.62 -16.69
C ASN F 588 6.11 6.16 -17.88
N PRO F 589 6.37 5.32 -18.88
CA PRO F 589 7.11 5.77 -20.07
C PRO F 589 6.41 6.92 -20.80
N ALA F 590 5.08 7.03 -20.66
CA ALA F 590 4.32 8.14 -21.25
C ALA F 590 4.71 9.52 -20.73
N GLY F 591 5.47 9.56 -19.62
CA GLY F 591 6.02 10.80 -19.05
C GLY F 591 7.46 11.15 -19.41
N GLN F 592 8.12 10.29 -20.19
CA GLN F 592 9.53 10.46 -20.53
C GLN F 592 9.92 11.85 -21.04
N ARG F 593 10.85 12.51 -20.33
CA ARG F 593 11.28 13.86 -20.71
C ARG F 593 12.44 14.29 -19.83
N ILE F 594 13.16 15.34 -20.25
CA ILE F 594 14.10 16.02 -19.36
C ILE F 594 13.75 17.50 -19.32
N ILE F 595 13.67 18.04 -18.11
CA ILE F 595 13.48 19.45 -17.90
C ILE F 595 14.82 20.12 -17.57
N PHE F 596 15.21 21.11 -18.36
CA PHE F 596 16.40 21.92 -18.08
C PHE F 596 15.91 23.25 -17.55
N CYS F 597 16.45 23.70 -16.43
CA CYS F 597 15.91 24.89 -15.78
C CYS F 597 17.00 25.83 -15.26
N GLY F 598 16.81 27.12 -15.49
CA GLY F 598 17.71 28.15 -14.99
C GLY F 598 17.48 28.44 -13.51
N GLY F 599 16.47 27.79 -12.95
CA GLY F 599 16.07 27.96 -11.56
C GLY F 599 16.05 26.70 -10.75
N GLU F 600 15.60 26.82 -9.50
CA GLU F 600 15.79 25.81 -8.46
C GLU F 600 14.78 24.65 -8.49
N GLY F 601 13.67 24.82 -9.18
CA GLY F 601 12.60 23.84 -9.08
C GLY F 601 11.97 23.46 -10.40
N THR F 602 11.14 22.41 -10.34
CA THR F 602 10.46 21.91 -11.53
C THR F 602 9.41 22.89 -12.07
N SER F 603 8.91 23.77 -11.22
CA SER F 603 7.96 24.78 -11.67
C SER F 603 8.68 25.85 -12.52
N SER F 604 8.09 26.18 -13.68
CA SER F 604 8.63 27.21 -14.56
C SER F 604 8.69 28.54 -13.84
N THR F 605 7.97 28.61 -12.73
CA THR F 605 7.97 29.77 -11.86
C THR F 605 9.41 30.11 -11.33
N THR F 606 10.27 29.10 -11.17
CA THR F 606 11.62 29.31 -10.60
C THR F 606 12.69 29.74 -11.60
N GLY F 607 12.42 29.55 -12.88
CA GLY F 607 13.39 29.90 -13.90
C GLY F 607 12.96 29.52 -15.29
N ALA F 608 13.67 30.04 -16.30
CA ALA F 608 13.39 29.66 -17.68
C ALA F 608 13.62 28.16 -17.85
N GLN F 609 12.80 27.51 -18.66
CA GLN F 609 12.94 26.06 -18.86
C GLN F 609 12.90 25.68 -20.33
N ILE F 610 13.60 24.59 -20.66
CA ILE F 610 13.36 23.87 -21.91
C ILE F 610 13.16 22.43 -21.55
N THR F 611 12.09 21.87 -22.05
CA THR F 611 11.72 20.49 -21.75
C THR F 611 11.78 19.72 -23.07
N LEU F 612 12.62 18.69 -23.11
CA LEU F 612 12.67 17.79 -24.27
C LEU F 612 11.91 16.52 -23.91
N TYR F 613 10.85 16.26 -24.68
CA TYR F 613 9.97 15.11 -24.50
C TYR F 613 10.50 13.89 -25.27
N GLY F 614 10.50 12.73 -24.62
CA GLY F 614 10.92 11.51 -25.29
C GLY F 614 9.94 11.03 -26.35
N ALA F 615 10.41 10.11 -27.20
CA ALA F 615 9.55 9.49 -28.21
C ALA F 615 8.43 8.67 -27.53
N ASN F 616 8.65 8.25 -26.30
CA ASN F 616 7.67 7.45 -25.54
C ASN F 616 6.61 8.29 -24.86
N ASN F 617 6.90 9.58 -24.70
CA ASN F 617 5.96 10.51 -24.08
C ASN F 617 4.64 10.61 -24.86
N THR F 618 3.53 10.80 -24.15
CA THR F 618 2.24 11.08 -24.80
C THR F 618 2.40 12.14 -25.89
N ASP F 619 3.18 13.19 -25.62
CA ASP F 619 3.50 14.21 -26.62
C ASP F 619 4.86 13.88 -27.20
N SER F 620 4.84 13.04 -28.23
CA SER F 620 6.08 12.41 -28.68
C SER F 620 7.04 13.43 -29.29
N ARG F 621 8.24 13.54 -28.73
CA ARG F 621 9.30 14.41 -29.27
C ARG F 621 8.90 15.87 -29.32
N ARG F 622 8.02 16.27 -28.41
CA ARG F 622 7.68 17.68 -28.24
C ARG F 622 8.88 18.40 -27.61
N ILE F 623 9.11 19.66 -27.99
CA ILE F 623 9.95 20.56 -27.20
C ILE F 623 9.12 21.74 -26.77
N VAL F 624 9.18 22.05 -25.48
CA VAL F 624 8.56 23.29 -24.97
C VAL F 624 9.66 24.23 -24.46
N TYR F 625 9.68 25.44 -25.03
CA TYR F 625 10.60 26.49 -24.57
C TYR F 625 9.79 27.50 -23.75
N ASN F 626 10.14 27.66 -22.48
CA ASN F 626 9.29 28.43 -21.58
C ASN F 626 10.14 29.44 -20.84
N GLY F 627 10.02 30.70 -21.25
CA GLY F 627 10.72 31.79 -20.59
C GLY F 627 9.91 33.06 -20.73
N ASP F 628 10.33 34.10 -20.04
CA ASP F 628 9.68 35.40 -20.14
C ASP F 628 10.25 36.26 -21.27
N GLU F 629 11.32 35.76 -21.89
CA GLU F 629 11.89 36.32 -23.12
C GLU F 629 12.50 35.14 -23.86
N HIS F 630 12.33 35.11 -25.18
CA HIS F 630 13.04 34.20 -26.07
C HIS F 630 13.80 35.05 -27.07
N LEU F 631 15.10 35.17 -26.84
CA LEU F 631 15.95 36.05 -27.64
C LEU F 631 16.95 35.25 -28.48
N PHE F 632 16.78 35.30 -29.79
CA PHE F 632 17.72 34.61 -30.69
C PHE F 632 18.82 35.54 -31.17
N GLN F 633 20.03 35.23 -30.72
CA GLN F 633 21.20 36.06 -30.94
C GLN F 633 22.13 35.47 -31.99
N SER F 634 22.75 36.35 -32.76
CA SER F 634 23.88 36.02 -33.65
C SER F 634 23.52 35.36 -34.99
N ALA F 635 22.28 34.93 -35.16
CA ALA F 635 21.87 34.31 -36.43
C ALA F 635 20.38 34.43 -36.69
N ASP F 636 20.00 34.29 -37.96
CA ASP F 636 18.60 34.18 -38.35
C ASP F 636 17.93 32.96 -37.69
N VAL F 637 16.63 33.05 -37.48
CA VAL F 637 15.85 31.90 -37.01
C VAL F 637 15.29 31.24 -38.25
N LYS F 638 15.75 30.02 -38.55
CA LYS F 638 15.42 29.39 -39.83
C LYS F 638 14.89 27.99 -39.64
N PRO F 639 14.09 27.48 -40.61
CA PRO F 639 13.77 26.06 -40.62
C PRO F 639 15.01 25.33 -41.16
N TYR F 640 15.13 24.07 -40.80
CA TYR F 640 16.25 23.23 -41.23
C TYR F 640 16.13 22.91 -42.71
N ASN F 641 14.93 22.54 -43.14
CA ASN F 641 14.65 22.27 -44.54
C ASN F 641 13.96 23.45 -45.24
N ASP F 642 13.93 23.42 -46.57
CA ASP F 642 13.39 24.53 -47.36
C ASP F 642 11.91 24.35 -47.74
N ASN F 643 11.09 25.34 -47.40
CA ASN F 643 9.65 25.34 -47.71
C ASN F 643 8.93 24.03 -47.29
N VAL F 644 9.21 23.59 -46.05
CA VAL F 644 8.66 22.35 -45.47
C VAL F 644 7.88 22.61 -44.14
N THR F 645 8.44 23.50 -43.30
CA THR F 645 7.82 23.84 -42.03
C THR F 645 7.35 25.29 -41.99
N ALA F 646 6.39 25.57 -41.11
CA ALA F 646 5.72 26.86 -41.03
C ALA F 646 6.10 27.61 -39.77
N LEU F 647 5.79 28.90 -39.74
CA LEU F 647 5.78 29.69 -38.51
C LEU F 647 4.34 29.67 -38.04
N GLY F 648 4.10 29.11 -36.85
CA GLY F 648 2.74 29.06 -36.34
C GLY F 648 1.90 27.95 -36.95
N GLY F 649 0.62 27.94 -36.62
CA GLY F 649 -0.31 26.98 -37.16
C GLY F 649 -1.69 27.56 -36.94
N PRO F 650 -2.72 26.98 -37.55
CA PRO F 650 -4.09 27.51 -37.42
C PRO F 650 -4.61 27.58 -35.97
N SER F 651 -4.11 26.69 -35.12
CA SER F 651 -4.47 26.67 -33.70
C SER F 651 -3.36 27.23 -32.82
N ASN F 652 -2.32 27.75 -33.46
CA ASN F 652 -1.16 28.34 -32.76
C ASN F 652 -0.65 29.55 -33.56
N ARG F 653 -1.49 30.58 -33.64
CA ARG F 653 -1.14 31.75 -34.43
C ARG F 653 -0.27 32.68 -33.61
N PHE F 654 0.76 33.26 -34.23
CA PHE F 654 1.47 34.39 -33.62
C PHE F 654 0.57 35.61 -33.78
N THR F 655 0.58 36.57 -32.86
CA THR F 655 -0.34 37.72 -32.97
C THR F 655 -0.01 38.55 -34.21
N THR F 656 1.29 38.67 -34.50
CA THR F 656 1.79 39.39 -35.66
C THR F 656 3.29 39.07 -35.80
N ALA F 657 3.95 39.71 -36.77
CA ALA F 657 5.41 39.68 -36.89
C ALA F 657 5.88 41.10 -37.08
N TYR F 658 6.83 41.54 -36.25
CA TYR F 658 7.46 42.86 -36.39
C TYR F 658 8.67 42.75 -37.30
N LEU F 659 8.57 43.39 -38.47
CA LEU F 659 9.59 43.28 -39.51
C LEU F 659 10.13 44.65 -39.93
N GLY F 660 11.38 44.67 -40.43
CA GLY F 660 12.00 45.85 -41.02
C GLY F 660 11.67 46.01 -42.49
N SER F 661 11.06 44.98 -43.06
CA SER F 661 10.60 45.01 -44.46
C SER F 661 9.52 43.94 -44.65
N ASN F 662 8.75 44.07 -45.73
CA ASN F 662 7.76 43.07 -46.11
C ASN F 662 8.36 41.67 -46.31
N PRO F 663 7.58 40.62 -46.03
CA PRO F 663 8.05 39.26 -46.24
C PRO F 663 8.57 39.09 -47.68
N ILE F 664 9.61 38.28 -47.85
CA ILE F 664 10.06 37.90 -49.18
C ILE F 664 9.40 36.55 -49.53
N VAL F 665 8.44 36.61 -50.44
CA VAL F 665 7.63 35.45 -50.82
C VAL F 665 8.01 34.94 -52.21
N THR F 666 8.24 33.64 -52.29
CA THR F 666 8.93 33.04 -53.43
C THR F 666 8.35 31.66 -53.74
#